data_8R3P
#
_entry.id   8R3P
#
_cell.length_a   249.660
_cell.length_b   68.220
_cell.length_c   165.460
_cell.angle_alpha   90.000
_cell.angle_beta   110.710
_cell.angle_gamma   90.000
#
_symmetry.space_group_name_H-M   'C 1 2 1'
#
loop_
_entity.id
_entity.type
_entity.pdbx_description
1 polymer Transketolase
2 non-polymer 'THIAMINE DIPHOSPHATE'
3 non-polymer 'MAGNESIUM ION'
4 water water
#
_entity_poly.entity_id   1
_entity_poly.type   'polypeptide(L)'
_entity_poly.pdbx_seq_one_letter_code
;MFDKIDQLGVNTIRTLSIEAVQKANSGHPGLPMGAAPMAYALWTKHLKVNPTTSKNWADRDRFVLSAGHGSAMLYSLLHL
AGYQVTIDDLKQFRQWDSKTPGHPEVHHTDGVEATTGPLGQGIAMAVGMAMAEAHLAATYNKENFNVMDHYTYAICGDGD
LMEGVSQEASSMAGHMKLGKLIVLYDSNDISLDGPTSKAFTENVGARYEAYGWQHILVKDGNDLEAISKAIEEAKAETDK
PTLIEVKTVIGYGAPKEGTSAVHGAPLGEDGIKMAKEVYGWEYPDFTVPEEVAARFHQTMIEEGQKAEDAWNEMFANYKK
AYPELAQQFEDAFDGKLPENWDAELPTYEVGSSQASRVSSKEVIQELSKAIPSFWGGSADLSGSNNTMVAADKDFTPEHY
EGRNIWFGVREFAMASAMNGIQLHGGTRIYGGTFFVFVDYLRPAVRLAAIQHTPVVYVLTHDSVAVGEDGPTHEPIEQLA
SVRCMPGVQVIRPADGNETRAAWKVAMETTDAPTILVLSRQNLPVLPSTKEVADEMVKKGAYVLSPSQGETPEGILIATG
SEVDLAVKAQKELAEKGKDVSVVSMPSFDLFEKQSSEYKESVLPKSVKKRVAIEAAASFGWERYVGTEGATITIDHFGAS
APGTKILEEFGFTVENVVNTYNQLSENLYFQGLEHHHHHH
;
_entity_poly.pdbx_strand_id   A,B,C,D
#
# COMPACT_ATOMS: atom_id res chain seq x y z
N MET A 1 -21.21 24.01 -34.10
CA MET A 1 -22.37 24.37 -33.31
C MET A 1 -22.24 25.77 -32.74
N PHE A 2 -21.01 26.27 -32.68
CA PHE A 2 -20.71 27.58 -32.11
C PHE A 2 -20.16 28.48 -33.20
N ASP A 3 -20.66 29.72 -33.25
CA ASP A 3 -20.28 30.68 -34.26
C ASP A 3 -19.62 31.90 -33.62
N LYS A 4 -19.22 32.84 -34.47
CA LYS A 4 -18.65 34.10 -34.00
C LYS A 4 -19.64 34.83 -33.09
N ILE A 5 -20.94 34.70 -33.37
CA ILE A 5 -21.94 35.31 -32.48
C ILE A 5 -21.79 34.76 -31.07
N ASP A 6 -21.46 33.48 -30.96
CA ASP A 6 -21.32 32.87 -29.63
C ASP A 6 -20.09 33.40 -28.90
N GLN A 7 -18.95 33.54 -29.60
CA GLN A 7 -17.78 34.12 -28.96
C GLN A 7 -18.05 35.56 -28.55
N LEU A 8 -18.76 36.31 -29.39
CA LEU A 8 -19.19 37.66 -29.02
C LEU A 8 -20.04 37.63 -27.77
N GLY A 9 -20.91 36.63 -27.64
CA GLY A 9 -21.67 36.49 -26.41
C GLY A 9 -20.79 36.25 -25.20
N VAL A 10 -19.75 35.44 -25.36
CA VAL A 10 -18.79 35.25 -24.27
C VAL A 10 -18.13 36.58 -23.92
N ASN A 11 -17.65 37.30 -24.94
CA ASN A 11 -17.00 38.58 -24.71
C ASN A 11 -17.97 39.57 -24.07
N THR A 12 -19.26 39.48 -24.44
CA THR A 12 -20.25 40.36 -23.85
C THR A 12 -20.35 40.12 -22.35
N ILE A 13 -20.43 38.84 -21.93
CA ILE A 13 -20.51 38.53 -20.51
C ILE A 13 -19.32 39.12 -19.78
N ARG A 14 -18.11 38.89 -20.32
CA ARG A 14 -16.91 39.44 -19.72
C ARG A 14 -16.98 40.95 -19.61
N THR A 15 -17.30 41.65 -20.70
CA THR A 15 -17.24 43.10 -20.67
C THR A 15 -18.24 43.67 -19.68
N LEU A 16 -19.47 43.18 -19.67
CA LEU A 16 -20.46 43.67 -18.70
C LEU A 16 -19.97 43.45 -17.29
N SER A 17 -19.33 42.30 -17.04
CA SER A 17 -18.86 41.98 -15.72
C SER A 17 -17.73 42.91 -15.30
N ILE A 18 -16.72 43.09 -16.15
CA ILE A 18 -15.57 43.91 -15.77
C ILE A 18 -15.95 45.40 -15.75
N GLU A 19 -16.85 45.81 -16.63
CA GLU A 19 -17.33 47.20 -16.60
C GLU A 19 -18.09 47.49 -15.32
N ALA A 20 -18.91 46.53 -14.86
CA ALA A 20 -19.66 46.73 -13.62
C ALA A 20 -18.73 46.79 -12.42
N VAL A 21 -17.68 45.95 -12.42
CA VAL A 21 -16.72 45.98 -11.31
C VAL A 21 -16.03 47.34 -11.24
N GLN A 22 -15.68 47.91 -12.40
CA GLN A 22 -15.00 49.20 -12.40
C GLN A 22 -15.93 50.32 -11.94
N LYS A 23 -17.17 50.36 -12.44
CA LYS A 23 -18.11 51.37 -11.98
C LYS A 23 -18.32 51.27 -10.48
N ALA A 24 -18.41 50.05 -9.97
CA ALA A 24 -18.52 49.88 -8.52
C ALA A 24 -17.22 50.22 -7.82
N ASN A 25 -16.08 50.06 -8.50
CA ASN A 25 -14.72 50.19 -7.95
C ASN A 25 -14.50 49.01 -7.02
N SER A 26 -15.39 48.03 -7.06
CA SER A 26 -15.26 46.85 -6.22
C SER A 26 -15.76 45.64 -7.00
N GLY A 27 -15.10 44.52 -6.77
CA GLY A 27 -15.58 43.27 -7.34
C GLY A 27 -14.43 42.40 -7.77
N HIS A 28 -14.81 41.27 -8.37
CA HIS A 28 -13.90 40.23 -8.82
C HIS A 28 -14.09 40.06 -10.32
N PRO A 29 -13.12 40.48 -11.14
CA PRO A 29 -13.29 40.36 -12.58
C PRO A 29 -12.64 39.12 -13.18
N GLY A 30 -11.66 38.55 -12.46
CA GLY A 30 -10.83 37.50 -13.01
C GLY A 30 -11.60 36.25 -13.40
N LEU A 31 -12.38 35.69 -12.48
CA LEU A 31 -13.18 34.52 -12.81
C LEU A 31 -14.17 34.81 -13.93
N PRO A 32 -14.91 35.93 -13.92
CA PRO A 32 -15.75 36.21 -15.10
C PRO A 32 -15.01 36.12 -16.43
N MET A 33 -13.85 36.76 -16.54
CA MET A 33 -13.11 36.78 -17.80
C MET A 33 -12.74 35.37 -18.27
N GLY A 34 -12.22 34.53 -17.38
CA GLY A 34 -11.82 33.20 -17.77
C GLY A 34 -12.95 32.20 -17.87
N ALA A 35 -14.01 32.36 -17.05
CA ALA A 35 -15.14 31.43 -16.98
C ALA A 35 -16.32 31.82 -17.86
N ALA A 36 -16.33 33.02 -18.41
CA ALA A 36 -17.47 33.38 -19.27
C ALA A 36 -17.64 32.41 -20.43
N PRO A 37 -16.59 31.86 -21.05
CA PRO A 37 -16.83 30.83 -22.05
C PRO A 37 -17.67 29.67 -21.53
N MET A 38 -17.23 29.06 -20.42
CA MET A 38 -17.93 27.88 -19.90
C MET A 38 -19.33 28.22 -19.44
N ALA A 39 -19.54 29.40 -18.84
CA ALA A 39 -20.87 29.82 -18.47
C ALA A 39 -21.78 29.94 -19.68
N TYR A 40 -21.26 30.54 -20.76
CA TYR A 40 -22.02 30.73 -21.99
C TYR A 40 -22.44 29.40 -22.61
N ALA A 41 -21.49 28.46 -22.76
CA ALA A 41 -21.82 27.17 -23.34
C ALA A 41 -22.91 26.45 -22.54
N LEU A 42 -22.80 26.45 -21.21
CA LEU A 42 -23.78 25.73 -20.38
C LEU A 42 -25.16 26.36 -20.49
N TRP A 43 -25.23 27.69 -20.35
CA TRP A 43 -26.53 28.36 -20.35
C TRP A 43 -27.20 28.30 -21.70
N THR A 44 -26.45 28.64 -22.76
CA THR A 44 -27.05 28.77 -24.09
C THR A 44 -27.40 27.41 -24.69
N LYS A 45 -26.62 26.36 -24.41
CA LYS A 45 -26.85 25.10 -25.09
C LYS A 45 -27.28 23.94 -24.20
N HIS A 46 -27.03 23.98 -22.89
CA HIS A 46 -27.32 22.82 -22.05
C HIS A 46 -28.21 23.10 -20.85
N LEU A 47 -28.52 24.34 -20.54
CA LEU A 47 -29.31 24.68 -19.36
C LEU A 47 -30.78 24.87 -19.76
N LYS A 48 -31.65 24.08 -19.14
CA LYS A 48 -33.10 24.16 -19.39
C LYS A 48 -33.71 25.15 -18.41
N VAL A 49 -33.86 26.40 -18.83
CA VAL A 49 -34.50 27.43 -18.00
C VAL A 49 -35.46 28.24 -18.84
N ASN A 50 -36.53 28.71 -18.20
CA ASN A 50 -37.40 29.73 -18.79
C ASN A 50 -37.21 31.01 -18.00
N PRO A 51 -36.49 32.00 -18.53
CA PRO A 51 -36.29 33.24 -17.77
C PRO A 51 -37.58 33.99 -17.47
N THR A 52 -38.61 33.83 -18.32
CA THR A 52 -39.86 34.58 -18.16
C THR A 52 -40.58 34.18 -16.88
N THR A 53 -40.53 32.90 -16.52
CA THR A 53 -41.24 32.39 -15.36
C THR A 53 -40.40 32.49 -14.08
N SER A 54 -39.20 33.06 -14.16
CA SER A 54 -38.33 33.26 -12.99
C SER A 54 -38.00 31.89 -12.39
N LYS A 55 -38.13 31.73 -11.07
CA LYS A 55 -37.82 30.51 -10.35
C LYS A 55 -39.04 29.64 -10.09
N ASN A 56 -40.11 29.83 -10.86
CA ASN A 56 -41.39 29.18 -10.57
C ASN A 56 -41.62 27.88 -11.34
N TRP A 57 -40.72 27.49 -12.24
CA TRP A 57 -40.87 26.24 -12.97
C TRP A 57 -40.21 25.11 -12.19
N ALA A 58 -40.99 24.09 -11.84
CA ALA A 58 -40.53 23.08 -10.90
C ALA A 58 -39.48 22.16 -11.49
N ASP A 59 -39.59 21.81 -12.78
CA ASP A 59 -38.62 20.95 -13.45
C ASP A 59 -37.52 21.75 -14.15
N ARG A 60 -37.32 23.02 -13.77
CA ARG A 60 -36.22 23.77 -14.34
C ARG A 60 -34.89 23.21 -13.87
N ASP A 61 -33.90 23.24 -14.77
CA ASP A 61 -32.55 22.95 -14.36
C ASP A 61 -32.15 23.97 -13.30
N ARG A 62 -31.39 23.53 -12.31
CA ARG A 62 -30.93 24.40 -11.23
C ARG A 62 -29.47 24.74 -11.47
N PHE A 63 -29.16 26.03 -11.53
CA PHE A 63 -27.78 26.49 -11.64
C PHE A 63 -27.41 27.25 -10.37
N VAL A 64 -26.31 26.85 -9.76
CA VAL A 64 -25.78 27.48 -8.57
C VAL A 64 -24.37 27.94 -8.90
N LEU A 65 -24.09 29.20 -8.63
CA LEU A 65 -22.75 29.72 -8.79
C LEU A 65 -22.09 29.61 -7.42
N SER A 66 -21.37 28.50 -7.20
CA SER A 66 -20.71 28.31 -5.90
C SER A 66 -19.65 29.37 -5.66
N ALA A 67 -18.97 29.82 -6.72
CA ALA A 67 -18.01 30.92 -6.60
C ALA A 67 -18.76 32.24 -6.69
N GLY A 68 -19.28 32.70 -5.55
CA GLY A 68 -20.04 33.93 -5.48
C GLY A 68 -19.26 35.16 -5.85
N HIS A 69 -17.93 35.11 -5.75
CA HIS A 69 -17.11 36.27 -6.12
C HIS A 69 -17.25 36.58 -7.60
N GLY A 70 -17.60 35.59 -8.42
CA GLY A 70 -18.01 35.83 -9.79
C GLY A 70 -19.47 36.20 -9.91
N SER A 71 -19.96 37.03 -8.99
CA SER A 71 -21.34 37.49 -9.04
C SER A 71 -21.65 38.16 -10.38
N ALA A 72 -20.77 39.06 -10.83
CA ALA A 72 -21.04 39.86 -12.01
C ALA A 72 -21.32 38.98 -13.22
N MET A 73 -20.58 37.89 -13.37
CA MET A 73 -20.84 36.96 -14.48
C MET A 73 -22.26 36.42 -14.42
N LEU A 74 -22.73 36.11 -13.20
CA LEU A 74 -24.12 35.68 -13.06
C LEU A 74 -25.08 36.80 -13.43
N TYR A 75 -24.82 38.02 -12.94
CA TYR A 75 -25.73 39.14 -13.21
C TYR A 75 -25.76 39.50 -14.69
N SER A 76 -24.57 39.57 -15.32
CA SER A 76 -24.53 39.72 -16.76
C SER A 76 -25.35 38.62 -17.43
N LEU A 77 -25.14 37.37 -17.02
CA LEU A 77 -25.87 36.26 -17.60
C LEU A 77 -27.38 36.42 -17.41
N LEU A 78 -27.80 36.87 -16.23
CA LEU A 78 -29.24 37.01 -15.99
C LEU A 78 -29.85 38.06 -16.92
N HIS A 79 -29.17 39.20 -17.08
CA HIS A 79 -29.65 40.22 -18.01
C HIS A 79 -29.74 39.66 -19.42
N LEU A 80 -28.67 39.01 -19.88
CA LEU A 80 -28.66 38.50 -21.25
C LEU A 80 -29.75 37.47 -21.46
N ALA A 81 -30.08 36.72 -20.40
CA ALA A 81 -31.01 35.60 -20.50
C ALA A 81 -32.43 36.07 -20.74
N GLY A 82 -32.79 37.23 -20.22
CA GLY A 82 -34.17 37.66 -20.12
C GLY A 82 -34.67 37.81 -18.71
N TYR A 83 -33.86 37.47 -17.70
CA TYR A 83 -34.21 37.70 -16.31
C TYR A 83 -34.24 39.21 -16.03
N GLN A 84 -34.91 39.57 -14.92
CA GLN A 84 -35.14 40.97 -14.58
C GLN A 84 -33.93 41.63 -13.92
N VAL A 85 -32.81 41.58 -14.63
CA VAL A 85 -31.63 42.33 -14.25
C VAL A 85 -31.34 43.28 -15.40
N THR A 86 -31.51 44.58 -15.15
CA THR A 86 -31.34 45.58 -16.19
C THR A 86 -29.87 46.00 -16.30
N ILE A 87 -29.54 46.62 -17.44
CA ILE A 87 -28.23 47.27 -17.56
C ILE A 87 -28.06 48.29 -16.46
N ASP A 88 -29.16 48.94 -16.07
CA ASP A 88 -29.11 49.92 -14.99
C ASP A 88 -28.81 49.24 -13.66
N ASP A 89 -29.36 48.04 -13.44
CA ASP A 89 -29.01 47.29 -12.23
C ASP A 89 -27.52 46.99 -12.18
N LEU A 90 -26.94 46.53 -13.29
CA LEU A 90 -25.51 46.24 -13.34
C LEU A 90 -24.69 47.47 -12.96
N LYS A 91 -25.13 48.65 -13.41
CA LYS A 91 -24.44 49.88 -13.03
C LYS A 91 -24.42 50.09 -11.53
N GLN A 92 -25.50 49.66 -10.85
CA GLN A 92 -25.65 49.80 -9.40
C GLN A 92 -25.03 48.63 -8.64
N PHE A 93 -24.31 47.75 -9.33
CA PHE A 93 -23.54 46.67 -8.71
C PHE A 93 -22.86 47.13 -7.42
N ARG A 94 -23.14 46.40 -6.33
CA ARG A 94 -22.47 46.56 -5.03
C ARG A 94 -22.78 47.91 -4.37
N GLN A 95 -23.84 48.56 -4.81
CA GLN A 95 -24.25 49.83 -4.24
C GLN A 95 -25.55 49.64 -3.46
N TRP A 96 -25.90 50.63 -2.64
CA TRP A 96 -27.00 50.50 -1.69
C TRP A 96 -28.32 50.15 -2.38
N ASP A 97 -29.02 49.16 -1.83
CA ASP A 97 -30.33 48.69 -2.30
C ASP A 97 -30.31 48.24 -3.76
N SER A 98 -29.15 47.83 -4.28
CA SER A 98 -29.08 47.36 -5.64
C SER A 98 -29.68 45.96 -5.78
N LYS A 99 -30.10 45.64 -6.99
CA LYS A 99 -30.50 44.30 -7.36
C LYS A 99 -29.29 43.49 -7.80
N THR A 100 -28.10 44.07 -7.63
CA THR A 100 -26.84 43.44 -8.04
C THR A 100 -25.84 43.42 -6.88
N PRO A 101 -26.09 42.65 -5.81
CA PRO A 101 -25.18 42.67 -4.66
C PRO A 101 -23.85 42.01 -5.01
N GLY A 102 -22.84 42.33 -4.20
CA GLY A 102 -21.50 41.88 -4.50
C GLY A 102 -21.36 40.37 -4.56
N HIS A 103 -22.05 39.66 -3.68
CA HIS A 103 -22.14 38.22 -3.79
C HIS A 103 -23.60 37.86 -4.00
N PRO A 104 -23.89 36.85 -4.83
CA PRO A 104 -25.28 36.56 -5.18
C PRO A 104 -26.14 36.27 -3.95
N GLU A 105 -27.35 36.83 -3.95
CA GLU A 105 -28.32 36.60 -2.88
C GLU A 105 -29.62 36.10 -3.49
N VAL A 106 -30.13 34.98 -2.97
CA VAL A 106 -31.42 34.48 -3.42
C VAL A 106 -32.52 35.47 -3.03
N HIS A 107 -33.63 35.41 -3.77
CA HIS A 107 -34.82 36.24 -3.56
C HIS A 107 -34.58 37.70 -3.90
N HIS A 108 -33.46 38.28 -3.49
CA HIS A 108 -33.17 39.67 -3.85
C HIS A 108 -33.08 39.84 -5.36
N THR A 109 -32.46 38.89 -6.05
CA THR A 109 -32.24 38.99 -7.49
C THR A 109 -32.96 37.85 -8.22
N ASP A 110 -33.55 38.20 -9.37
CA ASP A 110 -34.29 37.24 -10.19
C ASP A 110 -33.40 36.11 -10.66
N GLY A 111 -33.83 34.87 -10.39
CA GLY A 111 -33.20 33.68 -10.94
C GLY A 111 -31.94 33.23 -10.25
N VAL A 112 -31.57 33.84 -9.13
CA VAL A 112 -30.43 33.39 -8.33
C VAL A 112 -30.97 32.33 -7.39
N GLU A 113 -30.51 31.07 -7.57
CA GLU A 113 -31.06 29.96 -6.80
C GLU A 113 -30.50 29.87 -5.38
N ALA A 114 -29.37 30.51 -5.11
CA ALA A 114 -28.73 30.38 -3.80
C ALA A 114 -27.83 31.57 -3.51
N THR A 115 -27.75 31.92 -2.22
CA THR A 115 -26.78 32.88 -1.71
C THR A 115 -25.48 32.11 -1.52
N THR A 116 -24.45 32.42 -2.32
CA THR A 116 -23.30 31.51 -2.46
C THR A 116 -21.94 32.19 -2.24
N GLY A 117 -21.89 33.27 -1.45
CA GLY A 117 -20.63 33.90 -1.09
C GLY A 117 -19.62 32.96 -0.47
N PRO A 118 -19.99 32.36 0.67
CA PRO A 118 -19.08 31.43 1.35
C PRO A 118 -18.78 30.19 0.52
N LEU A 119 -17.51 29.82 0.48
CA LEU A 119 -17.04 28.83 -0.48
C LEU A 119 -17.32 27.40 -0.02
N GLY A 120 -17.63 26.54 -0.99
CA GLY A 120 -17.94 25.15 -0.76
C GLY A 120 -19.40 24.86 -0.49
N GLN A 121 -20.09 25.81 0.15
CA GLN A 121 -21.50 25.58 0.47
C GLN A 121 -22.34 25.46 -0.80
N GLY A 122 -21.98 26.21 -1.84
CA GLY A 122 -22.74 26.17 -3.08
C GLY A 122 -22.73 24.80 -3.73
N ILE A 123 -21.56 24.15 -3.78
CA ILE A 123 -21.51 22.79 -4.31
C ILE A 123 -22.36 21.87 -3.45
N ALA A 124 -22.39 22.12 -2.13
CA ALA A 124 -23.16 21.24 -1.25
C ALA A 124 -24.66 21.48 -1.42
N MET A 125 -25.09 22.74 -1.49
CA MET A 125 -26.48 23.03 -1.85
C MET A 125 -26.86 22.38 -3.17
N ALA A 126 -25.96 22.45 -4.15
CA ALA A 126 -26.20 21.77 -5.41
C ALA A 126 -26.41 20.28 -5.20
N VAL A 127 -25.56 19.64 -4.39
CA VAL A 127 -25.70 18.21 -4.12
C VAL A 127 -27.08 17.92 -3.57
N GLY A 128 -27.52 18.71 -2.57
CA GLY A 128 -28.84 18.50 -2.01
C GLY A 128 -29.96 18.70 -3.02
N MET A 129 -29.80 19.66 -3.91
CA MET A 129 -30.79 19.88 -4.95
C MET A 129 -30.93 18.63 -5.83
N ALA A 130 -29.80 18.00 -6.16
CA ALA A 130 -29.84 16.76 -6.92
C ALA A 130 -30.51 15.65 -6.12
N MET A 131 -30.23 15.59 -4.81
CA MET A 131 -30.98 14.71 -3.92
C MET A 131 -32.47 14.98 -4.01
N ALA A 132 -32.85 16.26 -4.02
CA ALA A 132 -34.26 16.63 -4.08
C ALA A 132 -34.89 16.19 -5.39
N GLU A 133 -34.19 16.41 -6.52
CA GLU A 133 -34.72 15.95 -7.79
C GLU A 133 -34.94 14.44 -7.78
N ALA A 134 -33.94 13.68 -7.33
CA ALA A 134 -34.05 12.22 -7.35
C ALA A 134 -35.23 11.75 -6.49
N HIS A 135 -35.35 12.27 -5.27
CA HIS A 135 -36.47 11.90 -4.42
C HIS A 135 -37.81 12.27 -5.06
N LEU A 136 -37.93 13.50 -5.55
CA LEU A 136 -39.19 13.95 -6.16
C LEU A 136 -39.49 13.18 -7.44
N ALA A 137 -38.45 12.92 -8.26
CA ALA A 137 -38.64 12.09 -9.43
C ALA A 137 -39.17 10.71 -9.05
N ALA A 138 -38.48 10.03 -8.14
CA ALA A 138 -38.95 8.71 -7.73
C ALA A 138 -40.33 8.79 -7.08
N THR A 139 -40.58 9.80 -6.26
CA THR A 139 -41.87 9.91 -5.60
C THR A 139 -43.00 10.13 -6.60
N TYR A 140 -42.79 11.01 -7.58
CA TYR A 140 -43.90 11.46 -8.42
C TYR A 140 -43.88 10.90 -9.85
N ASN A 141 -42.71 10.70 -10.45
CA ASN A 141 -42.69 10.24 -11.83
C ASN A 141 -43.31 8.85 -11.97
N LYS A 142 -44.17 8.72 -12.98
CA LYS A 142 -44.83 7.46 -13.30
C LYS A 142 -44.61 7.22 -14.78
N GLU A 143 -45.00 6.03 -15.24
CA GLU A 143 -44.73 5.63 -16.62
C GLU A 143 -45.31 6.64 -17.60
N ASN A 144 -44.49 7.05 -18.56
CA ASN A 144 -44.79 7.99 -19.64
C ASN A 144 -44.99 9.41 -19.12
N PHE A 145 -44.65 9.69 -17.85
CA PHE A 145 -44.68 11.04 -17.30
C PHE A 145 -43.34 11.33 -16.63
N ASN A 146 -42.56 12.18 -17.28
CA ASN A 146 -41.28 12.64 -16.74
C ASN A 146 -41.50 13.95 -15.98
N VAL A 147 -42.19 13.83 -14.85
CA VAL A 147 -42.53 15.02 -14.08
C VAL A 147 -41.26 15.75 -13.64
N MET A 148 -40.29 15.01 -13.09
CA MET A 148 -39.01 15.56 -12.67
C MET A 148 -37.86 14.95 -13.48
N ASP A 149 -37.27 15.76 -14.37
CA ASP A 149 -36.14 15.35 -15.21
C ASP A 149 -35.26 16.58 -15.44
N HIS A 150 -34.64 17.08 -14.36
CA HIS A 150 -33.78 18.25 -14.47
C HIS A 150 -32.43 18.00 -13.84
N TYR A 151 -31.39 18.46 -14.53
CA TYR A 151 -30.01 18.39 -14.08
C TYR A 151 -29.69 19.58 -13.17
N THR A 152 -28.68 19.39 -12.33
CA THR A 152 -28.22 20.40 -11.40
C THR A 152 -26.79 20.78 -11.77
N TYR A 153 -26.56 22.08 -11.97
CA TYR A 153 -25.28 22.61 -12.43
C TYR A 153 -24.72 23.58 -11.40
N ALA A 154 -23.41 23.50 -11.18
CA ALA A 154 -22.72 24.44 -10.33
C ALA A 154 -21.39 24.79 -10.97
N ILE A 155 -20.99 26.06 -10.82
CA ILE A 155 -19.68 26.52 -11.24
C ILE A 155 -18.90 26.89 -9.98
N CYS A 156 -17.70 26.33 -9.87
CA CYS A 156 -16.88 26.49 -8.69
C CYS A 156 -15.46 26.91 -9.09
N GLY A 157 -14.72 27.43 -8.11
CA GLY A 157 -13.31 27.72 -8.29
C GLY A 157 -12.49 26.85 -7.34
N ASP A 158 -11.16 26.96 -7.48
CA ASP A 158 -10.26 26.14 -6.69
C ASP A 158 -10.59 26.25 -5.20
N GLY A 159 -10.93 27.45 -4.73
CA GLY A 159 -11.21 27.63 -3.32
C GLY A 159 -12.38 26.80 -2.83
N ASP A 160 -13.44 26.73 -3.63
CA ASP A 160 -14.59 25.92 -3.26
C ASP A 160 -14.18 24.49 -2.98
N LEU A 161 -13.33 23.91 -3.84
CA LEU A 161 -13.01 22.49 -3.75
C LEU A 161 -11.98 22.21 -2.68
N MET A 162 -11.24 23.24 -2.24
CA MET A 162 -10.35 23.09 -1.10
C MET A 162 -11.14 22.92 0.20
N GLU A 163 -12.33 23.52 0.25
CA GLU A 163 -13.09 23.55 1.49
C GLU A 163 -13.66 22.16 1.81
N GLY A 164 -13.74 21.88 3.12
CA GLY A 164 -14.16 20.56 3.54
C GLY A 164 -15.62 20.28 3.30
N VAL A 165 -16.47 21.31 3.33
CA VAL A 165 -17.89 21.07 3.08
C VAL A 165 -18.07 20.50 1.68
N SER A 166 -17.32 21.03 0.72
CA SER A 166 -17.37 20.49 -0.64
C SER A 166 -16.92 19.04 -0.65
N GLN A 167 -15.84 18.72 0.07
CA GLN A 167 -15.27 17.37 0.03
C GLN A 167 -16.23 16.37 0.64
N GLU A 168 -16.83 16.71 1.79
CA GLU A 168 -17.91 15.90 2.35
C GLU A 168 -19.01 15.69 1.31
N ALA A 169 -19.57 16.78 0.81
CA ALA A 169 -20.71 16.69 -0.09
C ALA A 169 -20.37 15.86 -1.33
N SER A 170 -19.17 16.02 -1.86
CA SER A 170 -18.77 15.25 -3.03
C SER A 170 -18.72 13.75 -2.71
N SER A 171 -18.19 13.40 -1.53
CA SER A 171 -18.25 12.00 -1.12
C SER A 171 -19.70 11.53 -1.03
N MET A 172 -20.55 12.34 -0.39
CA MET A 172 -21.96 12.00 -0.29
C MET A 172 -22.60 11.86 -1.66
N ALA A 173 -22.27 12.75 -2.58
CA ALA A 173 -22.85 12.73 -3.92
C ALA A 173 -22.47 11.45 -4.68
N GLY A 174 -21.20 11.06 -4.60
CA GLY A 174 -20.76 9.84 -5.28
C GLY A 174 -21.44 8.60 -4.72
N HIS A 175 -21.50 8.50 -3.39
CA HIS A 175 -22.22 7.39 -2.78
C HIS A 175 -23.66 7.36 -3.27
N MET A 176 -24.31 8.51 -3.32
CA MET A 176 -25.71 8.60 -3.73
C MET A 176 -25.86 8.65 -5.25
N LYS A 177 -24.76 8.50 -6.00
CA LYS A 177 -24.79 8.34 -7.46
C LYS A 177 -25.70 9.35 -8.13
N LEU A 178 -25.49 10.62 -7.79
CA LEU A 178 -26.30 11.70 -8.36
C LEU A 178 -25.66 12.12 -9.67
N GLY A 179 -25.83 11.24 -10.67
CA GLY A 179 -25.31 11.42 -12.01
C GLY A 179 -25.86 12.62 -12.76
N LYS A 180 -26.90 13.28 -12.24
CA LYS A 180 -27.48 14.45 -12.86
C LYS A 180 -26.96 15.73 -12.24
N LEU A 181 -26.02 15.62 -11.32
CA LEU A 181 -25.30 16.76 -10.80
C LEU A 181 -23.98 16.87 -11.54
N ILE A 182 -23.75 18.03 -12.15
CA ILE A 182 -22.53 18.29 -12.91
C ILE A 182 -21.96 19.59 -12.39
N VAL A 183 -20.68 19.56 -11.99
CA VAL A 183 -19.99 20.73 -11.47
C VAL A 183 -18.93 21.16 -12.48
N LEU A 184 -18.90 22.45 -12.78
CA LEU A 184 -17.92 23.04 -13.68
C LEU A 184 -16.88 23.77 -12.83
N TYR A 185 -15.63 23.37 -12.98
CA TYR A 185 -14.55 23.86 -12.14
C TYR A 185 -13.62 24.78 -12.95
N ASP A 186 -13.56 26.04 -12.53
CA ASP A 186 -12.61 27.02 -13.06
C ASP A 186 -11.24 26.69 -12.53
N SER A 187 -10.53 25.78 -13.20
CA SER A 187 -9.16 25.50 -12.79
C SER A 187 -8.23 26.58 -13.35
N ASN A 188 -8.45 27.81 -12.85
CA ASN A 188 -7.60 28.94 -13.20
C ASN A 188 -6.20 28.82 -12.64
N ASP A 189 -5.98 27.94 -11.67
CA ASP A 189 -4.69 27.73 -11.00
C ASP A 189 -4.25 28.95 -10.21
N ILE A 190 -5.20 29.78 -9.78
CA ILE A 190 -4.93 30.98 -9.00
C ILE A 190 -5.91 31.04 -7.83
N SER A 191 -5.44 31.57 -6.71
CA SER A 191 -6.27 31.87 -5.55
C SER A 191 -6.04 33.33 -5.19
N LEU A 192 -6.87 33.86 -4.27
CA LEU A 192 -6.73 35.25 -3.80
C LEU A 192 -5.26 35.60 -3.52
N ASP A 193 -4.61 34.81 -2.68
CA ASP A 193 -3.25 35.13 -2.24
C ASP A 193 -2.22 34.89 -3.33
N GLY A 194 -2.51 34.02 -4.29
CA GLY A 194 -1.57 33.73 -5.35
C GLY A 194 -1.81 32.41 -6.04
N PRO A 195 -0.74 31.82 -6.60
CA PRO A 195 -0.88 30.54 -7.28
C PRO A 195 -1.42 29.44 -6.37
N THR A 196 -1.96 28.40 -6.99
CA THR A 196 -2.35 27.22 -6.24
C THR A 196 -1.16 26.30 -5.98
N SER A 197 -0.03 26.52 -6.65
CA SER A 197 1.18 25.77 -6.32
C SER A 197 1.55 25.94 -4.86
N LYS A 198 1.15 27.06 -4.26
CA LYS A 198 1.60 27.36 -2.90
C LYS A 198 0.72 26.68 -1.86
N ALA A 199 -0.51 26.32 -2.22
CA ALA A 199 -1.36 25.62 -1.25
C ALA A 199 -2.16 24.43 -1.79
N PHE A 200 -2.26 24.23 -3.12
CA PHE A 200 -3.25 23.29 -3.67
C PHE A 200 -2.63 22.44 -4.79
N THR A 201 -1.86 21.42 -4.42
CA THR A 201 -1.17 20.61 -5.41
C THR A 201 -1.82 19.25 -5.63
N GLU A 202 -3.02 19.03 -5.10
CA GLU A 202 -3.65 17.73 -5.22
C GLU A 202 -4.17 17.49 -6.63
N ASN A 203 -4.41 16.23 -6.94
CA ASN A 203 -5.16 15.87 -8.14
C ASN A 203 -6.62 15.88 -7.76
N VAL A 204 -7.33 16.97 -8.09
CA VAL A 204 -8.75 17.07 -7.78
C VAL A 204 -9.53 15.94 -8.44
N GLY A 205 -9.30 15.73 -9.75
CA GLY A 205 -10.04 14.71 -10.45
C GLY A 205 -9.82 13.31 -9.90
N ALA A 206 -8.59 12.99 -9.52
CA ALA A 206 -8.31 11.70 -8.91
C ALA A 206 -9.12 11.52 -7.63
N ARG A 207 -9.13 12.56 -6.77
CA ARG A 207 -9.98 12.51 -5.58
C ARG A 207 -11.44 12.31 -5.97
N TYR A 208 -11.92 13.08 -6.97
CA TYR A 208 -13.32 12.97 -7.35
C TYR A 208 -13.61 11.61 -7.97
N GLU A 209 -12.64 11.03 -8.67
CA GLU A 209 -12.82 9.69 -9.19
C GLU A 209 -12.90 8.68 -8.05
N ALA A 210 -12.08 8.86 -7.01
CA ALA A 210 -12.21 8.02 -5.82
C ALA A 210 -13.58 8.19 -5.18
N TYR A 211 -14.12 9.40 -5.19
CA TYR A 211 -15.47 9.64 -4.69
C TYR A 211 -16.52 8.83 -5.43
N GLY A 212 -16.19 8.29 -6.59
CA GLY A 212 -17.17 7.76 -7.50
C GLY A 212 -17.72 8.78 -8.49
N TRP A 213 -16.99 9.84 -8.79
CA TRP A 213 -17.38 10.83 -9.77
C TRP A 213 -16.71 10.52 -11.10
N GLN A 214 -17.17 11.20 -12.14
CA GLN A 214 -16.52 11.20 -13.44
C GLN A 214 -15.75 12.51 -13.57
N HIS A 215 -14.54 12.43 -14.13
CA HIS A 215 -13.69 13.60 -14.30
C HIS A 215 -13.43 13.81 -15.79
N ILE A 216 -13.91 14.93 -16.31
CA ILE A 216 -13.65 15.37 -17.67
C ILE A 216 -12.82 16.65 -17.57
N LEU A 217 -11.62 16.61 -18.14
CA LEU A 217 -10.71 17.73 -18.13
C LEU A 217 -10.74 18.42 -19.50
N VAL A 218 -11.21 19.66 -19.54
CA VAL A 218 -11.21 20.49 -20.74
C VAL A 218 -9.98 21.37 -20.66
N LYS A 219 -8.97 21.09 -21.48
CA LYS A 219 -7.73 21.83 -21.38
C LYS A 219 -7.83 23.25 -21.96
N ASP A 220 -8.71 23.46 -22.96
CA ASP A 220 -8.92 24.79 -23.51
C ASP A 220 -10.21 25.37 -22.94
N GLY A 221 -10.06 26.28 -21.97
CA GLY A 221 -11.20 26.94 -21.38
C GLY A 221 -11.95 27.83 -22.35
N ASN A 222 -11.27 28.28 -23.40
CA ASN A 222 -11.91 29.14 -24.39
C ASN A 222 -12.57 28.37 -25.52
N ASP A 223 -12.46 27.05 -25.54
CA ASP A 223 -13.10 26.23 -26.57
C ASP A 223 -14.51 25.88 -26.12
N LEU A 224 -15.49 26.63 -26.62
CA LEU A 224 -16.89 26.39 -26.27
C LEU A 224 -17.33 25.00 -26.70
N GLU A 225 -16.89 24.55 -27.88
CA GLU A 225 -17.31 23.25 -28.37
C GLU A 225 -16.87 22.13 -27.42
N ALA A 226 -15.62 22.19 -26.94
CA ALA A 226 -15.13 21.18 -26.01
C ALA A 226 -15.91 21.19 -24.69
N ILE A 227 -16.18 22.37 -24.15
CA ILE A 227 -16.96 22.47 -22.92
C ILE A 227 -18.33 21.82 -23.11
N SER A 228 -19.03 22.22 -24.17
CA SER A 228 -20.34 21.66 -24.45
C SER A 228 -20.28 20.14 -24.61
N LYS A 229 -19.25 19.66 -25.30
CA LYS A 229 -19.08 18.23 -25.46
C LYS A 229 -18.95 17.53 -24.10
N ALA A 230 -18.21 18.13 -23.18
CA ALA A 230 -18.05 17.56 -21.84
C ALA A 230 -19.38 17.54 -21.08
N ILE A 231 -20.17 18.62 -21.18
CA ILE A 231 -21.48 18.62 -20.51
C ILE A 231 -22.37 17.50 -21.04
N GLU A 232 -22.29 17.23 -22.34
CA GLU A 232 -23.04 16.11 -22.91
C GLU A 232 -22.56 14.78 -22.33
N GLU A 233 -21.24 14.58 -22.30
CA GLU A 233 -20.68 13.37 -21.71
C GLU A 233 -21.16 13.20 -20.28
N ALA A 234 -21.20 14.30 -19.53
CA ALA A 234 -21.60 14.23 -18.14
C ALA A 234 -23.04 13.74 -18.02
N LYS A 235 -23.96 14.35 -18.78
CA LYS A 235 -25.33 13.87 -18.80
C LYS A 235 -25.40 12.40 -19.20
N ALA A 236 -24.48 11.96 -20.06
CA ALA A 236 -24.46 10.56 -20.47
C ALA A 236 -24.11 9.65 -19.31
N GLU A 237 -23.19 10.08 -18.44
CA GLU A 237 -22.88 9.30 -17.24
C GLU A 237 -23.95 9.59 -16.21
N THR A 238 -24.97 8.75 -16.18
CA THR A 238 -26.12 8.88 -15.29
C THR A 238 -25.88 8.26 -13.92
N ASP A 239 -24.89 7.37 -13.79
CA ASP A 239 -24.63 6.64 -12.56
C ASP A 239 -23.54 7.27 -11.72
N LYS A 240 -22.97 8.38 -12.18
CA LYS A 240 -21.85 9.06 -11.53
C LYS A 240 -22.04 10.57 -11.63
N PRO A 241 -21.88 11.29 -10.53
CA PRO A 241 -21.74 12.75 -10.62
C PRO A 241 -20.49 13.09 -11.42
N THR A 242 -20.45 14.30 -11.97
CA THR A 242 -19.36 14.65 -12.87
C THR A 242 -18.74 15.98 -12.51
N LEU A 243 -17.40 16.00 -12.48
CA LEU A 243 -16.64 17.23 -12.36
C LEU A 243 -15.97 17.48 -13.70
N ILE A 244 -16.43 18.51 -14.39
CA ILE A 244 -15.79 19.02 -15.61
C ILE A 244 -14.81 20.09 -15.18
N GLU A 245 -13.53 19.75 -15.15
CA GLU A 245 -12.49 20.71 -14.84
C GLU A 245 -12.13 21.40 -16.15
N VAL A 246 -12.53 22.66 -16.28
CA VAL A 246 -12.21 23.45 -17.46
C VAL A 246 -11.04 24.35 -17.09
N LYS A 247 -9.87 24.04 -17.63
CA LYS A 247 -8.69 24.83 -17.33
C LYS A 247 -8.80 26.18 -18.01
N THR A 248 -8.77 27.24 -17.22
CA THR A 248 -8.94 28.60 -17.70
C THR A 248 -7.73 29.43 -17.30
N VAL A 249 -7.56 30.55 -18.00
CA VAL A 249 -6.61 31.57 -17.59
C VAL A 249 -7.43 32.64 -16.90
N ILE A 250 -7.19 32.82 -15.59
CA ILE A 250 -7.92 33.85 -14.87
C ILE A 250 -7.63 35.20 -15.51
N GLY A 251 -8.69 35.99 -15.72
CA GLY A 251 -8.53 37.31 -16.29
C GLY A 251 -8.07 37.34 -17.74
N TYR A 252 -8.56 36.41 -18.56
CA TYR A 252 -8.10 36.28 -19.92
C TYR A 252 -8.20 37.60 -20.67
N GLY A 253 -7.07 38.04 -21.24
CA GLY A 253 -7.03 39.27 -21.99
C GLY A 253 -6.41 40.45 -21.26
N ALA A 254 -6.68 40.56 -19.97
CA ALA A 254 -6.12 41.64 -19.19
C ALA A 254 -4.60 41.50 -19.11
N PRO A 255 -3.89 42.62 -18.88
CA PRO A 255 -2.42 42.51 -18.73
C PRO A 255 -2.00 41.66 -17.55
N LYS A 256 -2.77 41.69 -16.47
CA LYS A 256 -2.43 40.96 -15.25
C LYS A 256 -3.01 39.55 -15.22
N GLU A 257 -3.33 38.98 -16.39
CA GLU A 257 -3.96 37.66 -16.44
C GLU A 257 -3.02 36.60 -15.90
N GLY A 258 -3.61 35.52 -15.40
CA GLY A 258 -2.86 34.47 -14.74
C GLY A 258 -2.19 34.89 -13.46
N THR A 259 -2.66 35.95 -12.81
CA THR A 259 -2.09 36.42 -11.55
C THR A 259 -3.20 36.63 -10.53
N SER A 260 -2.79 36.74 -9.26
CA SER A 260 -3.71 37.02 -8.16
C SER A 260 -4.35 38.39 -8.27
N ALA A 261 -3.77 39.29 -9.06
CA ALA A 261 -4.27 40.66 -9.12
C ALA A 261 -5.66 40.73 -9.75
N VAL A 262 -5.93 39.89 -10.75
CA VAL A 262 -7.24 39.95 -11.41
C VAL A 262 -8.34 39.32 -10.56
N HIS A 263 -7.99 38.66 -9.45
CA HIS A 263 -9.01 37.91 -8.70
C HIS A 263 -10.04 38.85 -8.11
N GLY A 264 -9.62 39.75 -7.23
CA GLY A 264 -10.58 40.47 -6.40
C GLY A 264 -10.57 41.98 -6.45
N ALA A 265 -9.89 42.54 -7.45
CA ALA A 265 -9.80 43.99 -7.56
C ALA A 265 -10.13 44.41 -8.97
N PRO A 266 -10.70 45.61 -9.14
CA PRO A 266 -10.97 46.11 -10.48
C PRO A 266 -9.69 46.15 -11.30
N LEU A 267 -9.79 45.73 -12.57
CA LEU A 267 -8.65 45.81 -13.47
C LEU A 267 -8.13 47.22 -13.59
N GLY A 268 -9.02 48.20 -13.52
CA GLY A 268 -8.72 49.52 -13.98
C GLY A 268 -9.05 49.70 -15.46
N GLU A 269 -9.32 50.95 -15.82
CA GLU A 269 -9.81 51.28 -17.17
C GLU A 269 -8.83 50.85 -18.24
N ASP A 270 -7.52 51.02 -17.99
CA ASP A 270 -6.53 50.55 -18.95
C ASP A 270 -6.65 49.04 -19.15
N GLY A 271 -6.84 48.29 -18.05
CA GLY A 271 -6.99 46.84 -18.17
C GLY A 271 -8.22 46.44 -18.96
N ILE A 272 -9.34 47.13 -18.73
CA ILE A 272 -10.55 46.86 -19.49
C ILE A 272 -10.28 47.05 -20.99
N LYS A 273 -9.61 48.15 -21.34
CA LYS A 273 -9.36 48.41 -22.74
C LYS A 273 -8.41 47.37 -23.35
N MET A 274 -7.36 47.01 -22.61
CA MET A 274 -6.39 46.04 -23.13
C MET A 274 -7.04 44.68 -23.37
N ALA A 275 -7.88 44.23 -22.43
CA ALA A 275 -8.65 43.02 -22.64
C ALA A 275 -9.54 43.16 -23.87
N LYS A 276 -10.18 44.32 -24.04
CA LYS A 276 -11.06 44.53 -25.18
C LYS A 276 -10.29 44.40 -26.50
N GLU A 277 -9.02 44.81 -26.52
CA GLU A 277 -8.20 44.67 -27.71
C GLU A 277 -7.98 43.20 -28.05
N VAL A 278 -7.65 42.38 -27.04
CA VAL A 278 -7.60 40.95 -27.28
C VAL A 278 -8.95 40.44 -27.75
N TYR A 279 -10.03 40.93 -27.13
CA TYR A 279 -11.37 40.49 -27.50
C TYR A 279 -11.76 40.97 -28.88
N GLY A 280 -11.20 42.07 -29.35
CA GLY A 280 -11.73 42.74 -30.52
C GLY A 280 -13.04 43.43 -30.22
N TRP A 281 -13.13 44.11 -29.08
CA TRP A 281 -14.36 44.72 -28.61
C TRP A 281 -14.24 46.23 -28.79
N GLU A 282 -14.96 46.77 -29.78
CA GLU A 282 -15.01 48.21 -30.01
C GLU A 282 -16.33 48.78 -29.54
N TYR A 283 -17.19 47.95 -28.96
CA TYR A 283 -18.52 48.38 -28.55
C TYR A 283 -18.43 49.39 -27.40
N PRO A 284 -19.43 50.26 -27.28
CA PRO A 284 -19.51 51.16 -26.12
C PRO A 284 -19.76 50.40 -24.83
N ASP A 285 -19.58 51.10 -23.71
CA ASP A 285 -19.71 50.49 -22.40
C ASP A 285 -21.14 50.07 -22.11
N PHE A 286 -21.27 48.95 -21.39
CA PHE A 286 -22.56 48.43 -20.93
C PHE A 286 -23.52 48.23 -22.10
N THR A 287 -23.02 47.58 -23.15
CA THR A 287 -23.80 47.40 -24.36
C THR A 287 -23.85 45.92 -24.69
N VAL A 288 -25.04 45.45 -25.02
CA VAL A 288 -25.23 44.10 -25.52
C VAL A 288 -25.34 44.19 -27.04
N PRO A 289 -24.44 43.56 -27.79
CA PRO A 289 -24.60 43.54 -29.25
C PRO A 289 -25.95 42.94 -29.63
N GLU A 290 -26.57 43.54 -30.64
CA GLU A 290 -27.89 43.08 -31.08
C GLU A 290 -27.84 41.62 -31.48
N GLU A 291 -26.75 41.21 -32.14
CA GLU A 291 -26.57 39.83 -32.51
C GLU A 291 -26.62 38.92 -31.28
N VAL A 292 -25.95 39.34 -30.21
CA VAL A 292 -25.86 38.50 -29.00
C VAL A 292 -27.22 38.39 -28.31
N ALA A 293 -27.93 39.52 -28.20
CA ALA A 293 -29.24 39.50 -27.55
C ALA A 293 -30.21 38.56 -28.27
N ALA A 294 -30.25 38.62 -29.60
CA ALA A 294 -31.12 37.72 -30.36
C ALA A 294 -30.66 36.28 -30.21
N ARG A 295 -29.34 36.05 -30.18
CA ARG A 295 -28.85 34.70 -29.94
C ARG A 295 -29.31 34.19 -28.59
N PHE A 296 -29.22 35.03 -27.54
CA PHE A 296 -29.72 34.63 -26.24
C PHE A 296 -31.23 34.38 -26.28
N HIS A 297 -31.99 35.31 -26.88
CA HIS A 297 -33.44 35.15 -26.93
C HIS A 297 -33.84 33.83 -27.56
N GLN A 298 -33.23 33.49 -28.71
CA GLN A 298 -33.52 32.22 -29.34
C GLN A 298 -33.14 31.06 -28.44
N THR A 299 -31.92 31.08 -27.89
CA THR A 299 -31.44 29.90 -27.18
C THR A 299 -32.23 29.65 -25.89
N MET A 300 -32.59 30.70 -25.15
CA MET A 300 -33.16 30.50 -23.83
C MET A 300 -34.61 30.93 -23.69
N ILE A 301 -34.98 32.13 -24.14
CA ILE A 301 -36.35 32.60 -23.99
C ILE A 301 -37.32 31.69 -24.73
N GLU A 302 -37.20 31.64 -26.07
CA GLU A 302 -38.15 30.89 -26.86
C GLU A 302 -38.11 29.39 -26.53
N GLU A 303 -36.90 28.81 -26.48
CA GLU A 303 -36.80 27.38 -26.18
C GLU A 303 -37.31 27.08 -24.78
N GLY A 304 -37.00 27.97 -23.82
CA GLY A 304 -37.41 27.74 -22.44
C GLY A 304 -38.92 27.74 -22.26
N GLN A 305 -39.60 28.72 -22.88
CA GLN A 305 -41.06 28.75 -22.80
C GLN A 305 -41.66 27.50 -23.42
N LYS A 306 -41.13 27.06 -24.56
CA LYS A 306 -41.58 25.84 -25.18
C LYS A 306 -41.44 24.65 -24.24
N ALA A 307 -40.34 24.60 -23.50
CA ALA A 307 -40.10 23.49 -22.58
C ALA A 307 -41.06 23.52 -21.39
N GLU A 308 -41.22 24.69 -20.77
CA GLU A 308 -42.17 24.82 -19.66
C GLU A 308 -43.59 24.50 -20.11
N ASP A 309 -43.95 24.96 -21.32
CA ASP A 309 -45.28 24.67 -21.87
C ASP A 309 -45.42 23.18 -22.18
N ALA A 310 -44.37 22.57 -22.73
CA ALA A 310 -44.39 21.13 -22.97
C ALA A 310 -44.52 20.37 -21.66
N TRP A 311 -43.77 20.80 -20.64
CA TRP A 311 -43.90 20.24 -19.30
C TRP A 311 -45.33 20.40 -18.78
N ASN A 312 -45.94 21.57 -19.01
CA ASN A 312 -47.25 21.86 -18.43
C ASN A 312 -48.33 20.98 -19.05
N GLU A 313 -48.25 20.75 -20.35
CA GLU A 313 -49.16 19.81 -21.00
C GLU A 313 -49.02 18.42 -20.42
N MET A 314 -47.78 17.93 -20.29
CA MET A 314 -47.57 16.63 -19.68
C MET A 314 -48.14 16.59 -18.26
N PHE A 315 -47.88 17.64 -17.48
CA PHE A 315 -48.35 17.66 -16.09
C PHE A 315 -49.87 17.61 -16.03
N ALA A 316 -50.55 18.37 -16.90
CA ALA A 316 -52.01 18.31 -16.94
C ALA A 316 -52.49 16.89 -17.27
N ASN A 317 -51.85 16.25 -18.25
CA ASN A 317 -52.18 14.85 -18.55
C ASN A 317 -51.85 13.95 -17.37
N TYR A 318 -50.74 14.24 -16.70
CA TYR A 318 -50.37 13.53 -15.47
C TYR A 318 -51.42 13.77 -14.38
N LYS A 319 -51.95 15.00 -14.31
CA LYS A 319 -53.02 15.31 -13.36
C LYS A 319 -54.23 14.44 -13.58
N LYS A 320 -54.65 14.28 -14.83
CA LYS A 320 -55.77 13.40 -15.11
C LYS A 320 -55.46 11.95 -14.76
N ALA A 321 -54.30 11.45 -15.21
CA ALA A 321 -53.94 10.06 -14.99
C ALA A 321 -53.73 9.77 -13.50
N TYR A 322 -53.04 10.66 -12.80
CA TYR A 322 -52.70 10.47 -11.39
C TYR A 322 -53.07 11.74 -10.62
N PRO A 323 -54.36 11.96 -10.35
CA PRO A 323 -54.76 13.22 -9.71
C PRO A 323 -54.18 13.39 -8.31
N GLU A 324 -54.19 12.30 -7.52
CA GLU A 324 -53.71 12.36 -6.15
C GLU A 324 -52.25 12.81 -6.10
N LEU A 325 -51.39 12.13 -6.85
CA LEU A 325 -49.97 12.46 -6.85
C LEU A 325 -49.73 13.86 -7.38
N ALA A 326 -50.51 14.29 -8.37
CA ALA A 326 -50.30 15.62 -8.93
C ALA A 326 -50.66 16.71 -7.93
N GLN A 327 -51.83 16.61 -7.28
CA GLN A 327 -52.19 17.59 -6.25
C GLN A 327 -51.13 17.64 -5.16
N GLN A 328 -50.61 16.48 -4.77
CA GLN A 328 -49.53 16.42 -3.79
C GLN A 328 -48.30 17.16 -4.31
N PHE A 329 -47.94 16.92 -5.58
CA PHE A 329 -46.78 17.59 -6.19
C PHE A 329 -46.93 19.11 -6.09
N GLU A 330 -48.07 19.64 -6.53
CA GLU A 330 -48.30 21.07 -6.44
C GLU A 330 -48.25 21.54 -5.00
N ASP A 331 -48.98 20.85 -4.11
CA ASP A 331 -49.07 21.28 -2.72
C ASP A 331 -47.73 21.17 -2.01
N ALA A 332 -46.98 20.09 -2.25
CA ALA A 332 -45.65 19.97 -1.68
C ALA A 332 -44.76 21.14 -2.11
N PHE A 333 -44.80 21.49 -3.40
CA PHE A 333 -44.04 22.64 -3.88
C PHE A 333 -44.60 23.94 -3.34
N ASP A 334 -45.93 24.04 -3.23
CA ASP A 334 -46.54 25.26 -2.70
C ASP A 334 -46.25 25.45 -1.22
N GLY A 335 -45.78 24.41 -0.53
CA GLY A 335 -45.59 24.46 0.91
C GLY A 335 -46.85 24.25 1.72
N LYS A 336 -47.97 23.93 1.08
CA LYS A 336 -49.20 23.67 1.81
C LYS A 336 -49.08 22.41 2.65
N LEU A 337 -49.39 22.53 3.89
CA LEU A 337 -49.44 21.36 4.75
C LEU A 337 -50.74 20.60 4.52
N PRO A 338 -50.70 19.27 4.61
CA PRO A 338 -51.96 18.50 4.53
C PRO A 338 -52.92 18.91 5.63
N GLU A 339 -54.21 18.62 5.42
CA GLU A 339 -55.26 19.26 6.22
C GLU A 339 -55.24 18.79 7.68
N ASN A 340 -55.03 17.50 7.91
CA ASN A 340 -55.03 16.96 9.26
C ASN A 340 -53.63 16.54 9.69
N TRP A 341 -52.62 17.35 9.32
CA TRP A 341 -51.24 17.03 9.66
C TRP A 341 -51.03 17.02 11.18
N ASP A 342 -51.69 17.94 11.89
CA ASP A 342 -51.49 18.06 13.34
C ASP A 342 -52.34 17.08 14.14
N ALA A 343 -53.23 16.34 13.49
CA ALA A 343 -54.29 15.64 14.23
C ALA A 343 -53.74 14.47 15.04
N GLU A 344 -52.91 13.61 14.43
CA GLU A 344 -52.43 12.42 15.13
C GLU A 344 -51.15 12.67 15.95
N LEU A 345 -50.77 13.93 16.14
CA LEU A 345 -49.50 14.23 16.81
C LEU A 345 -49.55 13.80 18.27
N PRO A 346 -48.42 13.35 18.85
CA PRO A 346 -48.48 12.73 20.17
C PRO A 346 -48.79 13.75 21.27
N THR A 347 -49.55 13.28 22.25
CA THR A 347 -49.86 14.04 23.44
C THR A 347 -49.38 13.24 24.65
N TYR A 348 -48.96 13.96 25.69
CA TYR A 348 -48.29 13.34 26.83
C TYR A 348 -48.93 13.82 28.14
N GLU A 349 -48.83 12.96 29.16
CA GLU A 349 -49.52 13.16 30.42
C GLU A 349 -48.52 13.45 31.54
N VAL A 350 -49.03 14.09 32.60
CA VAL A 350 -48.19 14.53 33.71
C VAL A 350 -47.43 13.37 34.32
N GLY A 351 -48.03 12.19 34.37
CA GLY A 351 -47.35 11.06 34.96
C GLY A 351 -46.26 10.43 34.11
N SER A 352 -45.84 11.08 33.02
CA SER A 352 -44.93 10.50 32.04
C SER A 352 -43.59 11.22 32.04
N SER A 353 -42.50 10.45 31.86
CA SER A 353 -41.16 11.00 31.71
C SER A 353 -40.54 10.39 30.46
N GLN A 354 -40.07 11.24 29.55
CA GLN A 354 -39.57 10.81 28.25
C GLN A 354 -38.61 11.88 27.77
N ALA A 355 -37.53 11.45 27.13
CA ALA A 355 -36.59 12.40 26.56
C ALA A 355 -37.21 13.10 25.34
N SER A 356 -36.90 14.39 25.19
CA SER A 356 -37.44 15.13 24.05
C SER A 356 -36.99 14.51 22.73
N ARG A 357 -35.84 13.84 22.73
CA ARG A 357 -35.44 13.13 21.52
C ARG A 357 -36.42 12.02 21.19
N VAL A 358 -36.91 11.31 22.22
CA VAL A 358 -37.89 10.24 21.99
C VAL A 358 -39.25 10.83 21.62
N SER A 359 -39.61 11.95 22.25
CA SER A 359 -40.81 12.67 21.85
C SER A 359 -40.72 13.12 20.40
N SER A 360 -39.53 13.57 19.97
CA SER A 360 -39.35 14.05 18.61
C SER A 360 -39.51 12.91 17.62
N LYS A 361 -38.90 11.76 17.92
CA LYS A 361 -39.11 10.58 17.09
C LYS A 361 -40.59 10.32 16.86
N GLU A 362 -41.39 10.41 17.91
CA GLU A 362 -42.82 10.15 17.79
C GLU A 362 -43.52 11.24 17.00
N VAL A 363 -43.15 12.50 17.20
CA VAL A 363 -43.72 13.58 16.39
C VAL A 363 -43.27 13.46 14.95
N ILE A 364 -41.99 13.13 14.72
CA ILE A 364 -41.48 12.97 13.36
C ILE A 364 -42.29 11.92 12.62
N GLN A 365 -42.44 10.75 13.23
CA GLN A 365 -42.99 9.60 12.52
C GLN A 365 -44.45 9.82 12.15
N GLU A 366 -45.21 10.50 13.02
CA GLU A 366 -46.56 10.88 12.63
C GLU A 366 -46.53 11.97 11.57
N LEU A 367 -45.60 12.91 11.67
CA LEU A 367 -45.46 13.93 10.63
C LEU A 367 -45.10 13.30 9.29
N SER A 368 -44.24 12.28 9.31
CA SER A 368 -43.92 11.58 8.08
C SER A 368 -45.17 10.96 7.46
N LYS A 369 -45.99 10.29 8.28
CA LYS A 369 -47.20 9.66 7.76
C LYS A 369 -48.12 10.69 7.10
N ALA A 370 -48.40 11.80 7.80
CA ALA A 370 -49.37 12.75 7.28
C ALA A 370 -48.80 13.59 6.15
N ILE A 371 -47.53 13.99 6.23
CA ILE A 371 -46.91 14.86 5.24
C ILE A 371 -46.02 14.00 4.36
N PRO A 372 -46.38 13.77 3.10
CA PRO A 372 -45.50 13.00 2.21
C PRO A 372 -44.20 13.73 1.93
N SER A 373 -44.23 15.06 1.89
CA SER A 373 -43.04 15.83 1.54
C SER A 373 -41.97 15.71 2.61
N PHE A 374 -42.39 15.41 3.84
CA PHE A 374 -41.49 15.39 5.00
C PHE A 374 -40.44 14.29 4.87
N TRP A 375 -39.17 14.67 4.93
CA TRP A 375 -38.08 13.71 4.92
C TRP A 375 -36.87 14.38 5.58
N GLY A 376 -35.84 13.59 5.81
CA GLY A 376 -34.67 14.08 6.52
C GLY A 376 -33.80 12.94 6.98
N GLY A 377 -32.83 13.29 7.84
CA GLY A 377 -31.88 12.29 8.29
C GLY A 377 -30.93 12.87 9.32
N SER A 378 -29.81 12.19 9.49
CA SER A 378 -28.84 12.56 10.52
C SER A 378 -27.42 12.27 10.01
N ALA A 379 -26.44 12.81 10.75
CA ALA A 379 -25.02 12.58 10.46
C ALA A 379 -24.55 11.39 11.26
N ASP A 380 -24.99 10.21 10.84
CA ASP A 380 -24.59 8.97 11.49
C ASP A 380 -25.07 8.98 12.95
N LEU A 381 -26.17 9.64 13.27
CA LEU A 381 -26.55 9.71 14.68
C LEU A 381 -28.02 9.41 14.89
N SER A 382 -28.60 8.53 14.07
CA SER A 382 -30.04 8.30 14.13
C SER A 382 -30.44 7.59 15.41
N GLY A 383 -29.70 6.55 15.78
CA GLY A 383 -29.97 5.92 17.06
C GLY A 383 -29.93 6.90 18.22
N SER A 384 -28.94 7.80 18.21
CA SER A 384 -28.81 8.77 19.29
C SER A 384 -29.77 9.95 19.12
N ASN A 385 -29.97 10.40 17.88
CA ASN A 385 -30.89 11.52 17.62
C ASN A 385 -32.35 11.09 17.57
N ASN A 386 -32.63 9.80 17.36
CA ASN A 386 -33.99 9.29 17.20
C ASN A 386 -34.70 10.01 16.06
N THR A 387 -34.05 10.02 14.89
CA THR A 387 -34.55 10.73 13.72
C THR A 387 -35.03 9.80 12.61
N MET A 388 -35.12 8.50 12.86
CA MET A 388 -35.50 7.56 11.80
C MET A 388 -37.01 7.36 11.77
N VAL A 389 -37.54 7.24 10.55
CA VAL A 389 -38.94 6.88 10.35
C VAL A 389 -38.96 5.40 10.07
N ALA A 390 -39.64 4.66 10.94
CA ALA A 390 -39.60 3.20 10.86
C ALA A 390 -40.27 2.69 9.59
N ALA A 391 -41.39 3.31 9.21
CA ALA A 391 -42.13 2.85 8.03
C ALA A 391 -41.34 3.04 6.73
N ASP A 392 -40.66 4.19 6.58
CA ASP A 392 -40.07 4.50 5.28
C ASP A 392 -38.70 3.84 5.10
N LYS A 393 -38.28 3.79 3.84
CA LYS A 393 -37.01 3.21 3.47
C LYS A 393 -35.92 4.28 3.39
N ASP A 394 -34.68 3.81 3.27
CA ASP A 394 -33.56 4.71 3.13
C ASP A 394 -33.58 5.34 1.74
N PHE A 395 -33.06 6.56 1.67
CA PHE A 395 -32.83 7.26 0.41
C PHE A 395 -31.55 6.69 -0.18
N THR A 396 -31.70 5.69 -1.05
CA THR A 396 -30.59 5.04 -1.74
C THR A 396 -30.79 5.20 -3.24
N PRO A 397 -29.74 5.01 -4.03
CA PRO A 397 -29.94 4.95 -5.48
C PRO A 397 -31.03 3.99 -5.90
N GLU A 398 -31.11 2.81 -5.24
CA GLU A 398 -32.18 1.87 -5.52
C GLU A 398 -33.54 2.40 -5.12
N HIS A 399 -33.63 3.07 -3.95
CA HIS A 399 -34.90 3.59 -3.43
C HIS A 399 -34.76 5.11 -3.22
N TYR A 400 -34.70 5.88 -4.32
CA TYR A 400 -34.64 7.34 -4.18
C TYR A 400 -35.90 7.91 -3.55
N GLU A 401 -37.03 7.19 -3.62
CA GLU A 401 -38.25 7.59 -2.94
C GLU A 401 -38.11 7.52 -1.43
N GLY A 402 -37.10 6.82 -0.91
CA GLY A 402 -36.94 6.72 0.53
C GLY A 402 -36.74 8.08 1.17
N ARG A 403 -37.31 8.26 2.35
CA ARG A 403 -37.32 9.54 3.04
C ARG A 403 -36.38 9.57 4.24
N ASN A 404 -35.60 8.51 4.42
CA ASN A 404 -34.57 8.45 5.45
C ASN A 404 -33.22 8.66 4.78
N ILE A 405 -32.55 9.76 5.09
CA ILE A 405 -31.25 10.08 4.52
C ILE A 405 -30.16 9.74 5.52
N TRP A 406 -29.15 9.03 5.06
CA TRP A 406 -27.96 8.74 5.85
C TRP A 406 -26.89 9.70 5.34
N PHE A 407 -26.76 10.85 6.00
CA PHE A 407 -25.79 11.84 5.53
C PHE A 407 -24.35 11.41 5.82
N GLY A 408 -24.15 10.50 6.77
CA GLY A 408 -22.83 10.21 7.28
C GLY A 408 -22.30 11.33 8.15
N VAL A 409 -21.11 11.10 8.70
CA VAL A 409 -20.44 12.08 9.57
C VAL A 409 -20.01 13.28 8.73
N ARG A 410 -21.00 14.04 8.22
CA ARG A 410 -20.82 15.17 7.31
C ARG A 410 -21.86 16.22 7.71
N GLU A 411 -21.67 16.83 8.87
CA GLU A 411 -22.66 17.75 9.39
C GLU A 411 -22.76 19.00 8.52
N PHE A 412 -21.61 19.59 8.16
CA PHE A 412 -21.63 20.77 7.30
C PHE A 412 -22.34 20.47 5.99
N ALA A 413 -21.97 19.35 5.35
CA ALA A 413 -22.60 19.00 4.08
C ALA A 413 -24.10 18.79 4.26
N MET A 414 -24.51 18.11 5.32
CA MET A 414 -25.92 17.89 5.58
C MET A 414 -26.69 19.21 5.62
N ALA A 415 -26.19 20.17 6.38
CA ALA A 415 -26.94 21.42 6.55
C ALA A 415 -26.98 22.21 5.25
N SER A 416 -25.89 22.22 4.48
CA SER A 416 -25.89 22.91 3.19
C SER A 416 -26.76 22.15 2.18
N ALA A 417 -26.68 20.81 2.17
CA ALA A 417 -27.58 20.04 1.33
C ALA A 417 -29.03 20.29 1.72
N MET A 418 -29.30 20.34 3.02
CA MET A 418 -30.62 20.69 3.50
C MET A 418 -31.08 22.02 2.93
N ASN A 419 -30.17 23.01 2.89
CA ASN A 419 -30.50 24.30 2.33
C ASN A 419 -30.83 24.18 0.85
N GLY A 420 -30.06 23.37 0.12
CA GLY A 420 -30.37 23.13 -1.28
C GLY A 420 -31.71 22.46 -1.47
N ILE A 421 -32.01 21.45 -0.63
CA ILE A 421 -33.26 20.72 -0.74
C ILE A 421 -34.45 21.67 -0.57
N GLN A 422 -34.41 22.51 0.47
CA GLN A 422 -35.51 23.42 0.73
C GLN A 422 -35.64 24.47 -0.36
N LEU A 423 -34.50 25.00 -0.81
CA LEU A 423 -34.50 25.98 -1.90
C LEU A 423 -35.08 25.40 -3.18
N HIS A 424 -34.70 24.16 -3.50
CA HIS A 424 -35.27 23.48 -4.65
C HIS A 424 -36.78 23.40 -4.53
N GLY A 425 -37.28 23.03 -3.35
CA GLY A 425 -38.70 22.91 -3.11
C GLY A 425 -39.22 21.48 -3.29
N GLY A 426 -40.49 21.30 -2.92
CA GLY A 426 -41.17 20.01 -3.02
C GLY A 426 -41.04 19.13 -1.80
N THR A 427 -40.22 19.53 -0.82
CA THR A 427 -39.91 18.68 0.32
C THR A 427 -39.60 19.57 1.53
N ARG A 428 -39.85 19.01 2.70
CA ARG A 428 -39.47 19.63 3.98
C ARG A 428 -38.36 18.78 4.55
N ILE A 429 -37.29 19.42 5.01
CA ILE A 429 -36.09 18.69 5.37
C ILE A 429 -35.75 18.91 6.84
N TYR A 430 -35.41 17.82 7.53
CA TYR A 430 -34.88 17.84 8.88
C TYR A 430 -33.52 17.15 8.85
N GLY A 431 -32.59 17.66 9.64
CA GLY A 431 -31.26 17.13 9.73
C GLY A 431 -30.77 17.07 11.16
N GLY A 432 -30.09 15.99 11.51
CA GLY A 432 -29.84 15.67 12.91
C GLY A 432 -28.39 15.40 13.22
N THR A 433 -27.93 15.98 14.32
CA THR A 433 -26.64 15.66 14.90
C THR A 433 -26.75 16.07 16.37
N PHE A 434 -25.64 15.98 17.10
CA PHE A 434 -25.63 16.49 18.46
C PHE A 434 -25.59 18.02 18.45
N PHE A 435 -26.20 18.62 19.48
CA PHE A 435 -26.22 20.08 19.59
C PHE A 435 -24.82 20.67 19.70
N VAL A 436 -23.88 19.93 20.29
CA VAL A 436 -22.51 20.40 20.42
C VAL A 436 -21.80 20.50 19.08
N PHE A 437 -22.33 19.85 18.04
CA PHE A 437 -21.69 19.88 16.72
C PHE A 437 -22.45 20.78 15.75
N VAL A 438 -23.32 21.67 16.26
CA VAL A 438 -23.81 22.77 15.44
C VAL A 438 -22.63 23.59 14.94
N ASP A 439 -21.54 23.63 15.72
CA ASP A 439 -20.35 24.35 15.31
C ASP A 439 -19.81 23.82 13.99
N TYR A 440 -19.93 22.50 13.79
CA TYR A 440 -19.52 21.88 12.53
C TYR A 440 -20.39 22.34 11.38
N LEU A 441 -21.68 22.55 11.62
CA LEU A 441 -22.59 22.98 10.57
C LEU A 441 -22.99 24.45 10.69
N ARG A 442 -22.26 25.23 11.51
CA ARG A 442 -22.66 26.60 11.76
C ARG A 442 -22.77 27.47 10.51
N PRO A 443 -21.80 27.50 9.60
CA PRO A 443 -21.95 28.43 8.47
C PRO A 443 -23.23 28.21 7.68
N ALA A 444 -23.73 26.97 7.63
CA ALA A 444 -24.93 26.69 6.85
C ALA A 444 -26.20 27.14 7.59
N VAL A 445 -26.17 27.14 8.94
CA VAL A 445 -27.27 27.78 9.67
C VAL A 445 -27.34 29.26 9.32
N ARG A 446 -26.18 29.92 9.27
CA ARG A 446 -26.18 31.33 8.92
C ARG A 446 -26.74 31.53 7.53
N LEU A 447 -26.29 30.72 6.56
CA LEU A 447 -26.78 30.89 5.20
C LEU A 447 -28.28 30.68 5.12
N ALA A 448 -28.79 29.69 5.85
CA ALA A 448 -30.24 29.49 5.93
C ALA A 448 -30.94 30.72 6.50
N ALA A 449 -30.37 31.36 7.52
CA ALA A 449 -30.99 32.55 8.06
C ALA A 449 -31.00 33.68 7.03
N ILE A 450 -29.91 33.86 6.29
CA ILE A 450 -29.87 34.87 5.25
C ILE A 450 -30.81 34.52 4.12
N GLN A 451 -30.95 33.23 3.83
CA GLN A 451 -31.79 32.76 2.72
C GLN A 451 -33.26 32.60 3.09
N HIS A 452 -33.61 32.79 4.36
CA HIS A 452 -34.98 32.59 4.83
C HIS A 452 -35.50 31.22 4.39
N THR A 453 -34.70 30.18 4.63
CA THR A 453 -35.03 28.83 4.20
C THR A 453 -35.46 27.99 5.39
N PRO A 454 -36.70 27.49 5.41
CA PRO A 454 -37.27 26.77 6.59
C PRO A 454 -36.76 25.34 6.73
N VAL A 455 -35.45 25.22 6.95
CA VAL A 455 -34.82 23.94 7.29
C VAL A 455 -35.08 23.69 8.77
N VAL A 456 -35.24 22.42 9.14
CA VAL A 456 -35.41 22.02 10.53
C VAL A 456 -34.16 21.28 11.00
N TYR A 457 -33.55 21.77 12.08
CA TYR A 457 -32.38 21.15 12.70
C TYR A 457 -32.84 20.41 13.96
N VAL A 458 -32.68 19.09 13.95
CA VAL A 458 -32.95 18.25 15.10
C VAL A 458 -31.61 18.04 15.81
N LEU A 459 -31.28 18.92 16.74
CA LEU A 459 -30.01 18.88 17.45
C LEU A 459 -30.26 18.44 18.89
N THR A 460 -29.78 17.23 19.22
CA THR A 460 -30.07 16.58 20.50
C THR A 460 -28.83 16.65 21.41
N HIS A 461 -28.95 16.00 22.57
CA HIS A 461 -27.88 15.92 23.57
C HIS A 461 -27.45 17.32 24.00
N ASP A 462 -28.38 18.02 24.64
CA ASP A 462 -28.29 19.46 24.76
C ASP A 462 -27.40 19.90 25.92
N SER A 463 -27.32 19.11 26.98
CA SER A 463 -26.72 19.68 28.19
C SER A 463 -25.52 18.87 28.66
N VAL A 464 -25.09 19.17 29.88
CA VAL A 464 -24.10 18.36 30.58
C VAL A 464 -24.67 17.03 31.02
N ALA A 465 -26.00 16.86 30.92
CA ALA A 465 -26.65 15.57 31.11
C ALA A 465 -26.19 14.52 30.11
N VAL A 466 -25.47 14.92 29.06
CA VAL A 466 -24.85 13.94 28.18
C VAL A 466 -23.97 13.02 29.02
N GLY A 467 -23.21 13.61 29.93
CA GLY A 467 -22.50 12.84 30.90
C GLY A 467 -21.12 12.34 30.52
N GLU A 468 -21.02 11.02 30.31
CA GLU A 468 -19.71 10.39 30.27
C GLU A 468 -18.93 10.67 28.98
N ASP A 469 -19.59 11.12 27.91
CA ASP A 469 -18.87 11.45 26.69
C ASP A 469 -17.93 12.65 26.90
N GLY A 470 -18.34 13.60 27.74
CA GLY A 470 -17.42 14.56 28.31
C GLY A 470 -17.61 15.98 27.85
N PRO A 471 -16.64 16.85 28.19
CA PRO A 471 -16.76 18.29 27.83
C PRO A 471 -16.96 18.50 26.34
N THR A 472 -16.20 17.77 25.52
CA THR A 472 -16.23 17.95 24.06
C THR A 472 -17.61 17.64 23.49
N HIS A 473 -18.34 16.73 24.11
CA HIS A 473 -19.66 16.32 23.64
C HIS A 473 -20.78 16.97 24.45
N GLU A 474 -20.46 17.90 25.34
CA GLU A 474 -21.45 18.53 26.19
C GLU A 474 -21.60 20.00 25.83
N PRO A 475 -22.76 20.42 25.33
CA PRO A 475 -22.93 21.82 24.93
C PRO A 475 -22.98 22.76 26.13
N ILE A 476 -22.46 23.97 25.93
CA ILE A 476 -22.49 25.05 26.91
C ILE A 476 -22.90 26.35 26.23
N GLU A 477 -21.97 26.92 25.46
CA GLU A 477 -22.15 28.20 24.77
C GLU A 477 -23.06 28.12 23.55
N GLN A 478 -23.49 26.90 23.18
CA GLN A 478 -24.13 26.69 21.90
C GLN A 478 -25.48 27.42 21.81
N LEU A 479 -26.30 27.33 22.85
CA LEU A 479 -27.61 27.97 22.80
C LEU A 479 -27.49 29.46 22.48
N ALA A 480 -26.71 30.20 23.28
CA ALA A 480 -26.47 31.60 23.00
C ALA A 480 -25.84 31.81 21.62
N SER A 481 -25.00 30.87 21.18
CA SER A 481 -24.31 31.00 19.90
C SER A 481 -25.29 31.10 18.73
N VAL A 482 -26.46 30.48 18.84
CA VAL A 482 -27.45 30.60 17.79
C VAL A 482 -28.59 31.56 18.16
N ARG A 483 -28.84 31.77 19.45
CA ARG A 483 -29.78 32.81 19.84
C ARG A 483 -29.25 34.20 19.56
N CYS A 484 -27.92 34.35 19.48
CA CYS A 484 -27.37 35.63 19.03
C CYS A 484 -27.57 35.84 17.54
N MET A 485 -27.63 34.76 16.75
CA MET A 485 -27.69 34.89 15.30
C MET A 485 -29.05 35.44 14.86
N PRO A 486 -29.07 36.33 13.87
CA PRO A 486 -30.35 36.79 13.33
C PRO A 486 -31.05 35.68 12.56
N GLY A 487 -32.37 35.81 12.48
CA GLY A 487 -33.18 35.02 11.57
C GLY A 487 -33.21 33.52 11.82
N VAL A 488 -33.02 33.09 13.06
CA VAL A 488 -33.06 31.68 13.42
C VAL A 488 -34.01 31.51 14.58
N GLN A 489 -34.82 30.46 14.53
CA GLN A 489 -35.74 30.10 15.60
C GLN A 489 -35.15 28.91 16.37
N VAL A 490 -34.82 29.13 17.63
CA VAL A 490 -34.22 28.10 18.46
C VAL A 490 -35.19 27.80 19.58
N ILE A 491 -35.75 26.59 19.59
CA ILE A 491 -36.74 26.14 20.58
C ILE A 491 -36.06 25.10 21.46
N ARG A 492 -36.06 25.33 22.76
CA ARG A 492 -35.68 24.27 23.69
C ARG A 492 -36.93 23.72 24.37
N PRO A 493 -37.48 22.61 23.89
CA PRO A 493 -38.69 22.05 24.50
C PRO A 493 -38.40 21.47 25.88
N ALA A 494 -39.28 21.78 26.84
CA ALA A 494 -39.10 21.37 28.22
C ALA A 494 -39.72 20.01 28.54
N ASP A 495 -40.63 19.52 27.70
CA ASP A 495 -41.25 18.21 27.85
C ASP A 495 -41.81 17.79 26.50
N GLY A 496 -42.49 16.65 26.47
CA GLY A 496 -42.99 16.12 25.21
C GLY A 496 -43.99 17.04 24.53
N ASN A 497 -44.88 17.66 25.32
CA ASN A 497 -45.92 18.49 24.75
C ASN A 497 -45.33 19.74 24.10
N GLU A 498 -44.33 20.34 24.76
CA GLU A 498 -43.60 21.45 24.16
C GLU A 498 -42.86 20.99 22.90
N THR A 499 -42.36 19.75 22.90
CA THR A 499 -41.63 19.22 21.74
C THR A 499 -42.54 19.14 20.52
N ARG A 500 -43.75 18.60 20.70
CA ARG A 500 -44.72 18.59 19.62
C ARG A 500 -44.97 19.99 19.07
N ALA A 501 -45.26 20.93 19.96
CA ALA A 501 -45.49 22.32 19.54
C ALA A 501 -44.27 22.89 18.83
N ALA A 502 -43.07 22.60 19.33
CA ALA A 502 -41.85 23.06 18.67
C ALA A 502 -41.80 22.59 17.22
N TRP A 503 -42.03 21.30 17.00
CA TRP A 503 -42.10 20.77 15.64
C TRP A 503 -43.17 21.49 14.84
N LYS A 504 -44.32 21.78 15.48
CA LYS A 504 -45.40 22.47 14.79
C LYS A 504 -44.96 23.87 14.38
N VAL A 505 -44.29 24.59 15.29
CA VAL A 505 -43.77 25.90 14.94
C VAL A 505 -42.85 25.81 13.74
N ALA A 506 -42.00 24.78 13.69
CA ALA A 506 -41.09 24.62 12.57
C ALA A 506 -41.83 24.25 11.29
N MET A 507 -42.85 23.38 11.41
CA MET A 507 -43.61 22.99 10.22
C MET A 507 -44.44 24.14 9.67
N GLU A 508 -44.85 25.06 10.51
CA GLU A 508 -45.62 26.23 10.10
C GLU A 508 -44.72 27.44 9.83
N THR A 509 -43.41 27.28 9.97
CA THR A 509 -42.47 28.35 9.68
C THR A 509 -42.06 28.23 8.22
N THR A 510 -42.26 29.31 7.47
CA THR A 510 -41.92 29.35 6.06
C THR A 510 -40.71 30.23 5.77
N ASP A 511 -40.38 31.13 6.70
CA ASP A 511 -39.43 32.21 6.47
C ASP A 511 -38.12 32.07 7.21
N ALA A 512 -37.90 30.99 7.95
CA ALA A 512 -36.75 30.96 8.83
C ALA A 512 -36.36 29.50 9.11
N PRO A 513 -35.07 29.25 9.36
CA PRO A 513 -34.66 27.96 9.88
C PRO A 513 -35.05 27.83 11.34
N THR A 514 -35.34 26.60 11.76
CA THR A 514 -35.69 26.33 13.15
C THR A 514 -34.79 25.24 13.72
N ILE A 515 -34.16 25.55 14.85
CA ILE A 515 -33.30 24.61 15.56
C ILE A 515 -34.08 24.10 16.76
N LEU A 516 -34.20 22.79 16.87
CA LEU A 516 -34.86 22.13 17.99
C LEU A 516 -33.78 21.53 18.89
N VAL A 517 -33.67 22.05 20.11
CA VAL A 517 -32.67 21.59 21.08
C VAL A 517 -33.34 20.59 22.00
N LEU A 518 -32.95 19.32 21.90
CA LEU A 518 -33.62 18.22 22.57
C LEU A 518 -32.64 17.46 23.46
N SER A 519 -33.20 16.62 24.33
CA SER A 519 -32.48 16.09 25.48
C SER A 519 -32.27 14.59 25.34
N ARG A 520 -31.06 14.15 25.70
CA ARG A 520 -30.79 12.74 25.91
C ARG A 520 -31.59 12.21 27.10
N GLN A 521 -31.64 12.97 28.18
CA GLN A 521 -32.25 12.53 29.43
C GLN A 521 -33.77 12.65 29.38
N ASN A 522 -34.44 11.82 30.17
CA ASN A 522 -35.90 11.85 30.24
C ASN A 522 -36.39 13.14 30.88
N LEU A 523 -37.37 13.77 30.24
CA LEU A 523 -37.94 15.02 30.74
C LEU A 523 -39.34 14.75 31.28
N PRO A 524 -39.59 15.01 32.56
CA PRO A 524 -40.91 14.78 33.12
C PRO A 524 -41.91 15.79 32.57
N VAL A 525 -43.13 15.33 32.32
CA VAL A 525 -44.14 16.21 31.71
C VAL A 525 -44.62 17.23 32.72
N LEU A 526 -44.70 18.49 32.29
CA LEU A 526 -44.93 19.63 33.15
C LEU A 526 -46.43 19.93 33.34
N PRO A 527 -46.77 20.80 34.31
CA PRO A 527 -48.18 20.95 34.72
C PRO A 527 -49.17 21.33 33.64
N SER A 528 -48.97 22.43 32.91
CA SER A 528 -50.02 22.93 32.04
C SER A 528 -49.81 22.58 30.57
N THR A 529 -48.78 21.79 30.24
CA THR A 529 -48.32 21.69 28.85
C THR A 529 -49.32 20.96 27.97
N LYS A 530 -49.90 19.84 28.45
CA LYS A 530 -50.83 19.09 27.62
C LYS A 530 -51.96 19.97 27.10
N GLU A 531 -52.32 21.01 27.85
CA GLU A 531 -53.38 21.92 27.48
C GLU A 531 -52.88 23.19 26.81
N VAL A 532 -51.81 23.81 27.32
CA VAL A 532 -51.42 25.16 26.87
C VAL A 532 -50.27 25.20 25.88
N ALA A 533 -49.52 24.11 25.71
CA ALA A 533 -48.29 24.19 24.91
C ALA A 533 -48.59 24.52 23.45
N ASP A 534 -49.63 23.92 22.87
CA ASP A 534 -49.87 24.07 21.44
C ASP A 534 -50.04 25.53 21.05
N GLU A 535 -50.58 26.37 21.95
CA GLU A 535 -50.82 27.77 21.64
C GLU A 535 -49.81 28.73 22.27
N MET A 536 -49.03 28.29 23.27
CA MET A 536 -48.17 29.19 24.02
C MET A 536 -46.67 29.01 23.73
N VAL A 537 -46.23 27.84 23.27
CA VAL A 537 -44.83 27.71 22.89
C VAL A 537 -44.51 28.62 21.72
N LYS A 538 -45.45 28.79 20.78
CA LYS A 538 -45.32 29.73 19.67
C LYS A 538 -45.09 31.15 20.12
N LYS A 539 -45.46 31.49 21.35
CA LYS A 539 -45.24 32.81 21.92
C LYS A 539 -43.88 32.93 22.58
N GLY A 540 -43.06 31.89 22.51
CA GLY A 540 -41.70 31.98 22.98
C GLY A 540 -41.51 31.74 24.46
N ALA A 541 -42.17 32.53 25.29
CA ALA A 541 -42.16 32.37 26.74
C ALA A 541 -43.57 32.52 27.28
N TYR A 542 -43.90 31.70 28.27
CA TYR A 542 -45.24 31.73 28.86
C TYR A 542 -45.13 31.35 30.33
N VAL A 543 -46.17 31.66 31.08
CA VAL A 543 -46.23 31.28 32.49
C VAL A 543 -46.83 29.88 32.54
N LEU A 544 -45.95 28.88 32.67
CA LEU A 544 -46.39 27.50 32.84
C LEU A 544 -47.14 27.32 34.16
N SER A 545 -46.52 27.75 35.26
CA SER A 545 -47.15 27.68 36.57
C SER A 545 -47.33 29.09 37.11
N PRO A 546 -48.55 29.60 37.24
CA PRO A 546 -48.74 30.97 37.72
C PRO A 546 -48.48 31.06 39.21
N SER A 547 -48.22 32.29 39.66
CA SER A 547 -48.18 32.56 41.08
C SER A 547 -49.56 32.38 41.71
N GLN A 548 -49.57 32.10 43.01
CA GLN A 548 -50.82 32.10 43.79
C GLN A 548 -51.14 33.56 44.08
N GLY A 549 -51.97 34.18 43.24
CA GLY A 549 -52.15 35.61 43.29
C GLY A 549 -51.62 36.30 42.05
N GLU A 550 -52.20 37.43 41.67
CA GLU A 550 -51.98 37.99 40.34
C GLU A 550 -50.54 38.46 40.17
N THR A 551 -50.00 39.18 41.13
CA THR A 551 -48.67 39.74 40.97
C THR A 551 -47.65 38.89 41.71
N PRO A 552 -46.74 38.23 40.99
CA PRO A 552 -45.80 37.31 41.62
C PRO A 552 -44.75 38.07 42.45
N GLU A 553 -44.30 37.42 43.52
CA GLU A 553 -43.17 37.97 44.26
C GLU A 553 -41.87 37.73 43.53
N GLY A 554 -41.83 36.69 42.70
CA GLY A 554 -40.65 36.40 41.91
C GLY A 554 -41.01 35.66 40.64
N ILE A 555 -40.08 35.70 39.69
CA ILE A 555 -40.18 34.91 38.47
C ILE A 555 -39.02 33.93 38.46
N LEU A 556 -39.33 32.64 38.47
CA LEU A 556 -38.36 31.60 38.17
C LEU A 556 -38.46 31.30 36.68
N ILE A 557 -37.44 31.69 35.92
CA ILE A 557 -37.43 31.52 34.47
C ILE A 557 -36.56 30.31 34.16
N ALA A 558 -37.07 29.41 33.34
CA ALA A 558 -36.34 28.21 33.00
C ALA A 558 -36.68 27.78 31.57
N THR A 559 -35.71 27.16 30.92
CA THR A 559 -35.88 26.64 29.57
C THR A 559 -35.58 25.16 29.58
N GLY A 560 -36.35 24.40 28.79
CA GLY A 560 -35.97 23.04 28.49
C GLY A 560 -35.91 22.15 29.71
N SER A 561 -34.81 21.40 29.81
CA SER A 561 -34.70 20.38 30.84
C SER A 561 -34.85 20.95 32.25
N GLU A 562 -34.47 22.20 32.45
CA GLU A 562 -34.40 22.76 33.80
C GLU A 562 -35.73 23.32 34.30
N VAL A 563 -36.80 23.27 33.51
CA VAL A 563 -38.04 23.88 33.98
C VAL A 563 -38.63 23.08 35.14
N ASP A 564 -38.48 21.74 35.11
CA ASP A 564 -39.01 20.92 36.20
C ASP A 564 -38.42 21.32 37.54
N LEU A 565 -37.13 21.66 37.58
CA LEU A 565 -36.53 22.16 38.81
C LEU A 565 -37.23 23.41 39.29
N ALA A 566 -37.60 24.29 38.35
CA ALA A 566 -38.28 25.52 38.74
C ALA A 566 -39.65 25.23 39.36
N VAL A 567 -40.42 24.32 38.74
CA VAL A 567 -41.74 24.00 39.28
C VAL A 567 -41.60 23.36 40.66
N LYS A 568 -40.64 22.44 40.81
CA LYS A 568 -40.40 21.83 42.12
C LYS A 568 -39.97 22.89 43.13
N ALA A 569 -39.15 23.85 42.69
CA ALA A 569 -38.72 24.93 43.58
C ALA A 569 -39.87 25.84 43.93
N GLN A 570 -40.77 26.10 42.97
CA GLN A 570 -41.99 26.83 43.26
C GLN A 570 -42.72 26.23 44.45
N LYS A 571 -42.91 24.90 44.44
CA LYS A 571 -43.55 24.22 45.54
C LYS A 571 -42.81 24.45 46.85
N GLU A 572 -41.50 24.20 46.86
CA GLU A 572 -40.73 24.39 48.08
C GLU A 572 -40.80 25.83 48.56
N LEU A 573 -40.71 26.79 47.63
CA LEU A 573 -40.82 28.21 47.97
C LEU A 573 -42.23 28.56 48.43
N ALA A 574 -43.24 27.96 47.78
CA ALA A 574 -44.61 28.18 48.21
C ALA A 574 -44.84 27.64 49.61
N GLU A 575 -44.27 26.48 49.92
CA GLU A 575 -44.37 25.92 51.27
C GLU A 575 -43.80 26.88 52.31
N LYS A 576 -42.79 27.66 51.95
CA LYS A 576 -42.22 28.67 52.83
C LYS A 576 -42.85 30.04 52.62
N GLY A 577 -44.02 30.09 51.96
CA GLY A 577 -44.73 31.35 51.81
C GLY A 577 -44.15 32.30 50.81
N LYS A 578 -43.29 31.81 49.91
CA LYS A 578 -42.76 32.60 48.82
C LYS A 578 -43.45 32.19 47.53
N ASP A 579 -44.06 33.15 46.85
CA ASP A 579 -44.91 32.93 45.68
C ASP A 579 -44.17 33.41 44.43
N VAL A 580 -43.74 32.46 43.61
CA VAL A 580 -43.03 32.76 42.36
C VAL A 580 -43.83 32.17 41.21
N SER A 581 -43.66 32.78 40.04
CA SER A 581 -44.23 32.25 38.80
C SER A 581 -43.13 31.53 38.05
N VAL A 582 -43.45 30.36 37.51
CA VAL A 582 -42.52 29.64 36.66
C VAL A 582 -42.84 30.02 35.22
N VAL A 583 -41.90 30.70 34.56
CA VAL A 583 -42.01 31.03 33.15
C VAL A 583 -41.10 30.08 32.39
N SER A 584 -41.68 29.35 31.45
CA SER A 584 -40.90 28.54 30.53
C SER A 584 -40.66 29.37 29.27
N MET A 585 -39.39 29.44 28.85
CA MET A 585 -38.99 30.21 27.67
C MET A 585 -38.37 29.25 26.67
N PRO A 586 -39.19 28.51 25.93
CA PRO A 586 -38.63 27.74 24.80
C PRO A 586 -37.76 28.55 23.87
N SER A 587 -38.26 29.66 23.32
CA SER A 587 -37.53 30.46 22.35
C SER A 587 -37.47 31.92 22.77
N PHE A 588 -36.24 32.43 22.94
CA PHE A 588 -36.01 33.86 23.04
C PHE A 588 -36.62 34.58 21.84
N ASP A 589 -36.39 34.03 20.66
CA ASP A 589 -36.75 34.69 19.41
C ASP A 589 -38.25 34.90 19.33
N LEU A 590 -39.01 33.86 19.63
CA LEU A 590 -40.46 33.93 19.51
C LEU A 590 -41.07 34.88 20.55
N PHE A 591 -40.51 34.89 21.77
CA PHE A 591 -41.02 35.77 22.81
C PHE A 591 -40.82 37.26 22.46
N GLU A 592 -39.62 37.62 21.99
CA GLU A 592 -39.37 39.01 21.60
C GLU A 592 -40.23 39.44 20.42
N LYS A 593 -40.69 38.49 19.60
CA LYS A 593 -41.63 38.77 18.53
C LYS A 593 -42.99 39.22 19.05
N GLN A 594 -43.34 38.83 20.27
CA GLN A 594 -44.68 39.08 20.78
C GLN A 594 -44.85 40.56 21.21
N SER A 595 -46.09 40.90 21.52
CA SER A 595 -46.44 42.27 21.87
C SER A 595 -45.77 42.70 23.17
N SER A 596 -45.57 44.00 23.33
CA SER A 596 -45.11 44.55 24.59
C SER A 596 -46.01 44.12 25.74
N GLU A 597 -47.33 44.10 25.49
CA GLU A 597 -48.27 43.70 26.51
C GLU A 597 -48.04 42.26 26.95
N TYR A 598 -47.92 41.33 25.99
CA TYR A 598 -47.72 39.92 26.32
C TYR A 598 -46.48 39.72 27.17
N LYS A 599 -45.40 40.42 26.84
CA LYS A 599 -44.16 40.28 27.59
C LYS A 599 -44.37 40.66 29.06
N GLU A 600 -45.18 41.70 29.31
CA GLU A 600 -45.47 42.07 30.69
C GLU A 600 -46.28 41.00 31.41
N SER A 601 -47.22 40.37 30.70
CA SER A 601 -47.92 39.23 31.29
C SER A 601 -46.94 38.15 31.72
N VAL A 602 -46.00 37.81 30.84
CA VAL A 602 -45.04 36.75 31.14
C VAL A 602 -43.99 37.25 32.13
N LEU A 603 -43.45 38.45 31.89
CA LEU A 603 -42.36 39.02 32.69
C LEU A 603 -42.71 40.43 33.14
N PRO A 604 -43.48 40.58 34.21
CA PRO A 604 -43.83 41.93 34.68
C PRO A 604 -42.59 42.70 35.11
N LYS A 605 -42.48 43.93 34.59
CA LYS A 605 -41.37 44.78 34.98
C LYS A 605 -41.35 45.03 36.48
N SER A 606 -42.53 44.98 37.11
CA SER A 606 -42.63 45.26 38.53
C SER A 606 -41.84 44.27 39.36
N VAL A 607 -41.86 43.00 38.96
CA VAL A 607 -41.14 41.95 39.68
C VAL A 607 -39.70 41.93 39.19
N LYS A 608 -38.77 42.31 40.06
CA LYS A 608 -37.35 42.32 39.73
C LYS A 608 -36.60 41.18 40.40
N LYS A 609 -37.29 40.35 41.17
CA LYS A 609 -36.69 39.16 41.77
C LYS A 609 -36.85 38.01 40.78
N ARG A 610 -35.83 37.79 39.96
CA ARG A 610 -35.88 36.76 38.94
C ARG A 610 -34.64 35.89 39.03
N VAL A 611 -34.83 34.58 38.95
CA VAL A 611 -33.75 33.61 38.83
C VAL A 611 -34.01 32.78 37.59
N ALA A 612 -33.04 32.75 36.68
CA ALA A 612 -33.10 31.96 35.47
C ALA A 612 -32.23 30.73 35.64
N ILE A 613 -32.81 29.56 35.38
CA ILE A 613 -32.12 28.29 35.51
C ILE A 613 -32.15 27.59 34.15
N GLU A 614 -30.98 27.52 33.52
CA GLU A 614 -30.76 26.87 32.23
C GLU A 614 -29.36 26.29 32.28
N ALA A 615 -29.22 25.02 31.89
CA ALA A 615 -27.93 24.35 31.94
C ALA A 615 -27.10 24.74 30.71
N ALA A 616 -26.72 26.02 30.67
CA ALA A 616 -26.00 26.61 29.52
C ALA A 616 -25.35 27.92 29.97
N ALA A 617 -24.71 28.59 29.01
CA ALA A 617 -23.99 29.81 29.32
C ALA A 617 -24.96 30.92 29.70
N SER A 618 -24.49 31.78 30.62
CA SER A 618 -25.29 32.89 31.14
C SER A 618 -25.52 33.99 30.11
N PHE A 619 -24.87 33.91 28.95
CA PHE A 619 -24.89 34.99 27.97
C PHE A 619 -26.30 35.34 27.53
N GLY A 620 -26.66 36.63 27.65
CA GLY A 620 -27.95 37.12 27.21
C GLY A 620 -29.10 36.86 28.15
N TRP A 621 -28.87 36.22 29.30
CA TRP A 621 -29.90 36.04 30.31
C TRP A 621 -30.10 37.28 31.16
N GLU A 622 -29.10 38.17 31.19
CA GLU A 622 -29.23 39.46 31.86
C GLU A 622 -30.36 40.28 31.26
N ARG A 623 -30.72 40.02 29.99
CA ARG A 623 -31.88 40.68 29.41
C ARG A 623 -33.14 40.42 30.23
N TYR A 624 -33.31 39.21 30.74
CA TYR A 624 -34.52 38.83 31.44
C TYR A 624 -34.38 38.81 32.96
N VAL A 625 -33.32 38.20 33.50
CA VAL A 625 -33.15 38.19 34.95
C VAL A 625 -32.96 39.61 35.47
N GLY A 626 -32.38 40.48 34.65
CA GLY A 626 -32.08 41.83 35.06
C GLY A 626 -30.73 41.95 35.73
N THR A 627 -30.31 43.20 35.93
CA THR A 627 -29.04 43.45 36.62
C THR A 627 -29.08 42.96 38.05
N GLU A 628 -30.23 43.09 38.72
CA GLU A 628 -30.38 42.64 40.10
C GLU A 628 -30.88 41.21 40.24
N GLY A 629 -31.18 40.53 39.12
CA GLY A 629 -31.54 39.13 39.15
C GLY A 629 -30.31 38.22 39.12
N ALA A 630 -30.57 36.92 39.24
CA ALA A 630 -29.52 35.92 39.34
C ALA A 630 -29.78 34.76 38.37
N THR A 631 -28.70 34.02 38.05
CA THR A 631 -28.74 32.97 37.06
C THR A 631 -28.07 31.71 37.60
N ILE A 632 -28.75 30.58 37.50
CA ILE A 632 -28.15 29.27 37.73
C ILE A 632 -27.76 28.76 36.35
N THR A 633 -26.48 28.93 35.99
CA THR A 633 -26.02 28.66 34.65
C THR A 633 -24.65 27.99 34.71
N ILE A 634 -24.18 27.51 33.56
CA ILE A 634 -22.84 26.94 33.40
C ILE A 634 -22.09 27.86 32.46
N ASP A 635 -21.13 28.61 33.00
CA ASP A 635 -20.26 29.42 32.16
C ASP A 635 -18.88 28.77 31.99
N HIS A 636 -18.81 27.46 32.21
CA HIS A 636 -17.58 26.70 32.08
C HIS A 636 -17.88 25.35 31.43
N PHE A 637 -16.82 24.69 30.95
CA PHE A 637 -17.01 23.42 30.27
C PHE A 637 -17.32 22.29 31.26
N GLY A 638 -17.83 21.20 30.72
CA GLY A 638 -18.37 20.10 31.51
C GLY A 638 -17.34 19.09 31.94
N ALA A 639 -17.82 17.89 32.23
CA ALA A 639 -16.99 16.84 32.80
C ALA A 639 -17.44 15.50 32.23
N SER A 640 -16.59 14.48 32.40
CA SER A 640 -16.99 13.12 32.07
C SER A 640 -17.34 12.46 33.39
N ALA A 641 -18.63 12.24 33.59
CA ALA A 641 -19.23 11.65 34.78
C ALA A 641 -20.66 11.32 34.39
N PRO A 642 -21.36 10.45 35.12
CA PRO A 642 -22.80 10.27 34.86
C PRO A 642 -23.49 11.63 34.91
N GLY A 643 -24.49 11.80 34.06
CA GLY A 643 -25.00 13.14 33.78
C GLY A 643 -25.72 13.76 34.95
N THR A 644 -26.49 12.94 35.69
CA THR A 644 -27.20 13.43 36.87
C THR A 644 -26.22 14.06 37.85
N LYS A 645 -25.06 13.41 38.06
CA LYS A 645 -24.07 13.95 38.98
C LYS A 645 -23.58 15.32 38.55
N ILE A 646 -23.20 15.46 37.27
CA ILE A 646 -22.69 16.73 36.78
C ILE A 646 -23.68 17.84 37.07
N LEU A 647 -24.96 17.59 36.79
CA LEU A 647 -25.99 18.59 37.05
C LEU A 647 -26.05 18.98 38.52
N GLU A 648 -25.99 17.98 39.41
CA GLU A 648 -26.04 18.25 40.83
C GLU A 648 -24.88 19.12 41.28
N GLU A 649 -23.66 18.72 40.92
CA GLU A 649 -22.48 19.48 41.31
C GLU A 649 -22.48 20.87 40.70
N PHE A 650 -23.06 21.03 39.51
CA PHE A 650 -23.12 22.31 38.83
C PHE A 650 -24.29 23.14 39.32
N GLY A 651 -25.04 22.65 40.30
CA GLY A 651 -26.04 23.43 40.98
C GLY A 651 -27.46 23.31 40.49
N PHE A 652 -27.75 22.36 39.60
CA PHE A 652 -29.11 22.18 39.10
C PHE A 652 -29.87 21.21 40.01
N THR A 653 -29.99 21.66 41.26
CA THR A 653 -30.70 20.98 42.32
C THR A 653 -31.79 21.94 42.79
N VAL A 654 -32.83 21.39 43.44
CA VAL A 654 -33.92 22.21 43.95
C VAL A 654 -33.43 23.15 45.04
N GLU A 655 -32.51 22.68 45.88
CA GLU A 655 -32.01 23.51 46.96
C GLU A 655 -31.36 24.78 46.43
N ASN A 656 -30.49 24.66 45.41
CA ASN A 656 -29.79 25.84 44.90
C ASN A 656 -30.77 26.87 44.34
N VAL A 657 -31.81 26.41 43.63
CA VAL A 657 -32.81 27.34 43.10
C VAL A 657 -33.45 28.12 44.23
N VAL A 658 -33.95 27.41 45.24
CA VAL A 658 -34.49 28.04 46.44
C VAL A 658 -33.48 29.01 47.04
N ASN A 659 -32.23 28.57 47.22
CA ASN A 659 -31.26 29.38 47.93
C ASN A 659 -30.83 30.61 47.11
N THR A 660 -30.71 30.47 45.79
CA THR A 660 -30.36 31.63 44.98
C THR A 660 -31.44 32.70 45.09
N TYR A 661 -32.72 32.28 45.06
CA TYR A 661 -33.82 33.22 45.26
C TYR A 661 -33.74 33.88 46.64
N ASN A 662 -33.47 33.08 47.68
CA ASN A 662 -33.45 33.62 49.04
C ASN A 662 -32.33 34.63 49.22
N GLN A 663 -31.17 34.39 48.61
CA GLN A 663 -30.08 35.36 48.71
C GLN A 663 -30.43 36.67 48.01
N LEU A 664 -31.33 36.62 47.02
CA LEU A 664 -31.79 37.85 46.38
C LEU A 664 -32.47 38.77 47.38
N SER A 665 -33.18 38.20 48.36
CA SER A 665 -33.77 39.00 49.42
C SER A 665 -32.70 39.74 50.22
N GLU A 666 -31.56 39.10 50.45
CA GLU A 666 -30.51 39.69 51.27
C GLU A 666 -29.94 40.96 50.67
N ASN A 667 -30.06 41.15 49.36
CA ASN A 667 -29.53 42.34 48.71
C ASN A 667 -30.19 43.60 49.26
N LEU A 668 -29.46 44.71 49.21
CA LEU A 668 -30.05 45.98 49.63
C LEU A 668 -31.19 46.36 48.71
N TYR A 669 -30.97 46.25 47.40
CA TYR A 669 -32.07 46.21 46.46
C TYR A 669 -32.89 45.00 46.85
N PHE A 670 -34.21 45.13 46.81
CA PHE A 670 -35.20 44.15 47.29
C PHE A 670 -35.38 44.26 48.80
N GLN A 671 -34.66 45.15 49.46
CA GLN A 671 -34.97 45.58 50.82
C GLN A 671 -35.60 46.96 50.67
N GLY A 672 -36.88 47.05 51.00
CA GLY A 672 -37.68 48.22 50.67
C GLY A 672 -38.89 47.85 49.81
N MET B 1 10.45 -11.31 15.55
CA MET B 1 9.06 -11.27 15.13
C MET B 1 8.14 -10.88 16.28
N PHE B 2 6.93 -11.45 16.30
CA PHE B 2 5.94 -11.21 17.34
C PHE B 2 5.62 -12.52 18.03
N ASP B 3 5.79 -12.55 19.35
CA ASP B 3 5.67 -13.80 20.08
C ASP B 3 4.30 -13.91 20.75
N LYS B 4 4.10 -15.00 21.51
CA LYS B 4 2.84 -15.23 22.19
C LYS B 4 2.56 -14.13 23.20
N ILE B 5 3.59 -13.68 23.91
CA ILE B 5 3.41 -12.59 24.86
C ILE B 5 2.88 -11.35 24.15
N ASP B 6 3.38 -11.10 22.93
CA ASP B 6 2.91 -9.95 22.18
C ASP B 6 1.42 -10.02 21.94
N GLN B 7 0.91 -11.20 21.58
CA GLN B 7 -0.54 -11.35 21.39
C GLN B 7 -1.28 -11.25 22.72
N LEU B 8 -0.66 -11.69 23.82
CA LEU B 8 -1.24 -11.46 25.14
C LEU B 8 -1.41 -9.97 25.40
N GLY B 9 -0.37 -9.18 25.13
CA GLY B 9 -0.49 -7.75 25.29
C GLY B 9 -1.63 -7.16 24.49
N VAL B 10 -1.77 -7.56 23.23
CA VAL B 10 -2.89 -7.11 22.42
C VAL B 10 -4.19 -7.38 23.17
N ASN B 11 -4.38 -8.64 23.61
CA ASN B 11 -5.63 -9.03 24.24
C ASN B 11 -5.78 -8.42 25.63
N THR B 12 -4.67 -8.14 26.32
CA THR B 12 -4.75 -7.36 27.56
C THR B 12 -5.39 -6.00 27.29
N ILE B 13 -4.89 -5.29 26.28
CA ILE B 13 -5.52 -4.03 25.87
C ILE B 13 -6.99 -4.23 25.62
N ARG B 14 -7.33 -5.26 24.87
CA ARG B 14 -8.71 -5.56 24.57
C ARG B 14 -9.52 -5.76 25.85
N THR B 15 -9.06 -6.65 26.74
CA THR B 15 -9.84 -6.97 27.94
C THR B 15 -9.95 -5.77 28.88
N LEU B 16 -8.84 -5.06 29.10
CA LEU B 16 -8.87 -3.89 29.96
C LEU B 16 -9.89 -2.87 29.46
N SER B 17 -9.87 -2.59 28.16
CA SER B 17 -10.80 -1.64 27.58
C SER B 17 -12.25 -2.09 27.77
N ILE B 18 -12.57 -3.33 27.38
CA ILE B 18 -13.95 -3.77 27.41
C ILE B 18 -14.44 -3.91 28.85
N GLU B 19 -13.57 -4.33 29.76
CA GLU B 19 -13.96 -4.35 31.17
C GLU B 19 -14.24 -2.94 31.67
N ALA B 20 -13.41 -1.97 31.28
CA ALA B 20 -13.58 -0.61 31.76
C ALA B 20 -14.88 -0.01 31.25
N VAL B 21 -15.23 -0.29 29.99
CA VAL B 21 -16.49 0.20 29.45
C VAL B 21 -17.66 -0.39 30.20
N GLN B 22 -17.57 -1.69 30.55
CA GLN B 22 -18.67 -2.37 31.23
C GLN B 22 -18.90 -1.80 32.63
N LYS B 23 -17.83 -1.67 33.42
CA LYS B 23 -17.97 -1.12 34.76
C LYS B 23 -18.64 0.25 34.72
N ALA B 24 -18.28 1.06 33.72
CA ALA B 24 -18.85 2.38 33.60
C ALA B 24 -20.28 2.37 33.09
N ASN B 25 -20.74 1.23 32.57
CA ASN B 25 -22.02 1.16 31.88
C ASN B 25 -22.17 2.29 30.87
N SER B 26 -21.04 2.65 30.25
CA SER B 26 -20.93 3.66 29.21
C SER B 26 -19.61 3.42 28.53
N GLY B 27 -19.50 3.84 27.26
CA GLY B 27 -18.24 3.72 26.55
C GLY B 27 -18.30 2.87 25.30
N HIS B 28 -17.22 2.95 24.51
CA HIS B 28 -17.16 2.39 23.16
C HIS B 28 -16.16 1.25 23.12
N PRO B 29 -16.61 0.00 22.98
CA PRO B 29 -15.67 -1.13 23.08
C PRO B 29 -15.16 -1.66 21.74
N GLY B 30 -15.94 -1.46 20.68
CA GLY B 30 -15.62 -2.08 19.41
C GLY B 30 -14.27 -1.68 18.86
N LEU B 31 -14.01 -0.38 18.75
CA LEU B 31 -12.73 0.08 18.23
C LEU B 31 -11.58 -0.44 19.09
N PRO B 32 -11.63 -0.37 20.42
CA PRO B 32 -10.52 -0.96 21.18
C PRO B 32 -10.21 -2.39 20.79
N MET B 33 -11.24 -3.22 20.64
CA MET B 33 -11.02 -4.61 20.28
C MET B 33 -10.43 -4.74 18.89
N GLY B 34 -10.97 -3.99 17.92
CA GLY B 34 -10.47 -4.09 16.56
C GLY B 34 -9.10 -3.49 16.40
N ALA B 35 -8.88 -2.32 16.98
CA ALA B 35 -7.62 -1.62 16.79
C ALA B 35 -6.54 -2.00 17.80
N ALA B 36 -6.81 -2.93 18.71
CA ALA B 36 -5.79 -3.32 19.67
C ALA B 36 -4.51 -3.84 19.03
N PRO B 37 -4.54 -4.67 17.99
CA PRO B 37 -3.26 -5.09 17.39
C PRO B 37 -2.47 -3.94 16.79
N MET B 38 -3.11 -3.04 16.04
CA MET B 38 -2.37 -1.95 15.42
C MET B 38 -1.80 -1.01 16.48
N ALA B 39 -2.53 -0.80 17.58
CA ALA B 39 -2.01 0.02 18.68
C ALA B 39 -0.79 -0.63 19.32
N TYR B 40 -0.91 -1.92 19.66
CA TYR B 40 0.19 -2.65 20.31
C TYR B 40 1.47 -2.58 19.49
N ALA B 41 1.38 -2.91 18.20
CA ALA B 41 2.57 -2.88 17.35
C ALA B 41 3.19 -1.49 17.33
N LEU B 42 2.36 -0.46 17.18
CA LEU B 42 2.88 0.90 17.12
C LEU B 42 3.68 1.25 18.38
N TRP B 43 3.07 1.04 19.55
CA TRP B 43 3.69 1.47 20.80
C TRP B 43 4.91 0.62 21.15
N THR B 44 4.82 -0.70 20.96
CA THR B 44 5.87 -1.60 21.44
C THR B 44 7.06 -1.64 20.48
N LYS B 45 6.83 -1.56 19.16
CA LYS B 45 7.95 -1.69 18.24
C LYS B 45 8.32 -0.42 17.49
N HIS B 46 7.47 0.62 17.48
CA HIS B 46 7.73 1.76 16.61
C HIS B 46 7.58 3.14 17.25
N LEU B 47 6.80 3.29 18.32
CA LEU B 47 6.60 4.60 18.92
C LEU B 47 7.71 4.85 19.95
N LYS B 48 8.49 5.90 19.73
CA LYS B 48 9.59 6.23 20.65
C LYS B 48 9.11 7.32 21.60
N VAL B 49 8.82 6.92 22.83
CA VAL B 49 8.39 7.83 23.87
C VAL B 49 9.04 7.37 25.16
N ASN B 50 9.30 8.29 26.06
CA ASN B 50 9.71 7.86 27.40
C ASN B 50 8.55 8.09 28.33
N PRO B 51 7.80 7.05 28.70
CA PRO B 51 6.70 7.26 29.64
C PRO B 51 7.17 7.89 30.94
N THR B 52 8.40 7.58 31.37
CA THR B 52 8.92 8.11 32.63
C THR B 52 8.95 9.63 32.62
N THR B 53 9.30 10.23 31.47
CA THR B 53 9.38 11.68 31.35
C THR B 53 8.08 12.30 30.83
N SER B 54 7.03 11.50 30.68
CA SER B 54 5.68 11.96 30.27
C SER B 54 5.82 12.71 28.95
N LYS B 55 5.22 13.89 28.80
CA LYS B 55 5.28 14.70 27.59
C LYS B 55 6.39 15.75 27.65
N ASN B 56 7.36 15.59 28.55
CA ASN B 56 8.43 16.57 28.68
C ASN B 56 9.47 16.42 27.56
N TRP B 57 9.59 15.23 26.98
CA TRP B 57 10.58 15.02 25.95
C TRP B 57 10.14 15.72 24.67
N ALA B 58 11.00 16.60 24.14
CA ALA B 58 10.63 17.38 22.97
C ALA B 58 10.56 16.52 21.71
N ASP B 59 11.46 15.54 21.58
CA ASP B 59 11.55 14.73 20.38
C ASP B 59 10.77 13.41 20.49
N ARG B 60 9.86 13.29 21.45
CA ARG B 60 8.99 12.11 21.48
C ARG B 60 8.15 12.06 20.22
N ASP B 61 8.01 10.86 19.69
CA ASP B 61 7.05 10.65 18.61
C ASP B 61 5.68 11.03 19.14
N ARG B 62 4.91 11.76 18.34
CA ARG B 62 3.60 12.28 18.77
C ARG B 62 2.48 11.38 18.26
N PHE B 63 1.61 10.94 19.18
CA PHE B 63 0.51 10.05 18.84
C PHE B 63 -0.81 10.68 19.24
N VAL B 64 -1.75 10.72 18.30
CA VAL B 64 -3.08 11.28 18.53
C VAL B 64 -4.12 10.22 18.18
N LEU B 65 -5.01 9.96 19.11
CA LEU B 65 -6.17 9.11 18.87
C LEU B 65 -7.32 9.98 18.39
N SER B 66 -7.35 10.26 17.08
CA SER B 66 -8.44 11.08 16.54
C SER B 66 -9.80 10.46 16.83
N ALA B 67 -9.87 9.14 16.79
CA ALA B 67 -11.09 8.42 17.16
C ALA B 67 -11.12 8.27 18.67
N GLY B 68 -11.52 9.36 19.34
CA GLY B 68 -11.52 9.46 20.78
C GLY B 68 -12.48 8.53 21.47
N HIS B 69 -13.50 8.02 20.77
CA HIS B 69 -14.35 7.03 21.41
C HIS B 69 -13.57 5.79 21.80
N GLY B 70 -12.35 5.62 21.28
CA GLY B 70 -11.50 4.54 21.73
C GLY B 70 -10.65 4.89 22.94
N SER B 71 -11.15 5.84 23.75
CA SER B 71 -10.38 6.31 24.90
C SER B 71 -9.92 5.15 25.77
N ALA B 72 -10.79 4.16 25.97
CA ALA B 72 -10.45 3.05 26.85
C ALA B 72 -9.20 2.32 26.36
N MET B 73 -9.04 2.20 25.03
CA MET B 73 -7.83 1.58 24.51
C MET B 73 -6.61 2.43 24.81
N LEU B 74 -6.73 3.76 24.66
CA LEU B 74 -5.60 4.64 24.96
C LEU B 74 -5.22 4.53 26.43
N TYR B 75 -6.22 4.57 27.32
CA TYR B 75 -5.95 4.46 28.75
C TYR B 75 -5.32 3.11 29.07
N SER B 76 -5.82 2.05 28.44
CA SER B 76 -5.20 0.75 28.57
C SER B 76 -3.74 0.80 28.13
N LEU B 77 -3.47 1.48 27.01
CA LEU B 77 -2.11 1.59 26.51
C LEU B 77 -1.23 2.40 27.45
N LEU B 78 -1.74 3.53 27.95
CA LEU B 78 -0.94 4.35 28.85
C LEU B 78 -0.58 3.59 30.12
N HIS B 79 -1.52 2.81 30.66
CA HIS B 79 -1.25 2.01 31.85
C HIS B 79 -0.15 0.98 31.57
N LEU B 80 -0.31 0.23 30.49
CA LEU B 80 0.68 -0.77 30.14
C LEU B 80 2.04 -0.11 29.87
N ALA B 81 2.04 1.07 29.26
CA ALA B 81 3.28 1.70 28.84
C ALA B 81 4.08 2.25 30.00
N GLY B 82 3.45 2.48 31.15
CA GLY B 82 4.14 3.10 32.28
C GLY B 82 3.77 4.54 32.54
N TYR B 83 2.80 5.10 31.82
CA TYR B 83 2.21 6.37 32.18
C TYR B 83 1.36 6.16 33.43
N GLN B 84 1.01 7.26 34.10
CA GLN B 84 0.35 7.18 35.38
C GLN B 84 -1.17 7.12 35.19
N VAL B 85 -1.58 6.02 34.59
CA VAL B 85 -2.97 5.58 34.57
C VAL B 85 -2.98 4.23 35.24
N THR B 86 -3.60 4.16 36.41
CA THR B 86 -3.61 2.96 37.22
C THR B 86 -4.77 2.04 36.82
N ILE B 87 -4.73 0.81 37.31
CA ILE B 87 -5.87 -0.09 37.13
C ILE B 87 -7.11 0.53 37.75
N ASP B 88 -6.96 1.13 38.94
CA ASP B 88 -8.07 1.81 39.59
C ASP B 88 -8.52 3.01 38.78
N ASP B 89 -7.58 3.71 38.14
CA ASP B 89 -7.95 4.78 37.23
C ASP B 89 -8.82 4.25 36.10
N LEU B 90 -8.47 3.07 35.57
CA LEU B 90 -9.28 2.46 34.54
C LEU B 90 -10.67 2.11 35.07
N LYS B 91 -10.77 1.65 36.31
CA LYS B 91 -12.06 1.29 36.89
C LYS B 91 -12.97 2.49 37.04
N GLN B 92 -12.39 3.67 37.26
CA GLN B 92 -13.15 4.91 37.39
C GLN B 92 -13.43 5.55 36.03
N PHE B 93 -13.29 4.77 34.95
CA PHE B 93 -13.57 5.26 33.61
C PHE B 93 -14.94 5.92 33.54
N ARG B 94 -14.98 7.14 32.99
CA ARG B 94 -16.22 7.87 32.72
C ARG B 94 -16.96 8.22 34.00
N GLN B 95 -16.21 8.50 35.06
CA GLN B 95 -16.78 8.83 36.36
C GLN B 95 -16.23 10.18 36.84
N TRP B 96 -16.85 10.70 37.89
CA TRP B 96 -16.56 12.06 38.34
C TRP B 96 -15.12 12.19 38.82
N ASP B 97 -14.45 13.25 38.36
CA ASP B 97 -13.06 13.55 38.70
C ASP B 97 -12.13 12.38 38.36
N SER B 98 -12.55 11.51 37.46
CA SER B 98 -11.67 10.45 36.99
C SER B 98 -10.52 11.02 36.16
N LYS B 99 -9.37 10.35 36.23
CA LYS B 99 -8.27 10.61 35.32
C LYS B 99 -8.48 9.87 34.02
N THR B 100 -9.68 9.35 33.80
CA THR B 100 -10.00 8.54 32.64
C THR B 100 -11.32 9.03 32.05
N PRO B 101 -11.33 10.21 31.43
CA PRO B 101 -12.56 10.75 30.85
C PRO B 101 -13.00 9.94 29.63
N GLY B 102 -14.28 10.08 29.30
CA GLY B 102 -14.85 9.26 28.23
C GLY B 102 -14.22 9.50 26.88
N HIS B 103 -13.75 10.72 26.64
CA HIS B 103 -12.96 11.05 25.48
C HIS B 103 -11.64 11.63 25.95
N PRO B 104 -10.53 11.29 25.29
CA PRO B 104 -9.21 11.70 25.80
C PRO B 104 -9.10 13.22 25.88
N GLU B 105 -8.53 13.70 26.98
CA GLU B 105 -8.36 15.13 27.22
C GLU B 105 -6.92 15.40 27.64
N VAL B 106 -6.25 16.31 26.94
CA VAL B 106 -4.88 16.67 27.27
C VAL B 106 -4.85 17.45 28.58
N HIS B 107 -3.83 17.20 29.39
CA HIS B 107 -3.55 17.81 30.68
C HIS B 107 -4.49 17.29 31.76
N HIS B 108 -5.44 16.43 31.42
CA HIS B 108 -6.28 15.73 32.38
C HIS B 108 -5.73 14.37 32.73
N THR B 109 -5.20 13.67 31.73
CA THR B 109 -4.60 12.35 31.87
C THR B 109 -3.16 12.40 31.35
N ASP B 110 -2.25 11.73 32.06
CA ASP B 110 -0.85 11.69 31.65
C ASP B 110 -0.70 10.97 30.31
N GLY B 111 0.13 11.53 29.43
CA GLY B 111 0.44 10.90 28.17
C GLY B 111 -0.53 11.20 27.04
N VAL B 112 -1.67 11.80 27.31
CA VAL B 112 -2.60 12.18 26.25
C VAL B 112 -2.09 13.48 25.65
N GLU B 113 -1.93 13.49 24.34
CA GLU B 113 -1.30 14.62 23.67
C GLU B 113 -2.30 15.61 23.10
N ALA B 114 -3.58 15.27 23.09
CA ALA B 114 -4.59 16.07 22.43
C ALA B 114 -5.96 15.64 22.94
N THR B 115 -6.87 16.58 22.98
CA THR B 115 -8.26 16.30 23.32
C THR B 115 -8.98 15.98 22.02
N THR B 116 -9.48 14.75 21.88
CA THR B 116 -9.79 14.20 20.56
C THR B 116 -11.21 13.64 20.44
N GLY B 117 -12.19 14.16 21.19
CA GLY B 117 -13.56 13.74 21.01
C GLY B 117 -14.09 13.97 19.60
N PRO B 118 -14.18 15.24 19.22
CA PRO B 118 -14.77 15.57 17.91
C PRO B 118 -13.95 15.01 16.76
N LEU B 119 -14.64 14.55 15.72
CA LEU B 119 -13.99 13.75 14.69
C LEU B 119 -13.28 14.59 13.62
N GLY B 120 -12.13 14.11 13.17
CA GLY B 120 -11.35 14.76 12.15
C GLY B 120 -10.38 15.80 12.67
N GLN B 121 -10.65 16.39 13.83
CA GLN B 121 -9.74 17.41 14.36
C GLN B 121 -8.42 16.79 14.79
N GLY B 122 -8.44 15.55 15.31
CA GLY B 122 -7.22 14.92 15.76
C GLY B 122 -6.22 14.70 14.65
N ILE B 123 -6.69 14.20 13.50
CA ILE B 123 -5.84 14.11 12.31
C ILE B 123 -5.26 15.49 12.01
N ALA B 124 -6.13 16.48 11.88
CA ALA B 124 -5.69 17.82 11.55
C ALA B 124 -4.69 18.33 12.57
N MET B 125 -4.95 18.08 13.86
CA MET B 125 -3.98 18.43 14.88
C MET B 125 -2.67 17.66 14.68
N ALA B 126 -2.76 16.40 14.26
CA ALA B 126 -1.56 15.61 14.00
C ALA B 126 -0.83 16.14 12.77
N VAL B 127 -1.56 16.61 11.76
CA VAL B 127 -0.92 17.30 10.65
C VAL B 127 -0.08 18.45 11.18
N GLY B 128 -0.69 19.33 11.97
CA GLY B 128 0.05 20.45 12.52
C GLY B 128 1.25 20.04 13.34
N MET B 129 1.17 18.86 13.99
CA MET B 129 2.31 18.40 14.79
C MET B 129 3.48 18.02 13.89
N ALA B 130 3.19 17.45 12.72
CA ALA B 130 4.26 17.14 11.78
C ALA B 130 4.78 18.40 11.10
N MET B 131 3.89 19.34 10.78
CA MET B 131 4.32 20.66 10.34
C MET B 131 5.31 21.27 11.31
N ALA B 132 5.00 21.18 12.60
CA ALA B 132 5.91 21.70 13.61
C ALA B 132 7.25 20.98 13.59
N GLU B 133 7.22 19.63 13.57
CA GLU B 133 8.48 18.88 13.57
C GLU B 133 9.35 19.23 12.37
N ALA B 134 8.75 19.22 11.17
CA ALA B 134 9.51 19.64 10.00
C ALA B 134 10.06 21.06 10.17
N HIS B 135 9.24 21.98 10.67
CA HIS B 135 9.71 23.35 10.87
C HIS B 135 10.83 23.39 11.89
N LEU B 136 10.62 22.79 13.06
CA LEU B 136 11.63 22.85 14.11
C LEU B 136 12.89 22.08 13.71
N ALA B 137 12.74 21.03 12.92
CA ALA B 137 13.91 20.32 12.43
C ALA B 137 14.73 21.22 11.52
N ALA B 138 14.07 21.89 10.58
CA ALA B 138 14.79 22.80 9.70
C ALA B 138 15.39 23.97 10.45
N THR B 139 14.66 24.51 11.43
CA THR B 139 15.14 25.67 12.17
C THR B 139 16.37 25.33 13.00
N TYR B 140 16.33 24.22 13.74
CA TYR B 140 17.38 23.94 14.72
C TYR B 140 18.39 22.86 14.31
N ASN B 141 18.01 21.90 13.47
CA ASN B 141 18.94 20.83 13.15
C ASN B 141 20.13 21.36 12.36
N LYS B 142 21.32 20.96 12.81
CA LYS B 142 22.57 21.26 12.16
C LYS B 142 23.22 19.92 11.86
N GLU B 143 24.26 19.94 11.03
CA GLU B 143 24.93 18.69 10.70
C GLU B 143 25.53 18.08 11.96
N ASN B 144 25.38 16.76 12.09
CA ASN B 144 25.81 15.91 13.19
C ASN B 144 24.93 16.08 14.44
N PHE B 145 23.82 16.83 14.33
CA PHE B 145 22.88 17.00 15.43
C PHE B 145 21.47 16.96 14.86
N ASN B 146 20.77 15.85 15.08
CA ASN B 146 19.37 15.69 14.67
C ASN B 146 18.51 16.03 15.88
N VAL B 147 18.39 17.34 16.16
CA VAL B 147 17.71 17.71 17.40
C VAL B 147 16.20 17.42 17.29
N MET B 148 15.63 17.44 16.10
CA MET B 148 14.25 17.04 15.90
C MET B 148 14.21 15.98 14.81
N ASP B 149 13.86 14.74 15.21
CA ASP B 149 13.78 13.59 14.30
C ASP B 149 12.69 12.66 14.84
N HIS B 150 11.45 13.12 14.78
CA HIS B 150 10.35 12.33 15.30
C HIS B 150 9.16 12.31 14.34
N TYR B 151 8.33 11.30 14.54
CA TYR B 151 7.21 10.99 13.67
C TYR B 151 5.90 11.28 14.41
N THR B 152 4.91 11.74 13.66
CA THR B 152 3.56 11.95 14.17
C THR B 152 2.68 10.81 13.70
N TYR B 153 2.02 10.14 14.65
CA TYR B 153 1.14 9.02 14.39
C TYR B 153 -0.26 9.36 14.86
N ALA B 154 -1.25 8.86 14.13
CA ALA B 154 -2.64 9.02 14.52
C ALA B 154 -3.37 7.72 14.23
N ILE B 155 -4.39 7.44 15.02
CA ILE B 155 -5.31 6.34 14.76
C ILE B 155 -6.67 6.95 14.56
N CYS B 156 -7.24 6.76 13.38
CA CYS B 156 -8.50 7.36 13.04
C CYS B 156 -9.51 6.27 12.69
N GLY B 157 -10.75 6.70 12.45
CA GLY B 157 -11.79 5.80 12.02
C GLY B 157 -12.46 6.33 10.76
N ASP B 158 -13.49 5.59 10.33
CA ASP B 158 -14.24 5.99 9.15
C ASP B 158 -14.85 7.39 9.34
N GLY B 159 -15.26 7.69 10.57
CA GLY B 159 -15.84 9.01 10.84
C GLY B 159 -14.85 10.15 10.66
N ASP B 160 -13.60 9.96 11.08
CA ASP B 160 -12.61 11.00 10.93
C ASP B 160 -12.42 11.38 9.47
N LEU B 161 -12.49 10.41 8.56
CA LEU B 161 -12.19 10.65 7.17
C LEU B 161 -13.40 11.08 6.36
N MET B 162 -14.59 11.08 6.95
CA MET B 162 -15.74 11.66 6.27
C MET B 162 -15.87 13.14 6.57
N GLU B 163 -15.06 13.66 7.50
CA GLU B 163 -15.15 15.05 7.91
C GLU B 163 -14.25 15.94 7.07
N GLY B 164 -14.78 17.12 6.70
CA GLY B 164 -14.02 18.03 5.86
C GLY B 164 -12.69 18.43 6.44
N VAL B 165 -12.62 18.60 7.77
CA VAL B 165 -11.39 19.06 8.39
C VAL B 165 -10.25 18.11 8.06
N SER B 166 -10.50 16.80 8.13
CA SER B 166 -9.47 15.83 7.79
C SER B 166 -9.12 15.91 6.31
N GLN B 167 -10.14 16.06 5.46
CA GLN B 167 -9.88 16.15 4.03
C GLN B 167 -9.07 17.39 3.70
N GLU B 168 -9.46 18.53 4.26
CA GLU B 168 -8.65 19.74 4.17
C GLU B 168 -7.25 19.49 4.69
N ALA B 169 -7.15 18.93 5.89
CA ALA B 169 -5.83 18.72 6.48
C ALA B 169 -5.01 17.74 5.65
N SER B 170 -5.65 16.74 5.04
CA SER B 170 -4.90 15.71 4.34
C SER B 170 -4.36 16.24 3.00
N SER B 171 -5.13 17.08 2.30
CA SER B 171 -4.61 17.80 1.15
C SER B 171 -3.46 18.71 1.53
N MET B 172 -3.64 19.49 2.61
CA MET B 172 -2.56 20.29 3.16
C MET B 172 -1.33 19.43 3.43
N ALA B 173 -1.49 18.37 4.22
CA ALA B 173 -0.36 17.52 4.56
C ALA B 173 0.34 16.99 3.32
N GLY B 174 -0.44 16.51 2.34
CA GLY B 174 0.16 16.02 1.11
C GLY B 174 0.95 17.09 0.37
N HIS B 175 0.38 18.29 0.27
CA HIS B 175 1.11 19.43 -0.29
C HIS B 175 2.38 19.69 0.49
N MET B 176 2.31 19.71 1.81
CA MET B 176 3.47 19.99 2.66
C MET B 176 4.40 18.80 2.80
N LYS B 177 4.11 17.71 2.08
CA LYS B 177 5.01 16.56 1.95
C LYS B 177 5.48 16.06 3.32
N LEU B 178 4.51 15.84 4.21
CA LEU B 178 4.81 15.46 5.59
C LEU B 178 5.00 13.96 5.65
N GLY B 179 6.17 13.53 5.17
CA GLY B 179 6.55 12.12 5.15
C GLY B 179 6.56 11.45 6.50
N LYS B 180 6.68 12.23 7.58
CA LYS B 180 6.75 11.69 8.92
C LYS B 180 5.39 11.58 9.59
N LEU B 181 4.32 11.90 8.87
CA LEU B 181 2.97 11.72 9.39
C LEU B 181 2.45 10.36 8.93
N ILE B 182 2.20 9.47 9.90
CA ILE B 182 1.70 8.13 9.64
C ILE B 182 0.35 8.03 10.33
N VAL B 183 -0.72 7.99 9.54
CA VAL B 183 -2.07 7.83 10.08
C VAL B 183 -2.53 6.39 9.86
N LEU B 184 -2.91 5.73 10.94
CA LEU B 184 -3.49 4.40 10.91
C LEU B 184 -5.00 4.51 10.92
N TYR B 185 -5.64 3.86 9.96
CA TYR B 185 -7.09 3.96 9.75
C TYR B 185 -7.75 2.66 10.17
N ASP B 186 -8.62 2.74 11.18
CA ASP B 186 -9.39 1.59 11.65
C ASP B 186 -10.57 1.43 10.73
N SER B 187 -10.33 0.82 9.56
CA SER B 187 -11.37 0.55 8.57
C SER B 187 -12.16 -0.67 9.02
N ASN B 188 -12.94 -0.48 10.09
CA ASN B 188 -13.82 -1.53 10.58
C ASN B 188 -15.06 -1.70 9.71
N ASP B 189 -15.20 -0.88 8.66
CA ASP B 189 -16.31 -0.92 7.72
C ASP B 189 -17.65 -0.66 8.39
N ILE B 190 -17.65 -0.10 9.59
CA ILE B 190 -18.86 0.19 10.34
C ILE B 190 -18.74 1.57 10.99
N SER B 191 -19.89 2.15 11.30
CA SER B 191 -19.97 3.46 11.91
C SER B 191 -21.04 3.37 13.01
N LEU B 192 -21.38 4.50 13.63
CA LEU B 192 -22.33 4.44 14.75
C LEU B 192 -23.68 3.86 14.33
N ASP B 193 -24.21 4.32 13.19
CA ASP B 193 -25.57 3.96 12.80
C ASP B 193 -25.64 2.69 11.99
N GLY B 194 -24.50 2.24 11.47
CA GLY B 194 -24.48 1.03 10.70
C GLY B 194 -23.26 0.91 9.82
N PRO B 195 -23.37 0.09 8.79
CA PRO B 195 -22.23 -0.16 7.91
C PRO B 195 -21.82 1.09 7.15
N THR B 196 -20.54 1.11 6.81
CA THR B 196 -20.04 2.15 5.93
C THR B 196 -20.74 2.11 4.57
N SER B 197 -21.33 0.97 4.20
CA SER B 197 -21.99 0.85 2.91
C SER B 197 -23.14 1.82 2.74
N LYS B 198 -23.72 2.29 3.84
CA LYS B 198 -24.93 3.09 3.71
C LYS B 198 -24.63 4.56 3.43
N ALA B 199 -23.39 5.02 3.64
CA ALA B 199 -23.05 6.42 3.39
C ALA B 199 -21.60 6.67 2.96
N PHE B 200 -20.70 5.69 3.09
CA PHE B 200 -19.26 5.93 2.88
C PHE B 200 -18.69 4.83 1.98
N THR B 201 -18.76 5.02 0.67
CA THR B 201 -18.35 4.00 -0.29
C THR B 201 -17.17 4.44 -1.14
N GLU B 202 -16.44 5.47 -0.71
CA GLU B 202 -15.35 6.01 -1.52
C GLU B 202 -14.07 5.20 -1.34
N ASN B 203 -13.16 5.35 -2.29
CA ASN B 203 -11.82 4.80 -2.17
C ASN B 203 -10.99 5.79 -1.37
N VAL B 204 -10.98 5.62 -0.04
CA VAL B 204 -10.23 6.54 0.81
C VAL B 204 -8.76 6.56 0.40
N GLY B 205 -8.18 5.38 0.14
CA GLY B 205 -6.78 5.31 -0.24
C GLY B 205 -6.47 6.04 -1.53
N ALA B 206 -7.40 6.00 -2.49
CA ALA B 206 -7.16 6.71 -3.74
C ALA B 206 -7.21 8.22 -3.51
N ARG B 207 -8.23 8.68 -2.77
CA ARG B 207 -8.28 10.08 -2.36
C ARG B 207 -6.96 10.50 -1.73
N TYR B 208 -6.48 9.73 -0.75
CA TYR B 208 -5.22 10.09 -0.10
C TYR B 208 -4.07 10.09 -1.09
N GLU B 209 -4.09 9.15 -2.04
CA GLU B 209 -3.08 9.16 -3.09
C GLU B 209 -3.17 10.43 -3.93
N ALA B 210 -4.38 10.89 -4.20
CA ALA B 210 -4.55 12.15 -4.91
C ALA B 210 -4.00 13.31 -4.10
N TYR B 211 -4.13 13.26 -2.77
CA TYR B 211 -3.59 14.31 -1.90
C TYR B 211 -2.06 14.35 -1.92
N GLY B 212 -1.41 13.31 -2.41
CA GLY B 212 0.02 13.17 -2.24
C GLY B 212 0.45 12.23 -1.15
N TRP B 213 -0.47 11.37 -0.68
CA TRP B 213 -0.23 10.45 0.42
C TRP B 213 0.11 9.06 -0.10
N GLN B 214 0.97 8.35 0.63
CA GLN B 214 1.12 6.92 0.42
C GLN B 214 -0.03 6.19 1.11
N HIS B 215 -0.58 5.19 0.43
CA HIS B 215 -1.64 4.36 1.01
C HIS B 215 -1.17 2.91 1.08
N ILE B 216 -1.18 2.36 2.30
CA ILE B 216 -0.80 0.97 2.54
C ILE B 216 -2.04 0.28 3.10
N LEU B 217 -2.37 -0.88 2.54
CA LEU B 217 -3.51 -1.66 3.02
C LEU B 217 -3.00 -2.90 3.73
N VAL B 218 -3.31 -3.01 5.01
CA VAL B 218 -3.09 -4.23 5.77
C VAL B 218 -4.44 -4.94 5.82
N LYS B 219 -4.58 -6.01 5.05
CA LYS B 219 -5.87 -6.68 4.94
C LYS B 219 -6.24 -7.47 6.19
N ASP B 220 -5.28 -7.77 7.05
CA ASP B 220 -5.54 -8.45 8.33
C ASP B 220 -5.19 -7.52 9.48
N GLY B 221 -6.22 -7.00 10.16
CA GLY B 221 -5.99 -6.19 11.35
C GLY B 221 -5.33 -6.94 12.48
N ASN B 222 -5.50 -8.26 12.53
CA ASN B 222 -4.91 -9.03 13.61
C ASN B 222 -3.53 -9.58 13.28
N ASP B 223 -2.98 -9.25 12.12
CA ASP B 223 -1.60 -9.62 11.79
C ASP B 223 -0.67 -8.49 12.24
N LEU B 224 -0.10 -8.63 13.44
CA LEU B 224 0.81 -7.61 13.95
C LEU B 224 1.97 -7.38 12.99
N GLU B 225 2.55 -8.47 12.46
CA GLU B 225 3.73 -8.34 11.61
C GLU B 225 3.44 -7.51 10.36
N ALA B 226 2.26 -7.68 9.76
CA ALA B 226 1.91 -6.89 8.60
C ALA B 226 1.78 -5.41 8.95
N ILE B 227 1.26 -5.10 10.14
CA ILE B 227 1.13 -3.71 10.54
C ILE B 227 2.51 -3.10 10.78
N SER B 228 3.40 -3.85 11.44
CA SER B 228 4.73 -3.32 11.72
C SER B 228 5.51 -3.11 10.42
N LYS B 229 5.36 -4.01 9.47
CA LYS B 229 6.02 -3.79 8.18
C LYS B 229 5.47 -2.53 7.50
N ALA B 230 4.16 -2.29 7.62
CA ALA B 230 3.56 -1.13 6.99
C ALA B 230 4.11 0.18 7.56
N ILE B 231 4.28 0.24 8.88
CA ILE B 231 4.84 1.43 9.51
C ILE B 231 6.23 1.70 8.98
N GLU B 232 7.03 0.64 8.79
CA GLU B 232 8.39 0.82 8.28
C GLU B 232 8.35 1.38 6.86
N GLU B 233 7.48 0.85 6.00
CA GLU B 233 7.32 1.38 4.65
C GLU B 233 6.94 2.86 4.68
N ALA B 234 6.03 3.21 5.58
CA ALA B 234 5.65 4.61 5.73
C ALA B 234 6.83 5.46 6.16
N LYS B 235 7.64 4.95 7.08
CA LYS B 235 8.84 5.66 7.51
C LYS B 235 9.85 5.78 6.37
N ALA B 236 9.91 4.76 5.52
CA ALA B 236 10.77 4.81 4.34
C ALA B 236 10.30 5.85 3.33
N GLU B 237 9.00 6.09 3.23
CA GLU B 237 8.50 7.17 2.37
C GLU B 237 8.75 8.49 3.08
N THR B 238 9.90 9.09 2.80
CA THR B 238 10.32 10.35 3.41
C THR B 238 9.74 11.58 2.72
N ASP B 239 9.13 11.41 1.55
CA ASP B 239 8.62 12.52 0.77
C ASP B 239 7.09 12.62 0.78
N LYS B 240 6.40 11.64 1.35
CA LYS B 240 4.95 11.66 1.32
C LYS B 240 4.35 11.22 2.65
N PRO B 241 3.25 11.84 3.08
CA PRO B 241 2.52 11.34 4.24
C PRO B 241 1.85 10.01 3.91
N THR B 242 1.62 9.19 4.94
CA THR B 242 1.18 7.82 4.70
C THR B 242 -0.07 7.47 5.49
N LEU B 243 -1.05 6.92 4.79
CA LEU B 243 -2.25 6.35 5.38
C LEU B 243 -2.13 4.84 5.33
N ILE B 244 -1.98 4.22 6.48
CA ILE B 244 -2.03 2.77 6.61
C ILE B 244 -3.46 2.40 6.94
N GLU B 245 -4.13 1.76 5.99
CA GLU B 245 -5.51 1.34 6.15
C GLU B 245 -5.50 -0.06 6.73
N VAL B 246 -5.94 -0.20 7.97
CA VAL B 246 -5.99 -1.50 8.64
C VAL B 246 -7.45 -1.94 8.67
N LYS B 247 -7.75 -2.97 7.89
CA LYS B 247 -9.08 -3.55 7.90
C LYS B 247 -9.26 -4.39 9.14
N THR B 248 -10.24 -4.04 9.97
CA THR B 248 -10.45 -4.68 11.24
C THR B 248 -11.92 -5.08 11.35
N VAL B 249 -12.18 -6.08 12.17
CA VAL B 249 -13.55 -6.43 12.56
C VAL B 249 -13.81 -5.74 13.88
N ILE B 250 -14.65 -4.71 13.85
CA ILE B 250 -14.98 -4.00 15.08
C ILE B 250 -15.56 -4.98 16.09
N GLY B 251 -15.17 -4.83 17.34
CA GLY B 251 -15.56 -5.78 18.35
C GLY B 251 -15.06 -7.20 18.11
N TYR B 252 -13.79 -7.35 17.76
CA TYR B 252 -13.23 -8.66 17.42
C TYR B 252 -13.38 -9.63 18.59
N GLY B 253 -13.88 -10.83 18.29
CA GLY B 253 -14.13 -11.82 19.32
C GLY B 253 -15.48 -11.70 20.00
N ALA B 254 -16.11 -10.52 19.95
CA ALA B 254 -17.43 -10.35 20.54
C ALA B 254 -18.49 -11.07 19.71
N PRO B 255 -19.63 -11.42 20.34
CA PRO B 255 -20.73 -12.01 19.56
C PRO B 255 -21.21 -11.12 18.44
N LYS B 256 -21.38 -9.82 18.71
CA LYS B 256 -21.91 -8.87 17.75
C LYS B 256 -20.80 -8.12 16.99
N GLU B 257 -19.67 -8.79 16.71
CA GLU B 257 -18.60 -8.18 15.93
C GLU B 257 -19.08 -7.83 14.52
N GLY B 258 -18.44 -6.83 13.92
CA GLY B 258 -18.83 -6.37 12.59
C GLY B 258 -20.18 -5.72 12.50
N THR B 259 -20.73 -5.26 13.64
CA THR B 259 -22.02 -4.58 13.68
C THR B 259 -21.85 -3.24 14.37
N SER B 260 -22.83 -2.35 14.20
CA SER B 260 -22.79 -1.07 14.89
C SER B 260 -23.01 -1.23 16.39
N ALA B 261 -23.51 -2.38 16.83
CA ALA B 261 -23.85 -2.56 18.24
C ALA B 261 -22.62 -2.47 19.13
N VAL B 262 -21.46 -2.90 18.62
CA VAL B 262 -20.24 -2.84 19.42
C VAL B 262 -19.61 -1.45 19.40
N HIS B 263 -20.18 -0.49 18.69
CA HIS B 263 -19.54 0.81 18.57
C HIS B 263 -19.56 1.60 19.87
N GLY B 264 -20.73 1.74 20.48
CA GLY B 264 -20.81 2.73 21.55
C GLY B 264 -21.49 2.31 22.83
N ALA B 265 -21.82 1.03 22.94
CA ALA B 265 -22.53 0.52 24.11
C ALA B 265 -21.72 -0.58 24.76
N PRO B 266 -21.80 -0.72 26.07
CA PRO B 266 -21.04 -1.78 26.73
C PRO B 266 -21.38 -3.13 26.13
N LEU B 267 -20.35 -3.95 25.94
CA LEU B 267 -20.55 -5.23 25.28
C LEU B 267 -21.51 -6.13 26.07
N GLY B 268 -21.52 -6.00 27.38
CA GLY B 268 -22.25 -6.94 28.20
C GLY B 268 -21.35 -8.08 28.63
N GLU B 269 -21.64 -8.62 29.82
CA GLU B 269 -20.81 -9.69 30.38
C GLU B 269 -20.81 -10.92 29.51
N ASP B 270 -21.90 -11.15 28.76
CA ASP B 270 -21.87 -12.21 27.75
C ASP B 270 -20.80 -11.94 26.70
N GLY B 271 -20.79 -10.72 26.15
CA GLY B 271 -19.80 -10.39 25.14
C GLY B 271 -18.37 -10.55 25.62
N ILE B 272 -18.08 -10.08 26.84
CA ILE B 272 -16.72 -10.19 27.36
C ILE B 272 -16.30 -11.65 27.46
N LYS B 273 -17.17 -12.48 28.03
CA LYS B 273 -16.83 -13.89 28.21
C LYS B 273 -16.57 -14.56 26.87
N MET B 274 -17.47 -14.33 25.89
CA MET B 274 -17.31 -14.95 24.58
C MET B 274 -16.06 -14.42 23.89
N ALA B 275 -15.80 -13.12 23.98
CA ALA B 275 -14.60 -12.57 23.40
C ALA B 275 -13.36 -13.18 24.04
N LYS B 276 -13.37 -13.33 25.37
CA LYS B 276 -12.24 -13.94 26.05
C LYS B 276 -12.05 -15.39 25.61
N GLU B 277 -13.16 -16.09 25.34
CA GLU B 277 -13.06 -17.45 24.84
C GLU B 277 -12.27 -17.50 23.56
N VAL B 278 -12.56 -16.60 22.63
CA VAL B 278 -11.76 -16.48 21.42
C VAL B 278 -10.30 -16.24 21.77
N TYR B 279 -10.05 -15.25 22.63
CA TYR B 279 -8.67 -14.91 22.99
C TYR B 279 -8.01 -16.01 23.82
N GLY B 280 -8.79 -16.94 24.38
CA GLY B 280 -8.23 -17.83 25.37
C GLY B 280 -7.90 -17.13 26.65
N TRP B 281 -8.51 -15.97 26.88
CA TRP B 281 -8.27 -15.17 28.07
C TRP B 281 -9.05 -15.76 29.24
N GLU B 282 -8.34 -16.42 30.15
CA GLU B 282 -8.93 -16.92 31.40
C GLU B 282 -8.36 -16.17 32.59
N TYR B 283 -7.74 -15.03 32.35
CA TYR B 283 -7.19 -14.20 33.41
C TYR B 283 -8.32 -13.52 34.18
N PRO B 284 -8.03 -13.09 35.41
CA PRO B 284 -9.02 -12.32 36.17
C PRO B 284 -9.24 -10.93 35.57
N ASP B 285 -10.34 -10.30 35.98
CA ASP B 285 -10.68 -8.97 35.49
C ASP B 285 -9.68 -7.93 35.99
N PHE B 286 -9.41 -6.94 35.13
CA PHE B 286 -8.48 -5.86 35.44
C PHE B 286 -7.12 -6.38 35.88
N THR B 287 -6.66 -7.44 35.20
CA THR B 287 -5.38 -8.04 35.50
C THR B 287 -4.52 -8.01 34.25
N VAL B 288 -3.25 -7.67 34.44
CA VAL B 288 -2.28 -7.62 33.35
C VAL B 288 -1.29 -8.74 33.58
N PRO B 289 -1.18 -9.71 32.66
CA PRO B 289 -0.17 -10.76 32.81
C PRO B 289 1.22 -10.19 33.02
N GLU B 290 1.98 -10.88 33.88
CA GLU B 290 3.34 -10.44 34.20
C GLU B 290 4.20 -10.36 32.94
N GLU B 291 4.08 -11.36 32.06
CA GLU B 291 4.83 -11.38 30.82
C GLU B 291 4.60 -10.10 30.02
N VAL B 292 3.32 -9.70 29.89
CA VAL B 292 2.95 -8.48 29.18
C VAL B 292 3.61 -7.27 29.82
N ALA B 293 3.47 -7.15 31.15
CA ALA B 293 4.03 -6.01 31.86
C ALA B 293 5.52 -5.87 31.59
N ALA B 294 6.26 -6.97 31.67
CA ALA B 294 7.69 -6.93 31.36
C ALA B 294 7.93 -6.58 29.90
N ARG B 295 7.10 -7.14 28.99
CA ARG B 295 7.25 -6.78 27.58
C ARG B 295 7.11 -5.29 27.39
N PHE B 296 6.05 -4.69 27.94
CA PHE B 296 5.87 -3.26 27.82
C PHE B 296 7.03 -2.51 28.47
N HIS B 297 7.56 -3.03 29.58
CA HIS B 297 8.69 -2.38 30.24
C HIS B 297 9.93 -2.38 29.36
N GLN B 298 10.30 -3.55 28.83
CA GLN B 298 11.45 -3.60 27.94
C GLN B 298 11.19 -2.77 26.69
N THR B 299 10.03 -2.98 26.04
CA THR B 299 9.77 -2.33 24.76
C THR B 299 9.66 -0.81 24.89
N MET B 300 9.07 -0.32 25.98
CA MET B 300 8.75 1.10 26.08
C MET B 300 9.56 1.86 27.15
N ILE B 301 9.53 1.43 28.40
CA ILE B 301 10.24 2.18 29.44
C ILE B 301 11.74 2.09 29.22
N GLU B 302 12.26 0.86 29.09
CA GLU B 302 13.71 0.67 28.98
C GLU B 302 14.25 1.28 27.69
N GLU B 303 13.66 0.93 26.55
CA GLU B 303 14.10 1.51 25.29
C GLU B 303 13.89 3.01 25.28
N GLY B 304 12.74 3.46 25.77
CA GLY B 304 12.45 4.89 25.79
C GLY B 304 13.46 5.67 26.60
N GLN B 305 13.79 5.17 27.79
CA GLN B 305 14.83 5.81 28.58
C GLN B 305 16.13 5.91 27.81
N LYS B 306 16.53 4.84 27.12
CA LYS B 306 17.78 4.87 26.38
C LYS B 306 17.74 5.92 25.27
N ALA B 307 16.60 6.05 24.60
CA ALA B 307 16.52 6.98 23.48
C ALA B 307 16.61 8.44 23.95
N GLU B 308 15.85 8.80 24.99
CA GLU B 308 15.90 10.18 25.50
C GLU B 308 17.28 10.51 26.04
N ASP B 309 17.90 9.58 26.77
CA ASP B 309 19.26 9.79 27.28
C ASP B 309 20.23 10.03 26.13
N ALA B 310 20.07 9.28 25.03
CA ALA B 310 20.89 9.48 23.84
C ALA B 310 20.63 10.86 23.24
N TRP B 311 19.36 11.22 23.07
CA TRP B 311 19.00 12.54 22.57
C TRP B 311 19.55 13.64 23.48
N ASN B 312 19.38 13.48 24.80
CA ASN B 312 19.87 14.46 25.75
C ASN B 312 21.37 14.69 25.59
N GLU B 313 22.15 13.62 25.36
CA GLU B 313 23.58 13.77 25.15
C GLU B 313 23.87 14.51 23.84
N MET B 314 23.16 14.16 22.77
CA MET B 314 23.33 14.91 21.52
C MET B 314 23.06 16.40 21.73
N PHE B 315 22.01 16.73 22.49
CA PHE B 315 21.71 18.12 22.76
C PHE B 315 22.81 18.77 23.58
N ALA B 316 23.41 18.02 24.50
CA ALA B 316 24.56 18.53 25.23
C ALA B 316 25.66 18.99 24.29
N ASN B 317 26.04 18.13 23.34
CA ASN B 317 27.05 18.47 22.35
C ASN B 317 26.57 19.60 21.45
N TYR B 318 25.29 19.55 21.06
CA TYR B 318 24.67 20.60 20.27
C TYR B 318 24.78 21.95 20.96
N LYS B 319 24.54 21.98 22.27
CA LYS B 319 24.59 23.24 23.00
C LYS B 319 26.00 23.84 22.99
N LYS B 320 27.02 23.00 23.19
CA LYS B 320 28.40 23.46 23.09
C LYS B 320 28.70 23.98 21.68
N ALA B 321 28.36 23.20 20.66
CA ALA B 321 28.69 23.58 19.30
C ALA B 321 27.90 24.82 18.86
N TYR B 322 26.62 24.91 19.24
CA TYR B 322 25.72 25.96 18.79
C TYR B 322 24.95 26.52 19.97
N PRO B 323 25.61 27.27 20.85
CA PRO B 323 24.96 27.69 22.11
C PRO B 323 23.74 28.58 21.94
N GLU B 324 23.81 29.60 21.08
CA GLU B 324 22.69 30.54 20.97
C GLU B 324 21.44 29.86 20.42
N LEU B 325 21.61 28.97 19.43
CA LEU B 325 20.46 28.31 18.82
C LEU B 325 19.84 27.28 19.77
N ALA B 326 20.66 26.52 20.49
CA ALA B 326 20.14 25.55 21.43
C ALA B 326 19.33 26.22 22.54
N GLN B 327 19.82 27.35 23.05
CA GLN B 327 19.06 28.12 24.03
C GLN B 327 17.71 28.55 23.47
N GLN B 328 17.72 29.01 22.21
CA GLN B 328 16.47 29.36 21.54
C GLN B 328 15.50 28.18 21.53
N PHE B 329 16.00 27.00 21.13
CA PHE B 329 15.19 25.78 21.21
C PHE B 329 14.60 25.63 22.59
N GLU B 330 15.45 25.69 23.62
CA GLU B 330 15.00 25.50 24.99
C GLU B 330 13.96 26.54 25.38
N ASP B 331 14.22 27.81 25.07
CA ASP B 331 13.29 28.87 25.45
C ASP B 331 11.96 28.73 24.72
N ALA B 332 11.99 28.37 23.43
CA ALA B 332 10.76 28.24 22.67
C ALA B 332 9.87 27.14 23.23
N PHE B 333 10.44 25.99 23.56
CA PHE B 333 9.65 24.90 24.11
C PHE B 333 9.12 25.20 25.50
N ASP B 334 9.75 26.14 26.21
CA ASP B 334 9.30 26.56 27.53
C ASP B 334 8.44 27.81 27.44
N GLY B 335 8.17 28.28 26.23
CA GLY B 335 7.29 29.42 26.02
C GLY B 335 7.82 30.72 26.58
N LYS B 336 9.13 30.93 26.51
CA LYS B 336 9.76 32.14 26.99
C LYS B 336 9.91 33.10 25.81
N LEU B 337 9.10 34.16 25.80
CA LEU B 337 9.25 35.19 24.78
C LEU B 337 10.60 35.88 24.92
N PRO B 338 11.30 36.16 23.82
CA PRO B 338 12.65 36.75 23.91
C PRO B 338 12.62 38.09 24.65
N GLU B 339 13.76 38.42 25.26
CA GLU B 339 13.99 39.69 25.91
C GLU B 339 13.81 40.86 24.95
N ASN B 340 13.16 41.91 25.44
CA ASN B 340 12.88 43.13 24.67
C ASN B 340 12.14 42.80 23.38
N TRP B 341 11.28 41.79 23.41
CA TRP B 341 10.49 41.43 22.24
C TRP B 341 9.57 42.57 21.82
N ASP B 342 8.97 43.25 22.80
CA ASP B 342 8.02 44.31 22.53
C ASP B 342 8.69 45.66 22.26
N ALA B 343 10.02 45.71 22.24
CA ALA B 343 10.71 47.00 22.29
C ALA B 343 10.43 47.84 21.04
N GLU B 344 10.55 47.24 19.86
CA GLU B 344 10.35 47.96 18.60
C GLU B 344 8.91 47.86 18.09
N LEU B 345 7.96 47.50 18.96
CA LEU B 345 6.58 47.36 18.52
C LEU B 345 6.01 48.72 18.14
N PRO B 346 5.17 48.78 17.11
CA PRO B 346 4.73 50.08 16.57
C PRO B 346 3.90 50.88 17.57
N THR B 347 4.03 52.21 17.49
CA THR B 347 3.22 53.15 18.24
C THR B 347 2.58 54.12 17.25
N TYR B 348 1.44 54.70 17.63
CA TYR B 348 0.69 55.55 16.72
C TYR B 348 0.25 56.83 17.44
N GLU B 349 -0.07 57.83 16.63
CA GLU B 349 -0.34 59.19 17.08
C GLU B 349 -1.75 59.62 16.65
N VAL B 350 -2.24 60.68 17.30
CA VAL B 350 -3.66 61.03 17.21
C VAL B 350 -4.06 61.40 15.79
N GLY B 351 -3.15 61.99 15.02
CA GLY B 351 -3.47 62.29 13.64
C GLY B 351 -3.81 61.08 12.81
N SER B 352 -3.26 59.92 13.16
CA SER B 352 -3.28 58.75 12.28
C SER B 352 -4.66 58.07 12.22
N SER B 353 -4.93 57.46 11.06
CA SER B 353 -6.10 56.61 10.84
C SER B 353 -5.66 55.40 10.03
N GLN B 354 -5.37 54.29 10.70
CA GLN B 354 -4.92 53.06 10.05
C GLN B 354 -5.82 51.90 10.45
N ALA B 355 -6.15 51.06 9.46
CA ALA B 355 -6.95 49.87 9.72
C ALA B 355 -6.29 48.99 10.77
N SER B 356 -7.11 48.35 11.60
CA SER B 356 -6.58 47.44 12.62
C SER B 356 -5.78 46.32 11.99
N ARG B 357 -6.17 45.89 10.78
CA ARG B 357 -5.44 44.85 10.10
C ARG B 357 -4.05 45.30 9.66
N VAL B 358 -3.94 46.51 9.09
CA VAL B 358 -2.61 47.03 8.77
C VAL B 358 -1.79 47.16 10.04
N SER B 359 -2.40 47.71 11.10
CA SER B 359 -1.72 47.82 12.38
C SER B 359 -1.27 46.46 12.89
N SER B 360 -2.10 45.43 12.72
CA SER B 360 -1.70 44.07 13.10
C SER B 360 -0.47 43.62 12.34
N LYS B 361 -0.46 43.82 11.01
CA LYS B 361 0.70 43.44 10.21
C LYS B 361 1.98 44.05 10.77
N GLU B 362 1.94 45.33 11.11
CA GLU B 362 3.12 45.99 11.66
C GLU B 362 3.57 45.33 12.96
N VAL B 363 2.62 45.02 13.85
CA VAL B 363 2.97 44.30 15.07
C VAL B 363 3.52 42.93 14.73
N ILE B 364 2.90 42.26 13.75
CA ILE B 364 3.35 40.93 13.35
C ILE B 364 4.79 40.99 12.86
N GLN B 365 5.13 42.00 12.07
CA GLN B 365 6.46 42.07 11.47
C GLN B 365 7.54 42.18 12.54
N GLU B 366 7.34 43.05 13.52
CA GLU B 366 8.33 43.18 14.58
C GLU B 366 8.33 41.96 15.48
N LEU B 367 7.14 41.40 15.75
CA LEU B 367 7.06 40.15 16.51
C LEU B 367 7.87 39.06 15.84
N SER B 368 7.78 38.95 14.51
CA SER B 368 8.53 37.92 13.79
C SER B 368 10.03 38.16 13.90
N LYS B 369 10.47 39.41 13.70
CA LYS B 369 11.89 39.72 13.85
C LYS B 369 12.38 39.37 15.25
N ALA B 370 11.59 39.72 16.27
CA ALA B 370 12.03 39.53 17.65
C ALA B 370 11.93 38.06 18.08
N ILE B 371 10.78 37.44 17.85
CA ILE B 371 10.49 36.08 18.32
C ILE B 371 10.76 35.12 17.18
N PRO B 372 11.78 34.26 17.29
CA PRO B 372 12.06 33.30 16.22
C PRO B 372 11.12 32.12 16.20
N SER B 373 10.34 31.92 17.25
CA SER B 373 9.37 30.85 17.39
C SER B 373 7.97 31.27 16.95
N PHE B 374 7.82 32.52 16.52
CA PHE B 374 6.56 33.07 16.05
C PHE B 374 6.41 32.74 14.57
N TRP B 375 5.29 32.11 14.19
CA TRP B 375 5.07 31.76 12.80
C TRP B 375 3.57 31.55 12.60
N GLY B 376 3.14 31.63 11.34
CA GLY B 376 1.72 31.57 11.06
C GLY B 376 1.42 31.89 9.61
N GLY B 377 0.13 32.00 9.33
CA GLY B 377 -0.32 32.26 7.98
C GLY B 377 -1.79 32.58 7.95
N SER B 378 -2.39 32.45 6.77
CA SER B 378 -3.80 32.76 6.58
C SER B 378 -4.44 31.68 5.70
N ALA B 379 -5.76 31.71 5.66
CA ALA B 379 -6.53 30.81 4.81
C ALA B 379 -6.76 31.47 3.46
N ASP B 380 -5.67 31.62 2.71
CA ASP B 380 -5.67 32.30 1.41
C ASP B 380 -6.13 33.75 1.50
N LEU B 381 -5.85 34.42 2.62
CA LEU B 381 -6.36 35.77 2.85
C LEU B 381 -5.25 36.70 3.36
N SER B 382 -3.99 36.29 3.23
CA SER B 382 -2.89 37.04 3.81
C SER B 382 -2.86 38.49 3.34
N GLY B 383 -3.09 38.72 2.05
CA GLY B 383 -3.19 40.09 1.58
C GLY B 383 -4.34 40.84 2.23
N SER B 384 -5.51 40.19 2.31
CA SER B 384 -6.68 40.81 2.90
C SER B 384 -6.53 40.94 4.41
N ASN B 385 -5.92 39.93 5.05
CA ASN B 385 -5.73 39.91 6.50
C ASN B 385 -4.42 40.54 6.94
N ASN B 386 -3.48 40.76 6.02
CA ASN B 386 -2.20 41.37 6.34
C ASN B 386 -1.46 40.57 7.42
N THR B 387 -1.40 39.25 7.20
CA THR B 387 -0.80 38.31 8.12
C THR B 387 0.56 37.85 7.65
N MET B 388 1.14 38.49 6.63
CA MET B 388 2.34 38.01 5.98
C MET B 388 3.57 38.67 6.60
N VAL B 389 4.56 37.86 6.92
CA VAL B 389 5.85 38.38 7.36
C VAL B 389 6.73 38.54 6.14
N ALA B 390 6.77 39.75 5.59
CA ALA B 390 7.85 40.11 4.68
C ALA B 390 9.15 40.00 5.46
N ALA B 391 10.25 39.74 4.74
CA ALA B 391 11.58 39.37 5.22
C ALA B 391 11.62 37.93 5.72
N ASP B 392 10.54 37.15 5.61
CA ASP B 392 10.60 35.73 5.92
C ASP B 392 10.11 34.91 4.73
N LYS B 393 10.67 33.73 4.59
CA LYS B 393 10.34 32.81 3.51
C LYS B 393 9.01 32.12 3.81
N ASP B 394 8.44 31.51 2.77
CA ASP B 394 7.24 30.72 2.97
C ASP B 394 7.60 29.34 3.53
N PHE B 395 6.67 28.77 4.27
CA PHE B 395 6.83 27.42 4.83
C PHE B 395 6.54 26.43 3.72
N THR B 396 7.60 25.87 3.12
CA THR B 396 7.50 24.97 1.99
C THR B 396 8.28 23.71 2.30
N PRO B 397 7.96 22.59 1.62
CA PRO B 397 8.81 21.40 1.77
C PRO B 397 10.27 21.71 1.50
N GLU B 398 10.54 22.66 0.61
CA GLU B 398 11.92 23.03 0.28
C GLU B 398 12.56 23.90 1.36
N HIS B 399 11.76 24.72 2.06
CA HIS B 399 12.25 25.60 3.13
C HIS B 399 11.31 25.53 4.33
N TYR B 400 11.42 24.44 5.10
CA TYR B 400 10.61 24.29 6.31
C TYR B 400 10.95 25.35 7.36
N GLU B 401 12.12 25.98 7.27
CA GLU B 401 12.47 27.10 8.12
C GLU B 401 11.54 28.29 7.91
N GLY B 402 10.85 28.34 6.78
CA GLY B 402 9.95 29.45 6.53
C GLY B 402 8.83 29.52 7.55
N ARG B 403 8.42 30.74 7.88
CA ARG B 403 7.47 30.97 8.95
C ARG B 403 6.18 31.59 8.46
N ASN B 404 6.01 31.68 7.15
CA ASN B 404 4.77 32.10 6.52
C ASN B 404 4.10 30.84 5.96
N ILE B 405 2.93 30.48 6.47
CA ILE B 405 2.28 29.23 6.11
C ILE B 405 1.10 29.53 5.20
N TRP B 406 1.08 28.89 4.03
CA TRP B 406 -0.02 28.97 3.09
C TRP B 406 -0.97 27.82 3.42
N PHE B 407 -1.93 28.09 4.31
CA PHE B 407 -2.87 27.03 4.71
C PHE B 407 -3.83 26.67 3.58
N GLY B 408 -4.14 27.61 2.71
CA GLY B 408 -5.18 27.43 1.72
C GLY B 408 -6.52 27.79 2.28
N VAL B 409 -7.54 27.68 1.43
CA VAL B 409 -8.91 27.92 1.88
C VAL B 409 -9.39 26.72 2.70
N ARG B 410 -8.72 26.49 3.84
CA ARG B 410 -8.91 25.34 4.73
C ARG B 410 -8.92 25.91 6.15
N GLU B 411 -9.97 26.64 6.50
CA GLU B 411 -9.96 27.38 7.76
C GLU B 411 -9.96 26.45 8.96
N PHE B 412 -10.93 25.52 9.00
CA PHE B 412 -10.99 24.51 10.04
C PHE B 412 -9.67 23.77 10.18
N ALA B 413 -9.14 23.29 9.05
CA ALA B 413 -7.85 22.61 9.07
C ALA B 413 -6.76 23.52 9.61
N MET B 414 -6.75 24.78 9.17
CA MET B 414 -5.81 25.74 9.75
C MET B 414 -5.96 25.77 11.25
N ALA B 415 -7.17 26.02 11.72
CA ALA B 415 -7.39 26.16 13.16
C ALA B 415 -6.96 24.92 13.93
N SER B 416 -7.36 23.73 13.45
CA SER B 416 -7.01 22.49 14.15
C SER B 416 -5.50 22.23 14.07
N ALA B 417 -4.91 22.40 12.88
CA ALA B 417 -3.46 22.29 12.77
C ALA B 417 -2.78 23.26 13.74
N MET B 418 -3.26 24.50 13.81
CA MET B 418 -2.73 25.46 14.78
C MET B 418 -2.77 24.91 16.20
N ASN B 419 -3.90 24.33 16.59
CA ASN B 419 -3.99 23.69 17.90
C ASN B 419 -2.90 22.63 18.06
N GLY B 420 -2.65 21.86 17.00
CA GLY B 420 -1.60 20.86 17.06
C GLY B 420 -0.21 21.46 17.14
N ILE B 421 0.01 22.58 16.44
CA ILE B 421 1.33 23.21 16.49
C ILE B 421 1.61 23.73 17.89
N GLN B 422 0.62 24.41 18.50
CA GLN B 422 0.78 24.84 19.89
C GLN B 422 1.02 23.64 20.81
N LEU B 423 0.24 22.58 20.64
CA LEU B 423 0.39 21.39 21.47
C LEU B 423 1.78 20.78 21.33
N HIS B 424 2.34 20.83 20.12
CA HIS B 424 3.65 20.23 19.90
C HIS B 424 4.72 20.95 20.73
N GLY B 425 4.67 22.27 20.79
CA GLY B 425 5.66 23.05 21.48
C GLY B 425 6.71 23.62 20.53
N GLY B 426 7.51 24.55 21.06
CA GLY B 426 8.57 25.22 20.33
C GLY B 426 8.12 26.33 19.40
N THR B 427 6.81 26.61 19.32
CA THR B 427 6.30 27.57 18.35
C THR B 427 5.10 28.29 18.95
N ARG B 428 4.92 29.54 18.50
CA ARG B 428 3.68 30.29 18.71
C ARG B 428 3.08 30.54 17.33
N ILE B 429 1.82 30.14 17.13
CA ILE B 429 1.21 30.23 15.81
C ILE B 429 0.14 31.32 15.77
N TYR B 430 -0.04 31.87 14.57
CA TYR B 430 -1.19 32.70 14.29
C TYR B 430 -1.83 32.18 13.02
N GLY B 431 -3.11 32.48 12.87
CA GLY B 431 -3.87 32.05 11.73
C GLY B 431 -4.87 33.12 11.36
N GLY B 432 -5.00 33.40 10.07
CA GLY B 432 -5.81 34.51 9.60
C GLY B 432 -6.95 34.04 8.73
N THR B 433 -8.14 34.57 9.01
CA THR B 433 -9.30 34.43 8.13
C THR B 433 -10.21 35.60 8.44
N PHE B 434 -11.24 35.79 7.63
CA PHE B 434 -12.21 36.84 7.95
C PHE B 434 -12.98 36.46 9.20
N PHE B 435 -13.50 37.48 9.90
CA PHE B 435 -14.25 37.22 11.12
C PHE B 435 -15.53 36.41 10.83
N VAL B 436 -16.16 36.64 9.68
CA VAL B 436 -17.41 35.95 9.40
C VAL B 436 -17.18 34.45 9.23
N PHE B 437 -15.96 34.06 8.83
CA PHE B 437 -15.64 32.66 8.65
C PHE B 437 -15.03 32.04 9.91
N VAL B 438 -15.17 32.70 11.06
CA VAL B 438 -14.92 32.00 12.31
C VAL B 438 -15.89 30.83 12.41
N ASP B 439 -17.06 30.97 11.77
CA ASP B 439 -18.05 29.91 11.76
C ASP B 439 -17.43 28.60 11.24
N TYR B 440 -16.60 28.71 10.20
CA TYR B 440 -15.99 27.52 9.61
C TYR B 440 -15.02 26.85 10.58
N LEU B 441 -14.26 27.63 11.34
CA LEU B 441 -13.27 27.06 12.25
C LEU B 441 -13.75 26.99 13.70
N ARG B 442 -15.05 27.18 13.95
CA ARG B 442 -15.54 27.24 15.33
C ARG B 442 -15.23 26.00 16.14
N PRO B 443 -15.43 24.76 15.66
CA PRO B 443 -15.17 23.61 16.53
C PRO B 443 -13.74 23.56 17.04
N ALA B 444 -12.79 23.97 16.20
CA ALA B 444 -11.41 24.01 16.63
C ALA B 444 -11.15 25.13 17.64
N VAL B 445 -11.90 26.24 17.57
CA VAL B 445 -11.79 27.23 18.63
C VAL B 445 -12.28 26.64 19.95
N ARG B 446 -13.36 25.87 19.90
CA ARG B 446 -13.86 25.23 21.11
C ARG B 446 -12.86 24.21 21.64
N LEU B 447 -12.18 23.49 20.74
CA LEU B 447 -11.14 22.57 21.19
C LEU B 447 -10.00 23.34 21.82
N ALA B 448 -9.67 24.50 21.27
CA ALA B 448 -8.59 25.31 21.83
C ALA B 448 -8.95 25.83 23.21
N ALA B 449 -10.21 26.20 23.41
CA ALA B 449 -10.66 26.63 24.72
C ALA B 449 -10.50 25.50 25.74
N ILE B 450 -10.98 24.30 25.42
CA ILE B 450 -10.88 23.17 26.32
C ILE B 450 -9.42 22.80 26.55
N GLN B 451 -8.63 22.78 25.48
CA GLN B 451 -7.24 22.38 25.56
C GLN B 451 -6.34 23.47 26.14
N HIS B 452 -6.87 24.64 26.43
CA HIS B 452 -6.09 25.76 26.95
C HIS B 452 -4.84 25.99 26.10
N THR B 453 -5.04 26.13 24.80
CA THR B 453 -3.92 26.28 23.88
C THR B 453 -3.79 27.75 23.49
N PRO B 454 -2.58 28.35 23.67
CA PRO B 454 -2.37 29.78 23.38
C PRO B 454 -2.22 30.04 21.88
N VAL B 455 -3.21 29.59 21.15
CA VAL B 455 -3.39 29.88 19.74
C VAL B 455 -3.77 31.35 19.58
N VAL B 456 -3.26 32.01 18.54
CA VAL B 456 -3.72 33.34 18.18
C VAL B 456 -4.48 33.25 16.86
N TYR B 457 -5.69 33.80 16.83
CA TYR B 457 -6.51 33.93 15.63
C TYR B 457 -6.45 35.39 15.19
N VAL B 458 -5.98 35.63 13.97
CA VAL B 458 -6.01 36.96 13.39
C VAL B 458 -7.21 36.99 12.46
N LEU B 459 -8.36 37.39 12.99
CA LEU B 459 -9.61 37.43 12.24
C LEU B 459 -9.96 38.87 11.92
N THR B 460 -9.97 39.22 10.64
CA THR B 460 -10.14 40.59 10.18
C THR B 460 -11.53 40.77 9.58
N HIS B 461 -11.79 41.98 9.07
CA HIS B 461 -13.06 42.31 8.42
C HIS B 461 -14.24 42.11 9.38
N ASP B 462 -14.23 42.95 10.42
CA ASP B 462 -15.02 42.72 11.63
C ASP B 462 -16.49 43.07 11.50
N SER B 463 -16.90 43.85 10.50
CA SER B 463 -18.23 44.47 10.58
C SER B 463 -18.79 44.74 9.18
N VAL B 464 -19.97 45.37 9.17
CA VAL B 464 -20.61 45.80 7.93
C VAL B 464 -19.77 46.78 7.13
N ALA B 465 -18.73 47.36 7.73
CA ALA B 465 -17.87 48.28 7.01
C ALA B 465 -17.17 47.62 5.82
N VAL B 466 -17.10 46.28 5.78
CA VAL B 466 -16.58 45.59 4.60
C VAL B 466 -17.38 46.01 3.39
N GLY B 467 -18.69 46.01 3.53
CA GLY B 467 -19.54 46.68 2.58
C GLY B 467 -19.98 45.91 1.36
N GLU B 468 -19.27 46.12 0.24
CA GLU B 468 -19.74 45.65 -1.06
C GLU B 468 -19.86 44.12 -1.12
N ASP B 469 -19.06 43.40 -0.35
CA ASP B 469 -19.17 41.94 -0.37
C ASP B 469 -20.50 41.48 0.18
N GLY B 470 -21.06 42.19 1.16
CA GLY B 470 -22.43 42.03 1.54
C GLY B 470 -22.70 41.12 2.72
N PRO B 471 -23.96 40.73 2.90
CA PRO B 471 -24.35 40.07 4.17
C PRO B 471 -23.54 38.83 4.49
N THR B 472 -23.20 38.02 3.49
CA THR B 472 -22.48 36.78 3.72
C THR B 472 -21.09 37.01 4.28
N HIS B 473 -20.48 38.17 3.98
CA HIS B 473 -19.11 38.48 4.37
C HIS B 473 -19.04 39.53 5.47
N GLU B 474 -20.18 39.88 6.06
CA GLU B 474 -20.21 40.93 7.08
C GLU B 474 -20.62 40.33 8.42
N PRO B 475 -19.73 40.29 9.40
CA PRO B 475 -20.06 39.66 10.69
C PRO B 475 -21.05 40.53 11.46
N ILE B 476 -22.07 39.88 12.01
CA ILE B 476 -23.00 40.52 12.94
C ILE B 476 -23.02 39.78 14.28
N GLU B 477 -23.34 38.49 14.26
CA GLU B 477 -23.45 37.69 15.47
C GLU B 477 -22.13 37.08 15.91
N GLN B 478 -21.07 37.20 15.11
CA GLN B 478 -19.85 36.44 15.36
C GLN B 478 -19.16 36.91 16.65
N LEU B 479 -19.19 38.21 16.94
CA LEU B 479 -18.63 38.70 18.20
C LEU B 479 -19.34 38.09 19.41
N ALA B 480 -20.66 37.98 19.35
CA ALA B 480 -21.37 37.31 20.45
C ALA B 480 -21.09 35.82 20.47
N SER B 481 -20.93 35.19 19.30
CA SER B 481 -20.78 33.74 19.25
C SER B 481 -19.49 33.30 19.94
N VAL B 482 -18.46 34.15 19.91
CA VAL B 482 -17.23 33.78 20.59
C VAL B 482 -17.29 34.16 22.08
N ARG B 483 -18.02 35.24 22.41
CA ARG B 483 -18.02 35.73 23.79
C ARG B 483 -18.72 34.76 24.75
N CYS B 484 -19.75 34.06 24.28
CA CYS B 484 -20.38 33.08 25.15
C CYS B 484 -19.48 31.89 25.41
N MET B 485 -18.48 31.67 24.56
CA MET B 485 -17.66 30.48 24.68
C MET B 485 -16.73 30.57 25.89
N PRO B 486 -16.78 29.59 26.80
CA PRO B 486 -15.84 29.59 27.91
C PRO B 486 -14.43 29.32 27.38
N GLY B 487 -13.45 30.05 27.89
CA GLY B 487 -12.05 29.76 27.65
C GLY B 487 -11.40 30.50 26.51
N VAL B 488 -12.11 31.41 25.84
CA VAL B 488 -11.57 32.14 24.71
C VAL B 488 -11.43 33.61 25.09
N GLN B 489 -10.28 34.19 24.77
CA GLN B 489 -10.03 35.61 24.93
C GLN B 489 -10.30 36.28 23.59
N VAL B 490 -11.33 37.11 23.53
CA VAL B 490 -11.74 37.79 22.31
C VAL B 490 -11.55 39.29 22.51
N ILE B 491 -10.65 39.87 21.72
CA ILE B 491 -10.28 41.27 21.81
C ILE B 491 -10.56 41.92 20.47
N ARG B 492 -11.36 42.98 20.48
CA ARG B 492 -11.53 43.80 19.28
C ARG B 492 -10.78 45.11 19.49
N PRO B 493 -9.59 45.27 18.91
CA PRO B 493 -8.85 46.52 19.10
C PRO B 493 -9.58 47.70 18.45
N ALA B 494 -9.54 48.83 19.14
CA ALA B 494 -10.26 50.04 18.72
C ALA B 494 -9.39 51.04 17.97
N ASP B 495 -8.06 50.88 18.02
CA ASP B 495 -7.09 51.60 17.20
C ASP B 495 -5.80 50.79 17.14
N GLY B 496 -4.84 51.32 16.37
CA GLY B 496 -3.55 50.68 16.27
C GLY B 496 -2.91 50.41 17.63
N ASN B 497 -2.91 51.40 18.50
CA ASN B 497 -2.28 51.24 19.81
C ASN B 497 -2.94 50.12 20.59
N GLU B 498 -4.28 50.08 20.55
CA GLU B 498 -5.01 48.96 21.14
C GLU B 498 -4.67 47.65 20.44
N THR B 499 -4.40 47.70 19.13
CA THR B 499 -4.06 46.49 18.40
C THR B 499 -2.72 45.94 18.86
N ARG B 500 -1.68 46.77 18.89
CA ARG B 500 -0.39 46.34 19.42
C ARG B 500 -0.55 45.66 20.76
N ALA B 501 -1.26 46.34 21.67
CA ALA B 501 -1.41 45.82 23.01
C ALA B 501 -2.22 44.53 23.04
N ALA B 502 -3.20 44.38 22.13
CA ALA B 502 -3.92 43.12 22.05
C ALA B 502 -2.99 41.96 21.68
N TRP B 503 -2.13 42.16 20.69
CA TRP B 503 -1.10 41.17 20.35
C TRP B 503 -0.25 40.85 21.56
N LYS B 504 0.02 41.85 22.40
CA LYS B 504 0.84 41.61 23.59
C LYS B 504 0.11 40.73 24.60
N VAL B 505 -1.21 40.89 24.72
CA VAL B 505 -1.98 39.95 25.53
C VAL B 505 -1.83 38.55 24.98
N ALA B 506 -1.99 38.39 23.67
CA ALA B 506 -1.91 37.08 23.06
C ALA B 506 -0.52 36.48 23.23
N MET B 507 0.53 37.28 23.10
CA MET B 507 1.87 36.74 23.28
C MET B 507 2.08 36.29 24.72
N GLU B 508 1.57 37.06 25.68
CA GLU B 508 1.71 36.76 27.09
C GLU B 508 0.65 35.81 27.61
N THR B 509 -0.25 35.33 26.75
CA THR B 509 -1.25 34.36 27.16
C THR B 509 -0.69 32.95 26.95
N THR B 510 -0.87 32.10 27.96
CA THR B 510 -0.29 30.77 27.96
C THR B 510 -1.31 29.65 28.06
N ASP B 511 -2.59 29.96 28.33
CA ASP B 511 -3.59 28.94 28.62
C ASP B 511 -4.92 29.20 27.94
N ALA B 512 -4.97 30.01 26.88
CA ALA B 512 -6.27 30.31 26.29
C ALA B 512 -6.10 30.74 24.84
N PRO B 513 -7.01 30.32 23.98
CA PRO B 513 -7.02 30.85 22.61
C PRO B 513 -7.35 32.33 22.65
N THR B 514 -6.69 33.09 21.81
CA THR B 514 -6.96 34.53 21.71
C THR B 514 -7.43 34.84 20.30
N ILE B 515 -8.60 35.45 20.20
CA ILE B 515 -9.17 35.89 18.94
C ILE B 515 -8.99 37.39 18.85
N LEU B 516 -8.40 37.84 17.76
CA LEU B 516 -8.21 39.26 17.49
C LEU B 516 -9.21 39.66 16.43
N VAL B 517 -10.11 40.59 16.77
CA VAL B 517 -11.14 41.04 15.85
C VAL B 517 -10.66 42.36 15.26
N LEU B 518 -10.26 42.32 13.99
CA LEU B 518 -9.62 43.45 13.33
C LEU B 518 -10.49 43.95 12.19
N SER B 519 -10.23 45.20 11.80
CA SER B 519 -11.10 45.95 10.91
C SER B 519 -10.42 46.17 9.57
N ARG B 520 -11.18 45.99 8.49
CA ARG B 520 -10.77 46.49 7.18
C ARG B 520 -10.78 48.01 7.15
N GLN B 521 -11.82 48.62 7.69
CA GLN B 521 -11.92 50.07 7.70
C GLN B 521 -10.76 50.71 8.45
N ASN B 522 -10.35 51.90 7.99
CA ASN B 522 -9.27 52.61 8.64
C ASN B 522 -9.72 53.11 10.02
N LEU B 523 -8.87 52.94 11.03
CA LEU B 523 -9.28 53.25 12.39
C LEU B 523 -8.57 54.49 12.91
N PRO B 524 -9.31 55.56 13.17
CA PRO B 524 -8.69 56.76 13.73
C PRO B 524 -8.08 56.45 15.09
N VAL B 525 -6.91 57.04 15.37
CA VAL B 525 -6.30 56.86 16.67
C VAL B 525 -7.02 57.71 17.71
N LEU B 526 -7.37 57.09 18.83
CA LEU B 526 -8.18 57.69 19.87
C LEU B 526 -7.29 58.45 20.87
N PRO B 527 -7.89 59.17 21.82
CA PRO B 527 -7.10 60.12 22.63
C PRO B 527 -5.99 59.50 23.47
N SER B 528 -6.27 58.59 24.39
CA SER B 528 -5.27 58.18 25.37
C SER B 528 -4.52 56.91 24.98
N THR B 529 -4.88 56.30 23.84
CA THR B 529 -4.46 54.93 23.54
C THR B 529 -2.94 54.82 23.40
N LYS B 530 -2.28 55.81 22.81
CA LYS B 530 -0.83 55.74 22.73
C LYS B 530 -0.22 55.50 24.11
N GLU B 531 -0.64 56.29 25.09
CA GLU B 531 -0.02 56.25 26.41
C GLU B 531 -0.53 55.09 27.26
N VAL B 532 -1.85 54.86 27.33
CA VAL B 532 -2.37 53.93 28.34
C VAL B 532 -2.72 52.54 27.81
N ALA B 533 -2.67 52.31 26.49
CA ALA B 533 -3.25 51.08 25.95
C ALA B 533 -2.52 49.84 26.48
N ASP B 534 -1.19 49.83 26.37
CA ASP B 534 -0.43 48.65 26.82
C ASP B 534 -0.81 48.24 28.23
N GLU B 535 -1.04 49.21 29.12
CA GLU B 535 -1.41 48.88 30.49
C GLU B 535 -2.90 48.51 30.60
N MET B 536 -3.78 49.17 29.85
CA MET B 536 -5.20 49.07 30.15
C MET B 536 -6.03 48.18 29.21
N VAL B 537 -5.52 47.75 28.05
CA VAL B 537 -6.35 46.85 27.26
C VAL B 537 -6.49 45.52 27.96
N LYS B 538 -5.42 45.04 28.61
CA LYS B 538 -5.42 43.79 29.35
C LYS B 538 -6.47 43.79 30.44
N LYS B 539 -6.91 44.96 30.85
CA LYS B 539 -7.98 45.11 31.81
C LYS B 539 -9.35 44.98 31.16
N GLY B 540 -9.39 44.70 29.86
CA GLY B 540 -10.64 44.47 29.15
C GLY B 540 -11.45 45.68 28.80
N ALA B 541 -11.67 46.58 29.76
CA ALA B 541 -12.40 47.81 29.54
C ALA B 541 -11.76 48.92 30.37
N TYR B 542 -11.65 50.12 29.79
CA TYR B 542 -11.05 51.24 30.48
C TYR B 542 -11.73 52.53 30.04
N VAL B 543 -11.52 53.58 30.84
CA VAL B 543 -12.07 54.90 30.55
C VAL B 543 -11.17 55.59 29.53
N LEU B 544 -11.46 55.39 28.25
CA LEU B 544 -10.69 56.04 27.20
C LEU B 544 -10.77 57.55 27.32
N SER B 545 -11.98 58.09 27.39
CA SER B 545 -12.18 59.51 27.65
C SER B 545 -13.01 59.68 28.91
N PRO B 546 -12.46 60.27 29.98
CA PRO B 546 -13.22 60.41 31.22
C PRO B 546 -14.18 61.59 31.15
N SER B 547 -15.25 61.48 31.93
CA SER B 547 -16.14 62.63 32.15
C SER B 547 -15.39 63.73 32.89
N GLN B 548 -15.89 64.96 32.73
CA GLN B 548 -15.33 66.08 33.48
C GLN B 548 -15.56 65.90 34.98
N GLY B 549 -16.74 65.43 35.37
CA GLY B 549 -17.00 65.18 36.77
C GLY B 549 -16.43 63.84 37.23
N GLU B 550 -16.32 63.70 38.56
CA GLU B 550 -15.91 62.43 39.14
C GLU B 550 -16.88 61.31 38.75
N THR B 551 -18.17 61.57 38.83
CA THR B 551 -19.17 60.59 38.46
C THR B 551 -19.83 61.03 37.16
N PRO B 552 -19.71 60.24 36.08
CA PRO B 552 -20.37 60.61 34.82
C PRO B 552 -21.88 60.55 34.96
N GLU B 553 -22.56 61.50 34.31
CA GLU B 553 -24.02 61.47 34.27
C GLU B 553 -24.51 60.28 33.45
N GLY B 554 -23.84 60.02 32.33
CA GLY B 554 -24.05 58.81 31.59
C GLY B 554 -22.71 58.20 31.23
N ILE B 555 -22.75 57.03 30.63
CA ILE B 555 -21.52 56.37 30.21
C ILE B 555 -21.75 55.62 28.91
N LEU B 556 -20.93 55.94 27.91
CA LEU B 556 -20.98 55.34 26.59
C LEU B 556 -19.96 54.21 26.52
N ILE B 557 -20.43 53.01 26.19
CA ILE B 557 -19.58 51.83 26.08
C ILE B 557 -19.47 51.48 24.60
N ALA B 558 -18.25 51.22 24.13
CA ALA B 558 -18.06 50.95 22.72
C ALA B 558 -16.83 50.07 22.54
N THR B 559 -16.88 49.26 21.48
CA THR B 559 -15.78 48.36 21.13
C THR B 559 -15.34 48.66 19.71
N GLY B 560 -14.02 48.61 19.49
CA GLY B 560 -13.50 48.59 18.14
C GLY B 560 -13.72 49.89 17.40
N SER B 561 -14.10 49.75 16.12
CA SER B 561 -14.25 50.88 15.23
C SER B 561 -15.27 51.90 15.71
N GLU B 562 -16.20 51.50 16.57
CA GLU B 562 -17.28 52.38 16.98
C GLU B 562 -16.90 53.26 18.17
N VAL B 563 -15.70 53.08 18.73
CA VAL B 563 -15.29 53.94 19.83
C VAL B 563 -15.04 55.36 19.34
N ASP B 564 -14.73 55.55 18.04
CA ASP B 564 -14.53 56.90 17.52
C ASP B 564 -15.83 57.69 17.58
N LEU B 565 -16.94 57.08 17.18
CA LEU B 565 -18.24 57.72 17.35
C LEU B 565 -18.45 58.17 18.79
N ALA B 566 -18.05 57.34 19.75
CA ALA B 566 -18.28 57.64 21.16
C ALA B 566 -17.60 58.95 21.57
N VAL B 567 -16.31 59.12 21.24
CA VAL B 567 -15.59 60.32 21.68
C VAL B 567 -16.18 61.56 21.01
N LYS B 568 -16.57 61.44 19.73
CA LYS B 568 -17.20 62.56 19.04
C LYS B 568 -18.54 62.88 19.68
N ALA B 569 -19.28 61.85 20.08
CA ALA B 569 -20.53 62.06 20.79
C ALA B 569 -20.30 62.81 22.08
N GLN B 570 -19.29 62.38 22.85
CA GLN B 570 -18.98 63.03 24.12
C GLN B 570 -18.93 64.55 23.99
N LYS B 571 -18.27 65.06 22.95
CA LYS B 571 -18.16 66.50 22.76
C LYS B 571 -19.50 67.13 22.39
N GLU B 572 -20.24 66.51 21.47
CA GLU B 572 -21.54 67.03 21.08
C GLU B 572 -22.48 67.07 22.28
N LEU B 573 -22.46 66.02 23.09
CA LEU B 573 -23.25 66.00 24.31
C LEU B 573 -22.83 67.12 25.26
N ALA B 574 -21.53 67.41 25.31
CA ALA B 574 -21.04 68.48 26.18
C ALA B 574 -21.57 69.84 25.74
N GLU B 575 -21.62 70.09 24.42
CA GLU B 575 -22.12 71.37 23.91
C GLU B 575 -23.56 71.62 24.32
N LYS B 576 -24.37 70.56 24.43
CA LYS B 576 -25.70 70.63 24.98
C LYS B 576 -25.70 70.41 26.50
N GLY B 577 -24.52 70.39 27.11
CA GLY B 577 -24.38 70.35 28.55
C GLY B 577 -24.37 68.99 29.20
N LYS B 578 -24.24 67.92 28.43
CA LYS B 578 -24.24 66.57 28.98
C LYS B 578 -22.82 66.02 29.09
N ASP B 579 -22.49 65.46 30.26
CA ASP B 579 -21.16 64.93 30.57
C ASP B 579 -21.23 63.42 30.63
N VAL B 580 -20.46 62.76 29.76
CA VAL B 580 -20.51 61.32 29.61
C VAL B 580 -19.09 60.77 29.58
N SER B 581 -18.94 59.56 30.10
CA SER B 581 -17.67 58.85 30.06
C SER B 581 -17.67 57.92 28.86
N VAL B 582 -16.56 57.89 28.13
CA VAL B 582 -16.39 56.96 27.02
C VAL B 582 -15.46 55.86 27.48
N VAL B 583 -15.95 54.64 27.43
CA VAL B 583 -15.21 53.46 27.85
C VAL B 583 -14.92 52.63 26.62
N SER B 584 -13.64 52.31 26.41
CA SER B 584 -13.26 51.32 25.42
C SER B 584 -13.24 49.97 26.12
N MET B 585 -14.02 49.02 25.59
CA MET B 585 -14.04 47.65 26.06
C MET B 585 -13.57 46.78 24.91
N PRO B 586 -12.26 46.68 24.70
CA PRO B 586 -11.77 45.72 23.68
C PRO B 586 -12.18 44.29 23.96
N SER B 587 -12.10 43.84 25.22
CA SER B 587 -12.40 42.46 25.56
C SER B 587 -13.40 42.38 26.72
N PHE B 588 -14.50 41.66 26.49
CA PHE B 588 -15.45 41.30 27.55
C PHE B 588 -14.77 40.45 28.62
N ASP B 589 -14.03 39.43 28.20
CA ASP B 589 -13.51 38.43 29.12
C ASP B 589 -12.42 38.98 30.01
N LEU B 590 -11.50 39.77 29.43
CA LEU B 590 -10.43 40.35 30.22
C LEU B 590 -10.99 41.27 31.30
N PHE B 591 -12.08 41.98 30.98
CA PHE B 591 -12.69 42.86 31.96
C PHE B 591 -13.34 42.09 33.10
N GLU B 592 -14.00 40.97 32.79
CA GLU B 592 -14.68 40.19 33.83
C GLU B 592 -13.71 39.53 34.81
N LYS B 593 -12.48 39.26 34.38
CA LYS B 593 -11.47 38.70 35.27
C LYS B 593 -10.76 39.77 36.09
N GLN B 594 -11.28 40.99 36.09
CA GLN B 594 -10.72 42.08 36.89
C GLN B 594 -11.48 42.20 38.21
N SER B 595 -10.89 42.96 39.14
CA SER B 595 -11.48 43.17 40.45
C SER B 595 -12.80 43.92 40.35
N SER B 596 -13.63 43.78 41.39
CA SER B 596 -14.86 44.57 41.46
C SER B 596 -14.55 46.06 41.50
N GLU B 597 -13.46 46.42 42.18
CA GLU B 597 -13.06 47.83 42.22
C GLU B 597 -12.72 48.36 40.84
N TYR B 598 -11.97 47.58 40.04
CA TYR B 598 -11.66 48.03 38.70
C TYR B 598 -12.92 48.13 37.85
N LYS B 599 -13.77 47.11 37.91
CA LYS B 599 -15.01 47.16 37.16
C LYS B 599 -15.81 48.40 37.54
N GLU B 600 -15.78 48.79 38.82
CA GLU B 600 -16.47 49.98 39.28
C GLU B 600 -15.85 51.26 38.72
N SER B 601 -14.53 51.31 38.61
CA SER B 601 -13.93 52.53 38.05
C SER B 601 -14.41 52.75 36.63
N VAL B 602 -14.50 51.67 35.85
CA VAL B 602 -14.87 51.80 34.45
C VAL B 602 -16.39 51.92 34.30
N LEU B 603 -17.17 51.07 34.98
CA LEU B 603 -18.64 51.11 34.90
C LEU B 603 -19.29 51.30 36.26
N PRO B 604 -19.33 52.54 36.79
CA PRO B 604 -19.86 52.75 38.15
C PRO B 604 -21.32 52.33 38.23
N LYS B 605 -21.70 51.69 39.35
CA LYS B 605 -23.07 51.19 39.51
C LYS B 605 -24.09 52.32 39.59
N SER B 606 -23.65 53.53 39.98
CA SER B 606 -24.57 54.64 40.08
C SER B 606 -25.20 54.97 38.73
N VAL B 607 -24.40 54.93 37.66
CA VAL B 607 -24.81 55.44 36.36
C VAL B 607 -25.60 54.37 35.61
N LYS B 608 -26.92 54.55 35.54
CA LYS B 608 -27.79 53.66 34.77
C LYS B 608 -27.95 54.13 33.34
N LYS B 609 -27.46 55.33 33.00
CA LYS B 609 -27.52 55.83 31.64
C LYS B 609 -26.31 55.32 30.87
N ARG B 610 -26.45 54.10 30.37
CA ARG B 610 -25.40 53.43 29.62
C ARG B 610 -25.87 53.16 28.21
N VAL B 611 -25.12 53.67 27.23
CA VAL B 611 -25.40 53.45 25.82
C VAL B 611 -24.19 52.76 25.22
N ALA B 612 -24.43 51.69 24.48
CA ALA B 612 -23.36 50.87 23.92
C ALA B 612 -23.44 50.91 22.40
N ILE B 613 -22.33 51.24 21.75
CA ILE B 613 -22.26 51.33 20.29
C ILE B 613 -21.30 50.25 19.80
N GLU B 614 -21.86 49.25 19.12
CA GLU B 614 -21.10 48.15 18.54
C GLU B 614 -21.74 47.75 17.23
N ALA B 615 -20.92 47.58 16.20
CA ALA B 615 -21.39 47.10 14.91
C ALA B 615 -21.57 45.58 14.95
N ALA B 616 -22.43 45.13 15.86
CA ALA B 616 -22.61 43.70 16.12
C ALA B 616 -23.97 43.48 16.77
N ALA B 617 -24.22 42.22 17.14
CA ALA B 617 -25.48 41.88 17.79
C ALA B 617 -25.56 42.52 19.18
N SER B 618 -26.79 42.66 19.69
CA SER B 618 -27.04 43.20 21.02
C SER B 618 -27.00 42.14 22.09
N PHE B 619 -26.90 40.87 21.71
CA PHE B 619 -26.96 39.77 22.67
C PHE B 619 -25.86 39.92 23.72
N GLY B 620 -26.24 39.84 25.00
CA GLY B 620 -25.31 39.97 26.10
C GLY B 620 -24.88 41.38 26.45
N TRP B 621 -25.39 42.41 25.77
CA TRP B 621 -24.99 43.77 26.10
C TRP B 621 -25.67 44.29 27.36
N GLU B 622 -26.83 43.72 27.73
CA GLU B 622 -27.50 44.12 28.95
C GLU B 622 -26.66 43.82 30.19
N ARG B 623 -25.66 42.95 30.06
CA ARG B 623 -24.73 42.72 31.15
C ARG B 623 -24.06 44.01 31.59
N TYR B 624 -23.66 44.84 30.64
CA TYR B 624 -23.05 46.13 30.94
C TYR B 624 -24.02 47.29 30.74
N VAL B 625 -24.85 47.25 29.70
CA VAL B 625 -25.75 48.36 29.42
C VAL B 625 -26.88 48.39 30.44
N GLY B 626 -27.39 47.22 30.82
CA GLY B 626 -28.47 47.10 31.78
C GLY B 626 -29.82 46.93 31.12
N THR B 627 -30.80 46.50 31.93
CA THR B 627 -32.19 46.44 31.47
C THR B 627 -32.68 47.82 31.06
N GLU B 628 -32.30 48.83 31.83
CA GLU B 628 -32.72 50.20 31.58
C GLU B 628 -31.87 50.89 30.52
N GLY B 629 -30.70 50.33 30.19
CA GLY B 629 -29.79 50.99 29.29
C GLY B 629 -30.24 50.89 27.84
N ALA B 630 -29.47 51.53 26.97
CA ALA B 630 -29.75 51.54 25.54
C ALA B 630 -28.52 51.06 24.78
N THR B 631 -28.74 50.56 23.58
CA THR B 631 -27.61 50.06 22.82
C THR B 631 -27.87 50.31 21.34
N ILE B 632 -26.85 50.77 20.65
CA ILE B 632 -26.86 50.89 19.20
C ILE B 632 -26.10 49.70 18.66
N THR B 633 -26.86 48.74 18.15
CA THR B 633 -26.32 47.51 17.61
C THR B 633 -26.98 47.17 16.30
N ILE B 634 -26.50 46.09 15.70
CA ILE B 634 -27.11 45.50 14.53
C ILE B 634 -27.67 44.15 14.97
N ASP B 635 -28.99 44.04 14.94
CA ASP B 635 -29.68 42.78 15.20
C ASP B 635 -30.33 42.24 13.93
N HIS B 636 -29.76 42.60 12.78
CA HIS B 636 -30.24 42.15 11.48
C HIS B 636 -29.03 41.88 10.61
N PHE B 637 -29.27 41.33 9.42
CA PHE B 637 -28.15 41.00 8.56
C PHE B 637 -27.69 42.21 7.76
N GLY B 638 -26.59 42.03 7.03
CA GLY B 638 -25.92 43.12 6.37
C GLY B 638 -26.51 43.45 5.01
N ALA B 639 -25.77 44.28 4.28
CA ALA B 639 -26.14 44.69 2.95
C ALA B 639 -24.89 44.79 2.09
N SER B 640 -25.08 44.80 0.77
CA SER B 640 -24.00 45.08 -0.16
C SER B 640 -24.10 46.55 -0.50
N ALA B 641 -23.17 47.34 0.02
CA ALA B 641 -23.14 48.79 -0.16
C ALA B 641 -21.77 49.29 0.26
N PRO B 642 -21.35 50.48 -0.13
CA PRO B 642 -20.15 51.04 0.48
C PRO B 642 -20.29 51.01 2.00
N GLY B 643 -19.23 50.56 2.68
CA GLY B 643 -19.33 50.32 4.10
C GLY B 643 -19.72 51.56 4.88
N THR B 644 -19.17 52.70 4.49
CA THR B 644 -19.53 53.97 5.12
C THR B 644 -21.03 54.18 5.09
N LYS B 645 -21.67 53.81 3.97
CA LYS B 645 -23.12 54.00 3.86
C LYS B 645 -23.87 53.05 4.79
N ILE B 646 -23.45 51.78 4.86
CA ILE B 646 -24.16 50.81 5.70
C ILE B 646 -24.14 51.25 7.15
N LEU B 647 -22.97 51.66 7.64
CA LEU B 647 -22.86 52.17 9.01
C LEU B 647 -23.81 53.33 9.22
N GLU B 648 -23.81 54.30 8.30
CA GLU B 648 -24.69 55.45 8.40
C GLU B 648 -26.16 55.03 8.46
N GLU B 649 -26.56 54.10 7.60
CA GLU B 649 -27.94 53.65 7.58
C GLU B 649 -28.30 52.79 8.78
N PHE B 650 -27.31 52.18 9.44
CA PHE B 650 -27.58 51.29 10.56
C PHE B 650 -27.50 52.00 11.90
N GLY B 651 -27.42 53.34 11.87
CA GLY B 651 -27.48 54.15 13.07
C GLY B 651 -26.15 54.50 13.69
N PHE B 652 -25.03 54.23 13.00
CA PHE B 652 -23.71 54.50 13.56
C PHE B 652 -23.21 55.88 13.14
N THR B 653 -23.96 56.87 13.58
CA THR B 653 -23.68 58.28 13.37
C THR B 653 -23.66 58.96 14.73
N VAL B 654 -22.87 60.02 14.85
CA VAL B 654 -22.80 60.72 16.13
C VAL B 654 -24.18 61.21 16.54
N GLU B 655 -24.96 61.69 15.59
CA GLU B 655 -26.29 62.21 15.90
C GLU B 655 -27.18 61.14 16.53
N ASN B 656 -27.17 59.91 16.00
CA ASN B 656 -28.06 58.89 16.53
C ASN B 656 -27.71 58.52 17.95
N VAL B 657 -26.40 58.46 18.26
CA VAL B 657 -26.00 58.13 19.61
C VAL B 657 -26.41 59.22 20.59
N VAL B 658 -26.32 60.50 20.17
CA VAL B 658 -26.81 61.60 20.99
C VAL B 658 -28.30 61.45 21.26
N ASN B 659 -29.08 61.20 20.21
CA ASN B 659 -30.52 61.09 20.36
C ASN B 659 -30.88 59.93 21.29
N THR B 660 -30.26 58.77 21.09
CA THR B 660 -30.55 57.61 21.92
C THR B 660 -30.15 57.86 23.38
N TYR B 661 -29.00 58.51 23.60
CA TYR B 661 -28.61 58.88 24.95
C TYR B 661 -29.62 59.85 25.57
N ASN B 662 -30.05 60.84 24.80
CA ASN B 662 -30.98 61.83 25.34
C ASN B 662 -32.34 61.22 25.65
N GLN B 663 -32.82 60.32 24.78
CA GLN B 663 -34.07 59.61 25.05
C GLN B 663 -33.97 58.80 26.34
N LEU B 664 -32.87 58.05 26.51
CA LEU B 664 -32.65 57.32 27.74
C LEU B 664 -32.63 58.26 28.93
N SER B 665 -31.99 59.43 28.79
CA SER B 665 -31.94 60.39 29.88
C SER B 665 -33.33 60.79 30.34
N GLU B 666 -34.27 60.96 29.41
CA GLU B 666 -35.68 61.07 29.78
C GLU B 666 -36.07 59.84 30.59
N MET C 1 17.09 -61.78 -38.60
CA MET C 1 18.24 -62.21 -37.82
C MET C 1 17.86 -62.48 -36.38
N PHE C 2 16.56 -62.71 -36.17
CA PHE C 2 16.00 -62.88 -34.84
C PHE C 2 15.29 -64.24 -34.77
N ASP C 3 15.58 -64.99 -33.71
CA ASP C 3 14.96 -66.30 -33.49
C ASP C 3 14.58 -66.42 -32.02
N LYS C 4 14.28 -67.65 -31.59
CA LYS C 4 13.84 -67.86 -30.21
C LYS C 4 14.98 -67.65 -29.22
N ILE C 5 16.21 -68.00 -29.60
CA ILE C 5 17.35 -67.70 -28.75
C ILE C 5 17.41 -66.21 -28.47
N ASP C 6 17.20 -65.39 -29.50
CA ASP C 6 17.16 -63.95 -29.31
C ASP C 6 16.03 -63.55 -28.39
N GLN C 7 14.84 -64.09 -28.60
CA GLN C 7 13.74 -63.76 -27.71
C GLN C 7 14.06 -64.18 -26.29
N LEU C 8 14.69 -65.36 -26.15
CA LEU C 8 15.11 -65.80 -24.83
C LEU C 8 16.09 -64.79 -24.22
N GLY C 9 16.94 -64.18 -25.05
CA GLY C 9 17.81 -63.12 -24.56
C GLY C 9 17.04 -61.92 -24.04
N VAL C 10 16.02 -61.48 -24.78
CA VAL C 10 15.11 -60.47 -24.25
C VAL C 10 14.63 -60.91 -22.87
N ASN C 11 14.03 -62.10 -22.79
CA ASN C 11 13.50 -62.61 -21.54
C ASN C 11 14.60 -62.82 -20.50
N THR C 12 15.82 -63.19 -20.95
CA THR C 12 16.92 -63.35 -20.02
C THR C 12 17.21 -62.03 -19.30
N ILE C 13 17.38 -60.96 -20.08
CA ILE C 13 17.56 -59.63 -19.52
C ILE C 13 16.46 -59.32 -18.51
N ARG C 14 15.21 -59.43 -18.96
CA ARG C 14 14.08 -59.15 -18.09
C ARG C 14 14.18 -59.90 -16.78
N THR C 15 14.20 -61.23 -16.85
CA THR C 15 14.19 -62.06 -15.64
C THR C 15 15.34 -61.66 -14.71
N LEU C 16 16.56 -61.56 -15.25
CA LEU C 16 17.69 -61.12 -14.43
C LEU C 16 17.41 -59.80 -13.75
N SER C 17 16.82 -58.86 -14.49
CA SER C 17 16.54 -57.54 -13.93
C SER C 17 15.53 -57.61 -12.80
N ILE C 18 14.36 -58.22 -13.05
CA ILE C 18 13.29 -58.19 -12.06
C ILE C 18 13.63 -59.05 -10.84
N GLU C 19 14.37 -60.14 -11.02
CA GLU C 19 14.82 -60.93 -9.88
C GLU C 19 15.78 -60.12 -9.00
N ALA C 20 16.75 -59.45 -9.61
CA ALA C 20 17.65 -58.58 -8.87
C ALA C 20 16.87 -57.57 -8.03
N VAL C 21 15.83 -56.97 -8.62
CA VAL C 21 14.97 -56.05 -7.89
C VAL C 21 14.39 -56.73 -6.65
N GLN C 22 13.94 -57.97 -6.78
CA GLN C 22 13.27 -58.64 -5.66
C GLN C 22 14.24 -58.94 -4.52
N LYS C 23 15.45 -59.44 -4.84
CA LYS C 23 16.43 -59.67 -3.78
C LYS C 23 16.86 -58.36 -3.14
N ALA C 24 17.01 -57.31 -3.95
CA ALA C 24 17.24 -55.98 -3.40
C ALA C 24 16.07 -55.50 -2.56
N ASN C 25 14.86 -55.99 -2.84
CA ASN C 25 13.62 -55.54 -2.23
C ASN C 25 13.28 -54.14 -2.73
N SER C 26 14.17 -53.55 -3.53
CA SER C 26 13.99 -52.23 -4.11
C SER C 26 14.37 -52.25 -5.58
N GLY C 27 13.82 -51.31 -6.33
CA GLY C 27 14.12 -51.20 -7.75
C GLY C 27 12.86 -50.92 -8.54
N HIS C 28 13.09 -50.64 -9.83
CA HIS C 28 12.05 -50.33 -10.79
C HIS C 28 12.09 -51.43 -11.85
N PRO C 29 11.06 -52.29 -11.95
CA PRO C 29 11.15 -53.39 -12.92
C PRO C 29 10.32 -53.19 -14.18
N GLY C 30 9.33 -52.29 -14.16
CA GLY C 30 8.44 -52.14 -15.30
C GLY C 30 9.15 -51.77 -16.60
N LEU C 31 10.04 -50.79 -16.54
CA LEU C 31 10.81 -50.43 -17.72
C LEU C 31 11.72 -51.55 -18.19
N PRO C 32 12.50 -52.22 -17.34
CA PRO C 32 13.27 -53.36 -17.85
C PRO C 32 12.44 -54.40 -18.59
N MET C 33 11.20 -54.65 -18.17
CA MET C 33 10.38 -55.61 -18.89
C MET C 33 9.94 -55.07 -20.25
N GLY C 34 9.58 -53.78 -20.32
CA GLY C 34 9.19 -53.21 -21.60
C GLY C 34 10.34 -52.84 -22.51
N ALA C 35 11.45 -52.38 -21.93
CA ALA C 35 12.57 -51.89 -22.73
C ALA C 35 13.61 -52.95 -23.07
N ALA C 36 13.50 -54.15 -22.51
CA ALA C 36 14.47 -55.20 -22.83
C ALA C 36 14.45 -55.60 -24.31
N PRO C 37 13.29 -55.74 -24.97
CA PRO C 37 13.35 -55.97 -26.42
C PRO C 37 14.21 -54.95 -27.15
N MET C 38 13.94 -53.65 -26.97
CA MET C 38 14.68 -52.64 -27.70
C MET C 38 16.15 -52.64 -27.29
N ALA C 39 16.43 -52.84 -26.00
CA ALA C 39 17.81 -52.91 -25.55
C ALA C 39 18.54 -54.07 -26.22
N TYR C 40 17.90 -55.24 -26.28
CA TYR C 40 18.48 -56.41 -26.92
C TYR C 40 18.79 -56.15 -28.39
N ALA C 41 17.79 -55.70 -29.15
CA ALA C 41 18.01 -55.40 -30.57
C ALA C 41 19.20 -54.48 -30.77
N LEU C 42 19.22 -53.36 -30.07
CA LEU C 42 20.32 -52.40 -30.21
C LEU C 42 21.65 -53.03 -29.85
N TRP C 43 21.74 -53.64 -28.66
CA TRP C 43 23.01 -54.13 -28.15
C TRP C 43 23.56 -55.27 -29.01
N THR C 44 22.71 -56.23 -29.37
CA THR C 44 23.21 -57.43 -30.04
C THR C 44 23.57 -57.16 -31.50
N LYS C 45 22.77 -56.34 -32.19
CA LYS C 45 23.00 -56.16 -33.62
C LYS C 45 23.61 -54.81 -34.00
N HIS C 46 23.16 -53.71 -33.41
CA HIS C 46 23.54 -52.37 -33.86
C HIS C 46 24.48 -51.62 -32.94
N LEU C 47 24.91 -52.19 -31.82
CA LEU C 47 25.76 -51.48 -30.89
C LEU C 47 27.18 -51.99 -31.02
N LYS C 48 28.12 -51.05 -31.14
CA LYS C 48 29.53 -51.34 -31.40
C LYS C 48 30.34 -50.99 -30.16
N VAL C 49 30.71 -52.01 -29.39
CA VAL C 49 31.67 -51.84 -28.31
C VAL C 49 32.40 -53.16 -28.16
N ASN C 50 33.67 -53.09 -27.75
CA ASN C 50 34.37 -54.29 -27.33
C ASN C 50 34.23 -54.40 -25.82
N PRO C 51 33.44 -55.34 -25.30
CA PRO C 51 33.32 -55.45 -23.84
C PRO C 51 34.64 -55.64 -23.14
N THR C 52 35.54 -56.45 -23.70
CA THR C 52 36.83 -56.73 -23.07
C THR C 52 37.63 -55.44 -22.84
N THR C 53 37.51 -54.46 -23.74
CA THR C 53 38.31 -53.24 -23.62
C THR C 53 37.82 -52.37 -22.47
N SER C 54 36.50 -52.33 -22.23
CA SER C 54 35.89 -51.70 -21.07
C SER C 54 36.26 -50.21 -20.98
N LYS C 55 35.63 -49.43 -21.87
CA LYS C 55 35.70 -47.97 -21.88
C LYS C 55 37.09 -47.41 -22.17
N ASN C 56 38.01 -48.20 -22.72
CA ASN C 56 39.30 -47.70 -23.15
C ASN C 56 39.39 -47.61 -24.66
N TRP C 57 38.27 -47.84 -25.36
CA TRP C 57 38.22 -47.79 -26.82
C TRP C 57 37.55 -46.50 -27.26
N ALA C 58 38.28 -45.68 -28.01
CA ALA C 58 37.78 -44.36 -28.35
C ALA C 58 36.59 -44.42 -29.31
N ASP C 59 36.65 -45.30 -30.30
CA ASP C 59 35.58 -45.37 -31.30
C ASP C 59 34.43 -46.27 -30.88
N ARG C 60 34.34 -46.64 -29.60
CA ARG C 60 33.16 -47.36 -29.16
C ARG C 60 31.92 -46.50 -29.31
N ASP C 61 30.88 -47.11 -29.89
CA ASP C 61 29.56 -46.52 -29.84
C ASP C 61 29.19 -46.35 -28.37
N ARG C 62 28.78 -45.14 -27.98
CA ARG C 62 28.53 -44.82 -26.57
C ARG C 62 27.03 -44.85 -26.26
N PHE C 63 26.66 -45.55 -25.19
CA PHE C 63 25.27 -45.73 -24.79
C PHE C 63 25.06 -45.13 -23.41
N VAL C 64 23.98 -44.35 -23.27
CA VAL C 64 23.60 -43.74 -22.01
C VAL C 64 22.16 -44.14 -21.73
N LEU C 65 21.87 -44.52 -20.49
CA LEU C 65 20.51 -44.86 -20.08
C LEU C 65 19.97 -43.69 -19.25
N SER C 66 19.41 -42.70 -19.94
CA SER C 66 18.86 -41.54 -19.25
C SER C 66 17.77 -41.94 -18.26
N ALA C 67 17.01 -42.99 -18.57
CA ALA C 67 16.06 -43.55 -17.61
C ALA C 67 16.80 -44.49 -16.65
N GLY C 68 17.65 -43.88 -15.82
CA GLY C 68 18.45 -44.58 -14.85
C GLY C 68 17.67 -45.45 -13.89
N HIS C 69 16.37 -45.21 -13.71
CA HIS C 69 15.59 -46.08 -12.84
C HIS C 69 15.59 -47.51 -13.36
N GLY C 70 15.72 -47.68 -14.68
CA GLY C 70 15.92 -48.99 -15.26
C GLY C 70 17.37 -49.47 -15.21
N SER C 71 18.04 -49.19 -14.09
CA SER C 71 19.44 -49.58 -13.95
C SER C 71 19.62 -51.10 -14.02
N ALA C 72 18.66 -51.85 -13.52
CA ALA C 72 18.77 -53.30 -13.51
C ALA C 72 18.89 -53.86 -14.93
N MET C 73 18.08 -53.35 -15.86
CA MET C 73 18.20 -53.76 -17.25
C MET C 73 19.59 -53.50 -17.80
N LEU C 74 20.14 -52.31 -17.52
CA LEU C 74 21.53 -52.08 -17.88
C LEU C 74 22.42 -53.19 -17.30
N TYR C 75 22.45 -53.31 -15.97
CA TYR C 75 23.34 -54.30 -15.32
C TYR C 75 23.19 -55.71 -15.89
N SER C 76 21.94 -56.19 -16.04
CA SER C 76 21.70 -57.46 -16.73
C SER C 76 22.42 -57.48 -18.07
N LEU C 77 22.17 -56.46 -18.90
CA LEU C 77 22.87 -56.31 -20.17
C LEU C 77 24.39 -56.34 -20.01
N LEU C 78 24.95 -55.62 -19.04
CA LEU C 78 26.41 -55.59 -18.96
C LEU C 78 27.00 -56.95 -18.59
N HIS C 79 26.33 -57.69 -17.68
CA HIS C 79 26.86 -59.00 -17.32
C HIS C 79 26.81 -59.96 -18.51
N LEU C 80 25.64 -60.08 -19.13
CA LEU C 80 25.51 -60.85 -20.36
C LEU C 80 26.56 -60.45 -21.37
N ALA C 81 26.85 -59.15 -21.43
CA ALA C 81 27.79 -58.64 -22.41
C ALA C 81 29.20 -59.18 -22.19
N GLY C 82 29.51 -59.61 -20.98
CA GLY C 82 30.87 -59.85 -20.58
C GLY C 82 31.57 -58.67 -19.95
N TYR C 83 30.83 -57.72 -19.37
CA TYR C 83 31.39 -56.68 -18.53
C TYR C 83 31.61 -57.24 -17.13
N GLN C 84 32.39 -56.53 -16.32
CA GLN C 84 32.78 -57.05 -15.01
C GLN C 84 31.68 -56.82 -13.97
N VAL C 85 30.52 -57.37 -14.29
CA VAL C 85 29.40 -57.45 -13.38
C VAL C 85 29.05 -58.94 -13.29
N THR C 86 29.16 -59.51 -12.10
CA THR C 86 28.89 -60.94 -11.92
C THR C 86 27.43 -61.13 -11.51
N ILE C 87 26.97 -62.37 -11.64
CA ILE C 87 25.61 -62.72 -11.22
C ILE C 87 25.45 -62.49 -9.72
N ASP C 88 26.52 -62.67 -8.95
CA ASP C 88 26.48 -62.32 -7.54
C ASP C 88 26.32 -60.82 -7.34
N ASP C 89 27.07 -60.02 -8.10
CA ASP C 89 26.88 -58.57 -8.09
C ASP C 89 25.44 -58.22 -8.45
N LEU C 90 24.91 -58.87 -9.49
CA LEU C 90 23.53 -58.66 -9.88
C LEU C 90 22.57 -58.91 -8.71
N LYS C 91 22.80 -59.99 -7.96
CA LYS C 91 21.96 -60.30 -6.80
C LYS C 91 22.00 -59.17 -5.77
N GLN C 92 23.21 -58.72 -5.44
CA GLN C 92 23.43 -57.62 -4.51
C GLN C 92 23.21 -56.31 -5.25
N PHE C 93 21.94 -56.04 -5.55
CA PHE C 93 21.51 -54.85 -6.26
C PHE C 93 21.02 -53.86 -5.22
N ARG C 94 21.47 -52.62 -5.34
CA ARG C 94 21.04 -51.54 -4.45
C ARG C 94 21.44 -51.82 -3.01
N GLN C 95 22.63 -52.41 -2.83
CA GLN C 95 23.11 -52.79 -1.52
C GLN C 95 24.47 -52.14 -1.26
N TRP C 96 24.90 -52.19 0.01
CA TRP C 96 26.09 -51.45 0.44
C TRP C 96 27.35 -51.93 -0.27
N ASP C 97 28.14 -50.97 -0.75
CA ASP C 97 29.40 -51.23 -1.48
C ASP C 97 29.21 -52.23 -2.62
N SER C 98 28.06 -52.16 -3.28
CA SER C 98 27.75 -53.09 -4.37
C SER C 98 28.17 -52.48 -5.70
N LYS C 99 28.78 -53.30 -6.54
CA LYS C 99 29.16 -52.85 -7.87
C LYS C 99 27.95 -52.45 -8.69
N THR C 100 26.76 -52.95 -8.33
CA THR C 100 25.52 -52.61 -9.00
C THR C 100 24.65 -51.73 -8.10
N PRO C 101 24.69 -50.39 -8.26
CA PRO C 101 23.85 -49.52 -7.41
C PRO C 101 22.49 -49.25 -8.03
N GLY C 102 21.63 -48.52 -7.30
CA GLY C 102 20.25 -48.38 -7.69
C GLY C 102 20.04 -47.56 -8.94
N HIS C 103 20.89 -46.57 -9.17
CA HIS C 103 20.89 -45.81 -10.41
C HIS C 103 22.28 -45.87 -11.00
N PRO C 104 22.39 -45.92 -12.33
CA PRO C 104 23.70 -46.16 -12.95
C PRO C 104 24.72 -45.13 -12.49
N GLU C 105 25.91 -45.61 -12.15
CA GLU C 105 26.99 -44.75 -11.70
C GLU C 105 28.22 -45.04 -12.54
N VAL C 106 28.72 -44.02 -13.25
CA VAL C 106 29.99 -44.14 -13.93
C VAL C 106 31.08 -44.31 -12.88
N HIS C 107 32.18 -44.94 -13.27
CA HIS C 107 33.36 -45.18 -12.45
C HIS C 107 33.07 -46.11 -11.28
N HIS C 108 31.84 -46.60 -11.16
CA HIS C 108 31.46 -47.59 -10.17
C HIS C 108 31.10 -48.93 -10.80
N THR C 109 30.69 -48.91 -12.07
CA THR C 109 30.32 -50.12 -12.80
C THR C 109 31.09 -50.11 -14.11
N ASP C 110 31.73 -51.23 -14.43
CA ASP C 110 32.39 -51.36 -15.72
C ASP C 110 31.36 -51.26 -16.83
N GLY C 111 31.60 -50.42 -17.83
CA GLY C 111 30.73 -50.29 -18.99
C GLY C 111 29.63 -49.26 -18.88
N VAL C 112 29.56 -48.50 -17.79
CA VAL C 112 28.58 -47.44 -17.63
C VAL C 112 29.23 -46.12 -18.01
N GLU C 113 28.66 -45.45 -19.01
CA GLU C 113 29.27 -44.22 -19.54
C GLU C 113 28.90 -42.99 -18.74
N ALA C 114 27.78 -43.03 -18.01
CA ALA C 114 27.30 -41.83 -17.32
C ALA C 114 26.42 -42.22 -16.14
N THR C 115 26.42 -41.34 -15.14
CA THR C 115 25.51 -41.44 -14.00
C THR C 115 24.21 -40.76 -14.37
N THR C 116 23.10 -41.52 -14.42
CA THR C 116 21.90 -41.05 -15.11
C THR C 116 20.63 -41.07 -14.25
N GLY C 117 20.75 -40.90 -12.93
CA GLY C 117 19.59 -40.83 -12.04
C GLY C 117 18.58 -39.75 -12.42
N PRO C 118 19.02 -38.50 -12.41
CA PRO C 118 18.10 -37.40 -12.71
C PRO C 118 17.65 -37.41 -14.15
N LEU C 119 16.36 -37.16 -14.37
CA LEU C 119 15.79 -37.35 -15.70
C LEU C 119 16.16 -36.22 -16.66
N GLY C 120 16.35 -36.59 -17.93
CA GLY C 120 16.65 -35.65 -18.99
C GLY C 120 18.12 -35.28 -19.12
N GLN C 121 18.89 -35.42 -18.04
CA GLN C 121 20.31 -35.10 -18.09
C GLN C 121 21.07 -36.08 -18.98
N GLY C 122 20.61 -37.32 -19.05
CA GLY C 122 21.30 -38.33 -19.85
C GLY C 122 21.24 -38.04 -21.34
N ILE C 123 20.04 -37.77 -21.86
CA ILE C 123 19.91 -37.28 -23.24
C ILE C 123 20.93 -36.18 -23.47
N ALA C 124 20.88 -35.15 -22.62
CA ALA C 124 21.71 -33.98 -22.84
C ALA C 124 23.20 -34.35 -22.78
N MET C 125 23.58 -35.23 -21.85
CA MET C 125 24.94 -35.76 -21.87
C MET C 125 25.21 -36.51 -23.16
N ALA C 126 24.20 -37.23 -23.67
CA ALA C 126 24.35 -37.89 -24.95
C ALA C 126 24.52 -36.89 -26.09
N VAL C 127 23.73 -35.80 -26.08
CA VAL C 127 23.91 -34.74 -27.07
C VAL C 127 25.35 -34.24 -27.05
N GLY C 128 25.90 -34.06 -25.84
CA GLY C 128 27.29 -33.65 -25.76
C GLY C 128 28.24 -34.71 -26.31
N MET C 129 27.92 -35.98 -26.08
CA MET C 129 28.77 -37.06 -26.57
C MET C 129 28.78 -37.09 -28.10
N ALA C 130 27.63 -36.87 -28.73
CA ALA C 130 27.59 -36.81 -30.19
C ALA C 130 28.37 -35.61 -30.71
N MET C 131 28.27 -34.48 -30.01
CA MET C 131 29.07 -33.30 -30.34
C MET C 131 30.56 -33.63 -30.34
N ALA C 132 31.02 -34.34 -29.30
CA ALA C 132 32.43 -34.70 -29.23
C ALA C 132 32.82 -35.59 -30.39
N GLU C 133 31.98 -36.56 -30.74
CA GLU C 133 32.25 -37.39 -31.91
C GLU C 133 32.46 -36.53 -33.15
N ALA C 134 31.55 -35.59 -33.41
CA ALA C 134 31.65 -34.74 -34.58
C ALA C 134 32.91 -33.88 -34.54
N HIS C 135 33.15 -33.20 -33.42
CA HIS C 135 34.34 -32.35 -33.31
C HIS C 135 35.62 -33.16 -33.53
N LEU C 136 35.73 -34.31 -32.88
CA LEU C 136 36.95 -35.10 -32.99
C LEU C 136 37.07 -35.76 -34.37
N ALA C 137 35.95 -36.14 -34.98
CA ALA C 137 36.00 -36.68 -36.33
C ALA C 137 36.58 -35.66 -37.32
N ALA C 138 36.04 -34.45 -37.32
CA ALA C 138 36.58 -33.42 -38.21
C ALA C 138 38.02 -33.07 -37.84
N THR C 139 38.36 -33.07 -36.55
CA THR C 139 39.70 -32.68 -36.13
C THR C 139 40.74 -33.71 -36.54
N TYR C 140 40.41 -35.01 -36.50
CA TYR C 140 41.40 -36.05 -36.70
C TYR C 140 41.23 -36.91 -37.95
N ASN C 141 40.01 -37.21 -38.37
CA ASN C 141 39.85 -38.11 -39.51
C ASN C 141 40.46 -37.50 -40.77
N LYS C 142 41.13 -38.34 -41.55
CA LYS C 142 41.71 -37.98 -42.84
C LYS C 142 41.22 -39.01 -43.84
N GLU C 143 41.42 -38.74 -45.14
CA GLU C 143 40.83 -39.61 -46.16
C GLU C 143 41.30 -41.06 -45.98
N ASN C 144 40.33 -41.98 -46.00
CA ASN C 144 40.49 -43.42 -45.80
C ASN C 144 40.98 -43.77 -44.40
N PHE C 145 40.99 -42.81 -43.49
CA PHE C 145 41.25 -43.05 -42.07
C PHE C 145 40.06 -42.53 -41.30
N ASN C 146 39.51 -43.37 -40.44
CA ASN C 146 38.25 -43.08 -39.81
C ASN C 146 38.43 -43.28 -38.31
N VAL C 147 39.24 -42.41 -37.70
CA VAL C 147 39.55 -42.53 -36.29
C VAL C 147 38.30 -42.39 -35.44
N MET C 148 37.31 -41.60 -35.89
CA MET C 148 36.06 -41.41 -35.17
C MET C 148 34.88 -41.64 -36.09
N ASP C 149 34.25 -42.81 -35.97
CA ASP C 149 32.99 -43.12 -36.64
C ASP C 149 32.17 -43.95 -35.67
N HIS C 150 31.71 -43.32 -34.60
CA HIS C 150 30.85 -44.03 -33.68
C HIS C 150 29.55 -43.27 -33.48
N TYR C 151 28.57 -43.98 -32.96
CA TYR C 151 27.23 -43.45 -32.80
C TYR C 151 26.96 -43.29 -31.31
N THR C 152 26.03 -42.40 -30.97
CA THR C 152 25.63 -42.18 -29.60
C THR C 152 24.16 -42.58 -29.45
N TYR C 153 23.90 -43.44 -28.48
CA TYR C 153 22.58 -43.97 -28.23
C TYR C 153 22.14 -43.56 -26.83
N ALA C 154 20.83 -43.44 -26.66
CA ALA C 154 20.23 -43.12 -25.38
C ALA C 154 18.88 -43.80 -25.30
N ILE C 155 18.54 -44.28 -24.10
CA ILE C 155 17.19 -44.77 -23.84
C ILE C 155 16.50 -43.81 -22.90
N CYS C 156 15.30 -43.42 -23.28
CA CYS C 156 14.52 -42.38 -22.64
C CYS C 156 13.22 -42.95 -22.11
N GLY C 157 12.64 -42.26 -21.14
CA GLY C 157 11.26 -42.47 -20.77
C GLY C 157 10.47 -41.20 -21.01
N ASP C 158 9.14 -41.34 -20.82
CA ASP C 158 8.25 -40.19 -20.92
C ASP C 158 8.76 -39.02 -20.08
N GLY C 159 9.23 -39.30 -18.87
CA GLY C 159 9.65 -38.25 -17.98
C GLY C 159 10.90 -37.52 -18.46
N ASP C 160 11.85 -38.27 -19.03
CA ASP C 160 13.07 -37.64 -19.52
C ASP C 160 12.76 -36.56 -20.54
N LEU C 161 11.80 -36.81 -21.44
CA LEU C 161 11.47 -35.83 -22.47
C LEU C 161 10.57 -34.74 -21.92
N MET C 162 9.84 -35.03 -20.83
CA MET C 162 9.05 -34.01 -20.15
C MET C 162 9.95 -32.91 -19.57
N GLU C 163 11.18 -33.25 -19.24
CA GLU C 163 12.12 -32.32 -18.62
C GLU C 163 12.63 -31.29 -19.63
N GLY C 164 13.02 -30.13 -19.10
CA GLY C 164 13.43 -29.04 -19.98
C GLY C 164 14.81 -29.23 -20.55
N VAL C 165 15.73 -29.83 -19.78
CA VAL C 165 17.09 -29.99 -20.26
C VAL C 165 17.10 -30.86 -21.51
N SER C 166 16.25 -31.89 -21.53
CA SER C 166 16.08 -32.70 -22.74
C SER C 166 15.62 -31.84 -23.90
N GLN C 167 14.60 -31.01 -23.67
CA GLN C 167 14.07 -30.18 -24.75
C GLN C 167 15.12 -29.20 -25.25
N GLU C 168 15.86 -28.58 -24.33
CA GLU C 168 16.94 -27.68 -24.72
C GLU C 168 17.97 -28.40 -25.57
N ALA C 169 18.47 -29.53 -25.07
CA ALA C 169 19.54 -30.23 -25.76
C ALA C 169 19.08 -30.74 -27.12
N SER C 170 17.84 -31.22 -27.21
CA SER C 170 17.32 -31.68 -28.50
C SER C 170 17.27 -30.55 -29.52
N SER C 171 16.86 -29.35 -29.08
CA SER C 171 16.96 -28.18 -29.95
C SER C 171 18.38 -27.96 -30.40
N MET C 172 19.32 -27.99 -29.47
CA MET C 172 20.73 -27.89 -29.82
C MET C 172 21.13 -29.01 -30.77
N ALA C 173 20.75 -30.26 -30.47
CA ALA C 173 21.13 -31.37 -31.33
C ALA C 173 20.64 -31.19 -32.76
N GLY C 174 19.35 -30.88 -32.93
CA GLY C 174 18.79 -30.69 -34.26
C GLY C 174 19.45 -29.54 -35.01
N HIS C 175 19.72 -28.44 -34.31
CA HIS C 175 20.45 -27.35 -34.94
C HIS C 175 21.82 -27.82 -35.40
N MET C 176 22.51 -28.61 -34.58
CA MET C 176 23.87 -29.04 -34.87
C MET C 176 23.91 -30.30 -35.72
N LYS C 177 22.75 -30.77 -36.16
CA LYS C 177 22.64 -31.84 -37.16
C LYS C 177 23.46 -33.07 -36.77
N LEU C 178 23.32 -33.48 -35.51
CA LEU C 178 24.08 -34.57 -34.94
C LEU C 178 23.35 -35.86 -35.27
N GLY C 179 23.52 -36.30 -36.52
CA GLY C 179 22.79 -37.46 -37.01
C GLY C 179 23.15 -38.76 -36.33
N LYS C 180 24.37 -38.84 -35.79
CA LYS C 180 24.84 -40.05 -35.12
C LYS C 180 24.16 -40.29 -33.78
N LEU C 181 23.32 -39.37 -33.31
CA LEU C 181 22.62 -39.53 -32.05
C LEU C 181 21.27 -40.17 -32.31
N ILE C 182 21.08 -41.39 -31.79
CA ILE C 182 19.86 -42.16 -31.95
C ILE C 182 19.29 -42.39 -30.55
N VAL C 183 18.10 -41.86 -30.29
CA VAL C 183 17.49 -41.96 -28.98
C VAL C 183 16.29 -42.91 -29.06
N LEU C 184 16.33 -43.96 -28.26
CA LEU C 184 15.26 -44.94 -28.17
C LEU C 184 14.44 -44.60 -26.93
N TYR C 185 13.14 -44.41 -27.13
CA TYR C 185 12.26 -43.92 -26.07
C TYR C 185 11.10 -44.90 -25.94
N ASP C 186 10.91 -45.44 -24.74
CA ASP C 186 9.80 -46.35 -24.50
C ASP C 186 8.58 -45.50 -24.19
N SER C 187 7.69 -45.37 -25.17
CA SER C 187 6.40 -44.74 -24.92
C SER C 187 5.49 -45.77 -24.27
N ASN C 188 5.87 -46.17 -23.04
CA ASN C 188 5.03 -47.05 -22.24
C ASN C 188 3.75 -46.35 -21.80
N ASP C 189 3.64 -45.04 -22.00
CA ASP C 189 2.46 -44.24 -21.66
C ASP C 189 2.19 -44.20 -20.17
N ILE C 190 3.18 -44.56 -19.36
CA ILE C 190 3.01 -44.59 -17.91
C ILE C 190 4.15 -43.84 -17.25
N SER C 191 3.81 -43.09 -16.21
CA SER C 191 4.75 -42.39 -15.37
C SER C 191 4.65 -42.98 -13.98
N LEU C 192 5.61 -42.63 -13.12
CA LEU C 192 5.59 -43.07 -11.72
C LEU C 192 4.20 -42.97 -11.10
N ASP C 193 3.54 -41.83 -11.28
CA ASP C 193 2.30 -41.56 -10.56
C ASP C 193 1.08 -42.17 -11.25
N GLY C 194 1.05 -42.14 -12.58
CA GLY C 194 -0.06 -42.69 -13.32
C GLY C 194 0.14 -42.62 -14.82
N PRO C 195 -0.96 -42.64 -15.55
CA PRO C 195 -0.88 -42.56 -17.00
C PRO C 195 -0.29 -41.23 -17.47
N THR C 196 0.30 -41.28 -18.66
CA THR C 196 0.80 -40.06 -19.29
C THR C 196 -0.34 -39.17 -19.77
N SER C 197 -1.54 -39.74 -19.94
CA SER C 197 -2.70 -38.93 -20.30
C SER C 197 -2.90 -37.77 -19.33
N LYS C 198 -2.49 -37.95 -18.07
CA LYS C 198 -2.82 -36.96 -17.05
C LYS C 198 -2.04 -35.66 -17.22
N ALA C 199 -0.84 -35.73 -17.82
CA ALA C 199 -0.01 -34.54 -17.94
C ALA C 199 0.79 -34.42 -19.23
N PHE C 200 0.86 -35.47 -20.07
CA PHE C 200 1.80 -35.52 -21.18
C PHE C 200 1.09 -35.99 -22.46
N THR C 201 0.14 -35.19 -22.94
CA THR C 201 -0.62 -35.51 -24.13
C THR C 201 0.00 -34.93 -25.40
N GLU C 202 1.23 -34.44 -25.32
CA GLU C 202 1.83 -33.74 -26.43
C GLU C 202 2.36 -34.69 -27.49
N ASN C 203 2.45 -34.20 -28.72
CA ASN C 203 3.07 -34.95 -29.81
C ASN C 203 4.58 -34.86 -29.64
N VAL C 204 5.15 -35.80 -28.89
CA VAL C 204 6.59 -35.79 -28.65
C VAL C 204 7.34 -35.78 -29.98
N GLY C 205 6.92 -36.63 -30.92
CA GLY C 205 7.65 -36.76 -32.17
C GLY C 205 7.66 -35.48 -33.00
N ALA C 206 6.49 -34.87 -33.17
CA ALA C 206 6.42 -33.62 -33.94
C ALA C 206 7.33 -32.56 -33.35
N ARG C 207 7.32 -32.42 -32.02
CA ARG C 207 8.22 -31.47 -31.36
C ARG C 207 9.66 -31.75 -31.74
N TYR C 208 10.06 -33.03 -31.77
CA TYR C 208 11.42 -33.37 -32.15
C TYR C 208 11.66 -33.05 -33.61
N GLU C 209 10.65 -33.21 -34.46
CA GLU C 209 10.82 -32.86 -35.86
C GLU C 209 11.02 -31.37 -36.03
N ALA C 210 10.27 -30.57 -35.27
CA ALA C 210 10.52 -29.14 -35.25
C ALA C 210 11.94 -28.83 -34.81
N TYR C 211 12.47 -29.63 -33.86
CA TYR C 211 13.87 -29.51 -33.48
C TYR C 211 14.79 -29.87 -34.63
N GLY C 212 14.29 -30.53 -35.67
CA GLY C 212 15.15 -31.03 -36.73
C GLY C 212 15.64 -32.43 -36.47
N TRP C 213 14.79 -33.30 -35.93
CA TRP C 213 15.07 -34.71 -35.71
C TRP C 213 14.27 -35.55 -36.70
N GLN C 214 14.51 -36.86 -36.67
CA GLN C 214 13.68 -37.82 -37.37
C GLN C 214 12.90 -38.61 -36.34
N HIS C 215 11.58 -38.69 -36.52
CA HIS C 215 10.71 -39.48 -35.66
C HIS C 215 10.33 -40.76 -36.38
N ILE C 216 10.73 -41.90 -35.82
CA ILE C 216 10.34 -43.23 -36.32
C ILE C 216 9.55 -43.90 -35.21
N LEU C 217 8.29 -44.20 -35.50
CA LEU C 217 7.40 -44.84 -34.55
C LEU C 217 7.39 -46.33 -34.82
N VAL C 218 7.98 -47.11 -33.91
CA VAL C 218 7.87 -48.55 -33.93
C VAL C 218 6.71 -48.89 -33.00
N LYS C 219 5.64 -49.44 -33.57
CA LYS C 219 4.39 -49.55 -32.81
C LYS C 219 4.42 -50.71 -31.81
N ASP C 220 5.22 -51.75 -32.07
CA ASP C 220 5.36 -52.85 -31.14
C ASP C 220 6.78 -52.87 -30.58
N GLY C 221 6.90 -52.53 -29.30
CA GLY C 221 8.16 -52.73 -28.59
C GLY C 221 8.61 -54.17 -28.58
N ASN C 222 7.67 -55.12 -28.69
CA ASN C 222 8.02 -56.53 -28.68
C ASN C 222 8.57 -57.02 -30.02
N ASP C 223 8.36 -56.27 -31.11
CA ASP C 223 8.86 -56.68 -32.41
C ASP C 223 10.29 -56.20 -32.57
N LEU C 224 11.24 -57.12 -32.44
CA LEU C 224 12.65 -56.78 -32.47
C LEU C 224 13.11 -56.41 -33.87
N GLU C 225 12.51 -57.02 -34.90
CA GLU C 225 12.88 -56.69 -36.27
C GLU C 225 12.56 -55.23 -36.58
N ALA C 226 11.41 -54.74 -36.10
CA ALA C 226 11.05 -53.34 -36.30
C ALA C 226 12.06 -52.41 -35.63
N ILE C 227 12.40 -52.67 -34.36
CA ILE C 227 13.40 -51.87 -33.67
C ILE C 227 14.70 -51.86 -34.44
N SER C 228 15.16 -53.05 -34.85
CA SER C 228 16.37 -53.14 -35.66
C SER C 228 16.24 -52.32 -36.93
N LYS C 229 15.11 -52.44 -37.62
CA LYS C 229 14.88 -51.68 -38.85
C LYS C 229 14.98 -50.17 -38.60
N ALA C 230 14.38 -49.70 -37.51
CA ALA C 230 14.37 -48.27 -37.25
C ALA C 230 15.79 -47.72 -37.01
N ILE C 231 16.62 -48.48 -36.29
CA ILE C 231 17.99 -48.02 -36.04
C ILE C 231 18.75 -47.87 -37.36
N GLU C 232 18.55 -48.80 -38.30
CA GLU C 232 19.18 -48.67 -39.60
C GLU C 232 18.74 -47.38 -40.30
N GLU C 233 17.43 -47.12 -40.32
CA GLU C 233 16.93 -45.89 -40.91
C GLU C 233 17.54 -44.68 -40.22
N ALA C 234 17.67 -44.74 -38.91
CA ALA C 234 18.29 -43.65 -38.16
C ALA C 234 19.75 -43.46 -38.56
N LYS C 235 20.50 -44.56 -38.67
CA LYS C 235 21.88 -44.49 -39.12
C LYS C 235 21.96 -43.91 -40.53
N ALA C 236 20.97 -44.21 -41.37
CA ALA C 236 20.93 -43.66 -42.72
C ALA C 236 20.84 -42.14 -42.69
N GLU C 237 20.01 -41.59 -41.80
CA GLU C 237 19.94 -40.15 -41.64
C GLU C 237 21.17 -39.68 -40.87
N THR C 238 22.10 -39.03 -41.57
CA THR C 238 23.29 -38.45 -40.99
C THR C 238 23.17 -36.95 -40.76
N ASP C 239 22.15 -36.31 -41.34
CA ASP C 239 21.97 -34.87 -41.21
C ASP C 239 20.95 -34.51 -40.13
N LYS C 240 20.29 -35.51 -39.53
CA LYS C 240 19.29 -35.28 -38.51
C LYS C 240 19.47 -36.27 -37.37
N PRO C 241 19.42 -35.81 -36.12
CA PRO C 241 19.34 -36.72 -34.98
C PRO C 241 18.03 -37.46 -35.07
N THR C 242 17.94 -38.63 -34.43
CA THR C 242 16.76 -39.46 -34.59
C THR C 242 16.25 -39.93 -33.23
N LEU C 243 14.97 -39.70 -32.99
CA LEU C 243 14.28 -40.24 -31.83
C LEU C 243 13.41 -41.39 -32.30
N ILE C 244 13.78 -42.61 -31.91
CA ILE C 244 12.99 -43.80 -32.19
C ILE C 244 12.06 -44.00 -31.00
N GLU C 245 10.78 -43.70 -31.19
CA GLU C 245 9.78 -43.90 -30.16
C GLU C 245 9.24 -45.32 -30.31
N VAL C 246 9.48 -46.15 -29.31
CA VAL C 246 9.07 -47.55 -29.33
C VAL C 246 7.95 -47.70 -28.31
N LYS C 247 6.73 -47.90 -28.82
CA LYS C 247 5.58 -48.11 -27.94
C LYS C 247 5.73 -49.43 -27.21
N THR C 248 5.59 -49.39 -25.88
CA THR C 248 5.85 -50.55 -25.04
C THR C 248 4.72 -50.69 -24.03
N VAL C 249 4.57 -51.91 -23.53
CA VAL C 249 3.73 -52.18 -22.38
C VAL C 249 4.66 -52.31 -21.19
N ILE C 250 4.59 -51.34 -20.28
CA ILE C 250 5.47 -51.36 -19.12
C ILE C 250 5.14 -52.56 -18.25
N GLY C 251 6.18 -53.30 -17.85
CA GLY C 251 6.00 -54.53 -17.11
C GLY C 251 5.21 -55.59 -17.85
N TYR C 252 5.61 -55.86 -19.11
CA TYR C 252 4.85 -56.77 -19.98
C TYR C 252 4.79 -58.17 -19.38
N GLY C 253 3.59 -58.75 -19.39
CA GLY C 253 3.38 -60.07 -18.85
C GLY C 253 3.17 -60.11 -17.35
N ALA C 254 3.47 -59.03 -16.63
CA ALA C 254 3.03 -58.92 -15.25
C ALA C 254 1.50 -58.78 -15.22
N PRO C 255 0.86 -59.23 -14.13
CA PRO C 255 -0.57 -58.94 -13.98
C PRO C 255 -0.88 -57.46 -14.06
N LYS C 256 -0.02 -56.63 -13.46
CA LYS C 256 -0.23 -55.18 -13.36
C LYS C 256 0.41 -54.40 -14.50
N GLU C 257 0.65 -55.03 -15.66
CA GLU C 257 1.20 -54.30 -16.80
C GLU C 257 0.26 -53.16 -17.20
N GLY C 258 0.85 -52.11 -17.77
CA GLY C 258 0.09 -50.94 -18.17
C GLY C 258 -0.33 -50.04 -17.03
N THR C 259 0.31 -50.14 -15.88
CA THR C 259 -0.07 -49.34 -14.71
C THR C 259 1.17 -48.70 -14.11
N SER C 260 0.93 -47.67 -13.29
CA SER C 260 1.99 -47.03 -12.52
C SER C 260 2.63 -47.99 -11.52
N ALA C 261 1.89 -49.02 -11.09
CA ALA C 261 2.36 -49.89 -10.01
C ALA C 261 3.62 -50.65 -10.42
N VAL C 262 3.71 -51.10 -11.69
CA VAL C 262 4.90 -51.83 -12.12
C VAL C 262 6.12 -50.92 -12.21
N HIS C 263 5.94 -49.59 -12.24
CA HIS C 263 7.06 -48.69 -12.44
C HIS C 263 8.15 -48.85 -11.38
N GLY C 264 7.84 -48.52 -10.13
CA GLY C 264 8.86 -48.42 -9.11
C GLY C 264 8.82 -49.43 -8.00
N ALA C 265 7.98 -50.44 -8.07
CA ALA C 265 7.83 -51.42 -7.01
C ALA C 265 8.14 -52.83 -7.51
N PRO C 266 8.84 -53.63 -6.71
CA PRO C 266 8.98 -55.05 -7.05
C PRO C 266 7.62 -55.63 -7.41
N LEU C 267 7.58 -56.44 -8.46
CA LEU C 267 6.30 -56.98 -8.92
C LEU C 267 5.65 -57.86 -7.86
N GLY C 268 6.46 -58.52 -7.04
CA GLY C 268 5.97 -59.50 -6.09
C GLY C 268 6.14 -60.90 -6.64
N GLU C 269 6.76 -61.78 -5.84
CA GLU C 269 7.18 -63.10 -6.29
C GLU C 269 6.14 -63.76 -7.20
N ASP C 270 4.86 -63.62 -6.85
CA ASP C 270 3.80 -64.15 -7.70
C ASP C 270 3.74 -63.43 -9.04
N GLY C 271 3.91 -62.11 -9.05
CA GLY C 271 3.93 -61.37 -10.29
C GLY C 271 5.09 -61.76 -11.20
N ILE C 272 6.29 -61.92 -10.64
CA ILE C 272 7.42 -62.46 -11.42
C ILE C 272 7.03 -63.83 -11.97
N LYS C 273 6.44 -64.69 -11.14
CA LYS C 273 6.11 -66.04 -11.58
C LYS C 273 5.06 -66.01 -12.70
N MET C 274 4.05 -65.17 -12.55
CA MET C 274 3.04 -65.04 -13.60
C MET C 274 3.65 -64.54 -14.90
N ALA C 275 4.54 -63.56 -14.82
CA ALA C 275 5.19 -63.04 -16.02
C ALA C 275 6.10 -64.10 -16.65
N LYS C 276 6.76 -64.91 -15.83
CA LYS C 276 7.59 -65.97 -16.38
C LYS C 276 6.75 -66.96 -17.17
N GLU C 277 5.52 -67.23 -16.72
CA GLU C 277 4.64 -68.13 -17.44
C GLU C 277 4.33 -67.60 -18.84
N VAL C 278 3.99 -66.30 -18.93
CA VAL C 278 3.71 -65.72 -20.23
C VAL C 278 4.97 -65.72 -21.11
N TYR C 279 6.13 -65.48 -20.50
CA TYR C 279 7.37 -65.62 -21.23
C TYR C 279 7.62 -67.06 -21.65
N GLY C 280 7.11 -68.03 -20.89
CA GLY C 280 7.51 -69.41 -21.02
C GLY C 280 8.80 -69.75 -20.30
N TRP C 281 9.29 -68.84 -19.45
CA TRP C 281 10.54 -69.00 -18.73
C TRP C 281 10.36 -70.01 -17.59
N GLU C 282 10.90 -71.21 -17.78
CA GLU C 282 10.93 -72.23 -16.73
C GLU C 282 12.32 -72.39 -16.13
N TYR C 283 13.27 -71.54 -16.53
CA TYR C 283 14.64 -71.67 -16.08
C TYR C 283 14.78 -71.25 -14.61
N PRO C 284 15.80 -71.75 -13.93
CA PRO C 284 16.02 -71.33 -12.53
C PRO C 284 16.30 -69.83 -12.46
N ASP C 285 15.98 -69.24 -11.30
CA ASP C 285 16.28 -67.83 -11.09
C ASP C 285 17.78 -67.58 -11.20
N PHE C 286 18.14 -66.41 -11.72
CA PHE C 286 19.54 -65.96 -11.77
C PHE C 286 20.46 -66.95 -12.48
N THR C 287 19.95 -67.60 -13.53
CA THR C 287 20.78 -68.46 -14.36
C THR C 287 20.65 -67.98 -15.81
N VAL C 288 21.79 -67.65 -16.42
CA VAL C 288 21.80 -67.23 -17.81
C VAL C 288 21.75 -68.49 -18.67
N PRO C 289 20.77 -68.62 -19.56
CA PRO C 289 20.80 -69.75 -20.50
C PRO C 289 22.11 -69.76 -21.30
N GLU C 290 22.71 -70.97 -21.38
CA GLU C 290 23.96 -71.15 -22.12
C GLU C 290 23.82 -70.72 -23.58
N GLU C 291 22.68 -71.05 -24.17
CA GLU C 291 22.34 -70.58 -25.51
C GLU C 291 22.49 -69.07 -25.61
N VAL C 292 21.87 -68.33 -24.67
CA VAL C 292 21.84 -66.87 -24.73
C VAL C 292 23.24 -66.30 -24.52
N ALA C 293 23.98 -66.82 -23.54
CA ALA C 293 25.35 -66.34 -23.31
C ALA C 293 26.20 -66.49 -24.56
N ALA C 294 26.08 -67.62 -25.26
CA ALA C 294 26.82 -67.82 -26.49
C ALA C 294 26.48 -66.73 -27.53
N ARG C 295 25.18 -66.51 -27.76
CA ARG C 295 24.75 -65.46 -28.69
C ARG C 295 25.48 -64.15 -28.43
N PHE C 296 25.51 -63.73 -27.16
CA PHE C 296 26.20 -62.51 -26.79
C PHE C 296 27.68 -62.59 -27.11
N HIS C 297 28.32 -63.71 -26.80
CA HIS C 297 29.74 -63.87 -27.12
C HIS C 297 29.98 -63.61 -28.60
N GLN C 298 29.32 -64.38 -29.47
CA GLN C 298 29.48 -64.18 -30.91
C GLN C 298 29.09 -62.77 -31.34
N THR C 299 27.90 -62.31 -30.94
CA THR C 299 27.39 -61.07 -31.48
C THR C 299 28.13 -59.85 -30.93
N MET C 300 28.60 -59.91 -29.69
CA MET C 300 29.23 -58.75 -29.06
C MET C 300 30.73 -58.94 -28.81
N ILE C 301 31.12 -59.92 -27.99
CA ILE C 301 32.52 -60.05 -27.59
C ILE C 301 33.40 -60.35 -28.80
N GLU C 302 33.01 -61.34 -29.60
CA GLU C 302 33.82 -61.74 -30.75
C GLU C 302 33.91 -60.62 -31.78
N GLU C 303 32.75 -60.17 -32.28
CA GLU C 303 32.75 -59.11 -33.29
C GLU C 303 33.26 -57.79 -32.74
N GLY C 304 33.02 -57.53 -31.45
CA GLY C 304 33.63 -56.37 -30.82
C GLY C 304 35.14 -56.44 -30.84
N GLN C 305 35.70 -57.62 -30.56
CA GLN C 305 37.15 -57.78 -30.63
C GLN C 305 37.64 -57.52 -32.05
N LYS C 306 36.96 -58.07 -33.05
CA LYS C 306 37.32 -57.82 -34.45
C LYS C 306 37.37 -56.32 -34.74
N ALA C 307 36.30 -55.61 -34.38
CA ALA C 307 36.20 -54.19 -34.74
C ALA C 307 37.25 -53.35 -34.00
N GLU C 308 37.42 -53.57 -32.69
CA GLU C 308 38.48 -52.87 -31.97
C GLU C 308 39.83 -53.09 -32.63
N ASP C 309 40.12 -54.34 -33.01
CA ASP C 309 41.37 -54.64 -33.70
C ASP C 309 41.43 -53.95 -35.04
N ALA C 310 40.31 -53.93 -35.78
CA ALA C 310 40.27 -53.23 -37.06
C ALA C 310 40.64 -51.76 -36.88
N TRP C 311 40.01 -51.07 -35.93
CA TRP C 311 40.37 -49.68 -35.66
C TRP C 311 41.82 -49.56 -35.21
N ASN C 312 42.29 -50.51 -34.38
CA ASN C 312 43.67 -50.47 -33.90
C ASN C 312 44.64 -50.50 -35.07
N GLU C 313 44.40 -51.40 -36.02
CA GLU C 313 45.27 -51.50 -37.20
C GLU C 313 45.23 -50.22 -38.01
N MET C 314 44.03 -49.73 -38.33
CA MET C 314 43.89 -48.46 -39.05
C MET C 314 44.67 -47.36 -38.36
N PHE C 315 44.56 -47.28 -37.02
CA PHE C 315 45.21 -46.19 -36.31
C PHE C 315 46.73 -46.24 -36.45
N ALA C 316 47.30 -47.44 -36.48
CA ALA C 316 48.74 -47.58 -36.70
C ALA C 316 49.13 -47.05 -38.09
N ASN C 317 48.39 -47.46 -39.12
CA ASN C 317 48.64 -46.93 -40.46
C ASN C 317 48.47 -45.43 -40.49
N TYR C 318 47.41 -44.94 -39.82
CA TYR C 318 47.16 -43.51 -39.71
C TYR C 318 48.33 -42.80 -39.05
N LYS C 319 48.84 -43.36 -37.95
CA LYS C 319 49.97 -42.76 -37.24
C LYS C 319 51.18 -42.60 -38.16
N LYS C 320 51.43 -43.61 -39.01
CA LYS C 320 52.53 -43.52 -39.97
C LYS C 320 52.34 -42.33 -40.91
N ALA C 321 51.14 -42.21 -41.50
CA ALA C 321 50.88 -41.13 -42.45
C ALA C 321 50.79 -39.78 -41.73
N TYR C 322 50.15 -39.75 -40.56
CA TYR C 322 49.90 -38.51 -39.82
C TYR C 322 50.43 -38.69 -38.41
N PRO C 323 51.73 -38.46 -38.19
CA PRO C 323 52.35 -38.76 -36.89
C PRO C 323 51.88 -37.81 -35.79
N GLU C 324 51.85 -36.51 -36.09
CA GLU C 324 51.48 -35.54 -35.06
C GLU C 324 50.00 -35.66 -34.67
N LEU C 325 49.11 -35.81 -35.66
CA LEU C 325 47.68 -35.88 -35.39
C LEU C 325 47.32 -37.10 -34.55
N ALA C 326 47.87 -38.25 -34.90
CA ALA C 326 47.64 -39.45 -34.09
C ALA C 326 48.22 -39.28 -32.69
N GLN C 327 49.39 -38.66 -32.58
CA GLN C 327 49.95 -38.40 -31.25
C GLN C 327 49.02 -37.46 -30.48
N GLN C 328 48.61 -36.36 -31.10
CA GLN C 328 47.66 -35.46 -30.46
C GLN C 328 46.41 -36.20 -29.99
N PHE C 329 45.84 -37.03 -30.86
CA PHE C 329 44.70 -37.85 -30.49
C PHE C 329 44.97 -38.65 -29.21
N GLU C 330 46.10 -39.35 -29.18
CA GLU C 330 46.43 -40.18 -28.03
C GLU C 330 46.62 -39.34 -26.77
N ASP C 331 47.45 -38.29 -26.86
CA ASP C 331 47.72 -37.45 -25.69
C ASP C 331 46.44 -36.86 -25.13
N ALA C 332 45.62 -36.25 -25.98
CA ALA C 332 44.37 -35.65 -25.51
C ALA C 332 43.43 -36.70 -24.91
N PHE C 333 43.27 -37.84 -25.59
CA PHE C 333 42.40 -38.88 -25.04
C PHE C 333 42.95 -39.42 -23.73
N ASP C 334 44.27 -39.49 -23.60
CA ASP C 334 44.87 -39.85 -22.33
C ASP C 334 44.78 -38.70 -21.33
N GLY C 335 44.24 -37.57 -21.73
CA GLY C 335 44.18 -36.40 -20.88
C GLY C 335 45.48 -35.65 -20.71
N LYS C 336 46.49 -35.97 -21.51
CA LYS C 336 47.77 -35.31 -21.37
C LYS C 336 47.68 -33.86 -21.83
N LEU C 337 48.60 -33.05 -21.33
CA LEU C 337 48.60 -31.64 -21.66
C LEU C 337 49.90 -31.30 -22.38
N PRO C 338 49.84 -30.47 -23.42
CA PRO C 338 51.07 -30.05 -24.10
C PRO C 338 52.06 -29.46 -23.11
N GLU C 339 53.36 -29.70 -23.35
CA GLU C 339 54.36 -29.40 -22.33
C GLU C 339 54.35 -27.93 -21.93
N ASN C 340 54.30 -27.02 -22.89
CA ASN C 340 54.36 -25.59 -22.59
C ASN C 340 52.98 -24.94 -22.70
N TRP C 341 51.96 -25.61 -22.17
CA TRP C 341 50.61 -25.05 -22.17
C TRP C 341 50.53 -23.77 -21.35
N ASP C 342 51.25 -23.69 -20.25
CA ASP C 342 51.22 -22.53 -19.37
C ASP C 342 52.21 -21.45 -19.76
N ALA C 343 52.79 -21.55 -20.96
CA ALA C 343 54.02 -20.82 -21.25
C ALA C 343 53.78 -19.33 -21.42
N GLU C 344 52.82 -18.95 -22.27
CA GLU C 344 52.62 -17.54 -22.62
C GLU C 344 51.42 -16.89 -21.95
N LEU C 345 50.73 -17.60 -21.05
CA LEU C 345 49.58 -17.08 -20.30
C LEU C 345 49.86 -15.68 -19.76
N PRO C 346 48.88 -14.79 -19.80
CA PRO C 346 49.15 -13.37 -19.51
C PRO C 346 49.59 -13.12 -18.07
N THR C 347 50.40 -12.07 -17.91
CA THR C 347 50.89 -11.59 -16.63
C THR C 347 50.55 -10.11 -16.52
N TYR C 348 50.32 -9.64 -15.30
CA TYR C 348 49.81 -8.29 -15.09
C TYR C 348 50.60 -7.57 -14.00
N GLU C 349 50.54 -6.24 -14.05
CA GLU C 349 51.28 -5.35 -13.16
C GLU C 349 50.31 -4.39 -12.47
N VAL C 350 50.84 -3.66 -11.47
CA VAL C 350 50.01 -2.98 -10.48
C VAL C 350 49.17 -1.86 -11.10
N GLY C 351 49.73 -1.15 -12.09
CA GLY C 351 48.96 -0.09 -12.73
C GLY C 351 47.70 -0.60 -13.40
N SER C 352 47.71 -1.85 -13.86
CA SER C 352 46.60 -2.42 -14.61
C SER C 352 45.37 -2.66 -13.74
N SER C 353 44.20 -2.27 -14.25
CA SER C 353 42.93 -2.65 -13.67
C SER C 353 42.07 -3.22 -14.79
N GLN C 354 41.55 -4.42 -14.59
CA GLN C 354 40.85 -5.14 -15.63
C GLN C 354 39.87 -6.11 -15.00
N ALA C 355 38.69 -6.22 -15.61
CA ALA C 355 37.73 -7.23 -15.19
C ALA C 355 38.34 -8.62 -15.36
N SER C 356 38.09 -9.50 -14.39
CA SER C 356 38.63 -10.85 -14.46
C SER C 356 38.09 -11.60 -15.68
N ARG C 357 36.91 -11.21 -16.17
CA ARG C 357 36.37 -11.85 -17.37
C ARG C 357 37.27 -11.58 -18.57
N VAL C 358 37.74 -10.34 -18.71
CA VAL C 358 38.62 -9.99 -19.81
C VAL C 358 39.95 -10.74 -19.66
N SER C 359 40.48 -10.78 -18.45
CA SER C 359 41.67 -11.56 -18.16
C SER C 359 41.44 -13.04 -18.47
N SER C 360 40.27 -13.55 -18.08
CA SER C 360 39.94 -14.93 -18.44
C SER C 360 39.97 -15.10 -19.95
N LYS C 361 39.31 -14.20 -20.68
CA LYS C 361 39.37 -14.24 -22.14
C LYS C 361 40.81 -14.35 -22.62
N GLU C 362 41.69 -13.49 -22.09
CA GLU C 362 43.08 -13.50 -22.49
C GLU C 362 43.74 -14.85 -22.20
N VAL C 363 43.44 -15.43 -21.03
CA VAL C 363 43.93 -16.77 -20.74
C VAL C 363 43.35 -17.79 -21.71
N ILE C 364 42.05 -17.68 -22.00
CA ILE C 364 41.38 -18.66 -22.85
C ILE C 364 42.01 -18.68 -24.23
N GLN C 365 42.19 -17.50 -24.83
CA GLN C 365 42.76 -17.40 -26.17
C GLN C 365 44.08 -18.17 -26.26
N GLU C 366 45.00 -17.88 -25.34
CA GLU C 366 46.29 -18.56 -25.33
C GLU C 366 46.14 -20.07 -25.10
N LEU C 367 45.20 -20.46 -24.22
CA LEU C 367 44.99 -21.87 -23.95
C LEU C 367 44.52 -22.61 -25.19
N SER C 368 43.72 -21.95 -26.03
CA SER C 368 43.21 -22.59 -27.24
C SER C 368 44.33 -22.86 -28.24
N LYS C 369 45.27 -21.91 -28.38
CA LYS C 369 46.44 -22.16 -29.21
C LYS C 369 47.24 -23.35 -28.70
N ALA C 370 47.54 -23.34 -27.40
CA ALA C 370 48.44 -24.35 -26.85
C ALA C 370 47.78 -25.73 -26.81
N ILE C 371 46.55 -25.82 -26.34
CA ILE C 371 45.85 -27.09 -26.21
C ILE C 371 44.85 -27.22 -27.34
N PRO C 372 45.15 -28.02 -28.38
CA PRO C 372 44.19 -28.18 -29.49
C PRO C 372 42.92 -28.89 -29.08
N SER C 373 42.90 -29.50 -27.90
CA SER C 373 41.75 -30.22 -27.37
C SER C 373 40.85 -29.32 -26.54
N PHE C 374 41.20 -28.04 -26.45
CA PHE C 374 40.49 -27.08 -25.61
C PHE C 374 39.40 -26.41 -26.41
N TRP C 375 38.15 -26.71 -26.07
CA TRP C 375 37.01 -26.08 -26.72
C TRP C 375 35.95 -25.76 -25.68
N GLY C 376 35.00 -24.94 -26.07
CA GLY C 376 34.00 -24.46 -25.13
C GLY C 376 33.25 -23.28 -25.72
N GLY C 377 32.28 -22.81 -24.95
CA GLY C 377 31.47 -21.70 -25.41
C GLY C 377 30.63 -21.12 -24.30
N SER C 378 29.58 -20.43 -24.71
CA SER C 378 28.72 -19.70 -23.80
C SER C 378 27.27 -19.91 -24.20
N ALA C 379 26.38 -19.62 -23.25
CA ALA C 379 24.94 -19.68 -23.49
C ALA C 379 24.46 -18.30 -23.92
N ASP C 380 24.82 -17.94 -25.15
CA ASP C 380 24.44 -16.66 -25.75
C ASP C 380 24.96 -15.46 -24.98
N LEU C 381 26.17 -15.57 -24.44
CA LEU C 381 26.70 -14.54 -23.54
C LEU C 381 28.22 -14.39 -23.71
N SER C 382 28.74 -14.81 -24.86
CA SER C 382 30.19 -14.83 -25.07
C SER C 382 30.78 -13.43 -24.99
N GLY C 383 30.09 -12.44 -25.56
CA GLY C 383 30.57 -11.07 -25.44
C GLY C 383 30.69 -10.65 -23.99
N SER C 384 29.68 -10.94 -23.18
CA SER C 384 29.71 -10.57 -21.77
C SER C 384 30.65 -11.48 -20.99
N ASN C 385 30.64 -12.80 -21.29
CA ASN C 385 31.50 -13.73 -20.56
C ASN C 385 32.94 -13.74 -21.05
N ASN C 386 33.21 -13.18 -22.24
CA ASN C 386 34.57 -13.12 -22.79
C ASN C 386 35.14 -14.53 -23.00
N THR C 387 34.32 -15.42 -23.54
CA THR C 387 34.68 -16.82 -23.71
C THR C 387 35.11 -17.16 -25.12
N MET C 388 34.76 -16.34 -26.10
CA MET C 388 35.06 -16.65 -27.49
C MET C 388 36.57 -16.70 -27.71
N VAL C 389 36.99 -17.63 -28.57
CA VAL C 389 38.37 -17.71 -29.00
C VAL C 389 38.44 -17.35 -30.48
N ALA C 390 39.04 -16.20 -30.78
CA ALA C 390 39.36 -15.85 -32.15
C ALA C 390 40.47 -16.77 -32.66
N ALA C 391 40.74 -16.71 -33.96
CA ALA C 391 41.59 -17.66 -34.69
C ALA C 391 41.04 -19.07 -34.60
N ASP C 392 39.80 -19.23 -34.17
CA ASP C 392 39.12 -20.52 -34.21
C ASP C 392 37.78 -20.28 -34.88
N LYS C 393 37.01 -21.35 -35.03
CA LYS C 393 35.78 -21.27 -35.80
C LYS C 393 34.61 -21.63 -34.89
N ASP C 394 33.43 -21.17 -35.28
CA ASP C 394 32.24 -21.63 -34.63
C ASP C 394 32.06 -23.11 -34.90
N PHE C 395 31.66 -23.84 -33.86
CA PHE C 395 31.34 -25.24 -34.01
C PHE C 395 30.01 -25.30 -34.76
N THR C 396 30.08 -25.58 -36.06
CA THR C 396 28.94 -25.63 -36.96
C THR C 396 28.98 -26.95 -37.71
N PRO C 397 27.85 -27.45 -38.18
CA PRO C 397 27.89 -28.65 -39.02
C PRO C 397 28.93 -28.56 -40.14
N GLU C 398 29.08 -27.38 -40.75
CA GLU C 398 30.04 -27.20 -41.83
C GLU C 398 31.48 -27.31 -41.34
N HIS C 399 31.75 -26.86 -40.11
CA HIS C 399 33.08 -26.91 -39.50
C HIS C 399 32.94 -27.50 -38.09
N TYR C 400 32.69 -28.81 -38.02
CA TYR C 400 32.66 -29.51 -36.73
C TYR C 400 34.00 -29.42 -36.02
N GLU C 401 35.09 -29.21 -36.76
CA GLU C 401 36.38 -28.96 -36.15
C GLU C 401 36.40 -27.65 -35.36
N GLY C 402 35.39 -26.80 -35.51
CA GLY C 402 35.38 -25.53 -34.81
C GLY C 402 35.27 -25.72 -33.30
N ARG C 403 35.94 -24.83 -32.56
CA ARG C 403 36.10 -24.97 -31.12
C ARG C 403 35.44 -23.86 -30.31
N ASN C 404 34.61 -23.04 -30.94
CA ASN C 404 33.76 -22.08 -30.26
C ASN C 404 32.33 -22.57 -30.46
N ILE C 405 31.71 -23.06 -29.40
CA ILE C 405 30.36 -23.61 -29.49
C ILE C 405 29.37 -22.64 -28.86
N TRP C 406 28.33 -22.33 -29.62
CA TRP C 406 27.22 -21.49 -29.19
C TRP C 406 26.12 -22.40 -28.69
N PHE C 407 25.86 -22.37 -27.39
CA PHE C 407 24.82 -23.23 -26.81
C PHE C 407 23.43 -22.63 -26.89
N GLY C 408 23.30 -21.35 -27.23
CA GLY C 408 22.04 -20.66 -27.15
C GLY C 408 21.68 -20.39 -25.69
N VAL C 409 20.44 -19.94 -25.49
CA VAL C 409 19.95 -19.72 -24.13
C VAL C 409 19.47 -21.05 -23.55
N ARG C 410 20.42 -21.92 -23.16
CA ARG C 410 20.21 -23.30 -22.75
C ARG C 410 21.31 -23.66 -21.75
N GLU C 411 21.28 -23.05 -20.56
CA GLU C 411 22.39 -23.21 -19.63
C GLU C 411 22.49 -24.64 -19.09
N PHE C 412 21.36 -25.20 -18.63
CA PHE C 412 21.32 -26.58 -18.15
C PHE C 412 21.85 -27.53 -19.22
N ALA C 413 21.29 -27.45 -20.43
CA ALA C 413 21.73 -28.33 -21.51
C ALA C 413 23.23 -28.19 -21.77
N MET C 414 23.72 -26.96 -21.84
CA MET C 414 25.15 -26.76 -22.04
C MET C 414 25.96 -27.57 -21.03
N ALA C 415 25.68 -27.36 -19.74
CA ALA C 415 26.46 -28.03 -18.70
C ALA C 415 26.32 -29.55 -18.78
N SER C 416 25.09 -30.04 -19.05
CA SER C 416 24.91 -31.48 -19.25
C SER C 416 25.70 -31.96 -20.47
N ALA C 417 25.69 -31.19 -21.55
CA ALA C 417 26.50 -31.52 -22.72
C ALA C 417 27.99 -31.48 -22.39
N MET C 418 28.42 -30.46 -21.65
CA MET C 418 29.81 -30.40 -21.22
C MET C 418 30.21 -31.64 -20.45
N ASN C 419 29.36 -32.06 -19.51
CA ASN C 419 29.59 -33.28 -18.76
C ASN C 419 29.79 -34.47 -19.69
N GLY C 420 28.93 -34.60 -20.71
CA GLY C 420 29.09 -35.67 -21.67
C GLY C 420 30.38 -35.59 -22.47
N ILE C 421 30.83 -34.36 -22.77
CA ILE C 421 32.04 -34.21 -23.58
C ILE C 421 33.27 -34.70 -22.82
N GLN C 422 33.38 -34.33 -21.54
CA GLN C 422 34.47 -34.87 -20.72
C GLN C 422 34.33 -36.38 -20.56
N LEU C 423 33.10 -36.89 -20.50
CA LEU C 423 32.90 -38.32 -20.38
C LEU C 423 33.29 -39.04 -21.68
N HIS C 424 33.00 -38.42 -22.82
CA HIS C 424 33.38 -39.03 -24.09
C HIS C 424 34.90 -39.09 -24.25
N GLY C 425 35.60 -38.02 -23.85
CA GLY C 425 37.05 -38.02 -23.81
C GLY C 425 37.69 -37.33 -25.01
N GLY C 426 38.98 -37.05 -24.88
CA GLY C 426 39.75 -36.38 -25.90
C GLY C 426 39.55 -34.89 -25.99
N THR C 427 38.75 -34.31 -25.09
CA THR C 427 38.38 -32.91 -25.16
C THR C 427 38.26 -32.34 -23.74
N ARG C 428 38.62 -31.07 -23.60
CA ARG C 428 38.39 -30.31 -22.38
C ARG C 428 37.38 -29.23 -22.72
N ILE C 429 36.31 -29.15 -21.91
CA ILE C 429 35.15 -28.32 -22.24
C ILE C 429 34.95 -27.25 -21.18
N TYR C 430 34.70 -26.02 -21.64
CA TYR C 430 34.37 -24.89 -20.79
C TYR C 430 33.01 -24.32 -21.19
N GLY C 431 32.31 -23.77 -20.22
CA GLY C 431 30.96 -23.29 -20.45
C GLY C 431 30.72 -22.01 -19.69
N GLY C 432 29.93 -21.14 -20.29
CA GLY C 432 29.81 -19.77 -19.81
C GLY C 432 28.37 -19.31 -19.74
N THR C 433 28.02 -18.74 -18.59
CA THR C 433 26.78 -17.99 -18.40
C THR C 433 27.06 -17.03 -17.25
N PHE C 434 26.08 -16.20 -16.92
CA PHE C 434 26.22 -15.34 -15.74
C PHE C 434 26.10 -16.16 -14.46
N PHE C 435 26.85 -15.73 -13.43
CA PHE C 435 26.86 -16.47 -12.17
C PHE C 435 25.47 -16.55 -11.57
N VAL C 436 24.65 -15.52 -11.74
CA VAL C 436 23.31 -15.54 -11.15
C VAL C 436 22.51 -16.74 -11.68
N PHE C 437 22.76 -17.14 -12.93
CA PHE C 437 22.03 -18.23 -13.55
C PHE C 437 22.73 -19.58 -13.41
N VAL C 438 23.68 -19.70 -12.48
CA VAL C 438 24.18 -21.03 -12.11
C VAL C 438 23.02 -21.86 -11.60
N ASP C 439 22.00 -21.17 -11.04
CA ASP C 439 20.79 -21.85 -10.61
C ASP C 439 20.19 -22.65 -11.75
N TYR C 440 20.24 -22.10 -12.96
CA TYR C 440 19.68 -22.78 -14.14
C TYR C 440 20.44 -24.06 -14.48
N LEU C 441 21.75 -24.08 -14.28
CA LEU C 441 22.58 -25.24 -14.61
C LEU C 441 23.00 -26.04 -13.38
N ARG C 442 22.45 -25.74 -12.20
CA ARG C 442 22.90 -26.40 -10.98
C ARG C 442 22.79 -27.92 -11.04
N PRO C 443 21.70 -28.52 -11.52
CA PRO C 443 21.65 -29.99 -11.47
C PRO C 443 22.83 -30.65 -12.16
N ALA C 444 23.28 -30.07 -13.27
CA ALA C 444 24.45 -30.62 -13.96
C ALA C 444 25.72 -30.48 -13.12
N VAL C 445 25.86 -29.39 -12.36
CA VAL C 445 27.03 -29.25 -11.50
C VAL C 445 27.05 -30.36 -10.45
N ARG C 446 25.89 -30.70 -9.90
CA ARG C 446 25.83 -31.79 -8.95
C ARG C 446 26.27 -33.10 -9.60
N LEU C 447 25.68 -33.41 -10.77
CA LEU C 447 26.05 -34.62 -11.50
C LEU C 447 27.53 -34.64 -11.83
N ALA C 448 28.07 -33.49 -12.25
CA ALA C 448 29.50 -33.40 -12.51
C ALA C 448 30.32 -33.81 -11.29
N ALA C 449 30.00 -33.25 -10.13
CA ALA C 449 30.74 -33.61 -8.92
C ALA C 449 30.63 -35.09 -8.61
N ILE C 450 29.41 -35.65 -8.72
CA ILE C 450 29.24 -37.09 -8.52
C ILE C 450 30.08 -37.88 -9.52
N GLN C 451 30.00 -37.53 -10.80
CA GLN C 451 30.73 -38.21 -11.86
C GLN C 451 32.21 -37.84 -11.92
N HIS C 452 32.64 -36.87 -11.11
CA HIS C 452 34.04 -36.42 -11.09
C HIS C 452 34.51 -35.94 -12.47
N THR C 453 33.66 -35.18 -13.16
CA THR C 453 33.98 -34.72 -14.50
C THR C 453 34.71 -33.37 -14.43
N PRO C 454 35.88 -33.25 -15.05
CA PRO C 454 36.67 -32.01 -14.97
C PRO C 454 36.19 -30.92 -15.94
N VAL C 455 34.91 -30.59 -15.85
CA VAL C 455 34.38 -29.49 -16.63
C VAL C 455 34.86 -28.17 -16.02
N VAL C 456 34.87 -27.13 -16.84
CA VAL C 456 35.24 -25.80 -16.40
C VAL C 456 34.04 -24.89 -16.61
N TYR C 457 33.73 -24.09 -15.58
CA TYR C 457 32.64 -23.11 -15.62
C TYR C 457 33.26 -21.72 -15.51
N VAL C 458 33.17 -20.96 -16.60
CA VAL C 458 33.54 -19.55 -16.61
C VAL C 458 32.26 -18.77 -16.37
N LEU C 459 32.04 -18.39 -15.11
CA LEU C 459 30.80 -17.75 -14.69
C LEU C 459 31.13 -16.32 -14.27
N THR C 460 30.48 -15.35 -14.90
CA THR C 460 30.86 -13.95 -14.82
C THR C 460 29.73 -13.14 -14.19
N HIS C 461 29.99 -11.84 -14.02
CA HIS C 461 29.01 -10.90 -13.47
C HIS C 461 28.59 -11.34 -12.07
N ASP C 462 29.58 -11.41 -11.19
CA ASP C 462 29.46 -12.15 -9.93
C ASP C 462 28.81 -11.35 -8.79
N SER C 463 28.81 -10.03 -8.84
CA SER C 463 28.43 -9.26 -7.66
C SER C 463 27.18 -8.43 -7.89
N VAL C 464 26.90 -7.56 -6.92
CA VAL C 464 25.97 -6.47 -7.14
C VAL C 464 26.55 -5.43 -8.06
N ALA C 465 27.84 -5.57 -8.42
CA ALA C 465 28.50 -4.67 -9.35
C ALA C 465 27.94 -4.75 -10.76
N VAL C 466 27.18 -5.81 -11.08
CA VAL C 466 26.43 -5.80 -12.33
C VAL C 466 25.62 -4.51 -12.41
N GLY C 467 25.02 -4.14 -11.29
CA GLY C 467 24.36 -2.87 -11.18
C GLY C 467 22.98 -2.76 -11.80
N GLU C 468 22.91 -2.11 -12.97
CA GLU C 468 21.64 -1.70 -13.54
C GLU C 468 20.74 -2.89 -13.90
N ASP C 469 21.32 -4.05 -14.23
CA ASP C 469 20.51 -5.18 -14.70
C ASP C 469 19.50 -5.61 -13.64
N GLY C 470 19.86 -5.50 -12.36
CA GLY C 470 18.88 -5.60 -11.30
C GLY C 470 19.11 -6.71 -10.30
N PRO C 471 18.20 -6.82 -9.33
CA PRO C 471 18.32 -7.89 -8.32
C PRO C 471 18.26 -9.27 -8.93
N THR C 472 17.41 -9.44 -9.94
CA THR C 472 17.28 -10.72 -10.63
C THR C 472 18.57 -11.16 -11.28
N HIS C 473 19.45 -10.22 -11.64
CA HIS C 473 20.71 -10.50 -12.32
C HIS C 473 21.93 -10.34 -11.42
N GLU C 474 21.75 -10.12 -10.12
CA GLU C 474 22.89 -9.87 -9.23
C GLU C 474 23.06 -11.02 -8.25
N PRO C 475 24.15 -11.79 -8.36
CA PRO C 475 24.30 -12.97 -7.50
C PRO C 475 24.49 -12.57 -6.05
N ILE C 476 23.81 -13.28 -5.15
CA ILE C 476 23.93 -13.06 -3.71
C ILE C 476 24.29 -14.38 -3.06
N GLU C 477 23.34 -15.32 -3.05
CA GLU C 477 23.51 -16.62 -2.42
C GLU C 477 24.26 -17.60 -3.30
N GLN C 478 24.55 -17.24 -4.55
CA GLN C 478 25.07 -18.20 -5.51
C GLN C 478 26.42 -18.75 -5.10
N LEU C 479 27.31 -17.88 -4.59
CA LEU C 479 28.61 -18.35 -4.12
C LEU C 479 28.46 -19.45 -3.08
N ALA C 480 27.70 -19.18 -2.02
CA ALA C 480 27.55 -20.18 -0.97
C ALA C 480 26.92 -21.47 -1.49
N SER C 481 25.98 -21.35 -2.42
CA SER C 481 25.29 -22.55 -2.93
C SER C 481 26.27 -23.54 -3.56
N VAL C 482 27.22 -23.06 -4.36
CA VAL C 482 28.17 -24.00 -4.95
C VAL C 482 29.21 -24.43 -3.92
N ARG C 483 29.50 -23.57 -2.93
CA ARG C 483 30.49 -23.92 -1.91
C ARG C 483 30.00 -25.03 -0.98
N CYS C 484 28.69 -25.11 -0.75
CA CYS C 484 28.19 -26.21 0.07
C CYS C 484 28.24 -27.53 -0.69
N MET C 485 28.27 -27.46 -2.02
CA MET C 485 28.26 -28.65 -2.84
C MET C 485 29.57 -29.44 -2.70
N PRO C 486 29.52 -30.74 -2.43
CA PRO C 486 30.76 -31.50 -2.41
C PRO C 486 31.29 -31.67 -3.83
N GLY C 487 32.62 -31.67 -3.94
CA GLY C 487 33.29 -32.03 -5.17
C GLY C 487 33.36 -30.99 -6.26
N VAL C 488 33.15 -29.71 -5.95
CA VAL C 488 33.30 -28.63 -6.92
C VAL C 488 34.30 -27.62 -6.40
N GLN C 489 35.32 -27.34 -7.21
CA GLN C 489 36.31 -26.32 -6.93
C GLN C 489 35.77 -24.98 -7.40
N VAL C 490 35.60 -24.05 -6.48
CA VAL C 490 34.98 -22.76 -6.77
C VAL C 490 36.02 -21.69 -6.50
N ILE C 491 36.39 -20.93 -7.54
CA ILE C 491 37.46 -19.97 -7.45
C ILE C 491 36.98 -18.61 -7.90
N ARG C 492 37.13 -17.62 -7.03
CA ARG C 492 36.89 -16.23 -7.36
C ARG C 492 38.23 -15.52 -7.39
N PRO C 493 38.81 -15.26 -8.57
CA PRO C 493 40.08 -14.56 -8.62
C PRO C 493 39.90 -13.08 -8.26
N ALA C 494 40.93 -12.51 -7.63
CA ALA C 494 40.89 -11.10 -7.21
C ALA C 494 41.51 -10.14 -8.23
N ASP C 495 42.44 -10.63 -9.03
CA ASP C 495 43.08 -9.84 -10.08
C ASP C 495 43.36 -10.74 -11.26
N GLY C 496 43.79 -10.13 -12.37
CA GLY C 496 44.07 -10.91 -13.57
C GLY C 496 45.02 -12.07 -13.32
N ASN C 497 46.06 -11.83 -12.53
CA ASN C 497 47.06 -12.87 -12.28
C ASN C 497 46.43 -14.07 -11.59
N GLU C 498 45.52 -13.82 -10.64
CA GLU C 498 44.79 -14.91 -10.02
C GLU C 498 43.86 -15.61 -11.00
N THR C 499 43.34 -14.87 -11.99
CA THR C 499 42.48 -15.47 -13.01
C THR C 499 43.22 -16.54 -13.81
N ARG C 500 44.46 -16.26 -14.22
CA ARG C 500 45.24 -17.29 -14.92
C ARG C 500 45.56 -18.46 -13.99
N ALA C 501 45.87 -18.18 -12.72
CA ALA C 501 46.16 -19.25 -11.79
C ALA C 501 44.94 -20.14 -11.58
N ALA C 502 43.77 -19.53 -11.41
CA ALA C 502 42.53 -20.30 -11.30
C ALA C 502 42.33 -21.20 -12.51
N TRP C 503 42.45 -20.64 -13.72
CA TRP C 503 42.37 -21.43 -14.93
C TRP C 503 43.39 -22.55 -14.93
N LYS C 504 44.62 -22.24 -14.53
CA LYS C 504 45.66 -23.25 -14.50
C LYS C 504 45.27 -24.41 -13.58
N VAL C 505 44.77 -24.09 -12.39
CA VAL C 505 44.30 -25.11 -11.46
C VAL C 505 43.21 -25.96 -12.12
N ALA C 506 42.29 -25.32 -12.81
CA ALA C 506 41.21 -26.04 -13.48
C ALA C 506 41.75 -27.04 -14.51
N MET C 507 42.66 -26.58 -15.39
CA MET C 507 43.19 -27.48 -16.41
C MET C 507 43.87 -28.70 -15.80
N GLU C 508 44.52 -28.53 -14.65
CA GLU C 508 45.18 -29.63 -13.97
C GLU C 508 44.18 -30.55 -13.25
N THR C 509 42.92 -30.17 -13.14
CA THR C 509 41.95 -31.00 -12.44
C THR C 509 41.50 -32.15 -13.35
N THR C 510 41.52 -33.37 -12.79
CA THR C 510 41.06 -34.59 -13.45
C THR C 510 39.83 -35.20 -12.80
N ASP C 511 39.49 -34.78 -11.57
CA ASP C 511 38.55 -35.49 -10.71
C ASP C 511 37.38 -34.63 -10.21
N ALA C 512 37.25 -33.38 -10.66
CA ALA C 512 36.23 -32.53 -10.07
C ALA C 512 35.94 -31.36 -11.02
N PRO C 513 34.70 -30.91 -11.06
CA PRO C 513 34.39 -29.69 -11.80
C PRO C 513 35.08 -28.50 -11.15
N THR C 514 35.38 -27.50 -11.96
CA THR C 514 35.91 -26.23 -11.46
C THR C 514 35.02 -25.10 -11.94
N ILE C 515 34.60 -24.25 -11.01
CA ILE C 515 33.81 -23.07 -11.32
C ILE C 515 34.69 -21.86 -11.08
N LEU C 516 34.75 -20.98 -12.08
CA LEU C 516 35.49 -19.73 -12.00
C LEU C 516 34.50 -18.59 -11.88
N VAL C 517 34.54 -17.86 -10.78
CA VAL C 517 33.65 -16.75 -10.52
C VAL C 517 34.38 -15.49 -10.97
N LEU C 518 33.92 -14.88 -12.05
CA LEU C 518 34.57 -13.73 -12.65
C LEU C 518 33.65 -12.51 -12.60
N SER C 519 34.20 -11.35 -12.95
CA SER C 519 33.54 -10.10 -12.60
C SER C 519 33.42 -9.19 -13.81
N ARG C 520 32.27 -8.52 -13.87
CA ARG C 520 32.08 -7.42 -14.82
C ARG C 520 32.97 -6.24 -14.48
N GLN C 521 33.11 -5.94 -13.19
CA GLN C 521 33.84 -4.75 -12.76
C GLN C 521 35.35 -4.92 -12.96
N ASN C 522 36.02 -3.80 -13.22
CA ASN C 522 37.46 -3.81 -13.33
C ASN C 522 38.09 -4.12 -11.98
N LEU C 523 39.13 -4.95 -12.00
CA LEU C 523 39.83 -5.35 -10.78
C LEU C 523 41.29 -4.89 -10.90
N PRO C 524 41.78 -4.04 -10.01
CA PRO C 524 43.19 -3.63 -10.07
C PRO C 524 44.09 -4.73 -9.52
N VAL C 525 45.25 -4.87 -10.14
CA VAL C 525 46.20 -5.89 -9.73
C VAL C 525 46.63 -5.64 -8.30
N LEU C 526 46.69 -6.72 -7.51
CA LEU C 526 47.03 -6.62 -6.09
C LEU C 526 48.53 -6.76 -5.88
N PRO C 527 49.02 -6.45 -4.69
CA PRO C 527 50.48 -6.34 -4.50
C PRO C 527 51.31 -7.57 -4.87
N SER C 528 50.97 -8.78 -4.39
CA SER C 528 51.89 -9.91 -4.51
C SER C 528 51.54 -10.87 -5.63
N THR C 529 50.52 -10.56 -6.45
CA THR C 529 49.89 -11.60 -7.28
C THR C 529 50.83 -12.14 -8.35
N LYS C 530 51.47 -11.26 -9.12
CA LYS C 530 52.23 -11.73 -10.28
C LYS C 530 53.24 -12.82 -9.90
N GLU C 531 54.01 -12.59 -8.83
CA GLU C 531 55.02 -13.56 -8.44
C GLU C 531 54.43 -14.79 -7.76
N VAL C 532 53.53 -14.59 -6.79
CA VAL C 532 53.13 -15.70 -5.89
C VAL C 532 51.81 -16.37 -6.26
N ALA C 533 50.99 -15.79 -7.14
CA ALA C 533 49.62 -16.28 -7.31
C ALA C 533 49.59 -17.71 -7.83
N ASP C 534 50.39 -18.02 -8.85
CA ASP C 534 50.36 -19.36 -9.43
C ASP C 534 50.57 -20.42 -8.35
N GLU C 535 51.49 -20.18 -7.42
CA GLU C 535 51.67 -21.09 -6.30
C GLU C 535 50.51 -21.01 -5.31
N MET C 536 50.08 -19.80 -4.98
CA MET C 536 49.23 -19.61 -3.81
C MET C 536 47.75 -19.89 -4.08
N VAL C 537 47.25 -19.58 -5.29
CA VAL C 537 45.83 -19.79 -5.56
C VAL C 537 45.48 -21.26 -5.49
N LYS C 538 46.42 -22.11 -5.91
CA LYS C 538 46.24 -23.56 -5.76
C LYS C 538 46.06 -23.97 -4.30
N LYS C 539 46.39 -23.09 -3.35
CA LYS C 539 46.28 -23.37 -1.92
C LYS C 539 45.04 -22.72 -1.29
N GLY C 540 44.14 -22.19 -2.10
CA GLY C 540 42.86 -21.71 -1.59
C GLY C 540 42.87 -20.33 -0.97
N ALA C 541 43.67 -20.15 0.09
CA ALA C 541 43.79 -18.87 0.74
C ALA C 541 45.24 -18.60 1.10
N TYR C 542 45.68 -17.36 0.89
CA TYR C 542 47.05 -16.97 1.18
C TYR C 542 47.06 -15.54 1.70
N VAL C 543 48.14 -15.17 2.37
CA VAL C 543 48.30 -13.83 2.90
C VAL C 543 48.89 -12.98 1.76
N LEU C 544 48.01 -12.30 1.04
CA LEU C 544 48.44 -11.41 -0.03
C LEU C 544 49.38 -10.34 0.50
N SER C 545 48.97 -9.62 1.55
CA SER C 545 49.82 -8.61 2.17
C SER C 545 50.06 -8.98 3.63
N PRO C 546 51.30 -9.26 4.03
CA PRO C 546 51.55 -9.59 5.44
C PRO C 546 51.45 -8.37 6.32
N SER C 547 51.09 -8.61 7.58
CA SER C 547 51.23 -7.58 8.59
C SER C 547 52.70 -7.20 8.72
N GLN C 548 52.96 -5.94 9.12
CA GLN C 548 54.32 -5.53 9.44
C GLN C 548 54.92 -6.45 10.50
N GLY C 549 54.14 -6.75 11.55
CA GLY C 549 54.56 -7.71 12.54
C GLY C 549 54.29 -9.15 12.13
N GLU C 550 55.01 -10.06 12.80
CA GLU C 550 54.97 -11.47 12.43
C GLU C 550 53.59 -12.08 12.59
N THR C 551 52.90 -11.76 13.67
CA THR C 551 51.57 -12.27 13.95
C THR C 551 50.61 -11.09 13.96
N PRO C 552 49.56 -11.13 13.16
CA PRO C 552 48.69 -9.95 13.01
C PRO C 552 47.88 -9.67 14.27
N GLU C 553 47.55 -8.40 14.44
CA GLU C 553 46.51 -8.01 15.37
C GLU C 553 45.15 -8.48 14.91
N GLY C 554 44.94 -8.48 13.59
CA GLY C 554 43.70 -8.95 13.01
C GLY C 554 43.93 -9.33 11.56
N ILE C 555 42.96 -10.07 11.00
CA ILE C 555 43.01 -10.52 9.61
C ILE C 555 41.81 -9.96 8.86
N LEU C 556 42.07 -9.24 7.77
CA LEU C 556 41.04 -8.91 6.79
C LEU C 556 41.02 -10.03 5.75
N ILE C 557 39.93 -10.79 5.71
CA ILE C 557 39.77 -11.91 4.79
C ILE C 557 38.90 -11.45 3.64
N ALA C 558 39.30 -11.77 2.41
CA ALA C 558 38.54 -11.30 1.27
C ALA C 558 38.60 -12.31 0.13
N THR C 559 37.63 -12.21 -0.78
CA THR C 559 37.58 -13.00 -1.99
C THR C 559 37.29 -12.09 -3.17
N GLY C 560 38.07 -12.27 -4.24
CA GLY C 560 37.72 -11.66 -5.51
C GLY C 560 37.86 -10.16 -5.50
N SER C 561 36.79 -9.51 -5.95
CA SER C 561 36.79 -8.06 -6.15
C SER C 561 37.00 -7.26 -4.86
N GLU C 562 36.83 -7.88 -3.70
CA GLU C 562 36.88 -7.17 -2.43
C GLU C 562 38.24 -7.23 -1.75
N VAL C 563 39.21 -7.98 -2.30
CA VAL C 563 40.55 -7.98 -1.73
C VAL C 563 41.20 -6.61 -1.89
N ASP C 564 40.85 -5.88 -2.95
CA ASP C 564 41.38 -4.53 -3.10
C ASP C 564 40.97 -3.63 -1.94
N LEU C 565 39.70 -3.72 -1.54
CA LEU C 565 39.23 -2.98 -0.37
C LEU C 565 40.08 -3.33 0.86
N ALA C 566 40.36 -4.61 1.04
CA ALA C 566 41.10 -5.04 2.22
C ALA C 566 42.50 -4.44 2.28
N VAL C 567 43.24 -4.50 1.16
CA VAL C 567 44.60 -3.98 1.16
C VAL C 567 44.60 -2.45 1.34
N LYS C 568 43.68 -1.75 0.66
CA LYS C 568 43.56 -0.30 0.89
C LYS C 568 43.20 -0.02 2.35
N ALA C 569 42.23 -0.78 2.89
CA ALA C 569 41.85 -0.57 4.28
C ALA C 569 43.01 -0.84 5.23
N GLN C 570 43.84 -1.84 4.90
CA GLN C 570 45.03 -2.09 5.71
C GLN C 570 45.92 -0.86 5.77
N LYS C 571 46.11 -0.18 4.64
CA LYS C 571 46.92 1.04 4.60
C LYS C 571 46.34 2.11 5.51
N GLU C 572 45.03 2.36 5.38
CA GLU C 572 44.37 3.32 6.27
C GLU C 572 44.47 2.87 7.72
N LEU C 573 44.21 1.59 7.98
CA LEU C 573 44.29 1.05 9.33
C LEU C 573 45.69 1.19 9.91
N ALA C 574 46.72 1.07 9.07
CA ALA C 574 48.09 1.19 9.55
C ALA C 574 48.38 2.61 10.03
N GLU C 575 47.93 3.62 9.27
CA GLU C 575 48.07 5.01 9.72
C GLU C 575 47.39 5.22 11.05
N LYS C 576 46.24 4.57 11.26
CA LYS C 576 45.58 4.56 12.56
C LYS C 576 46.33 3.74 13.58
N GLY C 577 47.37 3.01 13.17
CA GLY C 577 48.19 2.23 14.08
C GLY C 577 47.81 0.78 14.23
N LYS C 578 46.89 0.29 13.39
CA LYS C 578 46.46 -1.10 13.44
C LYS C 578 47.16 -1.88 12.33
N ASP C 579 47.78 -3.00 12.70
CA ASP C 579 48.48 -3.86 11.76
C ASP C 579 47.59 -5.06 11.47
N VAL C 580 47.11 -5.13 10.24
CA VAL C 580 46.18 -6.18 9.84
C VAL C 580 46.79 -6.88 8.63
N SER C 581 46.48 -8.16 8.49
CA SER C 581 46.86 -8.92 7.30
C SER C 581 45.65 -8.97 6.39
N VAL C 582 45.91 -8.94 5.09
CA VAL C 582 44.87 -9.19 4.10
C VAL C 582 45.09 -10.59 3.51
N VAL C 583 44.08 -11.44 3.67
CA VAL C 583 44.13 -12.81 3.18
C VAL C 583 43.16 -12.91 2.02
N SER C 584 43.67 -13.31 0.86
CA SER C 584 42.82 -13.62 -0.28
C SER C 584 42.42 -15.07 -0.17
N MET C 585 41.13 -15.35 -0.36
CA MET C 585 40.58 -16.71 -0.35
C MET C 585 39.88 -16.93 -1.68
N PRO C 586 40.62 -17.11 -2.77
CA PRO C 586 39.97 -17.53 -4.02
C PRO C 586 39.04 -18.72 -3.85
N SER C 587 39.50 -19.79 -3.19
CA SER C 587 38.72 -21.01 -3.06
C SER C 587 38.71 -21.49 -1.61
N PHE C 588 37.50 -21.61 -1.06
CA PHE C 588 37.27 -22.38 0.16
C PHE C 588 37.72 -23.82 -0.04
N ASP C 589 37.34 -24.41 -1.17
CA ASP C 589 37.60 -25.82 -1.44
C ASP C 589 39.08 -26.13 -1.36
N LEU C 590 39.91 -25.33 -2.02
CA LEU C 590 41.33 -25.62 -2.05
C LEU C 590 41.98 -25.37 -0.69
N PHE C 591 41.45 -24.41 0.07
CA PHE C 591 42.04 -24.08 1.37
C PHE C 591 41.87 -25.22 2.38
N GLU C 592 40.68 -25.83 2.43
CA GLU C 592 40.45 -26.89 3.40
C GLU C 592 41.35 -28.10 3.11
N LYS C 593 41.72 -28.29 1.86
CA LYS C 593 42.57 -29.41 1.46
C LYS C 593 44.02 -29.20 1.84
N GLN C 594 44.40 -28.01 2.29
CA GLN C 594 45.77 -27.77 2.70
C GLN C 594 46.02 -28.33 4.10
N SER C 595 47.30 -28.35 4.49
CA SER C 595 47.68 -28.87 5.79
C SER C 595 47.12 -28.00 6.90
N SER C 596 46.98 -28.60 8.08
CA SER C 596 46.67 -27.82 9.27
C SER C 596 47.72 -26.73 9.48
N GLU C 597 48.99 -27.05 9.18
CA GLU C 597 50.07 -26.08 9.39
C GLU C 597 49.93 -24.89 8.46
N TYR C 598 49.64 -25.13 7.18
CA TYR C 598 49.43 -24.02 6.25
C TYR C 598 48.24 -23.16 6.69
N LYS C 599 47.15 -23.81 7.11
CA LYS C 599 45.97 -23.08 7.53
C LYS C 599 46.29 -22.09 8.65
N GLU C 600 47.07 -22.54 9.65
CA GLU C 600 47.43 -21.65 10.75
C GLU C 600 48.29 -20.49 10.27
N SER C 601 49.18 -20.77 9.31
CA SER C 601 49.97 -19.69 8.72
C SER C 601 49.07 -18.59 8.20
N VAL C 602 48.06 -18.96 7.42
CA VAL C 602 47.19 -17.98 6.76
C VAL C 602 46.21 -17.37 7.75
N LEU C 603 45.49 -18.21 8.51
CA LEU C 603 44.58 -17.73 9.56
C LEU C 603 44.97 -18.32 10.91
N PRO C 604 45.87 -17.64 11.63
CA PRO C 604 46.27 -18.11 12.96
C PRO C 604 45.07 -18.29 13.87
N LYS C 605 45.09 -19.36 14.67
CA LYS C 605 44.00 -19.61 15.61
C LYS C 605 43.89 -18.50 16.64
N SER C 606 45.02 -17.92 17.04
CA SER C 606 45.01 -16.92 18.11
C SER C 606 44.17 -15.70 17.73
N VAL C 607 44.29 -15.23 16.49
CA VAL C 607 43.62 -14.01 16.07
C VAL C 607 42.18 -14.33 15.67
N LYS C 608 41.24 -13.80 16.44
CA LYS C 608 39.81 -13.89 16.17
C LYS C 608 39.25 -12.56 15.68
N LYS C 609 40.09 -11.54 15.60
CA LYS C 609 39.72 -10.24 15.02
C LYS C 609 39.79 -10.35 13.50
N ARG C 610 38.84 -11.12 12.98
CA ARG C 610 38.80 -11.43 11.56
C ARG C 610 37.55 -10.80 10.94
N VAL C 611 37.77 -9.98 9.93
CA VAL C 611 36.69 -9.40 9.15
C VAL C 611 36.77 -10.00 7.75
N ALA C 612 35.67 -10.58 7.29
CA ALA C 612 35.55 -11.10 5.95
C ALA C 612 34.76 -10.09 5.13
N ILE C 613 35.27 -9.74 3.95
CA ILE C 613 34.60 -8.82 3.07
C ILE C 613 34.43 -9.50 1.71
N GLU C 614 33.18 -9.71 1.33
CA GLU C 614 32.78 -10.36 0.10
C GLU C 614 31.41 -9.82 -0.23
N ALA C 615 31.16 -9.60 -1.52
CA ALA C 615 29.85 -9.12 -1.96
C ALA C 615 28.93 -10.32 -2.19
N ALA C 616 28.63 -11.02 -1.10
CA ALA C 616 27.83 -12.23 -1.14
C ALA C 616 27.22 -12.51 0.24
N ALA C 617 26.62 -13.69 0.39
CA ALA C 617 26.01 -14.06 1.65
C ALA C 617 27.08 -14.37 2.70
N SER C 618 26.69 -14.20 3.97
CA SER C 618 27.55 -14.49 5.11
C SER C 618 27.57 -15.97 5.47
N PHE C 619 26.68 -16.76 4.88
CA PHE C 619 26.53 -18.17 5.25
C PHE C 619 27.85 -18.90 5.09
N GLY C 620 28.29 -19.59 6.13
CA GLY C 620 29.55 -20.32 6.11
C GLY C 620 30.80 -19.49 6.37
N TRP C 621 30.71 -18.16 6.33
CA TRP C 621 31.88 -17.34 6.62
C TRP C 621 32.30 -17.43 8.08
N GLU C 622 31.40 -17.88 8.96
CA GLU C 622 31.72 -18.06 10.37
C GLU C 622 32.77 -19.15 10.59
N ARG C 623 32.99 -20.02 9.60
CA ARG C 623 34.07 -21.00 9.71
C ARG C 623 35.41 -20.31 9.95
N TYR C 624 35.68 -19.23 9.21
CA TYR C 624 36.95 -18.53 9.30
C TYR C 624 36.90 -17.31 10.23
N VAL C 625 35.84 -16.49 10.14
CA VAL C 625 35.78 -15.32 11.01
C VAL C 625 35.36 -15.72 12.43
N GLY C 626 34.55 -16.77 12.56
CA GLY C 626 34.19 -17.30 13.86
C GLY C 626 33.03 -16.56 14.51
N THR C 627 32.81 -16.91 15.78
CA THR C 627 31.74 -16.29 16.54
C THR C 627 32.06 -14.84 16.88
N GLU C 628 33.31 -14.54 17.21
CA GLU C 628 33.73 -13.19 17.55
C GLU C 628 34.05 -12.34 16.33
N GLY C 629 33.92 -12.93 15.12
CA GLY C 629 34.30 -12.23 13.92
C GLY C 629 33.20 -11.34 13.36
N ALA C 630 33.60 -10.52 12.39
CA ALA C 630 32.71 -9.62 11.67
C ALA C 630 32.77 -9.93 10.17
N THR C 631 31.68 -9.67 9.47
CA THR C 631 31.60 -9.93 8.04
C THR C 631 30.84 -8.79 7.36
N ILE C 632 31.46 -8.19 6.35
CA ILE C 632 30.82 -7.18 5.51
C ILE C 632 30.31 -7.93 4.29
N THR C 633 29.06 -8.38 4.36
CA THR C 633 28.46 -9.19 3.33
C THR C 633 27.03 -8.73 3.04
N ILE C 634 26.50 -9.21 1.92
CA ILE C 634 25.14 -8.91 1.49
C ILE C 634 24.30 -10.15 1.69
N ASP C 635 23.39 -10.11 2.67
CA ASP C 635 22.40 -11.16 2.85
C ASP C 635 21.01 -10.68 2.46
N HIS C 636 20.93 -9.66 1.63
CA HIS C 636 19.70 -9.18 1.03
C HIS C 636 19.89 -9.06 -0.47
N PHE C 637 18.78 -9.06 -1.21
CA PHE C 637 18.89 -9.01 -2.67
C PHE C 637 19.37 -7.64 -3.12
N GLY C 638 19.72 -7.56 -4.40
CA GLY C 638 20.39 -6.40 -4.95
C GLY C 638 19.44 -5.28 -5.31
N ALA C 639 19.99 -4.31 -6.03
CA ALA C 639 19.24 -3.19 -6.56
C ALA C 639 19.61 -3.01 -8.03
N SER C 640 18.82 -2.20 -8.73
CA SER C 640 19.19 -1.74 -10.07
C SER C 640 19.65 -0.30 -9.92
N ALA C 641 20.92 -0.07 -10.15
CA ALA C 641 21.58 1.22 -10.03
C ALA C 641 22.96 1.04 -10.64
N PRO C 642 23.74 2.09 -10.82
CA PRO C 642 25.15 1.88 -11.18
C PRO C 642 25.79 0.97 -10.13
N GLY C 643 26.70 0.10 -10.58
CA GLY C 643 27.24 -0.91 -9.68
C GLY C 643 28.02 -0.31 -8.52
N THR C 644 28.77 0.77 -8.78
CA THR C 644 29.56 1.40 -7.74
C THR C 644 28.66 1.90 -6.61
N LYS C 645 27.55 2.55 -6.95
CA LYS C 645 26.61 3.03 -5.94
C LYS C 645 26.07 1.89 -5.08
N ILE C 646 25.71 0.77 -5.72
CA ILE C 646 25.18 -0.37 -4.98
C ILE C 646 26.21 -0.90 -4.01
N LEU C 647 27.46 -1.00 -4.44
CA LEU C 647 28.53 -1.42 -3.54
C LEU C 647 28.70 -0.43 -2.39
N GLU C 648 28.67 0.88 -2.70
CA GLU C 648 28.81 1.89 -1.67
C GLU C 648 27.69 1.82 -0.65
N GLU C 649 26.45 1.76 -1.12
CA GLU C 649 25.32 1.71 -0.22
C GLU C 649 25.22 0.39 0.52
N PHE C 650 25.81 -0.68 -0.01
CA PHE C 650 25.82 -1.98 0.64
C PHE C 650 27.04 -2.17 1.52
N GLY C 651 27.89 -1.15 1.63
CA GLY C 651 28.93 -1.11 2.63
C GLY C 651 30.33 -1.46 2.18
N PHE C 652 30.56 -1.61 0.88
CA PHE C 652 31.87 -2.02 0.40
C PHE C 652 32.72 -0.79 0.07
N THR C 653 32.97 -0.02 1.14
CA THR C 653 33.78 1.17 1.12
C THR C 653 34.83 1.04 2.21
N VAL C 654 35.93 1.78 2.07
CA VAL C 654 37.06 1.59 2.99
C VAL C 654 36.74 2.09 4.40
N GLU C 655 35.93 3.16 4.51
CA GLU C 655 35.54 3.61 5.85
C GLU C 655 34.85 2.49 6.61
N ASN C 656 33.96 1.74 5.93
CA ASN C 656 33.19 0.72 6.62
C ASN C 656 34.08 -0.43 7.10
N VAL C 657 35.02 -0.88 6.25
CA VAL C 657 35.91 -1.96 6.67
C VAL C 657 36.65 -1.56 7.94
N VAL C 658 37.21 -0.34 7.95
CA VAL C 658 37.88 0.17 9.14
C VAL C 658 36.90 0.22 10.30
N ASN C 659 35.70 0.74 10.05
CA ASN C 659 34.71 0.87 11.13
C ASN C 659 34.34 -0.49 11.70
N THR C 660 34.12 -1.49 10.85
CA THR C 660 33.75 -2.81 11.33
C THR C 660 34.85 -3.42 12.20
N TYR C 661 36.11 -3.28 11.75
CA TYR C 661 37.22 -3.73 12.56
C TYR C 661 37.30 -2.96 13.87
N ASN C 662 37.11 -1.63 13.82
CA ASN C 662 37.26 -0.81 15.00
C ASN C 662 36.15 -1.08 16.02
N GLN C 663 34.90 -1.21 15.57
CA GLN C 663 33.84 -1.60 16.52
C GLN C 663 34.09 -2.99 17.07
N LEU C 664 34.58 -3.92 16.23
CA LEU C 664 35.03 -5.22 16.71
C LEU C 664 36.13 -5.04 17.76
N SER C 665 37.08 -4.14 17.49
CA SER C 665 38.14 -3.86 18.44
C SER C 665 37.59 -3.39 19.77
N GLU C 666 36.51 -2.60 19.75
CA GLU C 666 35.97 -2.06 20.99
C GLU C 666 35.25 -3.13 21.81
N ASN C 667 34.47 -4.00 21.15
CA ASN C 667 33.49 -4.79 21.90
C ASN C 667 34.14 -5.94 22.68
N LEU C 668 35.02 -6.72 22.04
CA LEU C 668 35.60 -7.96 22.62
C LEU C 668 34.66 -8.74 23.55
N MET D 1 -7.58 -0.77 -38.56
CA MET D 1 -8.37 0.16 -37.77
C MET D 1 -7.53 1.10 -36.91
N PHE D 2 -6.24 1.21 -37.22
CA PHE D 2 -5.30 1.99 -36.43
C PHE D 2 -4.85 3.19 -37.25
N ASP D 3 -4.93 4.38 -36.65
CA ASP D 3 -4.72 5.62 -37.37
C ASP D 3 -3.34 6.21 -37.06
N LYS D 4 -3.10 7.42 -37.55
CA LYS D 4 -1.82 8.09 -37.36
C LYS D 4 -1.53 8.33 -35.88
N ILE D 5 -2.55 8.76 -35.13
CA ILE D 5 -2.38 8.93 -33.69
C ILE D 5 -1.94 7.61 -33.06
N ASP D 6 -2.52 6.50 -33.53
CA ASP D 6 -2.11 5.20 -33.02
C ASP D 6 -0.65 4.92 -33.35
N GLN D 7 -0.25 5.22 -34.58
CA GLN D 7 1.15 5.02 -34.94
C GLN D 7 2.04 5.97 -34.15
N LEU D 8 1.55 7.19 -33.88
CA LEU D 8 2.28 8.08 -33.00
C LEU D 8 2.54 7.42 -31.65
N GLY D 9 1.51 6.78 -31.08
CA GLY D 9 1.70 6.12 -29.80
C GLY D 9 2.84 5.11 -29.81
N VAL D 10 2.94 4.32 -30.89
CA VAL D 10 4.02 3.36 -31.02
C VAL D 10 5.37 4.06 -30.94
N ASN D 11 5.54 5.17 -31.67
CA ASN D 11 6.83 5.86 -31.67
C ASN D 11 7.05 6.60 -30.36
N THR D 12 5.98 6.98 -29.68
CA THR D 12 6.11 7.47 -28.30
C THR D 12 6.72 6.39 -27.43
N ILE D 13 6.23 5.15 -27.58
CA ILE D 13 6.79 4.02 -26.83
C ILE D 13 8.25 3.82 -27.19
N ARG D 14 8.57 3.89 -28.49
CA ARG D 14 9.94 3.66 -28.93
C ARG D 14 10.87 4.75 -28.43
N THR D 15 10.51 6.02 -28.64
CA THR D 15 11.39 7.13 -28.29
C THR D 15 11.58 7.23 -26.78
N LEU D 16 10.48 7.15 -26.01
CA LEU D 16 10.58 7.21 -24.56
C LEU D 16 11.50 6.13 -24.02
N SER D 17 11.33 4.90 -24.50
CA SER D 17 12.20 3.82 -24.07
C SER D 17 13.66 4.10 -24.45
N ILE D 18 13.90 4.48 -25.71
CA ILE D 18 15.25 4.66 -26.23
C ILE D 18 15.94 5.84 -25.56
N GLU D 19 15.19 6.92 -25.30
CA GLU D 19 15.71 8.05 -24.53
C GLU D 19 16.04 7.64 -23.11
N ALA D 20 15.19 6.83 -22.49
CA ALA D 20 15.44 6.40 -21.13
C ALA D 20 16.70 5.56 -21.02
N VAL D 21 16.93 4.68 -22.00
CA VAL D 21 18.15 3.88 -22.01
C VAL D 21 19.38 4.76 -22.21
N GLN D 22 19.27 5.80 -23.04
CA GLN D 22 20.42 6.66 -23.30
C GLN D 22 20.80 7.49 -22.09
N LYS D 23 19.81 8.04 -21.38
CA LYS D 23 20.10 8.76 -20.15
C LYS D 23 20.75 7.82 -19.13
N ALA D 24 20.33 6.57 -19.12
CA ALA D 24 20.94 5.60 -18.21
C ALA D 24 22.34 5.24 -18.62
N ASN D 25 22.63 5.31 -19.92
CA ASN D 25 23.85 4.75 -20.49
C ASN D 25 23.93 3.24 -20.24
N SER D 26 22.80 2.63 -19.91
CA SER D 26 22.69 1.19 -19.75
C SER D 26 21.27 0.78 -20.15
N GLY D 27 21.13 -0.46 -20.58
CA GLY D 27 19.83 -1.01 -20.87
C GLY D 27 19.69 -1.50 -22.31
N HIS D 28 18.48 -1.98 -22.60
CA HIS D 28 18.20 -2.73 -23.81
C HIS D 28 17.23 -1.98 -24.70
N PRO D 29 17.69 -1.43 -25.81
CA PRO D 29 16.79 -0.68 -26.68
C PRO D 29 16.08 -1.54 -27.71
N GLY D 30 16.69 -2.66 -28.10
CA GLY D 30 16.24 -3.39 -29.28
C GLY D 30 14.80 -3.87 -29.18
N LEU D 31 14.47 -4.60 -28.12
CA LEU D 31 13.12 -5.11 -27.99
C LEU D 31 12.10 -3.99 -27.85
N PRO D 32 12.35 -2.90 -27.11
CA PRO D 32 11.38 -1.80 -27.14
C PRO D 32 11.09 -1.26 -28.53
N MET D 33 12.07 -1.14 -29.41
CA MET D 33 11.79 -0.65 -30.76
C MET D 33 10.98 -1.66 -31.58
N GLY D 34 11.34 -2.96 -31.49
CA GLY D 34 10.74 -3.94 -32.38
C GLY D 34 9.37 -4.42 -31.94
N ALA D 35 9.18 -4.56 -30.63
CA ALA D 35 7.93 -5.03 -30.06
C ALA D 35 6.97 -3.90 -29.69
N ALA D 36 7.36 -2.64 -29.88
CA ALA D 36 6.45 -1.54 -29.56
C ALA D 36 5.11 -1.63 -30.27
N PRO D 37 5.03 -1.92 -31.58
CA PRO D 37 3.70 -2.04 -32.19
C PRO D 37 2.81 -3.06 -31.49
N MET D 38 3.31 -4.27 -31.20
CA MET D 38 2.44 -5.30 -30.64
C MET D 38 2.02 -4.95 -29.21
N ALA D 39 2.93 -4.35 -28.44
CA ALA D 39 2.54 -3.87 -27.12
C ALA D 39 1.44 -2.82 -27.23
N TYR D 40 1.57 -1.90 -28.19
CA TYR D 40 0.53 -0.89 -28.39
C TYR D 40 -0.80 -1.54 -28.76
N ALA D 41 -0.77 -2.47 -29.72
CA ALA D 41 -1.99 -3.11 -30.18
C ALA D 41 -2.68 -3.89 -29.05
N LEU D 42 -1.91 -4.70 -28.32
CA LEU D 42 -2.45 -5.41 -27.17
C LEU D 42 -3.10 -4.45 -26.16
N TRP D 43 -2.35 -3.44 -25.74
CA TRP D 43 -2.77 -2.62 -24.61
C TRP D 43 -3.94 -1.70 -24.98
N THR D 44 -3.86 -1.01 -26.12
CA THR D 44 -4.91 -0.07 -26.49
C THR D 44 -6.20 -0.78 -26.89
N LYS D 45 -6.11 -1.92 -27.57
CA LYS D 45 -7.31 -2.55 -28.12
C LYS D 45 -7.74 -3.82 -27.41
N HIS D 46 -6.83 -4.55 -26.74
CA HIS D 46 -7.15 -5.90 -26.27
C HIS D 46 -6.90 -6.20 -24.80
N LEU D 47 -6.32 -5.29 -24.03
CA LEU D 47 -5.95 -5.59 -22.64
C LEU D 47 -6.97 -4.96 -21.71
N LYS D 48 -7.62 -5.81 -20.90
CA LYS D 48 -8.67 -5.38 -19.96
C LYS D 48 -8.04 -5.06 -18.63
N VAL D 49 -7.67 -3.79 -18.45
CA VAL D 49 -7.03 -3.31 -17.24
C VAL D 49 -7.60 -1.93 -16.93
N ASN D 50 -7.64 -1.61 -15.65
CA ASN D 50 -7.96 -0.24 -15.24
C ASN D 50 -6.74 0.37 -14.57
N PRO D 51 -6.01 1.26 -15.24
CA PRO D 51 -4.80 1.85 -14.63
C PRO D 51 -5.09 2.57 -13.33
N THR D 52 -6.28 3.15 -13.20
CA THR D 52 -6.64 3.88 -11.99
C THR D 52 -6.59 3.00 -10.75
N THR D 53 -7.00 1.73 -10.88
CA THR D 53 -7.13 0.81 -9.76
C THR D 53 -5.94 -0.13 -9.63
N SER D 54 -4.83 0.15 -10.31
CA SER D 54 -3.59 -0.64 -10.26
C SER D 54 -3.94 -2.12 -10.46
N LYS D 55 -3.39 -3.02 -9.65
CA LYS D 55 -3.63 -4.46 -9.76
C LYS D 55 -4.68 -4.91 -8.74
N ASN D 56 -5.59 -4.03 -8.37
CA ASN D 56 -6.62 -4.32 -7.39
C ASN D 56 -7.91 -4.84 -8.01
N TRP D 57 -7.94 -4.98 -9.33
CA TRP D 57 -9.09 -5.57 -10.02
C TRP D 57 -8.79 -7.04 -10.28
N ALA D 58 -9.66 -7.90 -9.74
CA ALA D 58 -9.42 -9.35 -9.80
C ALA D 58 -9.54 -9.87 -11.23
N ASP D 59 -10.52 -9.39 -11.98
CA ASP D 59 -10.70 -9.83 -13.36
C ASP D 59 -9.85 -9.03 -14.37
N ARG D 60 -8.89 -8.23 -13.90
CA ARG D 60 -7.99 -7.58 -14.84
C ARG D 60 -7.24 -8.63 -15.65
N ASP D 61 -7.03 -8.34 -16.92
CA ASP D 61 -6.18 -9.19 -17.73
C ASP D 61 -4.78 -9.13 -17.15
N ARG D 62 -4.01 -10.21 -17.33
CA ARG D 62 -2.65 -10.26 -16.84
C ARG D 62 -1.66 -10.22 -18.00
N PHE D 63 -0.76 -9.24 -17.97
CA PHE D 63 0.31 -9.12 -18.95
C PHE D 63 1.63 -9.38 -18.25
N VAL D 64 2.41 -10.31 -18.81
CA VAL D 64 3.76 -10.56 -18.33
C VAL D 64 4.72 -10.23 -19.45
N LEU D 65 5.70 -9.43 -19.14
CA LEU D 65 6.80 -9.18 -20.04
C LEU D 65 7.88 -10.20 -19.72
N SER D 66 7.76 -11.41 -20.27
CA SER D 66 8.71 -12.47 -19.95
C SER D 66 10.14 -12.04 -20.28
N ALA D 67 10.31 -11.32 -21.39
CA ALA D 67 11.59 -10.74 -21.75
C ALA D 67 11.77 -9.44 -20.99
N GLY D 68 12.33 -9.54 -19.79
CA GLY D 68 12.45 -8.40 -18.91
C GLY D 68 13.30 -7.27 -19.45
N HIS D 69 14.26 -7.58 -20.32
CA HIS D 69 15.18 -6.57 -20.80
C HIS D 69 14.46 -5.45 -21.55
N GLY D 70 13.26 -5.71 -22.05
CA GLY D 70 12.39 -4.67 -22.56
C GLY D 70 11.60 -3.97 -21.46
N SER D 71 12.26 -3.80 -20.32
CA SER D 71 11.64 -3.10 -19.20
C SER D 71 11.20 -1.70 -19.60
N ALA D 72 12.03 -1.00 -20.37
CA ALA D 72 11.72 0.38 -20.71
C ALA D 72 10.45 0.48 -21.54
N MET D 73 10.18 -0.54 -22.39
CA MET D 73 8.93 -0.50 -23.14
C MET D 73 7.75 -0.65 -22.19
N LEU D 74 7.88 -1.53 -21.20
CA LEU D 74 6.85 -1.67 -20.19
C LEU D 74 6.63 -0.35 -19.46
N TYR D 75 7.70 0.31 -19.00
CA TYR D 75 7.57 1.53 -18.20
C TYR D 75 6.92 2.64 -19.01
N SER D 76 7.34 2.81 -20.25
CA SER D 76 6.69 3.78 -21.12
C SER D 76 5.21 3.45 -21.26
N LEU D 77 4.90 2.16 -21.40
CA LEU D 77 3.51 1.76 -21.55
C LEU D 77 2.70 2.12 -20.31
N LEU D 78 3.23 1.81 -19.13
CA LEU D 78 2.51 2.10 -17.89
C LEU D 78 2.25 3.59 -17.73
N HIS D 79 3.27 4.41 -18.02
CA HIS D 79 3.09 5.86 -17.97
C HIS D 79 1.98 6.30 -18.91
N LEU D 80 2.02 5.83 -20.15
CA LEU D 80 1.00 6.17 -21.12
C LEU D 80 -0.36 5.62 -20.72
N ALA D 81 -0.38 4.47 -20.06
CA ALA D 81 -1.64 3.86 -19.64
C ALA D 81 -2.28 4.61 -18.49
N GLY D 82 -1.51 5.35 -17.69
CA GLY D 82 -2.03 5.99 -16.51
C GLY D 82 -1.65 5.35 -15.20
N TYR D 83 -0.80 4.33 -15.23
CA TYR D 83 -0.21 3.79 -14.01
C TYR D 83 0.75 4.84 -13.44
N GLN D 84 1.11 4.66 -12.17
CA GLN D 84 1.94 5.64 -11.47
C GLN D 84 3.42 5.51 -11.86
N VAL D 85 3.70 5.75 -13.12
CA VAL D 85 5.07 5.88 -13.60
C VAL D 85 5.15 7.23 -14.25
N THR D 86 6.01 8.10 -13.73
CA THR D 86 6.11 9.46 -14.21
C THR D 86 7.23 9.58 -15.24
N ILE D 87 7.13 10.63 -16.08
CA ILE D 87 8.17 10.88 -17.06
C ILE D 87 9.52 11.05 -16.37
N ASP D 88 9.51 11.63 -15.17
CA ASP D 88 10.74 11.76 -14.40
C ASP D 88 11.19 10.42 -13.86
N ASP D 89 10.25 9.52 -13.54
CA ASP D 89 10.61 8.16 -13.19
C ASP D 89 11.32 7.47 -14.35
N LEU D 90 10.85 7.69 -15.57
CA LEU D 90 11.53 7.18 -16.74
C LEU D 90 12.94 7.74 -16.85
N LYS D 91 13.11 9.03 -16.54
CA LYS D 91 14.43 9.65 -16.57
C LYS D 91 15.38 9.01 -15.57
N GLN D 92 14.86 8.41 -14.51
CA GLN D 92 15.67 7.74 -13.49
C GLN D 92 15.73 6.23 -13.71
N PHE D 93 15.64 5.79 -14.97
CA PHE D 93 15.73 4.37 -15.32
C PHE D 93 17.09 3.81 -14.96
N ARG D 94 17.09 2.61 -14.35
CA ARG D 94 18.29 1.90 -13.93
C ARG D 94 19.13 2.73 -12.97
N GLN D 95 18.46 3.50 -12.12
CA GLN D 95 19.11 4.39 -11.17
C GLN D 95 18.60 4.06 -9.77
N TRP D 96 19.30 4.59 -8.77
CA TRP D 96 19.02 4.25 -7.38
C TRP D 96 17.60 4.64 -6.99
N ASP D 97 16.98 3.78 -6.18
CA ASP D 97 15.62 3.99 -5.67
C ASP D 97 14.66 4.46 -6.76
N SER D 98 14.71 3.79 -7.91
CA SER D 98 13.88 4.14 -9.05
C SER D 98 12.65 3.26 -9.10
N LYS D 99 11.53 3.87 -9.44
CA LYS D 99 10.33 3.12 -9.78
C LYS D 99 10.48 2.42 -11.11
N THR D 100 11.63 2.57 -11.75
CA THR D 100 11.88 2.05 -13.09
C THR D 100 13.19 1.25 -13.10
N PRO D 101 13.17 0.03 -12.57
CA PRO D 101 14.40 -0.77 -12.49
C PRO D 101 14.78 -1.39 -13.84
N GLY D 102 16.01 -1.93 -13.88
CA GLY D 102 16.57 -2.40 -15.14
C GLY D 102 15.76 -3.53 -15.77
N HIS D 103 15.28 -4.46 -14.96
CA HIS D 103 14.32 -5.47 -15.36
C HIS D 103 13.11 -5.32 -14.46
N PRO D 104 11.91 -5.63 -14.96
CA PRO D 104 10.69 -5.32 -14.21
C PRO D 104 10.63 -6.09 -12.89
N GLU D 105 10.12 -5.42 -11.85
CA GLU D 105 9.95 -6.01 -10.53
C GLU D 105 8.55 -5.73 -10.01
N VAL D 106 7.85 -6.78 -9.58
CA VAL D 106 6.54 -6.60 -8.96
C VAL D 106 6.70 -6.00 -7.56
N HIS D 107 5.67 -5.25 -7.13
CA HIS D 107 5.64 -4.59 -5.83
C HIS D 107 6.61 -3.43 -5.71
N HIS D 108 7.09 -2.94 -6.81
CA HIS D 108 8.04 -1.86 -6.93
C HIS D 108 7.53 -0.79 -7.86
N THR D 109 6.96 -1.21 -8.99
CA THR D 109 6.40 -0.33 -10.00
C THR D 109 4.91 -0.60 -10.06
N ASP D 110 4.13 0.46 -10.24
CA ASP D 110 2.70 0.27 -10.45
C ASP D 110 2.46 -0.52 -11.72
N GLY D 111 1.62 -1.55 -11.63
CA GLY D 111 1.19 -2.29 -12.81
C GLY D 111 2.03 -3.48 -13.21
N VAL D 112 3.20 -3.69 -12.63
CA VAL D 112 4.04 -4.83 -12.99
C VAL D 112 3.53 -6.03 -12.22
N GLU D 113 3.08 -7.06 -12.94
CA GLU D 113 2.49 -8.25 -12.34
C GLU D 113 3.49 -9.32 -11.99
N ALA D 114 4.77 -9.13 -12.36
CA ALA D 114 5.75 -10.17 -12.13
C ALA D 114 7.14 -9.60 -12.36
N THR D 115 8.09 -10.10 -11.59
CA THR D 115 9.51 -9.82 -11.81
C THR D 115 10.00 -10.80 -12.86
N THR D 116 10.45 -10.30 -14.01
CA THR D 116 10.56 -11.13 -15.21
C THR D 116 11.97 -11.16 -15.82
N GLY D 117 12.99 -10.64 -15.15
CA GLY D 117 14.35 -10.65 -15.66
C GLY D 117 14.85 -11.99 -16.17
N PRO D 118 14.83 -13.05 -15.37
CA PRO D 118 15.33 -14.34 -15.86
C PRO D 118 14.47 -14.87 -16.98
N LEU D 119 15.11 -15.46 -18.00
CA LEU D 119 14.38 -15.84 -19.20
C LEU D 119 13.63 -17.16 -19.04
N GLY D 120 12.46 -17.22 -19.66
CA GLY D 120 11.61 -18.38 -19.64
C GLY D 120 10.66 -18.44 -18.46
N GLN D 121 11.01 -17.81 -17.33
CA GLN D 121 10.16 -17.93 -16.16
C GLN D 121 8.85 -17.16 -16.34
N GLY D 122 8.90 -16.04 -17.06
CA GLY D 122 7.69 -15.26 -17.26
C GLY D 122 6.60 -16.04 -17.98
N ILE D 123 6.98 -16.77 -19.04
CA ILE D 123 6.04 -17.66 -19.71
C ILE D 123 5.43 -18.62 -18.72
N ALA D 124 6.27 -19.28 -17.93
CA ALA D 124 5.78 -20.23 -16.95
C ALA D 124 4.83 -19.57 -15.95
N MET D 125 5.19 -18.39 -15.43
CA MET D 125 4.32 -17.70 -14.50
C MET D 125 2.99 -17.32 -15.16
N ALA D 126 3.05 -16.87 -16.42
CA ALA D 126 1.82 -16.59 -17.15
C ALA D 126 0.98 -17.86 -17.33
N VAL D 127 1.63 -19.01 -17.51
CA VAL D 127 0.88 -20.26 -17.50
C VAL D 127 0.15 -20.41 -16.18
N GLY D 128 0.86 -20.21 -15.06
CA GLY D 128 0.24 -20.32 -13.75
C GLY D 128 -0.93 -19.38 -13.55
N MET D 129 -0.82 -18.14 -14.04
CA MET D 129 -1.94 -17.21 -13.95
C MET D 129 -3.11 -17.68 -14.82
N ALA D 130 -2.81 -18.29 -15.97
CA ALA D 130 -3.88 -18.84 -16.80
C ALA D 130 -4.57 -20.00 -16.09
N MET D 131 -3.79 -20.90 -15.51
CA MET D 131 -4.33 -21.96 -14.67
C MET D 131 -5.22 -21.40 -13.58
N ALA D 132 -4.73 -20.38 -12.87
CA ALA D 132 -5.47 -19.85 -11.73
C ALA D 132 -6.79 -19.25 -12.16
N GLU D 133 -6.80 -18.49 -13.26
CA GLU D 133 -8.06 -17.94 -13.75
C GLU D 133 -9.03 -19.07 -14.11
N ALA D 134 -8.53 -20.13 -14.75
CA ALA D 134 -9.40 -21.24 -15.10
C ALA D 134 -10.00 -21.88 -13.86
N HIS D 135 -9.17 -22.18 -12.86
CA HIS D 135 -9.67 -22.80 -11.63
C HIS D 135 -10.62 -21.88 -10.90
N LEU D 136 -10.25 -20.61 -10.74
CA LEU D 136 -11.10 -19.68 -10.01
C LEU D 136 -12.45 -19.49 -10.69
N ALA D 137 -12.45 -19.43 -12.02
CA ALA D 137 -13.72 -19.32 -12.75
C ALA D 137 -14.61 -20.53 -12.49
N ALA D 138 -14.06 -21.74 -12.60
CA ALA D 138 -14.87 -22.92 -12.32
C ALA D 138 -15.42 -22.88 -10.89
N THR D 139 -14.58 -22.54 -9.92
CA THR D 139 -15.01 -22.54 -8.53
C THR D 139 -16.11 -21.51 -8.29
N TYR D 140 -16.05 -20.35 -8.96
CA TYR D 140 -16.96 -19.25 -8.62
C TYR D 140 -17.95 -18.84 -9.71
N ASN D 141 -17.68 -19.10 -10.99
CA ASN D 141 -18.60 -18.61 -12.01
C ASN D 141 -19.87 -19.43 -12.05
N LYS D 142 -20.99 -18.71 -12.13
CA LYS D 142 -22.33 -19.25 -12.13
C LYS D 142 -23.06 -18.66 -13.33
N GLU D 143 -24.21 -19.24 -13.68
CA GLU D 143 -25.00 -18.70 -14.77
C GLU D 143 -25.33 -17.24 -14.49
N ASN D 144 -25.27 -16.42 -15.53
CA ASN D 144 -25.54 -14.98 -15.49
C ASN D 144 -24.48 -14.19 -14.69
N PHE D 145 -23.42 -14.82 -14.20
CA PHE D 145 -22.39 -14.17 -13.39
C PHE D 145 -21.01 -14.64 -13.84
N ASN D 146 -20.30 -13.78 -14.57
CA ASN D 146 -18.96 -14.09 -15.07
C ASN D 146 -17.90 -13.43 -14.19
N VAL D 147 -17.71 -14.01 -13.00
CA VAL D 147 -16.83 -13.37 -12.03
C VAL D 147 -15.36 -13.46 -12.46
N MET D 148 -14.96 -14.54 -13.13
CA MET D 148 -13.60 -14.70 -13.64
C MET D 148 -13.64 -15.00 -15.13
N ASP D 149 -13.43 -13.96 -15.96
CA ASP D 149 -13.31 -14.08 -17.41
C ASP D 149 -12.18 -13.14 -17.81
N HIS D 150 -10.94 -13.58 -17.65
CA HIS D 150 -9.84 -12.75 -18.08
C HIS D 150 -8.74 -13.58 -18.73
N TYR D 151 -8.05 -12.93 -19.66
CA TYR D 151 -7.00 -13.52 -20.47
C TYR D 151 -5.65 -13.20 -19.87
N THR D 152 -4.72 -14.14 -20.04
CA THR D 152 -3.32 -13.94 -19.65
C THR D 152 -2.52 -13.72 -20.92
N TYR D 153 -1.76 -12.64 -20.95
CA TYR D 153 -0.89 -12.32 -22.08
C TYR D 153 0.54 -12.30 -21.59
N ALA D 154 1.45 -12.84 -22.39
CA ALA D 154 2.86 -12.67 -22.17
C ALA D 154 3.51 -12.22 -23.46
N ILE D 155 4.61 -11.47 -23.33
CA ILE D 155 5.45 -11.08 -24.45
C ILE D 155 6.80 -11.73 -24.21
N CYS D 156 7.27 -12.51 -25.17
CA CYS D 156 8.51 -13.23 -24.95
C CYS D 156 9.52 -12.89 -26.04
N GLY D 157 10.69 -13.52 -25.95
CA GLY D 157 11.74 -13.32 -26.92
C GLY D 157 12.32 -14.65 -27.33
N ASP D 158 13.30 -14.60 -28.24
CA ASP D 158 13.95 -15.83 -28.68
C ASP D 158 14.51 -16.60 -27.48
N GLY D 159 15.18 -15.89 -26.56
CA GLY D 159 15.80 -16.55 -25.42
C GLY D 159 14.81 -17.22 -24.49
N ASP D 160 13.65 -16.59 -24.27
CA ASP D 160 12.60 -17.21 -23.48
C ASP D 160 12.26 -18.59 -24.01
N LEU D 161 12.03 -18.69 -25.32
CA LEU D 161 11.60 -19.93 -25.98
C LEU D 161 12.72 -20.95 -26.12
N MET D 162 13.98 -20.56 -25.87
CA MET D 162 15.04 -21.55 -25.81
C MET D 162 15.14 -22.22 -24.45
N GLU D 163 14.62 -21.59 -23.40
CA GLU D 163 14.81 -22.10 -22.04
C GLU D 163 13.85 -23.26 -21.73
N GLY D 164 14.34 -24.21 -20.94
CA GLY D 164 13.58 -25.42 -20.69
C GLY D 164 12.27 -25.15 -19.96
N VAL D 165 12.28 -24.20 -19.03
CA VAL D 165 11.09 -23.92 -18.24
C VAL D 165 9.95 -23.50 -19.16
N SER D 166 10.26 -22.66 -20.15
CA SER D 166 9.26 -22.26 -21.12
C SER D 166 8.73 -23.48 -21.87
N GLN D 167 9.65 -24.33 -22.31
CA GLN D 167 9.26 -25.54 -23.03
C GLN D 167 8.42 -26.44 -22.14
N GLU D 168 8.85 -26.66 -20.89
CA GLU D 168 8.05 -27.39 -19.93
C GLU D 168 6.69 -26.75 -19.75
N ALA D 169 6.65 -25.45 -19.51
CA ALA D 169 5.39 -24.78 -19.25
C ALA D 169 4.43 -24.91 -20.44
N SER D 170 4.95 -24.88 -21.66
CA SER D 170 4.09 -24.86 -22.83
C SER D 170 3.46 -26.24 -23.09
N SER D 171 4.21 -27.32 -22.85
CA SER D 171 3.60 -28.65 -22.86
C SER D 171 2.51 -28.73 -21.81
N MET D 172 2.80 -28.18 -20.63
CA MET D 172 1.85 -28.20 -19.53
C MET D 172 0.59 -27.43 -19.88
N ALA D 173 0.76 -26.22 -20.44
CA ALA D 173 -0.39 -25.39 -20.79
C ALA D 173 -1.26 -26.04 -21.88
N GLY D 174 -0.63 -26.65 -22.89
CA GLY D 174 -1.39 -27.29 -23.95
C GLY D 174 -2.22 -28.46 -23.46
N HIS D 175 -1.64 -29.28 -22.58
CA HIS D 175 -2.43 -30.32 -21.93
C HIS D 175 -3.59 -29.68 -21.18
N MET D 176 -3.28 -28.66 -20.39
CA MET D 176 -4.32 -27.98 -19.61
C MET D 176 -5.23 -27.13 -20.48
N LYS D 177 -4.94 -27.00 -21.76
CA LYS D 177 -5.83 -26.33 -22.70
C LYS D 177 -6.20 -24.94 -22.18
N LEU D 178 -5.17 -24.22 -21.76
CA LEU D 178 -5.32 -22.86 -21.24
C LEU D 178 -5.36 -21.93 -22.44
N GLY D 179 -6.52 -21.91 -23.09
CA GLY D 179 -6.68 -21.12 -24.29
C GLY D 179 -6.59 -19.64 -24.04
N LYS D 180 -7.03 -19.19 -22.87
CA LYS D 180 -6.98 -17.78 -22.52
C LYS D 180 -5.56 -17.26 -22.34
N LEU D 181 -4.55 -18.13 -22.48
CA LEU D 181 -3.14 -17.72 -22.47
C LEU D 181 -2.68 -17.45 -23.90
N ILE D 182 -2.24 -16.22 -24.17
CA ILE D 182 -1.79 -15.79 -25.49
C ILE D 182 -0.40 -15.17 -25.34
N VAL D 183 0.62 -15.83 -25.88
CA VAL D 183 1.99 -15.37 -25.76
C VAL D 183 2.42 -14.73 -27.07
N LEU D 184 2.86 -13.47 -27.00
CA LEU D 184 3.34 -12.72 -28.15
C LEU D 184 4.86 -12.79 -28.18
N TYR D 185 5.39 -13.23 -29.31
CA TYR D 185 6.79 -13.58 -29.45
C TYR D 185 7.48 -12.58 -30.37
N ASP D 186 8.49 -11.91 -29.85
CA ASP D 186 9.35 -11.03 -30.64
C ASP D 186 10.35 -11.92 -31.33
N SER D 187 10.04 -12.34 -32.56
CA SER D 187 11.00 -13.00 -33.43
C SER D 187 11.79 -11.91 -34.14
N ASN D 188 12.75 -11.34 -33.42
CA ASN D 188 13.70 -10.39 -33.99
C ASN D 188 14.80 -11.09 -34.77
N ASP D 189 14.78 -12.43 -34.81
CA ASP D 189 15.76 -13.27 -35.50
C ASP D 189 17.18 -13.02 -35.00
N ILE D 190 17.30 -12.51 -33.77
CA ILE D 190 18.59 -12.18 -33.18
C ILE D 190 18.57 -12.53 -31.69
N SER D 191 19.76 -12.78 -31.16
CA SER D 191 19.96 -13.04 -29.74
C SER D 191 21.08 -12.12 -29.26
N LEU D 192 21.36 -12.17 -27.95
CA LEU D 192 22.33 -11.22 -27.38
C LEU D 192 23.69 -11.34 -28.07
N ASP D 193 24.20 -12.57 -28.20
CA ASP D 193 25.54 -12.79 -28.72
C ASP D 193 25.64 -12.53 -30.21
N GLY D 194 24.54 -12.76 -30.94
CA GLY D 194 24.53 -12.59 -32.37
C GLY D 194 23.24 -13.08 -32.99
N PRO D 195 23.29 -13.48 -34.25
CA PRO D 195 22.08 -13.93 -34.94
C PRO D 195 21.54 -15.24 -34.39
N THR D 196 20.23 -15.41 -34.52
CA THR D 196 19.59 -16.65 -34.08
C THR D 196 20.05 -17.84 -34.91
N SER D 197 20.56 -17.59 -36.12
CA SER D 197 20.99 -18.67 -36.99
C SER D 197 22.07 -19.52 -36.34
N LYS D 198 22.89 -18.92 -35.47
CA LYS D 198 24.05 -19.63 -34.96
C LYS D 198 23.65 -20.76 -34.01
N ALA D 199 22.44 -20.69 -33.42
CA ALA D 199 22.06 -21.70 -32.43
C ALA D 199 20.56 -22.01 -32.33
N PHE D 200 19.66 -21.26 -33.01
CA PHE D 200 18.21 -21.39 -32.78
C PHE D 200 17.43 -21.49 -34.09
N THR D 201 17.48 -22.66 -34.74
CA THR D 201 16.91 -22.81 -36.06
C THR D 201 15.65 -23.67 -36.08
N GLU D 202 15.04 -23.92 -34.94
CA GLU D 202 13.89 -24.81 -34.89
C GLU D 202 12.66 -24.13 -35.48
N ASN D 203 11.66 -24.94 -35.81
CA ASN D 203 10.34 -24.41 -36.16
C ASN D 203 9.59 -24.31 -34.85
N VAL D 204 9.79 -23.17 -34.16
CA VAL D 204 9.12 -22.93 -32.89
C VAL D 204 7.61 -23.19 -33.00
N GLY D 205 6.98 -22.67 -34.06
CA GLY D 205 5.55 -22.88 -34.22
C GLY D 205 5.15 -24.34 -34.30
N ALA D 206 5.95 -25.15 -35.00
CA ALA D 206 5.65 -26.58 -35.07
C ALA D 206 5.75 -27.21 -33.69
N ARG D 207 6.82 -26.91 -32.95
CA ARG D 207 6.92 -27.38 -31.57
C ARG D 207 5.71 -26.96 -30.75
N TYR D 208 5.22 -25.73 -30.97
CA TYR D 208 4.09 -25.25 -30.19
C TYR D 208 2.78 -25.88 -30.64
N GLU D 209 2.64 -26.17 -31.94
CA GLU D 209 1.48 -26.94 -32.40
C GLU D 209 1.53 -28.36 -31.87
N ALA D 210 2.74 -28.91 -31.69
CA ALA D 210 2.88 -30.20 -31.05
C ALA D 210 2.39 -30.15 -29.60
N TYR D 211 2.70 -29.04 -28.90
CA TYR D 211 2.28 -28.85 -27.52
C TYR D 211 0.77 -28.85 -27.34
N GLY D 212 0.01 -28.67 -28.42
CA GLY D 212 -1.41 -28.38 -28.34
C GLY D 212 -1.77 -26.92 -28.45
N TRP D 213 -0.81 -26.07 -28.82
CA TRP D 213 -1.03 -24.65 -28.97
C TRP D 213 -1.51 -24.30 -30.37
N GLN D 214 -2.02 -23.08 -30.51
CA GLN D 214 -2.34 -22.51 -31.80
C GLN D 214 -1.27 -21.49 -32.15
N HIS D 215 -0.75 -21.56 -33.36
CA HIS D 215 0.33 -20.67 -33.81
C HIS D 215 -0.17 -19.77 -34.92
N ILE D 216 0.01 -18.46 -34.74
CA ILE D 216 -0.26 -17.47 -35.75
C ILE D 216 1.07 -16.82 -36.09
N LEU D 217 1.34 -16.61 -37.37
CA LEU D 217 2.53 -15.91 -37.80
C LEU D 217 2.12 -14.54 -38.33
N VAL D 218 2.74 -13.50 -37.80
CA VAL D 218 2.58 -12.13 -38.29
C VAL D 218 3.90 -11.77 -38.94
N LYS D 219 3.91 -11.63 -40.27
CA LYS D 219 5.17 -11.47 -40.98
C LYS D 219 5.66 -10.01 -40.95
N ASP D 220 4.74 -9.04 -40.82
CA ASP D 220 5.14 -7.65 -40.58
C ASP D 220 4.78 -7.27 -39.15
N GLY D 221 5.79 -6.98 -38.35
CA GLY D 221 5.63 -6.58 -36.97
C GLY D 221 5.26 -5.14 -36.75
N ASN D 222 5.16 -4.35 -37.81
CA ASN D 222 4.76 -2.95 -37.72
C ASN D 222 3.34 -2.74 -38.20
N ASP D 223 2.60 -3.82 -38.46
CA ASP D 223 1.21 -3.75 -38.89
C ASP D 223 0.32 -3.98 -37.67
N LEU D 224 -0.19 -2.89 -37.10
CA LEU D 224 -1.06 -2.98 -35.93
C LEU D 224 -2.32 -3.78 -36.26
N GLU D 225 -2.88 -3.59 -37.45
CA GLU D 225 -4.07 -4.32 -37.83
C GLU D 225 -3.83 -5.82 -37.82
N ALA D 226 -2.68 -6.26 -38.34
CA ALA D 226 -2.41 -7.69 -38.40
C ALA D 226 -2.25 -8.28 -37.01
N ILE D 227 -1.51 -7.59 -36.14
CA ILE D 227 -1.34 -8.07 -34.76
C ILE D 227 -2.69 -8.13 -34.05
N SER D 228 -3.51 -7.09 -34.18
CA SER D 228 -4.82 -7.09 -33.53
C SER D 228 -5.68 -8.25 -34.03
N LYS D 229 -5.68 -8.49 -35.35
CA LYS D 229 -6.44 -9.61 -35.88
C LYS D 229 -5.93 -10.94 -35.34
N ALA D 230 -4.60 -11.07 -35.20
CA ALA D 230 -4.06 -12.28 -34.59
C ALA D 230 -4.54 -12.44 -33.15
N ILE D 231 -4.50 -11.36 -32.37
CA ILE D 231 -4.96 -11.45 -30.98
C ILE D 231 -6.44 -11.84 -30.94
N GLU D 232 -7.24 -11.24 -31.83
CA GLU D 232 -8.67 -11.51 -31.80
C GLU D 232 -8.96 -12.95 -32.22
N GLU D 233 -8.21 -13.47 -33.19
CA GLU D 233 -8.33 -14.88 -33.54
C GLU D 233 -7.87 -15.76 -32.38
N ALA D 234 -6.78 -15.38 -31.71
CA ALA D 234 -6.28 -16.16 -30.59
C ALA D 234 -7.32 -16.27 -29.48
N LYS D 235 -8.00 -15.16 -29.17
CA LYS D 235 -9.07 -15.20 -28.18
C LYS D 235 -10.19 -16.12 -28.64
N ALA D 236 -10.47 -16.14 -29.94
CA ALA D 236 -11.55 -16.97 -30.45
C ALA D 236 -11.28 -18.45 -30.22
N GLU D 237 -10.01 -18.86 -30.15
CA GLU D 237 -9.76 -20.29 -29.90
C GLU D 237 -9.76 -20.52 -28.39
N THR D 238 -10.90 -21.00 -27.90
CA THR D 238 -11.03 -21.31 -26.49
C THR D 238 -10.19 -22.52 -26.11
N ASP D 239 -10.10 -23.51 -27.00
CA ASP D 239 -9.56 -24.81 -26.60
C ASP D 239 -8.04 -24.82 -26.49
N LYS D 240 -7.35 -24.02 -27.30
CA LYS D 240 -5.90 -24.16 -27.32
C LYS D 240 -5.22 -22.85 -26.91
N PRO D 241 -4.12 -22.94 -26.15
CA PRO D 241 -3.29 -21.76 -25.93
C PRO D 241 -2.69 -21.33 -27.26
N THR D 242 -2.39 -20.03 -27.38
CA THR D 242 -1.96 -19.47 -28.66
C THR D 242 -0.62 -18.76 -28.53
N LEU D 243 0.28 -19.06 -29.46
CA LEU D 243 1.53 -18.33 -29.62
C LEU D 243 1.43 -17.52 -30.91
N ILE D 244 1.57 -16.21 -30.79
CA ILE D 244 1.59 -15.32 -31.95
C ILE D 244 3.04 -14.99 -32.22
N GLU D 245 3.55 -15.44 -33.38
CA GLU D 245 4.91 -15.16 -33.78
C GLU D 245 4.91 -13.90 -34.62
N VAL D 246 5.51 -12.84 -34.10
CA VAL D 246 5.54 -11.54 -34.76
C VAL D 246 6.96 -11.31 -35.25
N LYS D 247 7.12 -11.20 -36.56
CA LYS D 247 8.41 -10.98 -37.17
C LYS D 247 8.72 -9.49 -37.12
N THR D 248 9.74 -9.13 -36.36
CA THR D 248 10.06 -7.75 -36.08
C THR D 248 11.52 -7.52 -36.42
N VAL D 249 11.89 -6.24 -36.49
CA VAL D 249 13.27 -5.84 -36.66
C VAL D 249 13.74 -5.32 -35.32
N ILE D 250 14.77 -5.97 -34.76
CA ILE D 250 15.34 -5.47 -33.52
C ILE D 250 16.00 -4.12 -33.79
N GLY D 251 15.73 -3.17 -32.91
CA GLY D 251 16.14 -1.78 -33.12
C GLY D 251 15.59 -1.15 -34.40
N TYR D 252 14.29 -1.30 -34.63
CA TYR D 252 13.67 -0.76 -35.84
C TYR D 252 13.89 0.75 -35.92
N GLY D 253 14.59 1.20 -36.95
CA GLY D 253 14.93 2.59 -37.15
C GLY D 253 16.39 2.93 -36.91
N ALA D 254 17.08 2.17 -36.06
CA ALA D 254 18.49 2.42 -35.80
C ALA D 254 19.37 2.04 -37.00
N PRO D 255 20.55 2.62 -37.12
CA PRO D 255 21.49 2.15 -38.15
C PRO D 255 22.02 0.76 -37.88
N LYS D 256 21.79 0.25 -36.68
CA LYS D 256 22.23 -1.06 -36.24
C LYS D 256 21.09 -2.08 -36.29
N GLU D 257 19.98 -1.77 -36.97
CA GLU D 257 18.81 -2.64 -36.90
C GLU D 257 19.09 -3.98 -37.55
N GLY D 258 18.40 -5.02 -37.08
CA GLY D 258 18.67 -6.37 -37.53
C GLY D 258 20.00 -6.94 -37.08
N THR D 259 20.68 -6.27 -36.14
CA THR D 259 21.95 -6.75 -35.61
C THR D 259 21.85 -6.87 -34.09
N SER D 260 22.74 -7.68 -33.52
CA SER D 260 22.77 -7.88 -32.07
C SER D 260 23.10 -6.60 -31.30
N ALA D 261 23.74 -5.62 -31.95
CA ALA D 261 24.24 -4.45 -31.23
C ALA D 261 23.13 -3.75 -30.46
N VAL D 262 21.96 -3.60 -31.09
CA VAL D 262 20.83 -2.93 -30.45
C VAL D 262 20.29 -3.67 -29.23
N HIS D 263 20.83 -4.85 -28.91
CA HIS D 263 20.27 -5.61 -27.81
C HIS D 263 20.51 -4.92 -26.47
N GLY D 264 21.77 -4.82 -26.02
CA GLY D 264 22.06 -4.44 -24.65
C GLY D 264 22.74 -3.12 -24.42
N ALA D 265 22.97 -2.33 -25.45
CA ALA D 265 23.68 -1.07 -25.31
C ALA D 265 22.87 0.06 -25.93
N PRO D 266 22.93 1.25 -25.33
CA PRO D 266 22.23 2.40 -25.91
C PRO D 266 22.60 2.59 -27.38
N LEU D 267 21.60 3.04 -28.15
CA LEU D 267 21.84 3.33 -29.56
C LEU D 267 22.93 4.38 -29.76
N GLY D 268 23.01 5.34 -28.85
CA GLY D 268 23.76 6.55 -29.08
C GLY D 268 22.86 7.63 -29.65
N GLU D 269 23.22 8.89 -29.38
CA GLU D 269 22.34 10.01 -29.73
C GLU D 269 22.11 10.09 -31.24
N ASP D 270 23.13 9.81 -32.04
CA ASP D 270 22.96 9.84 -33.49
C ASP D 270 22.03 8.72 -33.93
N GLY D 271 22.18 7.54 -33.34
CA GLY D 271 21.25 6.45 -33.64
C GLY D 271 19.83 6.79 -33.29
N ILE D 272 19.63 7.43 -32.13
CA ILE D 272 18.30 7.92 -31.76
C ILE D 272 17.79 8.90 -32.81
N LYS D 273 18.68 9.79 -33.26
CA LYS D 273 18.26 10.83 -34.20
C LYS D 273 17.87 10.23 -35.54
N MET D 274 18.69 9.30 -36.05
CA MET D 274 18.36 8.61 -37.29
C MET D 274 17.07 7.80 -37.15
N ALA D 275 16.93 7.11 -36.02
CA ALA D 275 15.70 6.38 -35.74
C ALA D 275 14.50 7.31 -35.71
N LYS D 276 14.63 8.46 -35.03
CA LYS D 276 13.54 9.42 -34.98
C LYS D 276 13.18 9.93 -36.37
N GLU D 277 14.17 10.04 -37.26
CA GLU D 277 13.91 10.49 -38.62
C GLU D 277 13.03 9.48 -39.36
N VAL D 278 13.33 8.18 -39.20
CA VAL D 278 12.47 7.16 -39.76
C VAL D 278 11.06 7.31 -39.23
N TYR D 279 10.92 7.55 -37.93
CA TYR D 279 9.60 7.74 -37.35
C TYR D 279 8.92 9.00 -37.86
N GLY D 280 9.72 10.02 -38.19
CA GLY D 280 9.20 11.37 -38.35
C GLY D 280 9.11 12.13 -37.05
N TRP D 281 9.85 11.72 -36.03
CA TRP D 281 9.76 12.27 -34.67
C TRP D 281 10.52 13.59 -34.59
N GLU D 282 9.79 14.69 -34.73
CA GLU D 282 10.33 16.02 -34.51
C GLU D 282 9.98 16.54 -33.12
N TYR D 283 9.29 15.71 -32.34
CA TYR D 283 8.91 16.07 -30.98
C TYR D 283 10.14 16.12 -30.08
N PRO D 284 10.06 16.91 -29.01
CA PRO D 284 11.19 16.98 -28.07
C PRO D 284 11.33 15.71 -27.25
N ASP D 285 12.48 15.59 -26.57
CA ASP D 285 12.77 14.41 -25.77
C ASP D 285 11.86 14.30 -24.56
N PHE D 286 11.53 13.06 -24.19
CA PHE D 286 10.67 12.78 -23.04
C PHE D 286 9.37 13.56 -23.10
N THR D 287 8.81 13.63 -24.30
CA THR D 287 7.55 14.30 -24.54
C THR D 287 6.58 13.30 -25.14
N VAL D 288 5.43 13.16 -24.50
CA VAL D 288 4.34 12.34 -25.02
C VAL D 288 3.39 13.25 -25.79
N PRO D 289 3.16 13.00 -27.07
CA PRO D 289 2.24 13.88 -27.82
C PRO D 289 0.86 13.90 -27.17
N GLU D 290 0.24 15.09 -27.17
CA GLU D 290 -1.10 15.23 -26.59
C GLU D 290 -2.07 14.23 -27.21
N GLU D 291 -2.04 14.13 -28.54
CA GLU D 291 -2.92 13.20 -29.25
C GLU D 291 -2.75 11.78 -28.73
N VAL D 292 -1.51 11.39 -28.42
CA VAL D 292 -1.23 10.05 -27.92
C VAL D 292 -1.84 9.84 -26.54
N ALA D 293 -1.66 10.83 -25.66
CA ALA D 293 -2.22 10.73 -24.32
C ALA D 293 -3.74 10.52 -24.35
N ALA D 294 -4.45 11.34 -25.13
CA ALA D 294 -5.90 11.20 -25.20
C ALA D 294 -6.31 9.83 -25.71
N ARG D 295 -5.62 9.31 -26.75
CA ARG D 295 -5.95 7.99 -27.26
C ARG D 295 -5.78 6.94 -26.17
N PHE D 296 -4.64 6.96 -25.47
CA PHE D 296 -4.45 6.06 -24.35
C PHE D 296 -5.57 6.22 -23.32
N HIS D 297 -5.96 7.47 -23.05
CA HIS D 297 -6.97 7.75 -22.02
C HIS D 297 -8.30 7.10 -22.34
N GLN D 298 -8.79 7.28 -23.58
CA GLN D 298 -10.01 6.63 -23.99
C GLN D 298 -9.84 5.12 -24.04
N THR D 299 -8.80 4.66 -24.74
CA THR D 299 -8.65 3.22 -24.96
C THR D 299 -8.40 2.47 -23.65
N MET D 300 -7.61 3.05 -22.74
CA MET D 300 -7.23 2.35 -21.52
C MET D 300 -7.96 2.84 -20.27
N ILE D 301 -7.85 4.13 -19.93
CA ILE D 301 -8.44 4.58 -18.66
C ILE D 301 -9.96 4.59 -18.72
N GLU D 302 -10.54 5.22 -19.75
CA GLU D 302 -11.99 5.32 -19.83
C GLU D 302 -12.64 3.95 -19.98
N GLU D 303 -12.15 3.16 -20.94
CA GLU D 303 -12.72 1.83 -21.17
C GLU D 303 -12.51 0.93 -19.97
N GLY D 304 -11.33 1.00 -19.35
CA GLY D 304 -11.06 0.16 -18.18
C GLY D 304 -11.97 0.47 -17.02
N GLN D 305 -12.21 1.75 -16.75
CA GLN D 305 -13.11 2.11 -15.67
C GLN D 305 -14.52 1.59 -15.94
N LYS D 306 -14.98 1.71 -17.18
CA LYS D 306 -16.30 1.18 -17.52
C LYS D 306 -16.35 -0.32 -17.30
N ALA D 307 -15.25 -1.02 -17.59
CA ALA D 307 -15.20 -2.47 -17.44
C ALA D 307 -15.28 -2.88 -15.97
N GLU D 308 -14.45 -2.27 -15.11
CA GLU D 308 -14.50 -2.56 -13.68
C GLU D 308 -15.86 -2.18 -13.10
N ASP D 309 -16.43 -1.07 -13.57
CA ASP D 309 -17.74 -0.66 -13.08
C ASP D 309 -18.78 -1.74 -13.37
N ALA D 310 -18.73 -2.31 -14.58
CA ALA D 310 -19.63 -3.40 -14.94
C ALA D 310 -19.37 -4.63 -14.07
N TRP D 311 -18.10 -5.01 -13.91
CA TRP D 311 -17.75 -6.15 -13.05
C TRP D 311 -18.26 -5.95 -11.64
N ASN D 312 -18.10 -4.74 -11.10
CA ASN D 312 -18.54 -4.48 -9.73
C ASN D 312 -20.04 -4.62 -9.59
N GLU D 313 -20.81 -4.18 -10.60
CA GLU D 313 -22.25 -4.39 -10.59
C GLU D 313 -22.58 -5.87 -10.62
N MET D 314 -21.91 -6.62 -11.49
CA MET D 314 -22.15 -8.05 -11.56
C MET D 314 -21.85 -8.72 -10.22
N PHE D 315 -20.73 -8.34 -9.59
CA PHE D 315 -20.35 -8.97 -8.32
C PHE D 315 -21.33 -8.62 -7.20
N ALA D 316 -21.81 -7.38 -7.18
CA ALA D 316 -22.86 -7.02 -6.24
C ALA D 316 -24.09 -7.92 -6.43
N ASN D 317 -24.50 -8.13 -7.69
CA ASN D 317 -25.61 -9.03 -7.96
C ASN D 317 -25.23 -10.48 -7.67
N TYR D 318 -23.99 -10.85 -7.96
CA TYR D 318 -23.48 -12.18 -7.60
C TYR D 318 -23.52 -12.39 -6.09
N LYS D 319 -23.10 -11.37 -5.34
CA LYS D 319 -23.08 -11.47 -3.88
C LYS D 319 -24.49 -11.68 -3.33
N LYS D 320 -25.47 -10.95 -3.87
CA LYS D 320 -26.85 -11.17 -3.43
C LYS D 320 -27.31 -12.58 -3.76
N ALA D 321 -27.09 -13.01 -5.00
CA ALA D 321 -27.61 -14.30 -5.43
C ALA D 321 -26.87 -15.46 -4.75
N TYR D 322 -25.55 -15.33 -4.59
CA TYR D 322 -24.71 -16.37 -4.00
C TYR D 322 -23.86 -15.75 -2.90
N PRO D 323 -24.48 -15.48 -1.74
CA PRO D 323 -23.77 -14.68 -0.72
C PRO D 323 -22.48 -15.30 -0.22
N GLU D 324 -22.51 -16.56 0.20
CA GLU D 324 -21.33 -17.13 0.84
C GLU D 324 -20.19 -17.30 -0.16
N LEU D 325 -20.50 -17.80 -1.37
CA LEU D 325 -19.45 -18.00 -2.38
C LEU D 325 -18.78 -16.68 -2.75
N ALA D 326 -19.58 -15.61 -2.91
CA ALA D 326 -18.99 -14.30 -3.18
C ALA D 326 -18.04 -13.88 -2.06
N GLN D 327 -18.45 -14.08 -0.80
CA GLN D 327 -17.59 -13.74 0.33
C GLN D 327 -16.32 -14.57 0.30
N GLN D 328 -16.44 -15.84 -0.06
CA GLN D 328 -15.26 -16.70 -0.23
C GLN D 328 -14.34 -16.14 -1.30
N PHE D 329 -14.90 -15.67 -2.42
CA PHE D 329 -14.09 -15.06 -3.47
C PHE D 329 -13.31 -13.87 -2.93
N GLU D 330 -14.00 -12.94 -2.26
CA GLU D 330 -13.33 -11.81 -1.64
C GLU D 330 -12.28 -12.27 -0.66
N ASP D 331 -12.64 -13.24 0.20
CA ASP D 331 -11.70 -13.74 1.20
C ASP D 331 -10.51 -14.42 0.54
N ALA D 332 -10.75 -15.21 -0.51
CA ALA D 332 -9.65 -15.89 -1.18
C ALA D 332 -8.66 -14.89 -1.76
N PHE D 333 -9.17 -13.88 -2.46
CA PHE D 333 -8.28 -12.87 -3.03
C PHE D 333 -7.64 -12.02 -1.95
N ASP D 334 -8.35 -11.79 -0.83
CA ASP D 334 -7.74 -11.03 0.27
C ASP D 334 -6.71 -11.86 1.01
N GLY D 335 -6.77 -13.18 0.89
CA GLY D 335 -5.85 -14.06 1.57
C GLY D 335 -6.31 -14.54 2.92
N LYS D 336 -7.54 -14.22 3.30
CA LYS D 336 -8.06 -14.58 4.61
C LYS D 336 -8.22 -16.10 4.73
N LEU D 337 -7.46 -16.71 5.65
CA LEU D 337 -7.67 -18.12 5.95
C LEU D 337 -8.99 -18.27 6.69
N PRO D 338 -9.80 -19.28 6.33
CA PRO D 338 -11.09 -19.45 6.99
C PRO D 338 -10.94 -19.67 8.49
N GLU D 339 -11.95 -19.26 9.24
CA GLU D 339 -11.93 -19.43 10.68
C GLU D 339 -11.82 -20.91 11.06
N ASN D 340 -11.08 -21.18 12.12
CA ASN D 340 -10.87 -22.53 12.63
C ASN D 340 -10.33 -23.48 11.56
N TRP D 341 -9.49 -22.95 10.67
CA TRP D 341 -8.82 -23.79 9.68
C TRP D 341 -7.90 -24.81 10.35
N ASP D 342 -7.30 -24.45 11.49
CA ASP D 342 -6.38 -25.33 12.20
C ASP D 342 -7.09 -26.26 13.16
N ALA D 343 -8.40 -26.13 13.32
CA ALA D 343 -9.09 -26.82 14.40
C ALA D 343 -8.98 -28.34 14.27
N GLU D 344 -9.10 -28.87 13.06
CA GLU D 344 -9.09 -30.31 12.84
C GLU D 344 -7.73 -30.81 12.34
N LEU D 345 -6.72 -29.95 12.31
CA LEU D 345 -5.39 -30.38 11.91
C LEU D 345 -4.89 -31.48 12.86
N PRO D 346 -4.11 -32.44 12.37
CA PRO D 346 -3.87 -33.65 13.16
C PRO D 346 -2.82 -33.45 14.25
N THR D 347 -3.02 -34.15 15.36
CA THR D 347 -2.02 -34.19 16.43
C THR D 347 -1.55 -35.62 16.59
N TYR D 348 -0.29 -35.78 16.98
CA TYR D 348 0.35 -37.08 17.04
C TYR D 348 0.91 -37.32 18.44
N GLU D 349 0.66 -38.52 18.96
CA GLU D 349 1.06 -38.93 20.30
C GLU D 349 2.47 -39.54 20.28
N VAL D 350 3.10 -39.56 21.46
CA VAL D 350 4.53 -39.84 21.56
C VAL D 350 4.86 -41.23 21.02
N GLY D 351 3.98 -42.20 21.25
CA GLY D 351 4.25 -43.56 20.78
C GLY D 351 4.32 -43.69 19.27
N SER D 352 3.82 -42.69 18.54
CA SER D 352 3.69 -42.83 17.10
C SER D 352 5.00 -42.56 16.37
N SER D 353 5.17 -43.23 15.22
CA SER D 353 6.30 -43.00 14.34
C SER D 353 5.76 -42.93 12.92
N GLN D 354 6.04 -41.82 12.23
CA GLN D 354 5.46 -41.57 10.92
C GLN D 354 6.42 -40.69 10.13
N ALA D 355 6.45 -40.90 8.83
CA ALA D 355 7.26 -40.05 7.97
C ALA D 355 6.70 -38.64 7.91
N SER D 356 7.59 -37.67 7.68
CA SER D 356 7.15 -36.29 7.51
C SER D 356 6.17 -36.15 6.35
N ARG D 357 6.38 -36.91 5.26
CA ARG D 357 5.49 -36.82 4.11
C ARG D 357 4.09 -37.32 4.45
N VAL D 358 4.01 -38.42 5.21
CA VAL D 358 2.68 -38.91 5.63
C VAL D 358 2.02 -37.87 6.53
N SER D 359 2.77 -37.33 7.48
CA SER D 359 2.26 -36.26 8.30
C SER D 359 1.82 -35.09 7.44
N SER D 360 2.64 -34.73 6.46
CA SER D 360 2.28 -33.65 5.55
C SER D 360 0.99 -33.96 4.81
N LYS D 361 0.82 -35.21 4.36
CA LYS D 361 -0.40 -35.57 3.65
C LYS D 361 -1.63 -35.29 4.50
N GLU D 362 -1.59 -35.63 5.78
CA GLU D 362 -2.77 -35.46 6.62
C GLU D 362 -3.09 -33.98 6.85
N VAL D 363 -2.07 -33.17 7.14
CA VAL D 363 -2.31 -31.73 7.24
C VAL D 363 -2.96 -31.22 5.96
N ILE D 364 -2.42 -31.63 4.81
CA ILE D 364 -2.93 -31.18 3.52
C ILE D 364 -4.40 -31.51 3.37
N GLN D 365 -4.80 -32.73 3.76
CA GLN D 365 -6.19 -33.12 3.64
C GLN D 365 -7.10 -32.22 4.45
N GLU D 366 -6.70 -31.90 5.68
CA GLU D 366 -7.50 -31.03 6.51
C GLU D 366 -7.43 -29.59 6.02
N LEU D 367 -6.24 -29.14 5.60
CA LEU D 367 -6.12 -27.82 4.99
C LEU D 367 -7.01 -27.71 3.77
N SER D 368 -7.14 -28.79 3.00
CA SER D 368 -7.99 -28.73 1.81
C SER D 368 -9.46 -28.64 2.19
N LYS D 369 -9.90 -29.46 3.14
CA LYS D 369 -11.30 -29.38 3.56
C LYS D 369 -11.63 -28.00 4.11
N ALA D 370 -10.79 -27.47 4.99
CA ALA D 370 -11.10 -26.17 5.58
C ALA D 370 -11.02 -25.05 4.56
N ILE D 371 -9.99 -25.04 3.73
CA ILE D 371 -9.67 -23.92 2.84
C ILE D 371 -9.98 -24.33 1.40
N PRO D 372 -11.07 -23.84 0.81
CA PRO D 372 -11.27 -24.08 -0.62
C PRO D 372 -10.19 -23.46 -1.48
N SER D 373 -9.63 -22.32 -1.05
CA SER D 373 -8.60 -21.63 -1.83
C SER D 373 -7.36 -22.49 -2.00
N PHE D 374 -7.05 -23.31 -1.00
CA PHE D 374 -5.87 -24.17 -1.01
C PHE D 374 -5.92 -25.15 -2.19
N TRP D 375 -4.81 -25.25 -2.92
CA TRP D 375 -4.69 -26.25 -3.98
C TRP D 375 -3.21 -26.45 -4.30
N GLY D 376 -2.93 -27.44 -5.14
CA GLY D 376 -1.56 -27.77 -5.44
C GLY D 376 -1.42 -29.19 -5.97
N GLY D 377 -0.17 -29.62 -6.08
CA GLY D 377 0.11 -30.92 -6.66
C GLY D 377 1.60 -31.19 -6.67
N SER D 378 2.00 -32.17 -7.48
CA SER D 378 3.37 -32.64 -7.53
C SER D 378 3.82 -32.85 -8.96
N ALA D 379 5.15 -32.93 -9.13
CA ALA D 379 5.78 -33.18 -10.41
C ALA D 379 5.89 -34.68 -10.63
N ASP D 380 4.75 -35.30 -10.88
CA ASP D 380 4.66 -36.74 -11.12
C ASP D 380 5.19 -37.56 -9.95
N LEU D 381 5.19 -37.00 -8.73
CA LEU D 381 5.73 -37.67 -7.56
C LEU D 381 4.76 -37.63 -6.39
N SER D 382 3.47 -37.48 -6.69
CA SER D 382 2.48 -37.25 -5.64
C SER D 382 2.41 -38.43 -4.68
N GLY D 383 2.32 -39.65 -5.21
CA GLY D 383 2.33 -40.82 -4.35
C GLY D 383 3.55 -40.87 -3.45
N SER D 384 4.71 -40.49 -3.99
CA SER D 384 5.93 -40.47 -3.18
C SER D 384 5.92 -39.28 -2.22
N ASN D 385 5.46 -38.11 -2.67
CA ASN D 385 5.44 -36.93 -1.83
C ASN D 385 4.18 -36.82 -0.97
N ASN D 386 3.17 -37.64 -1.21
CA ASN D 386 1.94 -37.61 -0.43
C ASN D 386 1.33 -36.20 -0.44
N THR D 387 1.13 -35.68 -1.65
CA THR D 387 0.64 -34.33 -1.89
C THR D 387 -0.72 -34.37 -2.57
N MET D 388 -1.57 -35.32 -2.23
CA MET D 388 -2.85 -35.48 -2.92
C MET D 388 -4.00 -35.40 -1.94
N VAL D 389 -5.05 -34.69 -2.35
CA VAL D 389 -6.25 -34.52 -1.55
C VAL D 389 -7.30 -35.51 -2.06
N ALA D 390 -7.75 -36.39 -1.16
CA ALA D 390 -8.69 -37.42 -1.58
C ALA D 390 -9.98 -36.83 -2.16
N ALA D 391 -10.45 -35.71 -1.62
CA ALA D 391 -11.77 -35.23 -1.95
C ALA D 391 -11.83 -34.21 -3.11
N ASP D 392 -10.72 -33.90 -3.78
CA ASP D 392 -10.72 -32.75 -4.70
C ASP D 392 -10.28 -33.08 -6.13
N LYS D 393 -10.68 -34.25 -6.64
CA LYS D 393 -10.68 -34.54 -8.08
C LYS D 393 -9.28 -34.30 -8.67
N ASP D 394 -9.19 -33.55 -9.76
CA ASP D 394 -7.98 -33.27 -10.52
C ASP D 394 -8.23 -31.98 -11.30
N PHE D 395 -7.18 -31.20 -11.52
CA PHE D 395 -7.27 -29.96 -12.28
C PHE D 395 -7.20 -30.31 -13.76
N THR D 396 -8.35 -30.41 -14.42
CA THR D 396 -8.45 -30.90 -15.79
C THR D 396 -9.24 -29.91 -16.63
N PRO D 397 -9.05 -29.93 -17.94
CA PRO D 397 -9.92 -29.13 -18.81
C PRO D 397 -11.39 -29.43 -18.60
N GLU D 398 -11.71 -30.69 -18.30
CA GLU D 398 -13.10 -31.05 -18.02
C GLU D 398 -13.54 -30.57 -16.63
N HIS D 399 -12.64 -30.57 -15.63
CA HIS D 399 -12.97 -30.13 -14.27
C HIS D 399 -11.88 -29.17 -13.79
N TYR D 400 -11.95 -27.90 -14.18
CA TYR D 400 -11.00 -26.91 -13.68
C TYR D 400 -11.20 -26.62 -12.20
N GLU D 401 -12.38 -26.91 -11.66
CA GLU D 401 -12.61 -26.74 -10.23
C GLU D 401 -11.72 -27.65 -9.39
N GLY D 402 -11.15 -28.70 -9.99
CA GLY D 402 -10.30 -29.60 -9.22
C GLY D 402 -9.07 -28.91 -8.68
N ARG D 403 -8.56 -29.44 -7.56
CA ARG D 403 -7.46 -28.82 -6.82
C ARG D 403 -6.26 -29.75 -6.65
N ASN D 404 -6.22 -30.83 -7.42
CA ASN D 404 -5.07 -31.71 -7.45
C ASN D 404 -4.44 -31.57 -8.83
N ILE D 405 -3.20 -31.11 -8.89
CA ILE D 405 -2.52 -30.79 -10.14
C ILE D 405 -1.50 -31.86 -10.46
N TRP D 406 -1.61 -32.42 -11.67
CA TRP D 406 -0.59 -33.26 -12.25
C TRP D 406 0.31 -32.33 -13.05
N PHE D 407 1.43 -31.93 -12.47
CA PHE D 407 2.36 -31.04 -13.18
C PHE D 407 3.22 -31.77 -14.20
N GLY D 408 3.36 -33.08 -14.08
CA GLY D 408 4.32 -33.82 -14.86
C GLY D 408 5.73 -33.58 -14.36
N VAL D 409 6.69 -34.25 -15.00
CA VAL D 409 8.10 -34.08 -14.63
C VAL D 409 8.62 -32.75 -15.16
N ARG D 410 8.03 -31.67 -14.66
CA ARG D 410 8.36 -30.30 -15.06
C ARG D 410 8.62 -29.53 -13.76
N GLU D 411 9.73 -29.84 -13.09
CA GLU D 411 9.98 -29.28 -11.76
C GLU D 411 10.06 -27.76 -11.81
N PHE D 412 10.93 -27.23 -12.68
CA PHE D 412 11.05 -25.79 -12.90
C PHE D 412 9.70 -25.17 -13.24
N ALA D 413 8.98 -25.77 -14.21
CA ALA D 413 7.71 -25.20 -14.63
C ALA D 413 6.71 -25.15 -13.47
N MET D 414 6.59 -26.25 -12.72
CA MET D 414 5.68 -26.29 -11.59
C MET D 414 5.89 -25.07 -10.68
N ALA D 415 7.14 -24.87 -10.24
CA ALA D 415 7.43 -23.82 -9.29
C ALA D 415 7.12 -22.42 -9.86
N SER D 416 7.54 -22.14 -11.10
CA SER D 416 7.30 -20.81 -11.67
C SER D 416 5.82 -20.61 -11.97
N ALA D 417 5.15 -21.66 -12.46
CA ALA D 417 3.69 -21.63 -12.52
C ALA D 417 3.10 -21.26 -11.15
N MET D 418 3.61 -21.89 -10.09
CA MET D 418 3.13 -21.59 -8.75
C MET D 418 3.35 -20.13 -8.39
N ASN D 419 4.52 -19.58 -8.74
CA ASN D 419 4.79 -18.17 -8.49
C ASN D 419 3.78 -17.30 -9.23
N GLY D 420 3.35 -17.75 -10.42
CA GLY D 420 2.30 -17.05 -11.13
C GLY D 420 0.93 -17.21 -10.47
N ILE D 421 0.62 -18.42 -9.99
CA ILE D 421 -0.68 -18.64 -9.35
C ILE D 421 -0.82 -17.76 -8.12
N GLN D 422 0.25 -17.64 -7.32
CA GLN D 422 0.19 -16.74 -6.17
C GLN D 422 0.03 -15.30 -6.63
N LEU D 423 0.85 -14.87 -7.59
CA LEU D 423 0.78 -13.49 -8.05
C LEU D 423 -0.61 -13.16 -8.59
N HIS D 424 -1.26 -14.13 -9.24
CA HIS D 424 -2.63 -13.92 -9.67
C HIS D 424 -3.52 -13.61 -8.48
N GLY D 425 -3.47 -14.45 -7.45
CA GLY D 425 -4.29 -14.28 -6.27
C GLY D 425 -5.52 -15.19 -6.28
N GLY D 426 -6.26 -15.12 -5.17
CA GLY D 426 -7.40 -15.98 -4.92
C GLY D 426 -7.06 -17.42 -4.58
N THR D 427 -5.78 -17.75 -4.42
CA THR D 427 -5.40 -19.14 -4.22
C THR D 427 -4.09 -19.21 -3.43
N ARG D 428 -3.90 -20.34 -2.76
CA ARG D 428 -2.66 -20.68 -2.08
C ARG D 428 -2.20 -22.01 -2.66
N ILE D 429 -0.94 -22.10 -3.09
CA ILE D 429 -0.51 -23.28 -3.84
C ILE D 429 0.69 -23.96 -3.18
N TYR D 430 0.74 -25.28 -3.36
CA TYR D 430 1.86 -26.11 -2.98
C TYR D 430 2.29 -26.92 -4.19
N GLY D 431 3.58 -27.18 -4.28
CA GLY D 431 4.17 -28.02 -5.30
C GLY D 431 5.16 -28.97 -4.67
N GLY D 432 5.17 -30.21 -5.15
CA GLY D 432 5.97 -31.26 -4.53
C GLY D 432 6.93 -31.90 -5.51
N THR D 433 8.12 -32.22 -5.00
CA THR D 433 9.10 -33.03 -5.69
C THR D 433 10.09 -33.48 -4.63
N PHE D 434 10.99 -34.39 -5.00
CA PHE D 434 12.04 -34.79 -4.07
C PHE D 434 12.91 -33.59 -3.75
N PHE D 435 13.39 -33.54 -2.50
CA PHE D 435 14.24 -32.43 -2.09
C PHE D 435 15.53 -32.37 -2.88
N VAL D 436 16.01 -33.51 -3.39
CA VAL D 436 17.25 -33.52 -4.14
C VAL D 436 17.12 -32.69 -5.41
N PHE D 437 15.91 -32.56 -5.96
CA PHE D 437 15.68 -31.85 -7.21
C PHE D 437 15.19 -30.43 -6.97
N VAL D 438 15.45 -29.88 -5.79
CA VAL D 438 15.30 -28.43 -5.63
C VAL D 438 16.20 -27.71 -6.62
N ASP D 439 17.30 -28.34 -7.00
CA ASP D 439 18.22 -27.75 -7.98
C ASP D 439 17.51 -27.44 -9.29
N TYR D 440 16.59 -28.32 -9.71
CA TYR D 440 15.87 -28.12 -10.98
C TYR D 440 14.98 -26.88 -10.95
N LEU D 441 14.26 -26.68 -9.84
CA LEU D 441 13.36 -25.53 -9.69
C LEU D 441 14.00 -24.36 -8.97
N ARG D 442 15.29 -24.44 -8.66
CA ARG D 442 15.97 -23.39 -7.90
C ARG D 442 15.77 -21.99 -8.47
N PRO D 443 15.87 -21.75 -9.78
CA PRO D 443 15.65 -20.36 -10.24
C PRO D 443 14.28 -19.81 -9.85
N ALA D 444 13.25 -20.67 -9.87
CA ALA D 444 11.92 -20.21 -9.52
C ALA D 444 11.81 -19.86 -8.04
N VAL D 445 12.56 -20.56 -7.17
CA VAL D 445 12.56 -20.23 -5.75
C VAL D 445 13.18 -18.84 -5.52
N ARG D 446 14.30 -18.57 -6.20
CA ARG D 446 14.94 -17.25 -6.07
C ARG D 446 14.01 -16.15 -6.55
N LEU D 447 13.31 -16.38 -7.66
CA LEU D 447 12.32 -15.43 -8.13
C LEU D 447 11.20 -15.28 -7.12
N ALA D 448 10.80 -16.39 -6.50
CA ALA D 448 9.77 -16.33 -5.47
C ALA D 448 10.25 -15.48 -4.28
N ALA D 449 11.49 -15.68 -3.85
CA ALA D 449 12.03 -14.85 -2.78
C ALA D 449 12.01 -13.38 -3.16
N ILE D 450 12.44 -13.06 -4.38
CA ILE D 450 12.43 -11.67 -4.83
C ILE D 450 11.01 -11.12 -4.85
N GLN D 451 10.05 -11.87 -5.37
CA GLN D 451 8.68 -11.41 -5.51
C GLN D 451 7.86 -11.51 -4.23
N HIS D 452 8.44 -11.99 -3.13
CA HIS D 452 7.73 -12.19 -1.87
C HIS D 452 6.42 -12.96 -2.07
N THR D 453 6.56 -14.14 -2.71
CA THR D 453 5.38 -14.93 -3.02
C THR D 453 5.20 -16.03 -2.00
N PRO D 454 4.00 -16.09 -1.34
CA PRO D 454 3.74 -17.05 -0.26
C PRO D 454 3.51 -18.48 -0.78
N VAL D 455 4.36 -18.89 -1.69
CA VAL D 455 4.40 -20.22 -2.28
C VAL D 455 4.81 -21.24 -1.23
N VAL D 456 4.30 -22.46 -1.31
CA VAL D 456 4.74 -23.55 -0.44
C VAL D 456 5.29 -24.69 -1.30
N TYR D 457 6.55 -25.07 -1.02
CA TYR D 457 7.24 -26.16 -1.72
C TYR D 457 7.24 -27.37 -0.80
N VAL D 458 6.51 -28.42 -1.19
CA VAL D 458 6.41 -29.64 -0.37
C VAL D 458 7.46 -30.60 -0.91
N LEU D 459 8.68 -30.49 -0.39
CA LEU D 459 9.84 -31.22 -0.93
C LEU D 459 10.24 -32.35 0.02
N THR D 460 9.99 -33.60 -0.39
CA THR D 460 10.20 -34.78 0.43
C THR D 460 11.56 -35.43 0.16
N HIS D 461 11.80 -36.56 0.83
CA HIS D 461 13.03 -37.35 0.70
C HIS D 461 14.28 -36.54 1.01
N ASP D 462 14.37 -36.10 2.27
CA ASP D 462 15.34 -35.07 2.64
C ASP D 462 16.77 -35.58 2.81
N SER D 463 16.97 -36.89 2.92
CA SER D 463 18.28 -37.35 3.39
C SER D 463 18.81 -38.52 2.59
N VAL D 464 19.99 -39.00 3.00
CA VAL D 464 20.55 -40.24 2.50
C VAL D 464 19.66 -41.44 2.79
N ALA D 465 18.69 -41.30 3.69
CA ALA D 465 17.75 -42.38 3.99
C ALA D 465 16.82 -42.74 2.84
N VAL D 466 16.88 -42.01 1.72
CA VAL D 466 16.25 -42.51 0.49
C VAL D 466 16.79 -43.88 0.19
N GLY D 467 18.10 -44.03 0.35
CA GLY D 467 18.71 -45.34 0.34
C GLY D 467 19.05 -45.95 -1.00
N GLU D 468 18.16 -46.82 -1.47
CA GLU D 468 18.49 -47.67 -2.61
C GLU D 468 18.55 -46.90 -3.93
N ASP D 469 17.88 -45.75 -4.02
CA ASP D 469 17.81 -45.03 -5.31
C ASP D 469 19.06 -44.21 -5.60
N GLY D 470 20.12 -44.31 -4.79
CA GLY D 470 21.42 -43.86 -5.22
C GLY D 470 21.83 -42.48 -4.77
N PRO D 471 23.14 -42.19 -4.88
CA PRO D 471 23.64 -40.88 -4.41
C PRO D 471 22.96 -39.72 -5.11
N THR D 472 22.65 -39.88 -6.39
CA THR D 472 22.02 -38.83 -7.17
C THR D 472 20.68 -38.41 -6.56
N HIS D 473 19.97 -39.35 -5.95
CA HIS D 473 18.65 -39.09 -5.40
C HIS D 473 18.68 -38.75 -3.90
N GLU D 474 19.86 -38.68 -3.30
CA GLU D 474 20.00 -38.42 -1.87
C GLU D 474 20.55 -37.01 -1.65
N PRO D 475 19.78 -36.13 -1.04
CA PRO D 475 20.24 -34.74 -0.87
C PRO D 475 21.38 -34.64 0.15
N ILE D 476 22.38 -33.82 -0.16
CA ILE D 476 23.51 -33.57 0.74
C ILE D 476 23.61 -32.08 1.05
N GLU D 477 23.84 -31.27 0.02
CA GLU D 477 24.09 -29.84 0.16
C GLU D 477 22.83 -28.99 0.00
N GLN D 478 21.67 -29.61 -0.25
CA GLN D 478 20.50 -28.86 -0.67
C GLN D 478 19.94 -27.98 0.44
N LEU D 479 19.98 -28.47 1.69
CA LEU D 479 19.52 -27.65 2.81
C LEU D 479 20.32 -26.34 2.88
N ALA D 480 21.64 -26.44 2.91
CA ALA D 480 22.46 -25.24 2.91
C ALA D 480 22.18 -24.36 1.70
N SER D 481 21.97 -24.98 0.54
CA SER D 481 21.75 -24.21 -0.69
C SER D 481 20.53 -23.31 -0.57
N VAL D 482 19.45 -23.82 0.00
CA VAL D 482 18.27 -22.96 0.16
C VAL D 482 18.44 -22.05 1.38
N ARG D 483 19.28 -22.44 2.34
CA ARG D 483 19.44 -21.63 3.55
C ARG D 483 20.20 -20.35 3.27
N CYS D 484 21.17 -20.38 2.35
CA CYS D 484 21.90 -19.15 2.05
C CYS D 484 21.00 -18.15 1.36
N MET D 485 20.01 -18.63 0.61
CA MET D 485 19.16 -17.75 -0.18
C MET D 485 18.40 -16.76 0.71
N PRO D 486 18.43 -15.48 0.40
CA PRO D 486 17.60 -14.53 1.14
C PRO D 486 16.13 -14.73 0.82
N GLY D 487 15.29 -14.61 1.85
CA GLY D 487 13.86 -14.52 1.67
C GLY D 487 13.10 -15.82 1.61
N VAL D 488 13.73 -16.94 1.93
CA VAL D 488 13.07 -18.24 1.88
C VAL D 488 13.03 -18.82 3.29
N GLN D 489 11.85 -19.23 3.72
CA GLN D 489 11.67 -19.99 4.94
C GLN D 489 11.87 -21.47 4.61
N VAL D 490 12.89 -22.09 5.21
CA VAL D 490 13.19 -23.50 4.98
C VAL D 490 13.01 -24.20 6.32
N ILE D 491 11.87 -24.86 6.50
CA ILE D 491 11.54 -25.57 7.73
C ILE D 491 11.60 -27.07 7.45
N ARG D 492 12.51 -27.76 8.15
CA ARG D 492 12.56 -29.21 8.12
C ARG D 492 11.93 -29.74 9.40
N PRO D 493 10.71 -30.26 9.35
CA PRO D 493 10.10 -30.81 10.57
C PRO D 493 10.85 -32.03 11.07
N ALA D 494 10.56 -32.40 12.32
CA ALA D 494 11.23 -33.51 12.99
C ALA D 494 10.25 -34.58 13.47
N ASP D 495 8.96 -34.26 13.56
CA ASP D 495 7.90 -35.23 13.83
C ASP D 495 6.63 -34.64 13.24
N GLY D 496 5.54 -35.41 13.35
CA GLY D 496 4.29 -34.96 12.78
C GLY D 496 3.79 -33.66 13.35
N ASN D 497 3.99 -33.44 14.65
CA ASN D 497 3.55 -32.20 15.28
C ASN D 497 4.32 -31.01 14.70
N GLU D 498 5.63 -31.14 14.58
CA GLU D 498 6.43 -30.11 13.94
C GLU D 498 5.98 -29.88 12.50
N THR D 499 5.63 -30.95 11.79
CA THR D 499 5.15 -30.82 10.42
C THR D 499 3.85 -30.02 10.37
N ARG D 500 2.92 -30.33 11.27
CA ARG D 500 1.71 -29.52 11.37
C ARG D 500 2.07 -28.06 11.61
N ALA D 501 2.96 -27.81 12.56
CA ALA D 501 3.38 -26.44 12.84
C ALA D 501 4.06 -25.81 11.63
N ALA D 502 4.95 -26.55 10.96
CA ALA D 502 5.58 -26.02 9.75
C ALA D 502 4.55 -25.64 8.70
N TRP D 503 3.59 -26.53 8.44
CA TRP D 503 2.52 -26.21 7.50
C TRP D 503 1.77 -24.96 7.94
N LYS D 504 1.53 -24.82 9.25
CA LYS D 504 0.82 -23.67 9.76
C LYS D 504 1.61 -22.38 9.51
N VAL D 505 2.94 -22.45 9.70
CA VAL D 505 3.79 -21.33 9.33
C VAL D 505 3.61 -20.98 7.86
N ALA D 506 3.63 -22.00 7.00
CA ALA D 506 3.50 -21.76 5.57
C ALA D 506 2.18 -21.09 5.25
N MET D 507 1.07 -21.61 5.79
CA MET D 507 -0.23 -21.04 5.50
C MET D 507 -0.33 -19.60 6.02
N GLU D 508 0.29 -19.33 7.16
CA GLU D 508 0.30 -18.00 7.75
C GLU D 508 1.39 -17.09 7.21
N THR D 509 2.26 -17.58 6.32
CA THR D 509 3.22 -16.71 5.66
C THR D 509 2.53 -15.95 4.54
N THR D 510 2.76 -14.63 4.48
CA THR D 510 2.18 -13.78 3.45
C THR D 510 3.22 -13.22 2.50
N ASP D 511 4.50 -13.17 2.90
CA ASP D 511 5.51 -12.41 2.18
C ASP D 511 6.72 -13.26 1.79
N ALA D 512 6.65 -14.58 1.88
CA ALA D 512 7.83 -15.37 1.57
C ALA D 512 7.45 -16.77 1.09
N PRO D 513 8.26 -17.36 0.23
CA PRO D 513 8.09 -18.77 -0.08
C PRO D 513 8.53 -19.60 1.12
N THR D 514 7.85 -20.72 1.33
CA THR D 514 8.18 -21.65 2.40
C THR D 514 8.57 -22.97 1.77
N ILE D 515 9.74 -23.49 2.12
CA ILE D 515 10.20 -24.79 1.69
C ILE D 515 10.04 -25.77 2.84
N LEU D 516 9.20 -26.77 2.63
CA LEU D 516 9.04 -27.86 3.57
C LEU D 516 9.95 -29.02 3.15
N VAL D 517 10.95 -29.30 3.97
CA VAL D 517 11.88 -30.41 3.75
C VAL D 517 11.36 -31.58 4.57
N LEU D 518 10.93 -32.64 3.89
CA LEU D 518 10.24 -33.75 4.51
C LEU D 518 11.03 -35.04 4.33
N SER D 519 10.60 -36.09 5.04
CA SER D 519 11.38 -37.32 5.19
C SER D 519 10.57 -38.53 4.76
N ARG D 520 11.21 -39.41 3.98
CA ARG D 520 10.59 -40.70 3.66
C ARG D 520 10.54 -41.60 4.89
N GLN D 521 11.60 -41.62 5.69
CA GLN D 521 11.66 -42.50 6.84
C GLN D 521 10.65 -42.09 7.91
N ASN D 522 10.19 -43.08 8.68
CA ASN D 522 9.29 -42.79 9.78
C ASN D 522 10.00 -41.97 10.84
N LEU D 523 9.28 -41.03 11.44
CA LEU D 523 9.86 -40.14 12.43
C LEU D 523 9.22 -40.35 13.79
N PRO D 524 9.98 -40.77 14.80
CA PRO D 524 9.41 -40.95 16.13
C PRO D 524 8.94 -39.62 16.67
N VAL D 525 7.73 -39.62 17.26
CA VAL D 525 7.21 -38.40 17.83
C VAL D 525 8.07 -37.97 19.01
N LEU D 526 8.47 -36.72 19.01
CA LEU D 526 9.44 -36.20 19.97
C LEU D 526 8.79 -35.93 21.33
N PRO D 527 9.61 -35.76 22.37
CA PRO D 527 9.06 -35.64 23.73
C PRO D 527 8.01 -34.54 23.93
N SER D 528 8.34 -33.28 23.64
CA SER D 528 7.46 -32.18 24.02
C SER D 528 6.56 -31.68 22.88
N THR D 529 6.66 -32.27 21.69
CA THR D 529 6.16 -31.59 20.49
C THR D 529 4.64 -31.56 20.44
N LYS D 530 3.97 -32.59 20.95
CA LYS D 530 2.51 -32.57 20.89
C LYS D 530 1.95 -31.28 21.48
N GLU D 531 2.56 -30.78 22.56
CA GLU D 531 2.08 -29.62 23.28
C GLU D 531 2.81 -28.33 22.92
N VAL D 532 4.10 -28.41 22.59
CA VAL D 532 4.94 -27.24 22.38
C VAL D 532 5.08 -26.85 20.91
N ALA D 533 4.76 -27.74 19.97
CA ALA D 533 5.12 -27.53 18.57
C ALA D 533 4.48 -26.27 17.99
N ASP D 534 3.17 -26.07 18.18
CA ASP D 534 2.48 -24.97 17.50
C ASP D 534 3.12 -23.63 17.83
N GLU D 535 3.55 -23.44 19.09
CA GLU D 535 4.19 -22.18 19.43
C GLU D 535 5.63 -22.13 18.96
N MET D 536 6.42 -23.15 19.25
CA MET D 536 7.87 -22.97 19.18
C MET D 536 8.44 -23.16 17.78
N VAL D 537 7.83 -23.99 16.92
CA VAL D 537 8.41 -24.20 15.60
C VAL D 537 8.54 -22.88 14.86
N LYS D 538 7.56 -21.99 15.02
CA LYS D 538 7.61 -20.69 14.36
C LYS D 538 8.86 -19.92 14.75
N LYS D 539 9.38 -20.13 15.95
CA LYS D 539 10.58 -19.45 16.37
C LYS D 539 11.83 -20.03 15.73
N GLY D 540 11.76 -21.24 15.17
CA GLY D 540 12.83 -21.78 14.36
C GLY D 540 13.88 -22.58 15.09
N ALA D 541 13.92 -22.51 16.42
CA ALA D 541 14.86 -23.28 17.23
C ALA D 541 14.42 -23.26 18.70
N TYR D 542 14.10 -24.42 19.28
CA TYR D 542 13.61 -24.46 20.65
C TYR D 542 14.18 -25.66 21.39
N VAL D 543 14.23 -25.51 22.72
CA VAL D 543 14.80 -26.55 23.58
C VAL D 543 13.73 -27.63 23.76
N LEU D 544 13.81 -28.66 22.91
CA LEU D 544 12.85 -29.77 22.95
C LEU D 544 12.93 -30.47 24.29
N SER D 545 14.13 -30.89 24.66
CA SER D 545 14.41 -31.45 25.98
C SER D 545 15.39 -30.53 26.69
N PRO D 546 14.96 -29.81 27.72
CA PRO D 546 15.83 -28.81 28.36
C PRO D 546 16.89 -29.48 29.22
N SER D 547 17.95 -28.73 29.46
CA SER D 547 18.92 -29.11 30.48
C SER D 547 18.26 -29.10 31.86
N GLN D 548 18.59 -30.10 32.68
CA GLN D 548 18.13 -30.08 34.07
C GLN D 548 18.64 -28.82 34.77
N GLY D 549 19.92 -28.50 34.59
CA GLY D 549 20.43 -27.24 35.06
C GLY D 549 19.98 -26.07 34.21
N GLU D 550 19.97 -24.88 34.82
CA GLU D 550 19.58 -23.67 34.10
C GLU D 550 20.46 -23.48 32.87
N THR D 551 21.78 -23.61 33.05
CA THR D 551 22.70 -23.52 31.92
C THR D 551 23.20 -24.90 31.55
N PRO D 552 22.96 -25.33 30.31
CA PRO D 552 23.41 -26.67 29.90
C PRO D 552 24.92 -26.78 29.87
N GLU D 553 25.43 -27.96 30.26
CA GLU D 553 26.85 -28.24 30.12
C GLU D 553 27.24 -28.25 28.66
N GLY D 554 26.38 -28.83 27.83
CA GLY D 554 26.56 -28.81 26.39
C GLY D 554 25.18 -28.72 25.78
N ILE D 555 25.15 -28.56 24.48
CA ILE D 555 23.89 -28.44 23.76
C ILE D 555 23.99 -29.22 22.45
N LEU D 556 23.02 -30.10 22.23
CA LEU D 556 22.93 -30.87 21.00
C LEU D 556 21.89 -30.20 20.11
N ILE D 557 22.33 -29.56 19.04
CA ILE D 557 21.42 -28.94 18.09
C ILE D 557 21.21 -29.94 16.97
N ALA D 558 19.96 -30.10 16.55
CA ALA D 558 19.66 -31.08 15.55
C ALA D 558 18.38 -30.68 14.84
N THR D 559 18.29 -31.05 13.56
CA THR D 559 17.16 -30.73 12.72
C THR D 559 16.59 -32.02 12.15
N GLY D 560 15.28 -32.04 11.93
CA GLY D 560 14.64 -33.14 11.22
C GLY D 560 14.77 -34.49 11.91
N SER D 561 15.01 -35.52 11.10
CA SER D 561 15.11 -36.89 11.57
C SER D 561 16.17 -37.08 12.66
N GLU D 562 17.11 -36.15 12.78
CA GLU D 562 18.29 -36.33 13.63
C GLU D 562 18.12 -35.77 15.03
N VAL D 563 17.02 -35.05 15.32
CA VAL D 563 16.81 -34.61 16.69
C VAL D 563 16.52 -35.78 17.61
N ASP D 564 15.86 -36.82 17.08
CA ASP D 564 15.56 -37.99 17.90
C ASP D 564 16.83 -38.64 18.43
N LEU D 565 17.84 -38.78 17.56
CA LEU D 565 19.13 -39.28 18.01
C LEU D 565 19.66 -38.42 19.15
N ALA D 566 19.46 -37.10 19.07
CA ALA D 566 19.98 -36.21 20.09
C ALA D 566 19.24 -36.38 21.41
N VAL D 567 17.91 -36.57 21.37
CA VAL D 567 17.15 -36.82 22.60
C VAL D 567 17.62 -38.12 23.25
N LYS D 568 17.73 -39.20 22.46
CA LYS D 568 18.23 -40.46 22.98
C LYS D 568 19.67 -40.33 23.48
N ALA D 569 20.48 -39.53 22.79
CA ALA D 569 21.85 -39.31 23.26
C ALA D 569 21.84 -38.63 24.61
N GLN D 570 20.88 -37.74 24.83
CA GLN D 570 20.82 -36.99 26.07
C GLN D 570 20.60 -37.92 27.27
N LYS D 571 19.72 -38.91 27.15
CA LYS D 571 19.51 -39.84 28.26
C LYS D 571 20.77 -40.64 28.55
N GLU D 572 21.45 -41.14 27.50
CA GLU D 572 22.71 -41.85 27.68
C GLU D 572 23.73 -40.95 28.36
N LEU D 573 23.87 -39.72 27.87
CA LEU D 573 24.75 -38.75 28.51
C LEU D 573 24.29 -38.45 29.93
N ALA D 574 22.98 -38.37 30.14
CA ALA D 574 22.45 -38.08 31.47
C ALA D 574 22.81 -39.21 32.45
N GLU D 575 22.67 -40.46 32.01
CA GLU D 575 23.09 -41.60 32.83
C GLU D 575 24.50 -41.43 33.34
N LYS D 576 25.35 -40.70 32.61
CA LYS D 576 26.75 -40.50 32.94
C LYS D 576 27.02 -39.11 33.50
N GLY D 577 25.98 -38.41 33.97
CA GLY D 577 26.19 -37.13 34.62
C GLY D 577 26.47 -35.98 33.69
N LYS D 578 26.08 -36.07 32.42
CA LYS D 578 26.24 -35.00 31.46
C LYS D 578 24.89 -34.36 31.16
N ASP D 579 24.81 -33.04 31.35
CA ASP D 579 23.56 -32.30 31.14
C ASP D 579 23.62 -31.62 29.78
N VAL D 580 22.77 -32.07 28.87
CA VAL D 580 22.69 -31.50 27.54
C VAL D 580 21.25 -31.05 27.31
N SER D 581 21.10 -29.91 26.64
CA SER D 581 19.84 -29.47 26.08
C SER D 581 19.76 -30.00 24.66
N VAL D 582 18.58 -30.45 24.25
CA VAL D 582 18.37 -30.83 22.87
C VAL D 582 17.53 -29.74 22.23
N VAL D 583 18.09 -29.12 21.19
CA VAL D 583 17.43 -28.07 20.43
C VAL D 583 17.01 -28.65 19.09
N SER D 584 15.72 -28.62 18.81
CA SER D 584 15.25 -28.81 17.45
C SER D 584 15.35 -27.46 16.77
N MET D 585 16.05 -27.43 15.62
CA MET D 585 16.23 -26.23 14.83
C MET D 585 15.53 -26.41 13.50
N PRO D 586 14.20 -26.40 13.48
CA PRO D 586 13.50 -26.65 12.20
C PRO D 586 13.88 -25.66 11.11
N SER D 587 13.93 -24.36 11.41
CA SER D 587 14.25 -23.36 10.41
C SER D 587 15.33 -22.42 10.93
N PHE D 588 16.46 -22.38 10.21
CA PHE D 588 17.49 -21.38 10.47
C PHE D 588 16.93 -19.97 10.35
N ASP D 589 16.16 -19.75 9.28
CA ASP D 589 15.65 -18.42 8.96
C ASP D 589 14.75 -17.87 10.05
N LEU D 590 13.79 -18.69 10.49
CA LEU D 590 12.86 -18.26 11.53
C LEU D 590 13.58 -17.97 12.84
N PHE D 591 14.62 -18.74 13.17
CA PHE D 591 15.38 -18.51 14.40
C PHE D 591 16.14 -17.18 14.35
N GLU D 592 16.73 -16.86 13.21
CA GLU D 592 17.45 -15.58 13.11
C GLU D 592 16.51 -14.41 13.32
N LYS D 593 15.26 -14.52 12.87
CA LYS D 593 14.26 -13.48 13.08
C LYS D 593 13.88 -13.32 14.56
N GLN D 594 14.31 -14.22 15.43
CA GLN D 594 13.94 -14.11 16.82
C GLN D 594 14.79 -13.04 17.52
N SER D 595 14.35 -12.69 18.74
CA SER D 595 15.01 -11.68 19.54
C SER D 595 16.36 -12.18 20.07
N SER D 596 17.26 -11.23 20.30
CA SER D 596 18.55 -11.56 20.91
C SER D 596 18.36 -12.28 22.23
N GLU D 597 17.34 -11.90 22.99
CA GLU D 597 17.03 -12.57 24.25
C GLU D 597 16.69 -14.03 24.04
N TYR D 598 15.72 -14.31 23.15
CA TYR D 598 15.30 -15.68 22.90
C TYR D 598 16.45 -16.54 22.39
N LYS D 599 17.27 -15.98 21.51
CA LYS D 599 18.34 -16.76 20.92
C LYS D 599 19.32 -17.25 22.00
N GLU D 600 19.62 -16.40 22.97
CA GLU D 600 20.46 -16.81 24.09
C GLU D 600 19.79 -17.89 24.92
N SER D 601 18.47 -17.81 25.10
CA SER D 601 17.77 -18.86 25.83
C SER D 601 17.96 -20.20 25.15
N VAL D 602 17.89 -20.24 23.82
CA VAL D 602 18.02 -21.50 23.09
C VAL D 602 19.48 -21.89 22.93
N LEU D 603 20.33 -20.93 22.53
CA LEU D 603 21.75 -21.20 22.26
C LEU D 603 22.60 -20.25 23.09
N PRO D 604 22.80 -20.54 24.36
CA PRO D 604 23.59 -19.64 25.20
C PRO D 604 25.02 -19.48 24.67
N LYS D 605 25.50 -18.23 24.68
CA LYS D 605 26.89 -17.97 24.33
C LYS D 605 27.83 -18.69 25.29
N SER D 606 27.46 -18.77 26.57
CA SER D 606 28.30 -19.43 27.56
C SER D 606 28.63 -20.87 27.17
N VAL D 607 27.62 -21.66 26.81
CA VAL D 607 27.88 -23.07 26.50
C VAL D 607 28.67 -23.13 25.18
N LYS D 608 29.95 -23.48 25.28
CA LYS D 608 30.81 -23.60 24.12
C LYS D 608 30.88 -25.02 23.58
N LYS D 609 30.35 -25.99 24.34
CA LYS D 609 30.30 -27.38 23.89
C LYS D 609 28.99 -27.57 23.18
N ARG D 610 28.99 -27.33 21.87
CA ARG D 610 27.82 -27.49 21.02
C ARG D 610 28.11 -28.55 19.97
N VAL D 611 27.18 -29.49 19.81
CA VAL D 611 27.24 -30.52 18.79
C VAL D 611 25.97 -30.42 17.96
N ALA D 612 26.13 -30.37 16.64
CA ALA D 612 25.02 -30.32 15.71
C ALA D 612 24.93 -31.63 14.94
N ILE D 613 23.71 -32.16 14.83
CA ILE D 613 23.48 -33.42 14.14
C ILE D 613 22.46 -33.15 13.04
N GLU D 614 22.91 -33.23 11.79
CA GLU D 614 22.05 -33.06 10.63
C GLU D 614 22.60 -33.91 9.50
N ALA D 615 21.72 -34.63 8.81
CA ALA D 615 22.10 -35.44 7.65
C ALA D 615 22.22 -34.54 6.43
N ALA D 616 23.19 -33.63 6.48
CA ALA D 616 23.44 -32.69 5.39
C ALA D 616 24.83 -32.08 5.60
N ALA D 617 25.18 -31.12 4.74
CA ALA D 617 26.50 -30.53 4.76
C ALA D 617 26.74 -29.71 6.03
N SER D 618 28.01 -29.65 6.44
CA SER D 618 28.46 -28.84 7.57
C SER D 618 28.44 -27.35 7.27
N PHE D 619 28.29 -26.97 6.01
CA PHE D 619 28.41 -25.58 5.61
C PHE D 619 27.39 -24.70 6.34
N GLY D 620 27.89 -23.75 7.12
CA GLY D 620 27.05 -22.79 7.81
C GLY D 620 26.54 -23.21 9.17
N TRP D 621 26.94 -24.38 9.66
CA TRP D 621 26.63 -24.80 11.02
C TRP D 621 27.57 -24.19 12.04
N GLU D 622 28.69 -23.63 11.58
CA GLU D 622 29.67 -23.01 12.48
C GLU D 622 29.03 -21.87 13.26
N ARG D 623 28.24 -21.04 12.59
CA ARG D 623 27.47 -20.01 13.27
C ARG D 623 26.86 -20.53 14.55
N TYR D 624 26.18 -21.67 14.47
CA TYR D 624 25.39 -22.14 15.60
C TYR D 624 26.22 -22.98 16.57
N VAL D 625 27.19 -23.77 16.08
CA VAL D 625 27.97 -24.60 16.99
C VAL D 625 29.28 -23.96 17.43
N GLY D 626 29.69 -22.86 16.81
CA GLY D 626 30.99 -22.28 17.04
C GLY D 626 32.08 -23.04 16.29
N THR D 627 33.20 -22.36 16.02
CA THR D 627 34.33 -23.05 15.40
C THR D 627 34.80 -24.19 16.27
N GLU D 628 34.92 -23.95 17.57
CA GLU D 628 35.22 -24.96 18.58
C GLU D 628 34.10 -25.97 18.75
N GLY D 629 32.94 -25.73 18.17
CA GLY D 629 31.91 -26.73 18.17
C GLY D 629 32.21 -27.89 17.24
N ALA D 630 31.42 -28.94 17.39
CA ALA D 630 31.52 -30.14 16.58
C ALA D 630 30.23 -30.32 15.80
N THR D 631 30.31 -31.08 14.71
CA THR D 631 29.14 -31.30 13.89
C THR D 631 29.20 -32.69 13.28
N ILE D 632 28.07 -33.39 13.35
CA ILE D 632 27.89 -34.67 12.67
C ILE D 632 27.22 -34.32 11.35
N THR D 633 27.99 -34.34 10.27
CA THR D 633 27.52 -33.90 8.97
C THR D 633 28.08 -34.77 7.86
N ILE D 634 27.33 -34.88 6.78
CA ILE D 634 27.77 -35.53 5.55
C ILE D 634 28.25 -34.43 4.61
N ASP D 635 29.57 -34.29 4.46
CA ASP D 635 30.16 -33.38 3.50
C ASP D 635 30.66 -34.14 2.26
N HIS D 636 30.05 -35.28 1.99
CA HIS D 636 30.35 -36.10 0.82
C HIS D 636 29.04 -36.61 0.27
N PHE D 637 29.09 -37.14 -0.96
CA PHE D 637 27.87 -37.70 -1.54
C PHE D 637 27.56 -39.07 -0.93
N GLY D 638 26.38 -39.57 -1.26
CA GLY D 638 25.84 -40.74 -0.58
C GLY D 638 26.27 -42.06 -1.18
N ALA D 639 25.39 -43.04 -1.03
CA ALA D 639 25.62 -44.39 -1.52
C ALA D 639 24.26 -45.04 -1.75
N SER D 640 24.25 -46.12 -2.52
CA SER D 640 23.03 -46.90 -2.70
C SER D 640 23.10 -48.11 -1.77
N ALA D 641 22.35 -48.04 -0.68
CA ALA D 641 22.18 -49.12 0.29
C ALA D 641 20.89 -48.83 1.04
N PRO D 642 20.38 -49.79 1.80
CA PRO D 642 19.21 -49.49 2.62
C PRO D 642 19.46 -48.26 3.49
N GLY D 643 18.45 -47.40 3.62
CA GLY D 643 18.69 -46.08 4.17
C GLY D 643 19.31 -46.14 5.55
N THR D 644 18.86 -47.08 6.38
CA THR D 644 19.36 -47.21 7.73
C THR D 644 20.86 -47.48 7.76
N LYS D 645 21.35 -48.30 6.82
CA LYS D 645 22.77 -48.64 6.79
C LYS D 645 23.63 -47.40 6.50
N ILE D 646 23.21 -46.58 5.54
CA ILE D 646 23.96 -45.38 5.22
C ILE D 646 24.05 -44.47 6.44
N LEU D 647 22.94 -44.30 7.16
CA LEU D 647 22.95 -43.47 8.37
C LEU D 647 23.93 -44.01 9.40
N GLU D 648 23.86 -45.30 9.70
CA GLU D 648 24.76 -45.89 10.70
C GLU D 648 26.22 -45.73 10.30
N GLU D 649 26.55 -46.04 9.04
CA GLU D 649 27.92 -45.91 8.58
C GLU D 649 28.35 -44.46 8.53
N PHE D 650 27.44 -43.55 8.16
CA PHE D 650 27.75 -42.13 8.10
C PHE D 650 27.69 -41.45 9.45
N GLY D 651 27.60 -42.22 10.53
CA GLY D 651 27.77 -41.68 11.87
C GLY D 651 26.51 -41.18 12.55
N PHE D 652 25.32 -41.52 12.03
CA PHE D 652 24.08 -41.14 12.69
C PHE D 652 23.58 -42.26 13.60
N THR D 653 24.46 -42.58 14.55
CA THR D 653 24.20 -43.52 15.62
C THR D 653 24.20 -42.76 16.94
N VAL D 654 23.33 -43.20 17.86
CA VAL D 654 23.32 -42.60 19.19
C VAL D 654 24.72 -42.68 19.80
N GLU D 655 25.42 -43.79 19.56
CA GLU D 655 26.76 -43.94 20.12
C GLU D 655 27.70 -42.87 19.59
N ASN D 656 27.57 -42.50 18.31
CA ASN D 656 28.48 -41.49 17.76
C ASN D 656 28.22 -40.11 18.36
N VAL D 657 26.95 -39.69 18.43
CA VAL D 657 26.68 -38.36 18.96
C VAL D 657 27.09 -38.28 20.42
N VAL D 658 26.83 -39.35 21.20
CA VAL D 658 27.35 -39.43 22.56
C VAL D 658 28.86 -39.26 22.55
N ASN D 659 29.54 -40.09 21.76
CA ASN D 659 30.99 -40.08 21.76
C ASN D 659 31.53 -38.75 21.22
N THR D 660 30.85 -38.13 20.25
CA THR D 660 31.32 -36.85 19.75
C THR D 660 31.20 -35.78 20.83
N TYR D 661 30.08 -35.75 21.56
CA TYR D 661 29.98 -34.86 22.71
C TYR D 661 31.10 -35.16 23.69
N ASN D 662 31.38 -36.45 23.93
CA ASN D 662 32.42 -36.82 24.89
C ASN D 662 33.81 -36.55 24.33
N GLN D 663 33.98 -36.59 23.01
CA GLN D 663 35.26 -36.22 22.40
C GLN D 663 35.54 -34.74 22.62
N LEU D 664 34.55 -33.90 22.38
CA LEU D 664 34.54 -32.55 22.93
C LEU D 664 34.39 -32.71 24.44
N SER D 665 34.63 -31.65 25.21
CA SER D 665 34.73 -31.70 26.67
C SER D 665 35.97 -32.50 27.12
N GLU D 666 36.57 -33.26 26.23
CA GLU D 666 37.97 -33.66 26.30
C GLU D 666 38.82 -32.71 25.47
N ASN D 667 38.23 -32.11 24.44
CA ASN D 667 38.89 -31.11 23.61
C ASN D 667 39.37 -29.91 24.43
N LEU D 668 38.61 -29.52 25.44
CA LEU D 668 39.07 -28.47 26.35
C LEU D 668 39.93 -29.06 27.46
#